data_3GNQ
#
_entry.id   3GNQ
#
_cell.length_a   90.932
_cell.length_b   173.797
_cell.length_c   93.501
_cell.angle_alpha   90.000
_cell.angle_beta   93.290
_cell.angle_gamma   90.000
#
_symmetry.space_group_name_H-M   'P 1 21 1'
#
loop_
_entity.id
_entity.type
_entity.pdbx_description
1 polymer 'Glyceraldehyde-3-phosphate dehydrogenase, type I'
2 non-polymer NICOTINAMIDE-ADENINE-DINUCLEOTIDE
3 water water
#
_entity_poly.entity_id   1
_entity_poly.type   'polypeptide(L)'
_entity_poly.pdbx_seq_one_letter_code
;MAHHHHHHMTIRVAINGYGRIGRNTLRAFYENGKKHDLEIVAINDLGDAKTNAHLTQYDTAHGKFPGEVSVDGDYLVVNG
DRIRVLANRNPAELPWGELGVDVVMECTGFFTSKEKASAHLKGGAKKVIISAPGGKDVDATIVYGVNHDVLKAEHTVISN
ASCTTNCLAPLVKPLNDKIGLETGLMTTIHAYTNDQVLTDVYHEDLRRARSATHSQIPTKTGAAAAVGLVLPELNGKLDG
YAIRVPTINVSIVDLSFIAKRDTTAAEVNAIMKEASEGALKGILGYNEAPLVSIDFNHNPASSTFDATLTKVSGRLVKVS
SWYDNEWGFSNRMLDTAIALANAK
;
_entity_poly.pdbx_strand_id   A,B,C,D,E,F,G,H
#
# COMPACT_ATOMS: atom_id res chain seq x y z
N THR A 10 -12.25 -25.02 38.55
CA THR A 10 -11.17 -24.27 37.84
C THR A 10 -11.72 -23.13 36.99
N ILE A 11 -11.14 -21.96 37.17
CA ILE A 11 -11.72 -20.71 36.71
C ILE A 11 -11.32 -20.43 35.25
N ARG A 12 -12.28 -19.98 34.45
CA ARG A 12 -12.04 -19.69 33.04
C ARG A 12 -11.89 -18.19 32.86
N VAL A 13 -10.67 -17.76 32.48
CA VAL A 13 -10.32 -16.35 32.45
C VAL A 13 -10.06 -15.87 31.04
N ALA A 14 -10.59 -14.68 30.75
CA ALA A 14 -10.42 -13.99 29.47
C ALA A 14 -9.69 -12.66 29.73
N ILE A 15 -8.83 -12.26 28.80
CA ILE A 15 -8.13 -11.00 28.89
C ILE A 15 -8.66 -10.06 27.81
N ASN A 16 -9.43 -9.04 28.21
CA ASN A 16 -9.77 -7.93 27.32
C ASN A 16 -8.66 -6.88 27.28
N GLY A 17 -8.00 -6.75 26.13
CA GLY A 17 -6.97 -5.75 25.93
C GLY A 17 -5.63 -6.31 26.27
N TYR A 18 -4.80 -6.53 25.26
CA TYR A 18 -3.56 -7.30 25.41
C TYR A 18 -2.36 -6.38 25.15
N GLY A 19 -2.32 -5.27 25.88
CA GLY A 19 -1.15 -4.40 25.93
C GLY A 19 -0.22 -5.01 26.95
N ARG A 20 0.69 -4.20 27.49
CA ARG A 20 1.67 -4.64 28.47
C ARG A 20 1.05 -5.36 29.67
N ILE A 21 0.06 -4.74 30.29
CA ILE A 21 -0.62 -5.34 31.46
C ILE A 21 -1.17 -6.71 31.08
N GLY A 22 -1.88 -6.78 29.95
CA GLY A 22 -2.44 -8.04 29.48
C GLY A 22 -1.35 -9.08 29.31
N ARG A 23 -0.32 -8.75 28.53
CA ARG A 23 0.75 -9.72 28.22
C ARG A 23 1.45 -10.17 29.44
N ASN A 24 1.72 -9.25 30.36
CA ASN A 24 2.56 -9.54 31.52
C ASN A 24 1.80 -10.40 32.48
N THR A 25 0.51 -10.13 32.60
CA THR A 25 -0.38 -10.97 33.35
C THR A 25 -0.38 -12.38 32.78
N LEU A 26 -0.52 -12.52 31.46
CA LEU A 26 -0.46 -13.86 30.83
C LEU A 26 0.87 -14.53 31.12
N ARG A 27 1.98 -13.79 31.06
CA ARG A 27 3.30 -14.40 31.29
C ARG A 27 3.51 -14.85 32.73
N ALA A 28 3.06 -14.02 33.67
CA ALA A 28 3.23 -14.35 35.09
C ALA A 28 2.51 -15.65 35.42
N PHE A 29 1.34 -15.84 34.85
CA PHE A 29 0.59 -17.08 35.03
C PHE A 29 1.47 -18.28 34.67
N TYR A 30 2.02 -18.25 33.45
CA TYR A 30 2.86 -19.35 32.99
C TYR A 30 4.22 -19.41 33.67
N GLU A 31 4.78 -18.27 34.01
CA GLU A 31 6.13 -18.29 34.60
C GLU A 31 6.08 -18.76 36.03
N ASN A 32 4.90 -18.67 36.66
CA ASN A 32 4.72 -19.18 38.01
C ASN A 32 4.38 -20.68 38.04
N GLY A 33 4.43 -21.35 36.90
CA GLY A 33 4.17 -22.81 36.83
C GLY A 33 2.68 -23.19 36.85
N LYS A 34 1.82 -22.26 36.48
CA LYS A 34 0.37 -22.45 36.46
C LYS A 34 -0.18 -22.96 37.80
N LYS A 35 0.39 -22.44 38.90
CA LYS A 35 -0.05 -22.82 40.23
C LYS A 35 -1.47 -22.29 40.56
N HIS A 36 -1.82 -21.14 39.99
CA HIS A 36 -3.17 -20.58 40.14
C HIS A 36 -4.18 -21.50 39.47
N ASP A 37 -5.29 -21.76 40.16
CA ASP A 37 -6.32 -22.65 39.67
C ASP A 37 -7.23 -21.94 38.66
N LEU A 38 -6.65 -21.57 37.53
CA LEU A 38 -7.40 -20.98 36.43
C LEU A 38 -6.81 -21.38 35.10
N GLU A 39 -7.55 -21.09 34.03
CA GLU A 39 -7.03 -21.22 32.68
C GLU A 39 -7.39 -19.99 31.84
N ILE A 40 -6.44 -19.55 31.01
CA ILE A 40 -6.69 -18.44 30.12
C ILE A 40 -7.20 -18.99 28.80
N VAL A 41 -8.46 -18.71 28.52
CA VAL A 41 -9.16 -19.36 27.43
C VAL A 41 -9.37 -18.44 26.25
N ALA A 42 -9.04 -17.16 26.39
CA ALA A 42 -9.38 -16.19 25.36
C ALA A 42 -8.72 -14.87 25.58
N ILE A 43 -8.52 -14.15 24.49
CA ILE A 43 -8.02 -12.78 24.52
C ILE A 43 -8.73 -11.95 23.45
N ASN A 44 -9.22 -10.78 23.83
CA ASN A 44 -9.81 -9.84 22.90
C ASN A 44 -8.89 -8.64 22.73
N ASP A 45 -8.42 -8.42 21.51
CA ASP A 45 -7.56 -7.28 21.18
C ASP A 45 -7.74 -6.91 19.72
N LEU A 46 -7.56 -5.63 19.40
CA LEU A 46 -7.75 -5.15 18.02
C LEU A 46 -6.47 -5.22 17.15
N GLY A 47 -5.29 -5.37 17.76
CA GLY A 47 -4.08 -5.63 16.98
C GLY A 47 -4.09 -7.01 16.32
N ASP A 48 -3.20 -7.27 15.37
CA ASP A 48 -3.21 -8.58 14.72
C ASP A 48 -2.35 -9.58 15.48
N ALA A 49 -2.76 -10.84 15.39
CA ALA A 49 -2.31 -11.89 16.29
C ALA A 49 -0.83 -12.06 16.30
N LYS A 50 -0.23 -12.02 15.10
CA LYS A 50 1.21 -12.26 14.92
C LYS A 50 2.06 -11.32 15.76
N THR A 51 1.74 -10.03 15.69
CA THR A 51 2.40 -8.99 16.48
C THR A 51 2.26 -9.29 17.97
N ASN A 52 1.04 -9.61 18.40
CA ASN A 52 0.80 -9.87 19.83
C ASN A 52 1.50 -11.13 20.31
N ALA A 53 1.68 -12.09 19.42
CA ALA A 53 2.41 -13.32 19.73
C ALA A 53 3.90 -13.02 19.93
N HIS A 54 4.43 -12.23 19.01
CA HIS A 54 5.83 -11.82 19.06
C HIS A 54 6.13 -11.02 20.34
N LEU A 55 5.23 -10.12 20.71
CA LEU A 55 5.43 -9.31 21.92
C LEU A 55 5.21 -10.12 23.21
N THR A 56 4.56 -11.28 23.11
CA THR A 56 4.47 -12.21 24.24
C THR A 56 5.78 -12.93 24.44
N GLN A 57 6.36 -13.41 23.34
CA GLN A 57 7.66 -14.11 23.32
C GLN A 57 8.87 -13.25 23.68
N TYR A 58 8.90 -11.99 23.25
CA TYR A 58 10.04 -11.10 23.53
C TYR A 58 9.66 -9.80 24.26
N ASP A 59 10.48 -9.42 25.23
CA ASP A 59 10.29 -8.14 25.89
C ASP A 59 11.65 -7.63 26.32
N THR A 60 11.83 -6.32 26.22
CA THR A 60 13.05 -5.67 26.64
C THR A 60 13.17 -5.70 28.17
N ALA A 61 12.16 -5.21 28.88
CA ALA A 61 12.28 -5.10 30.36
C ALA A 61 12.30 -6.47 31.05
N HIS A 62 11.47 -7.37 30.57
CA HIS A 62 11.33 -8.67 31.21
C HIS A 62 12.08 -9.83 30.52
N GLY A 63 12.71 -9.57 29.37
CA GLY A 63 13.46 -10.61 28.70
C GLY A 63 12.57 -11.58 27.93
N LYS A 64 13.16 -12.66 27.44
CA LYS A 64 12.44 -13.58 26.59
C LYS A 64 11.58 -14.48 27.46
N PHE A 65 10.32 -14.62 27.09
CA PHE A 65 9.43 -15.57 27.75
C PHE A 65 10.10 -16.95 27.74
N PRO A 66 10.28 -17.57 28.93
CA PRO A 66 10.93 -18.88 29.01
C PRO A 66 10.13 -20.09 28.50
N GLY A 67 9.08 -19.88 27.71
CA GLY A 67 8.40 -20.99 27.05
C GLY A 67 8.30 -20.78 25.55
N GLU A 68 7.32 -21.46 24.95
CA GLU A 68 7.11 -21.45 23.52
C GLU A 68 5.82 -20.71 23.18
N VAL A 69 5.88 -19.81 22.20
CA VAL A 69 4.72 -19.03 21.74
C VAL A 69 4.61 -19.07 20.23
N SER A 70 3.40 -19.26 19.73
CA SER A 70 3.16 -19.39 18.31
C SER A 70 1.71 -19.06 17.99
N VAL A 71 1.43 -18.85 16.70
CA VAL A 71 0.08 -18.60 16.21
C VAL A 71 -0.37 -19.76 15.31
N ASP A 72 -1.63 -20.16 15.44
CA ASP A 72 -2.24 -21.21 14.64
C ASP A 72 -3.67 -20.76 14.41
N GLY A 73 -3.91 -20.08 13.29
CA GLY A 73 -5.25 -19.64 12.93
C GLY A 73 -5.84 -18.59 13.87
N ASP A 74 -7.03 -18.87 14.39
CA ASP A 74 -7.66 -17.98 15.36
C ASP A 74 -7.15 -18.27 16.79
N TYR A 75 -5.92 -18.79 16.93
CA TYR A 75 -5.45 -19.23 18.24
C TYR A 75 -4.01 -18.85 18.51
N LEU A 76 -3.76 -18.32 19.72
CA LEU A 76 -2.41 -18.10 20.23
C LEU A 76 -2.08 -19.31 21.07
N VAL A 77 -0.88 -19.85 20.88
CA VAL A 77 -0.48 -21.10 21.52
C VAL A 77 0.72 -20.88 22.42
N VAL A 78 0.58 -21.26 23.69
CA VAL A 78 1.60 -21.01 24.71
C VAL A 78 1.77 -22.28 25.52
N ASN A 79 2.96 -22.86 25.50
CA ASN A 79 3.24 -24.15 26.16
C ASN A 79 2.19 -25.27 25.92
N GLY A 80 1.65 -25.33 24.72
CA GLY A 80 0.65 -26.35 24.42
C GLY A 80 -0.77 -25.86 24.55
N ASP A 81 -1.00 -24.85 25.40
CA ASP A 81 -2.37 -24.36 25.59
C ASP A 81 -2.79 -23.49 24.42
N ARG A 82 -4.03 -23.65 23.99
CA ARG A 82 -4.56 -22.90 22.85
C ARG A 82 -5.55 -21.84 23.33
N ILE A 83 -5.27 -20.60 22.95
CA ILE A 83 -6.00 -19.44 23.46
C ILE A 83 -6.69 -18.75 22.30
N ARG A 84 -8.02 -18.71 22.35
CA ARG A 84 -8.82 -18.12 21.30
C ARG A 84 -8.57 -16.61 21.22
N VAL A 85 -8.36 -16.13 20.01
CA VAL A 85 -8.12 -14.72 19.81
C VAL A 85 -9.35 -14.11 19.14
N LEU A 86 -9.81 -13.01 19.73
CA LEU A 86 -10.94 -12.27 19.24
C LEU A 86 -10.50 -10.83 18.98
N ALA A 87 -11.26 -10.12 18.15
CA ALA A 87 -10.95 -8.75 17.79
C ALA A 87 -12.26 -7.98 17.55
N ASN A 88 -12.97 -7.69 18.64
CA ASN A 88 -14.18 -6.90 18.59
C ASN A 88 -14.14 -5.77 19.62
N ARG A 89 -14.44 -4.55 19.20
CA ARG A 89 -14.39 -3.37 20.09
C ARG A 89 -15.58 -3.23 21.03
N ASN A 90 -16.65 -3.99 20.76
CA ASN A 90 -17.88 -4.01 21.60
C ASN A 90 -18.06 -5.35 22.36
N PRO A 91 -17.76 -5.34 23.68
CA PRO A 91 -17.78 -6.58 24.44
C PRO A 91 -19.18 -7.13 24.80
N ALA A 92 -20.23 -6.38 24.52
CA ALA A 92 -21.58 -6.95 24.60
C ALA A 92 -21.72 -8.07 23.58
N GLU A 93 -21.05 -7.93 22.44
CA GLU A 93 -21.14 -8.91 21.34
C GLU A 93 -20.12 -10.05 21.40
N LEU A 94 -19.26 -10.07 22.42
CA LEU A 94 -18.24 -11.12 22.54
C LEU A 94 -18.83 -12.41 23.09
N PRO A 95 -18.22 -13.56 22.75
CA PRO A 95 -18.77 -14.86 23.08
C PRO A 95 -18.40 -15.37 24.47
N TRP A 96 -18.36 -14.50 25.49
CA TRP A 96 -17.90 -14.92 26.82
C TRP A 96 -18.79 -16.02 27.39
N GLY A 97 -20.10 -15.89 27.21
CA GLY A 97 -21.07 -16.91 27.64
C GLY A 97 -20.88 -18.23 26.89
N GLU A 98 -20.62 -18.16 25.59
CA GLU A 98 -20.29 -19.37 24.80
C GLU A 98 -19.01 -20.01 25.33
N LEU A 99 -18.05 -19.19 25.74
CA LEU A 99 -16.74 -19.67 26.23
C LEU A 99 -16.73 -20.04 27.71
N GLY A 100 -17.78 -19.71 28.44
CA GLY A 100 -17.86 -20.07 29.84
C GLY A 100 -16.97 -19.22 30.74
N VAL A 101 -16.65 -18.02 30.29
CA VAL A 101 -15.71 -17.16 30.98
C VAL A 101 -16.27 -16.68 32.31
N ASP A 102 -15.60 -17.04 33.39
CA ASP A 102 -15.99 -16.63 34.72
C ASP A 102 -15.49 -15.22 35.09
N VAL A 103 -14.32 -14.85 34.56
CA VAL A 103 -13.69 -13.57 34.89
C VAL A 103 -12.95 -12.98 33.71
N VAL A 104 -13.41 -11.80 33.26
CA VAL A 104 -12.66 -10.99 32.33
C VAL A 104 -11.68 -10.13 33.12
N MET A 105 -10.40 -10.16 32.74
CA MET A 105 -9.46 -9.19 33.25
C MET A 105 -9.54 -8.07 32.24
N GLU A 106 -10.00 -6.89 32.69
CA GLU A 106 -10.22 -5.73 31.81
C GLU A 106 -8.99 -4.83 31.86
N CYS A 107 -8.21 -4.86 30.78
CA CYS A 107 -6.85 -4.33 30.77
C CYS A 107 -6.65 -3.28 29.69
N THR A 108 -7.75 -2.75 29.14
CA THR A 108 -7.70 -1.83 27.99
C THR A 108 -7.55 -0.35 28.33
N GLY A 109 -8.02 0.06 29.51
CA GLY A 109 -8.10 1.47 29.87
C GLY A 109 -9.50 2.10 29.73
N PHE A 110 -10.26 1.71 28.70
CA PHE A 110 -11.51 2.39 28.35
C PHE A 110 -12.78 1.73 28.90
N PHE A 111 -12.67 0.97 30.00
CA PHE A 111 -13.84 0.33 30.61
C PHE A 111 -13.70 0.27 32.13
N THR A 112 -13.34 1.41 32.72
CA THR A 112 -12.99 1.49 34.13
C THR A 112 -14.17 1.73 35.06
N SER A 113 -15.37 1.89 34.52
CA SER A 113 -16.58 2.06 35.35
C SER A 113 -17.38 0.77 35.35
N LYS A 114 -18.13 0.53 36.43
CA LYS A 114 -19.05 -0.60 36.47
C LYS A 114 -20.03 -0.53 35.31
N GLU A 115 -20.56 0.67 35.07
CA GLU A 115 -21.43 0.93 33.93
C GLU A 115 -20.83 0.47 32.58
N LYS A 116 -19.57 0.85 32.32
CA LYS A 116 -18.92 0.44 31.08
C LYS A 116 -18.52 -1.05 31.11
N ALA A 117 -17.83 -1.46 32.17
CA ALA A 117 -17.40 -2.84 32.33
C ALA A 117 -18.54 -3.84 32.19
N SER A 118 -19.72 -3.49 32.70
CA SER A 118 -20.90 -4.35 32.60
C SER A 118 -21.27 -4.79 31.18
N ALA A 119 -20.71 -4.15 30.16
CA ALA A 119 -20.82 -4.66 28.78
C ALA A 119 -20.32 -6.11 28.67
N HIS A 120 -19.28 -6.46 29.44
CA HIS A 120 -18.75 -7.81 29.48
C HIS A 120 -19.80 -8.75 30.07
N LEU A 121 -20.54 -8.26 31.07
CA LEU A 121 -21.59 -9.05 31.72
C LEU A 121 -22.63 -9.45 30.70
N LYS A 122 -22.94 -8.51 29.82
CA LYS A 122 -23.96 -8.67 28.78
C LYS A 122 -23.44 -9.64 27.73
N GLY A 123 -22.14 -9.60 27.48
CA GLY A 123 -21.45 -10.57 26.61
C GLY A 123 -21.37 -11.99 27.15
N GLY A 124 -21.67 -12.19 28.43
CA GLY A 124 -21.73 -13.53 29.01
C GLY A 124 -20.78 -13.81 30.17
N ALA A 125 -19.81 -12.93 30.40
CA ALA A 125 -18.89 -13.07 31.54
C ALA A 125 -19.64 -12.86 32.86
N LYS A 126 -19.23 -13.60 33.89
CA LYS A 126 -19.86 -13.53 35.20
C LYS A 126 -19.26 -12.38 36.00
N LYS A 127 -17.96 -12.16 35.83
CA LYS A 127 -17.24 -11.12 36.59
C LYS A 127 -16.16 -10.39 35.77
N VAL A 128 -15.75 -9.22 36.25
CA VAL A 128 -14.76 -8.38 35.61
C VAL A 128 -13.81 -7.78 36.64
N ILE A 129 -12.51 -7.81 36.37
CA ILE A 129 -11.54 -7.17 37.25
C ILE A 129 -10.75 -6.15 36.43
N ILE A 130 -10.79 -4.89 36.88
CA ILE A 130 -10.17 -3.78 36.18
C ILE A 130 -8.74 -3.63 36.66
N SER A 131 -7.81 -3.57 35.71
CA SER A 131 -6.38 -3.56 36.02
C SER A 131 -5.91 -2.11 36.22
N ALA A 132 -6.68 -1.37 37.02
CA ALA A 132 -6.59 0.09 37.10
C ALA A 132 -7.53 0.61 38.20
N PRO A 133 -7.24 1.81 38.74
CA PRO A 133 -8.26 2.38 39.62
C PRO A 133 -9.61 2.50 38.90
N GLY A 134 -10.71 2.26 39.61
CA GLY A 134 -12.04 2.32 39.02
C GLY A 134 -12.85 3.57 39.31
N GLY A 135 -13.89 3.79 38.52
CA GLY A 135 -14.89 4.82 38.85
C GLY A 135 -15.52 4.64 40.25
N LYS A 136 -16.31 5.63 40.65
CA LYS A 136 -17.06 5.57 41.91
C LYS A 136 -18.00 4.35 41.99
N ASP A 137 -18.59 3.95 40.87
CA ASP A 137 -19.61 2.88 40.89
C ASP A 137 -19.10 1.41 41.00
N VAL A 138 -17.80 1.19 41.23
CA VAL A 138 -17.29 -0.19 41.26
C VAL A 138 -17.63 -0.85 42.59
N ASP A 139 -17.82 -2.16 42.58
CA ASP A 139 -18.22 -2.89 43.78
C ASP A 139 -17.15 -2.89 44.85
N ALA A 140 -15.88 -2.83 44.43
CA ALA A 140 -14.78 -2.75 45.39
C ALA A 140 -13.45 -2.44 44.69
N THR A 141 -12.50 -2.06 45.52
CA THR A 141 -11.13 -1.88 45.11
C THR A 141 -10.26 -2.73 46.02
N ILE A 142 -9.36 -3.53 45.44
CA ILE A 142 -8.67 -4.53 46.22
C ILE A 142 -7.18 -4.44 46.06
N VAL A 143 -6.45 -4.52 47.18
CA VAL A 143 -5.01 -4.70 47.20
C VAL A 143 -4.88 -6.05 47.84
N TYR A 144 -4.46 -7.04 47.05
CA TYR A 144 -4.45 -8.41 47.53
C TYR A 144 -3.48 -8.58 48.69
N GLY A 145 -3.92 -9.30 49.71
CA GLY A 145 -3.19 -9.43 50.96
C GLY A 145 -3.57 -8.41 52.02
N VAL A 146 -4.35 -7.42 51.64
CA VAL A 146 -4.70 -6.33 52.50
C VAL A 146 -6.19 -6.33 52.74
N ASN A 147 -6.99 -6.23 51.66
CA ASN A 147 -8.43 -6.23 51.82
C ASN A 147 -9.23 -7.15 50.89
N HIS A 148 -8.65 -8.27 50.48
CA HIS A 148 -9.39 -9.16 49.55
C HIS A 148 -10.55 -9.86 50.25
N ASP A 149 -10.47 -10.01 51.57
CA ASP A 149 -11.57 -10.48 52.43
C ASP A 149 -12.92 -9.78 52.21
N VAL A 150 -12.90 -8.55 51.71
CA VAL A 150 -14.12 -7.77 51.49
C VAL A 150 -14.92 -8.25 50.27
N LEU A 151 -14.33 -9.10 49.44
CA LEU A 151 -15.01 -9.59 48.26
C LEU A 151 -16.22 -10.42 48.66
N LYS A 152 -17.35 -10.21 47.97
CA LYS A 152 -18.57 -10.95 48.21
C LYS A 152 -19.18 -11.46 46.90
N ALA A 153 -19.87 -12.59 47.01
CA ALA A 153 -20.60 -13.22 45.92
C ALA A 153 -21.22 -12.20 44.98
N GLU A 154 -21.91 -11.21 45.53
CA GLU A 154 -22.66 -10.25 44.71
C GLU A 154 -21.82 -9.24 43.93
N HIS A 155 -20.51 -9.17 44.20
CA HIS A 155 -19.65 -8.24 43.45
C HIS A 155 -19.34 -8.80 42.08
N THR A 156 -19.56 -8.00 41.06
CA THR A 156 -19.32 -8.43 39.70
C THR A 156 -18.26 -7.62 38.94
N VAL A 157 -18.06 -6.35 39.30
CA VAL A 157 -17.05 -5.48 38.65
C VAL A 157 -16.20 -4.81 39.75
N ILE A 158 -14.93 -5.22 39.85
CA ILE A 158 -14.02 -4.68 40.85
C ILE A 158 -12.76 -4.08 40.23
N SER A 159 -12.01 -3.33 41.04
CA SER A 159 -10.73 -2.74 40.62
C SER A 159 -9.64 -3.48 41.36
N ASN A 160 -8.49 -3.61 40.72
CA ASN A 160 -7.32 -4.15 41.40
C ASN A 160 -6.40 -3.00 41.88
N ALA A 161 -6.92 -1.77 41.82
CA ALA A 161 -6.20 -0.56 42.23
C ALA A 161 -5.07 -0.26 41.26
N SER A 162 -3.94 0.22 41.75
CA SER A 162 -2.80 0.51 40.90
C SER A 162 -1.53 -0.08 41.51
N CYS A 163 -0.49 -0.15 40.69
CA CYS A 163 0.79 -0.69 41.11
C CYS A 163 1.38 0.07 42.29
N THR A 164 1.22 1.39 42.30
CA THR A 164 1.75 2.22 43.40
C THR A 164 0.95 1.99 44.70
N THR A 165 -0.38 1.99 44.61
CA THR A 165 -1.26 1.69 45.77
C THR A 165 -0.93 0.30 46.34
N ASN A 166 -0.69 -0.68 45.46
CA ASN A 166 -0.31 -2.05 45.86
C ASN A 166 1.05 -2.11 46.53
N CYS A 167 1.94 -1.17 46.22
CA CYS A 167 3.18 -1.02 46.99
C CYS A 167 2.98 -0.35 48.35
N LEU A 168 2.20 0.73 48.36
CA LEU A 168 2.09 1.60 49.52
C LEU A 168 1.28 1.03 50.69
N ALA A 169 0.17 0.33 50.40
CA ALA A 169 -0.74 -0.16 51.44
C ALA A 169 -0.09 -1.21 52.38
N PRO A 170 0.65 -2.16 51.81
CA PRO A 170 1.34 -3.14 52.64
C PRO A 170 2.50 -2.53 53.40
N LEU A 171 3.07 -1.46 52.87
CA LEU A 171 4.15 -0.74 53.52
C LEU A 171 3.61 -0.07 54.77
N VAL A 172 2.53 0.67 54.61
CA VAL A 172 2.07 1.50 55.69
C VAL A 172 1.19 0.76 56.73
N LYS A 173 0.63 -0.40 56.38
CA LYS A 173 -0.33 -1.07 57.27
C LYS A 173 0.30 -1.54 58.60
N PRO A 174 1.38 -2.34 58.56
CA PRO A 174 2.04 -2.71 59.80
C PRO A 174 2.42 -1.50 60.68
N LEU A 175 2.90 -0.42 60.06
CA LEU A 175 3.40 0.73 60.79
C LEU A 175 2.26 1.47 61.46
N ASN A 176 1.16 1.64 60.76
CA ASN A 176 0.01 2.26 61.38
C ASN A 176 -0.54 1.39 62.50
N ASP A 177 -0.63 0.08 62.27
CA ASP A 177 -1.14 -0.86 63.31
C ASP A 177 -0.33 -0.81 64.60
N LYS A 178 0.99 -0.75 64.49
CA LYS A 178 1.89 -0.93 65.63
C LYS A 178 2.57 0.34 66.11
N ILE A 179 2.57 1.39 65.30
CA ILE A 179 3.11 2.69 65.72
C ILE A 179 2.08 3.78 65.63
N GLY A 180 1.39 3.90 64.51
CA GLY A 180 0.40 4.95 64.34
C GLY A 180 0.89 6.14 63.55
N LEU A 181 0.09 6.53 62.57
CA LEU A 181 0.47 7.49 61.58
C LEU A 181 -0.51 8.64 61.66
N GLU A 182 -0.01 9.86 61.81
CA GLU A 182 -0.89 10.99 61.85
C GLU A 182 -1.25 11.42 60.43
N THR A 183 -0.22 11.78 59.65
CA THR A 183 -0.32 12.05 58.23
C THR A 183 0.94 11.54 57.58
N GLY A 184 0.89 11.42 56.27
CA GLY A 184 1.99 10.87 55.51
C GLY A 184 2.03 11.48 54.13
N LEU A 185 3.22 11.65 53.61
CA LEU A 185 3.41 12.19 52.27
C LEU A 185 4.43 11.33 51.56
N MET A 186 4.08 10.90 50.35
CA MET A 186 4.90 10.01 49.54
C MET A 186 5.46 10.71 48.29
N THR A 187 6.70 10.42 47.95
CA THR A 187 7.17 10.64 46.58
C THR A 187 7.43 9.25 46.04
N THR A 188 6.93 8.96 44.84
CA THR A 188 7.29 7.69 44.24
C THR A 188 8.19 7.93 43.07
N ILE A 189 9.38 7.38 43.15
CA ILE A 189 10.38 7.55 42.09
C ILE A 189 10.16 6.41 41.12
N HIS A 190 9.67 6.75 39.95
CA HIS A 190 8.96 5.81 39.13
C HIS A 190 9.62 5.70 37.74
N ALA A 191 9.76 4.48 37.24
CA ALA A 191 10.12 4.22 35.84
C ALA A 191 9.18 4.94 34.89
N TYR A 192 9.67 5.27 33.68
CA TYR A 192 8.78 5.84 32.69
C TYR A 192 7.86 4.77 32.12
N THR A 193 6.78 5.24 31.48
CA THR A 193 5.76 4.38 30.89
C THR A 193 5.45 4.92 29.51
N ASN A 194 4.66 4.18 28.73
CA ASN A 194 4.42 4.51 27.33
C ASN A 194 3.49 5.70 27.14
N ASP A 195 2.89 6.14 28.24
CA ASP A 195 2.14 7.39 28.26
C ASP A 195 3.09 8.61 28.21
N GLN A 196 4.41 8.41 28.31
CA GLN A 196 5.36 9.53 28.15
C GLN A 196 5.90 9.62 26.72
N VAL A 197 6.88 10.50 26.48
CA VAL A 197 7.43 10.74 25.15
C VAL A 197 8.97 10.61 25.08
N LEU A 198 9.47 10.30 23.87
CA LEU A 198 10.88 10.10 23.63
C LEU A 198 11.61 11.44 23.51
N THR A 199 11.11 12.31 22.66
CA THR A 199 11.63 13.68 22.54
C THR A 199 10.46 14.66 22.49
N ASP A 200 10.63 15.81 23.13
CA ASP A 200 9.53 16.73 23.45
C ASP A 200 8.46 16.88 22.38
N VAL A 201 7.23 16.58 22.76
CA VAL A 201 6.13 16.61 21.80
C VAL A 201 4.80 16.72 22.53
N TYR A 202 3.75 17.10 21.82
CA TYR A 202 2.43 17.35 22.43
C TYR A 202 1.99 16.26 23.42
N HIS A 203 1.56 16.70 24.60
CA HIS A 203 0.91 15.83 25.58
C HIS A 203 -0.11 16.70 26.35
N GLU A 204 -1.19 16.09 26.80
CA GLU A 204 -2.21 16.87 27.54
C GLU A 204 -1.62 17.47 28.84
N ASP A 205 -0.62 16.79 29.43
CA ASP A 205 0.16 17.33 30.53
C ASP A 205 1.51 17.88 30.05
N LEU A 206 1.81 19.13 30.38
CA LEU A 206 3.02 19.82 29.87
C LEU A 206 4.38 19.29 30.35
N ARG A 207 4.41 18.51 31.44
CA ARG A 207 5.65 17.92 31.90
C ARG A 207 5.94 16.58 31.22
N ARG A 208 4.88 15.80 31.00
CA ARG A 208 4.98 14.55 30.28
C ARG A 208 5.19 14.77 28.80
N ALA A 209 4.97 16.00 28.34
CA ALA A 209 5.33 16.41 27.00
C ALA A 209 6.84 16.52 26.79
N ARG A 210 7.62 16.21 27.82
CA ARG A 210 9.08 16.36 27.80
C ARG A 210 9.77 15.01 27.80
N SER A 211 10.95 14.95 27.19
CA SER A 211 11.65 13.67 27.00
C SER A 211 11.78 12.93 28.31
N ALA A 212 11.20 11.72 28.39
CA ALA A 212 11.32 10.86 29.57
C ALA A 212 12.72 10.32 29.79
N THR A 213 13.52 10.32 28.74
CA THR A 213 14.82 9.69 28.78
C THR A 213 15.93 10.60 29.28
N HIS A 214 15.64 11.89 29.42
CA HIS A 214 16.66 12.88 29.81
C HIS A 214 16.31 13.71 31.04
N SER A 215 15.19 13.43 31.71
CA SER A 215 14.76 14.28 32.84
C SER A 215 14.05 13.53 33.95
N GLN A 216 14.11 14.16 35.13
CA GLN A 216 13.22 13.86 36.21
C GLN A 216 11.97 14.68 35.96
N ILE A 217 10.83 13.98 35.93
CA ILE A 217 9.56 14.53 35.50
C ILE A 217 8.45 14.32 36.58
N PRO A 218 8.10 15.40 37.29
CA PRO A 218 7.09 15.31 38.31
C PRO A 218 5.74 15.10 37.71
N THR A 219 4.97 14.21 38.31
CA THR A 219 3.63 13.96 37.85
C THR A 219 2.70 13.61 39.02
N LYS A 220 1.44 13.94 38.84
CA LYS A 220 0.42 13.61 39.82
C LYS A 220 0.08 12.14 39.77
N THR A 221 -0.18 11.60 40.97
CA THR A 221 -0.81 10.30 41.12
C THR A 221 -1.79 10.42 42.26
N GLY A 222 -2.94 9.76 42.12
CA GLY A 222 -3.90 9.63 43.22
C GLY A 222 -3.70 8.39 44.08
N ALA A 223 -2.55 7.72 43.91
CA ALA A 223 -2.32 6.41 44.50
C ALA A 223 -2.13 6.39 46.00
N ALA A 224 -1.68 7.50 46.59
CA ALA A 224 -1.50 7.63 48.04
C ALA A 224 -2.85 7.82 48.75
N ALA A 225 -3.62 8.80 48.30
CA ALA A 225 -4.99 8.99 48.76
C ALA A 225 -5.87 7.73 48.53
N ALA A 226 -5.63 6.99 47.47
CA ALA A 226 -6.44 5.80 47.18
C ALA A 226 -6.26 4.68 48.21
N VAL A 227 -5.22 4.77 49.05
CA VAL A 227 -4.99 3.77 50.09
C VAL A 227 -6.13 3.74 51.10
N GLY A 228 -6.85 4.85 51.21
CA GLY A 228 -8.07 4.94 52.01
C GLY A 228 -9.18 3.98 51.61
N LEU A 229 -9.22 3.64 50.32
CA LEU A 229 -10.18 2.67 49.81
C LEU A 229 -10.02 1.27 50.40
N VAL A 230 -8.79 0.89 50.74
CA VAL A 230 -8.48 -0.47 51.18
C VAL A 230 -8.06 -0.55 52.65
N LEU A 231 -7.77 0.61 53.24
CA LEU A 231 -7.41 0.71 54.64
C LEU A 231 -8.13 1.90 55.21
N PRO A 232 -9.47 1.77 55.42
CA PRO A 232 -10.30 2.92 55.81
C PRO A 232 -9.76 3.72 56.97
N GLU A 233 -8.99 3.08 57.86
CA GLU A 233 -8.34 3.77 58.95
C GLU A 233 -7.34 4.84 58.50
N LEU A 234 -6.90 4.79 57.24
CA LEU A 234 -5.95 5.74 56.68
C LEU A 234 -6.62 6.71 55.73
N ASN A 235 -7.94 6.64 55.66
CA ASN A 235 -8.68 7.49 54.76
C ASN A 235 -8.36 8.99 55.04
N GLY A 236 -8.05 9.73 53.99
CA GLY A 236 -7.62 11.12 54.08
C GLY A 236 -6.24 11.42 54.70
N LYS A 237 -5.50 10.39 55.16
CA LYS A 237 -4.24 10.60 55.87
C LYS A 237 -2.97 10.64 55.00
N LEU A 238 -3.07 10.23 53.72
CA LEU A 238 -1.90 10.13 52.86
C LEU A 238 -2.11 10.80 51.54
N ASP A 239 -1.04 11.40 51.06
CA ASP A 239 -1.04 12.10 49.78
C ASP A 239 0.38 12.03 49.20
N GLY A 240 0.57 12.51 47.97
CA GLY A 240 1.88 12.44 47.34
C GLY A 240 1.88 12.62 45.84
N TYR A 241 3.04 12.36 45.22
CA TYR A 241 3.18 12.49 43.78
C TYR A 241 4.33 11.63 43.24
N ALA A 242 4.51 11.63 41.93
CA ALA A 242 5.49 10.78 41.29
C ALA A 242 6.58 11.65 40.68
N ILE A 243 7.81 11.13 40.68
CA ILE A 243 8.85 11.68 39.84
C ILE A 243 9.31 10.58 38.90
N ARG A 244 8.99 10.76 37.63
CA ARG A 244 9.35 9.82 36.58
C ARG A 244 10.80 10.00 36.23
N VAL A 245 11.58 8.92 36.29
CA VAL A 245 13.01 8.94 35.98
C VAL A 245 13.39 8.03 34.80
N PRO A 246 14.57 8.24 34.21
CA PRO A 246 14.99 7.48 33.03
C PRO A 246 15.38 6.01 33.22
N THR A 247 14.45 5.19 33.68
CA THR A 247 14.61 3.74 33.74
C THR A 247 13.38 3.07 33.18
N ILE A 248 13.58 1.89 32.63
CA ILE A 248 12.58 1.26 31.83
C ILE A 248 11.53 0.58 32.71
N ASN A 249 11.92 0.21 33.93
CA ASN A 249 11.03 -0.52 34.84
C ASN A 249 11.57 -0.50 36.25
N VAL A 250 10.68 -0.70 37.23
CA VAL A 250 10.99 -0.71 38.66
C VAL A 250 10.96 0.71 39.24
N SER A 251 10.38 0.83 40.42
CA SER A 251 10.08 2.10 41.00
C SER A 251 10.26 1.92 42.49
N ILE A 252 10.30 3.02 43.23
CA ILE A 252 10.39 2.95 44.68
C ILE A 252 9.45 3.96 45.32
N VAL A 253 8.82 3.56 46.42
CA VAL A 253 7.92 4.43 47.16
C VAL A 253 8.69 4.97 48.34
N ASP A 254 8.72 6.29 48.46
CA ASP A 254 9.42 6.96 49.54
C ASP A 254 8.39 7.66 50.44
N LEU A 255 8.11 7.09 51.60
CA LEU A 255 7.05 7.62 52.47
C LEU A 255 7.64 8.32 53.68
N SER A 256 7.23 9.57 53.87
CA SER A 256 7.53 10.32 55.09
C SER A 256 6.26 10.42 55.94
N PHE A 257 6.36 10.13 57.22
CA PHE A 257 5.17 10.29 58.07
C PHE A 257 5.47 10.69 59.48
N ILE A 258 4.50 11.38 60.08
CA ILE A 258 4.55 11.73 61.50
C ILE A 258 3.99 10.58 62.31
N ALA A 259 4.82 9.95 63.10
CA ALA A 259 4.38 8.86 63.95
C ALA A 259 3.66 9.40 65.20
N LYS A 260 2.71 8.61 65.71
CA LYS A 260 1.87 8.98 66.86
C LYS A 260 2.60 8.81 68.19
N ARG A 261 3.64 8.01 68.20
CA ARG A 261 4.53 7.89 69.35
C ARG A 261 5.97 7.82 68.88
N ASP A 262 6.89 7.75 69.82
CA ASP A 262 8.31 7.70 69.50
C ASP A 262 8.67 6.30 69.13
N THR A 263 9.54 6.18 68.12
CA THR A 263 10.04 4.89 67.67
C THR A 263 11.51 5.02 67.29
N THR A 264 12.10 3.90 66.85
CA THR A 264 13.46 3.90 66.34
C THR A 264 13.51 3.27 64.94
N ALA A 265 14.56 3.56 64.18
CA ALA A 265 14.82 2.85 62.93
C ALA A 265 14.82 1.33 63.16
N ALA A 266 15.48 0.88 64.22
CA ALA A 266 15.47 -0.53 64.59
C ALA A 266 14.06 -1.10 64.82
N GLU A 267 13.21 -0.38 65.56
CA GLU A 267 11.83 -0.86 65.78
C GLU A 267 11.04 -0.89 64.47
N VAL A 268 11.16 0.15 63.66
CA VAL A 268 10.43 0.19 62.40
C VAL A 268 10.76 -1.04 61.55
N ASN A 269 12.03 -1.44 61.52
CA ASN A 269 12.45 -2.55 60.64
C ASN A 269 11.96 -3.90 61.15
N ALA A 270 12.02 -4.11 62.46
CA ALA A 270 11.50 -5.33 63.08
C ALA A 270 10.03 -5.50 62.76
N ILE A 271 9.26 -4.43 62.90
CA ILE A 271 7.85 -4.45 62.55
C ILE A 271 7.59 -4.86 61.10
N MET A 272 8.45 -4.43 60.18
CA MET A 272 8.25 -4.78 58.77
C MET A 272 8.67 -6.21 58.49
N LYS A 273 9.76 -6.65 59.11
CA LYS A 273 10.26 -8.01 58.93
C LYS A 273 9.21 -9.00 59.38
N GLU A 274 8.65 -8.74 60.58
CA GLU A 274 7.56 -9.54 61.17
C GLU A 274 6.38 -9.57 60.24
N ALA A 275 6.04 -8.43 59.66
CA ALA A 275 4.93 -8.38 58.71
C ALA A 275 5.24 -9.24 57.49
N SER A 276 6.49 -9.22 57.02
CA SER A 276 6.83 -9.89 55.78
C SER A 276 6.85 -11.41 55.96
N GLU A 277 7.18 -11.86 57.17
CA GLU A 277 7.28 -13.29 57.50
C GLU A 277 5.93 -13.94 57.90
N GLY A 278 4.87 -13.15 58.07
CA GLY A 278 3.56 -13.69 58.46
C GLY A 278 2.38 -13.27 57.61
N ALA A 279 1.61 -12.32 58.14
CA ALA A 279 0.36 -11.84 57.51
C ALA A 279 0.48 -11.55 56.01
N LEU A 280 1.51 -10.80 55.65
CA LEU A 280 1.70 -10.35 54.25
C LEU A 280 2.79 -11.13 53.49
N LYS A 281 3.13 -12.31 53.99
CA LYS A 281 4.07 -13.18 53.30
C LYS A 281 3.65 -13.35 51.85
N GLY A 282 4.60 -13.13 50.93
CA GLY A 282 4.36 -13.29 49.48
C GLY A 282 4.18 -11.94 48.79
N ILE A 283 3.38 -11.09 49.43
CA ILE A 283 3.01 -9.79 48.92
C ILE A 283 4.01 -8.70 49.32
N LEU A 284 4.48 -8.77 50.55
CA LEU A 284 5.47 -7.86 51.09
C LEU A 284 6.79 -8.61 51.30
N GLY A 285 7.86 -8.17 50.63
CA GLY A 285 9.20 -8.68 50.87
C GLY A 285 9.99 -7.76 51.78
N TYR A 286 11.16 -8.22 52.20
CA TYR A 286 11.99 -7.49 53.16
C TYR A 286 13.46 -7.61 52.74
N ASN A 287 14.13 -6.48 52.49
CA ASN A 287 15.56 -6.47 52.09
C ASN A 287 16.45 -5.78 53.11
N GLU A 288 17.54 -6.45 53.48
CA GLU A 288 18.66 -5.81 54.17
C GLU A 288 19.92 -5.73 53.28
N ALA A 289 19.87 -6.32 52.08
CA ALA A 289 21.05 -6.36 51.16
C ALA A 289 21.29 -5.01 50.40
N PRO A 290 22.56 -4.74 50.05
CA PRO A 290 22.89 -3.49 49.37
C PRO A 290 22.66 -3.63 47.88
N LEU A 291 21.39 -3.49 47.49
CA LEU A 291 20.92 -3.76 46.16
C LEU A 291 20.39 -2.50 45.49
N VAL A 292 20.24 -2.55 44.18
CA VAL A 292 19.80 -1.41 43.40
C VAL A 292 18.55 -1.78 42.62
N SER A 293 18.00 -0.82 41.89
CA SER A 293 16.62 -0.96 41.41
C SER A 293 16.44 -2.16 40.49
N ILE A 294 17.40 -2.45 39.63
CA ILE A 294 17.22 -3.54 38.67
C ILE A 294 17.21 -4.93 39.29
N ASP A 295 17.65 -5.05 40.55
CA ASP A 295 17.70 -6.33 41.22
C ASP A 295 16.28 -6.75 41.59
N PHE A 296 15.36 -5.81 41.52
CA PHE A 296 13.94 -6.05 41.83
C PHE A 296 13.13 -6.25 40.58
N ASN A 297 13.79 -6.16 39.43
CA ASN A 297 13.11 -6.37 38.16
C ASN A 297 12.66 -7.82 38.13
N HIS A 298 11.40 -8.05 37.80
CA HIS A 298 10.85 -9.41 37.78
C HIS A 298 10.62 -10.05 39.15
N ASN A 299 10.74 -9.26 40.23
CA ASN A 299 10.29 -9.68 41.54
C ASN A 299 8.76 -9.49 41.61
N PRO A 300 8.01 -10.58 41.90
CA PRO A 300 6.53 -10.59 41.91
C PRO A 300 5.86 -10.02 43.17
N ALA A 301 6.65 -9.57 44.14
CA ALA A 301 6.13 -8.93 45.36
C ALA A 301 5.40 -7.63 45.04
N SER A 302 4.39 -7.29 45.82
CA SER A 302 3.68 -6.02 45.61
C SER A 302 4.53 -4.83 46.09
N SER A 303 5.44 -5.11 47.03
CA SER A 303 6.15 -4.12 47.82
C SER A 303 7.30 -4.85 48.47
N THR A 304 8.55 -4.41 48.28
CA THR A 304 9.69 -5.00 49.01
C THR A 304 10.32 -3.90 49.83
N PHE A 305 10.04 -3.93 51.13
CA PHE A 305 10.49 -2.89 52.05
C PHE A 305 12.01 -2.92 52.16
N ASP A 306 12.62 -1.74 52.16
CA ASP A 306 14.10 -1.70 52.25
C ASP A 306 14.56 -1.16 53.59
N ALA A 307 15.03 -2.07 54.43
CA ALA A 307 15.48 -1.77 55.76
C ALA A 307 16.68 -0.81 55.80
N THR A 308 17.50 -0.84 54.75
CA THR A 308 18.71 -0.04 54.69
C THR A 308 18.41 1.43 54.52
N LEU A 309 17.17 1.77 54.18
CA LEU A 309 16.85 3.15 53.89
C LEU A 309 16.09 3.85 55.01
N THR A 310 15.77 3.13 56.07
CA THR A 310 14.88 3.68 57.09
C THR A 310 15.55 4.81 57.85
N LYS A 311 14.83 5.90 58.03
CA LYS A 311 15.32 6.99 58.85
C LYS A 311 14.23 7.44 59.83
N VAL A 312 14.63 7.71 61.08
CA VAL A 312 13.73 8.36 62.04
C VAL A 312 14.44 9.49 62.79
N SER A 313 13.73 10.61 62.90
CA SER A 313 14.21 11.80 63.56
C SER A 313 13.05 12.39 64.34
N GLY A 314 13.09 12.20 65.67
CA GLY A 314 11.98 12.57 66.51
C GLY A 314 10.76 11.75 66.15
N ARG A 315 9.70 12.42 65.72
CA ARG A 315 8.46 11.77 65.31
C ARG A 315 8.29 11.68 63.77
N LEU A 316 9.35 12.02 63.02
CA LEU A 316 9.37 11.92 61.55
C LEU A 316 9.99 10.60 61.15
N VAL A 317 9.24 9.79 60.40
CA VAL A 317 9.75 8.51 59.90
C VAL A 317 9.83 8.54 58.39
N LYS A 318 10.93 8.04 57.82
CA LYS A 318 11.01 7.81 56.37
C LYS A 318 11.22 6.34 56.10
N VAL A 319 10.38 5.77 55.26
CA VAL A 319 10.48 4.34 54.90
C VAL A 319 10.32 4.22 53.41
N SER A 320 11.03 3.28 52.81
CA SER A 320 11.03 3.09 51.36
C SER A 320 10.77 1.63 50.96
N SER A 321 10.07 1.43 49.86
CA SER A 321 9.83 0.10 49.38
C SER A 321 9.93 0.04 47.87
N TRP A 322 10.65 -0.95 47.35
CA TRP A 322 10.76 -1.16 45.91
C TRP A 322 9.58 -1.96 45.36
N TYR A 323 9.19 -1.66 44.13
CA TYR A 323 8.25 -2.48 43.39
C TYR A 323 8.52 -2.51 41.88
N ASP A 324 8.43 -3.71 41.32
CA ASP A 324 8.34 -3.84 39.87
C ASP A 324 6.94 -3.43 39.54
N ASN A 325 6.81 -2.21 39.06
CA ASN A 325 5.51 -1.65 38.76
C ASN A 325 4.76 -2.37 37.62
N GLU A 326 5.31 -3.45 37.07
CA GLU A 326 4.58 -4.27 36.10
C GLU A 326 4.35 -5.70 36.59
N TRP A 327 5.36 -6.30 37.18
CA TRP A 327 5.32 -7.73 37.46
C TRP A 327 4.53 -8.00 38.72
N GLY A 328 4.80 -7.18 39.75
CA GLY A 328 4.01 -7.20 40.98
C GLY A 328 2.55 -7.14 40.65
N PHE A 329 2.15 -6.09 39.94
CA PHE A 329 0.74 -5.87 39.67
C PHE A 329 0.09 -7.01 38.85
N SER A 330 0.85 -7.59 37.94
CA SER A 330 0.35 -8.66 37.12
C SER A 330 0.17 -9.95 37.92
N ASN A 331 1.11 -10.24 38.80
CA ASN A 331 0.95 -11.38 39.66
C ASN A 331 -0.29 -11.25 40.56
N ARG A 332 -0.50 -10.06 41.12
CA ARG A 332 -1.67 -9.80 41.96
C ARG A 332 -2.98 -9.89 41.22
N MET A 333 -3.00 -9.61 39.94
CA MET A 333 -4.23 -9.71 39.15
C MET A 333 -4.71 -11.17 39.13
N LEU A 334 -3.76 -12.09 39.10
CA LEU A 334 -4.07 -13.51 39.13
C LEU A 334 -4.64 -13.87 40.48
N ASP A 335 -3.97 -13.41 41.54
CA ASP A 335 -4.42 -13.71 42.91
C ASP A 335 -5.85 -13.24 43.08
N THR A 336 -6.11 -11.98 42.76
CA THR A 336 -7.40 -11.36 42.97
C THR A 336 -8.48 -11.96 42.08
N ALA A 337 -8.12 -12.36 40.87
CA ALA A 337 -9.08 -12.99 39.97
C ALA A 337 -9.63 -14.26 40.62
N ILE A 338 -8.74 -15.02 41.24
CA ILE A 338 -9.11 -16.23 41.92
C ILE A 338 -10.09 -15.87 43.03
N ALA A 339 -9.69 -14.95 43.91
CA ALA A 339 -10.55 -14.59 45.04
C ALA A 339 -11.91 -14.05 44.61
N LEU A 340 -11.97 -13.41 43.46
CA LEU A 340 -13.18 -12.76 42.99
C LEU A 340 -14.18 -13.81 42.56
N ALA A 341 -13.69 -14.79 41.79
CA ALA A 341 -14.54 -15.86 41.28
C ALA A 341 -15.04 -16.73 42.42
N ASN A 342 -14.20 -16.98 43.44
CA ASN A 342 -14.54 -17.84 44.57
C ASN A 342 -15.20 -17.15 45.76
N ALA A 343 -15.62 -15.90 45.58
CA ALA A 343 -16.05 -15.07 46.68
C ALA A 343 -17.35 -15.56 47.34
N LYS A 344 -17.29 -15.67 48.68
CA LYS A 344 -18.40 -15.96 49.61
C LYS A 344 -18.12 -17.29 50.33
N THR B 10 7.36 38.59 -0.65
CA THR B 10 7.25 37.96 0.69
C THR B 10 6.18 36.87 0.71
N ILE B 11 6.51 35.76 1.35
CA ILE B 11 5.71 34.54 1.31
C ILE B 11 5.07 34.31 2.68
N ARG B 12 3.84 33.80 2.67
CA ARG B 12 3.08 33.53 3.90
C ARG B 12 2.98 32.04 4.15
N VAL B 13 3.47 31.59 5.31
CA VAL B 13 3.59 30.17 5.59
C VAL B 13 2.74 29.69 6.77
N ALA B 14 2.30 28.45 6.66
CA ALA B 14 1.60 27.75 7.71
C ALA B 14 2.30 26.42 8.00
N ILE B 15 2.33 26.03 9.26
CA ILE B 15 2.90 24.77 9.67
C ILE B 15 1.78 23.86 10.13
N ASN B 16 1.66 22.69 9.51
CA ASN B 16 0.71 21.67 9.95
C ASN B 16 1.49 20.55 10.65
N GLY B 17 1.30 20.42 11.97
CA GLY B 17 2.12 19.55 12.80
C GLY B 17 3.24 20.34 13.45
N TYR B 18 2.98 20.88 14.64
CA TYR B 18 3.94 21.71 15.36
C TYR B 18 4.78 20.85 16.32
N GLY B 19 5.42 19.82 15.74
CA GLY B 19 6.20 18.80 16.48
C GLY B 19 7.69 18.93 16.20
N ARG B 20 8.46 17.87 16.37
CA ARG B 20 9.93 18.03 16.30
C ARG B 20 10.31 18.87 15.10
N ILE B 21 9.78 18.53 13.91
CA ILE B 21 10.14 19.28 12.70
C ILE B 21 9.34 20.60 12.54
N GLY B 22 8.05 20.55 12.83
CA GLY B 22 7.21 21.74 12.86
C GLY B 22 7.80 22.92 13.62
N ARG B 23 8.20 22.71 14.88
CA ARG B 23 8.68 23.78 15.75
C ARG B 23 10.07 24.20 15.41
N ASN B 24 10.90 23.22 15.06
CA ASN B 24 12.32 23.51 14.83
C ASN B 24 12.56 24.27 13.55
N THR B 25 11.61 24.16 12.61
CA THR B 25 11.55 25.04 11.45
C THR B 25 11.24 26.48 11.87
N LEU B 26 10.24 26.68 12.73
CA LEU B 26 10.03 28.02 13.33
C LEU B 26 11.27 28.50 14.11
N ARG B 27 11.83 27.66 14.98
CA ARG B 27 12.99 28.09 15.77
C ARG B 27 14.15 28.48 14.86
N ALA B 28 14.36 27.71 13.79
CA ALA B 28 15.42 28.00 12.84
C ALA B 28 15.11 29.24 12.02
N PHE B 29 13.84 29.52 11.77
CA PHE B 29 13.49 30.78 11.12
C PHE B 29 13.95 32.01 11.90
N TYR B 30 13.73 31.98 13.23
CA TYR B 30 14.13 33.09 14.13
C TYR B 30 15.62 33.09 14.51
N GLU B 31 16.20 31.91 14.72
CA GLU B 31 17.61 31.84 15.14
C GLU B 31 18.56 32.27 14.01
N ASN B 32 18.09 32.10 12.78
CA ASN B 32 18.77 32.58 11.59
C ASN B 32 18.77 34.13 11.49
N GLY B 33 17.74 34.78 12.07
CA GLY B 33 17.60 36.24 12.03
C GLY B 33 16.58 36.70 11.00
N LYS B 34 15.63 35.83 10.67
CA LYS B 34 14.57 36.12 9.69
C LYS B 34 15.07 36.47 8.26
N LYS B 35 16.26 35.99 7.89
CA LYS B 35 16.78 36.19 6.53
C LYS B 35 15.80 35.72 5.45
N HIS B 36 15.15 34.60 5.71
CA HIS B 36 14.20 34.02 4.76
C HIS B 36 13.00 34.96 4.55
N ASP B 37 12.73 35.33 3.29
CA ASP B 37 11.71 36.33 2.97
C ASP B 37 10.31 35.69 3.07
N LEU B 38 9.97 35.25 4.28
CA LEU B 38 8.62 34.75 4.55
C LEU B 38 8.13 35.22 5.92
N GLU B 39 6.85 34.96 6.18
CA GLU B 39 6.25 35.14 7.49
C GLU B 39 5.45 33.89 7.83
N ILE B 40 5.59 33.43 9.06
CA ILE B 40 4.81 32.32 9.57
C ILE B 40 3.58 32.94 10.23
N VAL B 41 2.42 32.56 9.73
CA VAL B 41 1.16 33.23 10.05
C VAL B 41 0.18 32.35 10.81
N ALA B 42 0.29 31.04 10.62
CA ALA B 42 -0.55 30.07 11.33
C ALA B 42 0.25 28.82 11.73
N ILE B 43 -0.35 27.99 12.57
CA ILE B 43 0.31 26.84 13.16
C ILE B 43 -0.80 25.89 13.57
N ASN B 44 -0.80 24.67 13.06
CA ASN B 44 -1.82 23.69 13.44
C ASN B 44 -1.19 22.48 14.15
N ASP B 45 -1.78 22.10 15.27
CA ASP B 45 -1.40 20.92 16.03
C ASP B 45 -2.66 20.42 16.75
N LEU B 46 -2.52 19.73 17.88
CA LEU B 46 -3.68 19.17 18.58
C LEU B 46 -4.09 19.97 19.81
N GLY B 47 -3.22 20.87 20.26
CA GLY B 47 -3.37 21.48 21.59
C GLY B 47 -3.62 22.97 21.60
N ASP B 48 -3.83 23.52 22.80
CA ASP B 48 -4.09 24.94 22.93
C ASP B 48 -2.81 25.74 22.72
N ALA B 49 -2.98 27.04 22.58
CA ALA B 49 -1.86 27.94 22.30
C ALA B 49 -0.81 27.95 23.44
N LYS B 50 -1.25 27.77 24.68
CA LYS B 50 -0.35 27.70 25.82
C LYS B 50 0.61 26.49 25.69
N THR B 51 0.08 25.35 25.24
CA THR B 51 0.89 24.16 25.02
C THR B 51 2.00 24.44 24.00
N ASN B 52 1.62 24.93 22.83
CA ASN B 52 2.57 25.23 21.78
C ASN B 52 3.57 26.30 22.20
N ALA B 53 3.09 27.29 22.95
CA ALA B 53 4.00 28.33 23.45
C ALA B 53 5.05 27.71 24.37
N HIS B 54 4.61 26.84 25.26
CA HIS B 54 5.49 26.18 26.20
C HIS B 54 6.56 25.32 25.49
N LEU B 55 6.14 24.47 24.54
CA LEU B 55 7.11 23.61 23.83
C LEU B 55 8.03 24.41 22.90
N THR B 56 7.62 25.63 22.54
CA THR B 56 8.47 26.52 21.77
C THR B 56 9.56 27.12 22.67
N GLN B 57 9.23 27.40 23.92
CA GLN B 57 10.20 28.02 24.83
C GLN B 57 11.19 27.01 25.42
N TYR B 58 10.71 25.82 25.75
CA TYR B 58 11.55 24.83 26.43
C TYR B 58 11.74 23.61 25.56
N ASP B 59 12.98 23.17 25.39
CA ASP B 59 13.29 21.93 24.62
C ASP B 59 14.44 21.15 25.25
N THR B 60 14.29 19.84 25.32
CA THR B 60 15.36 18.95 25.80
C THR B 60 16.55 19.00 24.84
N ALA B 61 16.35 18.56 23.60
CA ALA B 61 17.45 18.38 22.64
C ALA B 61 18.15 19.69 22.31
N HIS B 62 17.39 20.79 22.24
CA HIS B 62 17.93 22.05 21.76
C HIS B 62 17.95 23.20 22.76
N GLY B 63 17.64 22.91 24.03
CA GLY B 63 17.71 23.90 25.10
C GLY B 63 16.60 24.92 25.02
N LYS B 64 16.74 26.00 25.80
CA LYS B 64 15.75 27.06 25.81
C LYS B 64 15.92 27.91 24.55
N PHE B 65 14.80 28.37 24.01
CA PHE B 65 14.75 29.24 22.83
C PHE B 65 15.32 30.63 23.14
N PRO B 66 16.37 31.05 22.40
CA PRO B 66 17.04 32.33 22.64
C PRO B 66 16.14 33.51 23.00
N GLY B 67 15.10 33.78 22.21
CA GLY B 67 14.27 34.97 22.38
C GLY B 67 13.02 34.78 23.24
N GLU B 68 12.04 35.66 23.01
CA GLU B 68 10.88 35.81 23.91
C GLU B 68 9.61 35.22 23.29
N VAL B 69 8.91 34.40 24.07
CA VAL B 69 7.71 33.72 23.60
C VAL B 69 6.56 33.95 24.58
N SER B 70 5.34 34.07 24.04
CA SER B 70 4.15 34.29 24.85
C SER B 70 2.87 33.96 24.10
N VAL B 71 1.76 34.03 24.82
CA VAL B 71 0.43 33.76 24.28
C VAL B 71 -0.47 35.01 24.41
N ASP B 72 -1.39 35.14 23.45
CA ASP B 72 -2.38 36.21 23.43
C ASP B 72 -3.71 35.59 22.99
N GLY B 73 -4.47 35.09 23.97
CA GLY B 73 -5.66 34.30 23.69
C GLY B 73 -5.40 33.16 22.70
N ASP B 74 -5.75 33.40 21.44
CA ASP B 74 -5.65 32.38 20.38
C ASP B 74 -4.32 32.47 19.59
N TYR B 75 -3.45 33.39 19.96
CA TYR B 75 -2.25 33.70 19.18
C TYR B 75 -0.97 33.41 19.94
N LEU B 76 -0.06 32.67 19.31
CA LEU B 76 1.29 32.50 19.82
C LEU B 76 2.05 33.73 19.38
N VAL B 77 2.85 34.30 20.25
CA VAL B 77 3.63 35.48 19.89
C VAL B 77 5.12 35.23 20.11
N VAL B 78 5.89 35.32 19.03
CA VAL B 78 7.34 35.07 19.04
C VAL B 78 8.07 36.32 18.56
N ASN B 79 8.83 36.94 19.45
CA ASN B 79 9.58 38.16 19.15
C ASN B 79 8.71 39.21 18.44
N GLY B 80 7.52 39.47 18.97
CA GLY B 80 6.64 40.48 18.39
C GLY B 80 5.68 39.93 17.36
N ASP B 81 6.13 38.99 16.52
CA ASP B 81 5.27 38.40 15.49
C ASP B 81 4.13 37.63 16.16
N ARG B 82 2.92 37.72 15.59
CA ARG B 82 1.74 37.04 16.15
C ARG B 82 1.28 35.97 15.19
N ILE B 83 1.00 34.78 15.73
CA ILE B 83 0.78 33.57 14.92
C ILE B 83 -0.44 32.83 15.43
N ARG B 84 -1.46 32.66 14.59
CA ARG B 84 -2.68 31.99 15.05
C ARG B 84 -2.43 30.52 15.31
N VAL B 85 -3.12 29.99 16.31
CA VAL B 85 -3.01 28.60 16.71
C VAL B 85 -4.34 27.89 16.50
N LEU B 86 -4.35 26.94 15.58
CA LEU B 86 -5.53 26.12 15.27
C LEU B 86 -5.35 24.70 15.82
N ALA B 87 -6.46 23.98 16.00
CA ALA B 87 -6.40 22.60 16.48
C ALA B 87 -7.45 21.72 15.79
N ASN B 88 -7.40 21.67 14.46
CA ASN B 88 -8.28 20.83 13.66
C ASN B 88 -7.49 19.76 12.92
N ARG B 89 -7.79 18.51 13.25
CA ARG B 89 -7.05 17.37 12.72
C ARG B 89 -7.32 17.09 11.25
N ASN B 90 -8.49 17.49 10.75
CA ASN B 90 -8.81 17.38 9.33
C ASN B 90 -8.27 18.63 8.63
N PRO B 91 -7.26 18.48 7.76
CA PRO B 91 -6.66 19.63 7.09
C PRO B 91 -7.56 20.26 6.03
N ALA B 92 -8.56 19.50 5.58
CA ALA B 92 -9.51 19.96 4.57
C ALA B 92 -10.31 21.17 5.07
N GLU B 93 -10.70 21.11 6.34
CA GLU B 93 -11.52 22.16 6.94
C GLU B 93 -10.68 23.25 7.64
N LEU B 94 -9.47 23.51 7.14
CA LEU B 94 -8.61 24.55 7.72
C LEU B 94 -8.79 25.88 6.96
N PRO B 95 -8.68 27.02 7.67
CA PRO B 95 -8.87 28.35 7.06
C PRO B 95 -7.64 28.93 6.36
N TRP B 96 -7.01 28.12 5.49
CA TRP B 96 -5.81 28.53 4.75
C TRP B 96 -6.10 29.58 3.69
N GLY B 97 -7.31 29.53 3.14
CA GLY B 97 -7.78 30.54 2.18
C GLY B 97 -7.81 31.94 2.78
N GLU B 98 -8.50 32.08 3.91
CA GLU B 98 -8.66 33.38 4.58
C GLU B 98 -7.31 33.95 4.98
N LEU B 99 -6.43 33.09 5.46
CA LEU B 99 -5.10 33.52 5.86
C LEU B 99 -4.22 33.81 4.64
N GLY B 100 -4.65 33.28 3.49
CA GLY B 100 -3.99 33.56 2.22
C GLY B 100 -2.61 32.96 2.20
N VAL B 101 -2.54 31.68 2.59
CA VAL B 101 -1.26 30.99 2.75
C VAL B 101 -0.72 30.55 1.40
N ASP B 102 0.58 30.79 1.20
CA ASP B 102 1.27 30.44 -0.03
C ASP B 102 1.80 29.01 0.03
N VAL B 103 2.31 28.63 1.20
CA VAL B 103 2.95 27.32 1.42
C VAL B 103 2.59 26.74 2.79
N VAL B 104 1.85 25.63 2.79
CA VAL B 104 1.65 24.84 3.99
C VAL B 104 2.78 23.82 4.15
N MET B 105 3.52 23.92 5.24
CA MET B 105 4.49 22.88 5.59
C MET B 105 3.75 21.77 6.31
N GLU B 106 3.60 20.65 5.62
CA GLU B 106 2.92 19.49 6.17
C GLU B 106 3.94 18.67 6.96
N CYS B 107 3.89 18.78 8.29
CA CYS B 107 4.85 18.15 9.18
C CYS B 107 4.20 17.27 10.25
N THR B 108 3.03 16.70 9.95
CA THR B 108 2.36 15.83 10.91
C THR B 108 2.75 14.35 10.75
N GLY B 109 3.24 13.99 9.56
CA GLY B 109 3.59 12.61 9.23
C GLY B 109 2.42 11.77 8.72
N PHE B 110 1.22 12.34 8.74
CA PHE B 110 0.00 11.59 8.39
C PHE B 110 -0.55 11.86 6.98
N PHE B 111 0.02 12.83 6.27
CA PHE B 111 -0.46 13.22 4.93
C PHE B 111 0.68 13.30 3.92
N THR B 112 1.37 12.18 3.73
CA THR B 112 2.61 12.17 2.95
C THR B 112 2.41 11.93 1.45
N SER B 113 1.23 11.44 1.05
CA SER B 113 0.90 11.29 -0.37
C SER B 113 0.24 12.56 -0.93
N LYS B 114 0.31 12.74 -2.25
CA LYS B 114 -0.32 13.89 -2.93
C LYS B 114 -1.84 13.85 -2.76
N GLU B 115 -2.41 12.64 -2.74
CA GLU B 115 -3.84 12.46 -2.43
C GLU B 115 -4.20 13.14 -1.10
N LYS B 116 -3.55 12.71 -0.03
CA LYS B 116 -3.82 13.19 1.32
C LYS B 116 -3.38 14.64 1.56
N ALA B 117 -2.22 15.02 1.03
CA ALA B 117 -1.68 16.37 1.20
C ALA B 117 -2.54 17.44 0.52
N SER B 118 -3.30 17.04 -0.51
CA SER B 118 -4.13 17.98 -1.30
C SER B 118 -5.28 18.59 -0.50
N ALA B 119 -5.67 17.96 0.61
CA ALA B 119 -6.60 18.58 1.56
C ALA B 119 -6.24 20.06 1.86
N HIS B 120 -4.95 20.38 1.84
CA HIS B 120 -4.50 21.74 2.02
C HIS B 120 -4.84 22.65 0.83
N LEU B 121 -4.94 22.08 -0.36
CA LEU B 121 -5.38 22.82 -1.55
C LEU B 121 -6.90 23.03 -1.50
N LYS B 122 -7.62 22.00 -1.06
CA LYS B 122 -9.07 22.11 -0.79
C LYS B 122 -9.37 23.10 0.34
N GLY B 123 -8.50 23.14 1.36
CA GLY B 123 -8.59 24.14 2.42
C GLY B 123 -8.34 25.54 1.92
N GLY B 124 -7.52 25.66 0.85
CA GLY B 124 -7.32 26.93 0.16
C GLY B 124 -5.92 27.49 0.21
N ALA B 125 -4.93 26.63 0.35
CA ALA B 125 -3.53 27.02 0.30
C ALA B 125 -3.02 26.76 -1.11
N LYS B 126 -2.07 27.59 -1.56
CA LYS B 126 -1.55 27.53 -2.93
C LYS B 126 -0.64 26.31 -3.15
N LYS B 127 0.34 26.13 -2.27
CA LYS B 127 1.25 24.98 -2.36
C LYS B 127 1.45 24.29 -1.00
N VAL B 128 2.08 23.12 -1.03
CA VAL B 128 2.30 22.28 0.15
C VAL B 128 3.67 21.59 0.10
N ILE B 129 4.43 21.64 1.20
CA ILE B 129 5.70 20.90 1.33
C ILE B 129 5.55 19.78 2.34
N ILE B 130 5.75 18.55 1.89
CA ILE B 130 5.65 17.40 2.77
C ILE B 130 7.01 17.24 3.43
N SER B 131 7.06 17.31 4.76
CA SER B 131 8.31 17.19 5.51
C SER B 131 8.88 15.76 5.52
N ALA B 132 8.81 15.07 4.39
CA ALA B 132 9.09 13.63 4.36
C ALA B 132 9.06 13.11 2.91
N PRO B 133 9.53 11.88 2.70
CA PRO B 133 9.37 11.27 1.38
C PRO B 133 7.90 11.25 0.97
N GLY B 134 7.62 11.58 -0.29
CA GLY B 134 6.24 11.66 -0.78
C GLY B 134 5.75 10.35 -1.36
N GLY B 135 4.47 10.32 -1.74
CA GLY B 135 3.92 9.21 -2.51
C GLY B 135 4.43 9.31 -3.93
N LYS B 136 4.36 8.21 -4.69
CA LYS B 136 4.84 8.20 -6.08
C LYS B 136 4.20 9.32 -6.91
N ASP B 137 2.95 9.65 -6.59
CA ASP B 137 2.19 10.70 -7.27
C ASP B 137 2.63 12.18 -7.01
N VAL B 138 3.55 12.41 -6.06
CA VAL B 138 4.02 13.79 -5.76
C VAL B 138 4.61 14.54 -6.95
N ASP B 139 4.42 15.86 -6.95
CA ASP B 139 4.91 16.70 -8.02
C ASP B 139 6.44 16.64 -8.17
N ALA B 140 7.17 16.60 -7.06
CA ALA B 140 8.64 16.55 -7.08
C ALA B 140 9.20 16.14 -5.71
N THR B 141 10.46 15.72 -5.68
CA THR B 141 11.20 15.44 -4.43
C THR B 141 12.50 16.20 -4.46
N ILE B 142 12.66 17.15 -3.54
CA ILE B 142 13.78 18.10 -3.56
C ILE B 142 14.74 17.91 -2.38
N VAL B 143 16.04 17.96 -2.67
CA VAL B 143 17.08 18.10 -1.66
C VAL B 143 17.77 19.44 -1.92
N TYR B 144 17.38 20.47 -1.18
CA TYR B 144 17.88 21.81 -1.45
C TYR B 144 19.37 21.84 -1.53
N GLY B 145 19.88 22.65 -2.47
CA GLY B 145 21.32 22.76 -2.73
C GLY B 145 21.84 21.72 -3.71
N VAL B 146 20.93 20.93 -4.27
CA VAL B 146 21.29 19.82 -5.15
C VAL B 146 20.38 19.79 -6.39
N ASN B 147 19.08 19.75 -6.20
CA ASN B 147 18.15 19.76 -7.33
C ASN B 147 17.00 20.76 -7.18
N HIS B 148 17.18 21.81 -6.39
CA HIS B 148 16.08 22.76 -6.18
C HIS B 148 15.78 23.61 -7.44
N ASP B 149 16.73 23.61 -8.37
CA ASP B 149 16.51 24.13 -9.72
C ASP B 149 15.26 23.56 -10.40
N VAL B 150 15.03 22.25 -10.28
CA VAL B 150 13.93 21.61 -11.01
C VAL B 150 12.52 22.22 -10.76
N LEU B 151 12.37 23.02 -9.70
CA LEU B 151 11.04 23.53 -9.32
C LEU B 151 10.42 24.49 -10.34
N LYS B 152 9.17 24.22 -10.70
CA LYS B 152 8.38 25.09 -11.57
C LYS B 152 7.10 25.52 -10.84
N ALA B 153 6.56 26.67 -11.23
CA ALA B 153 5.35 27.23 -10.62
C ALA B 153 4.14 26.28 -10.65
N GLU B 154 4.16 25.31 -11.55
CA GLU B 154 3.07 24.32 -11.67
C GLU B 154 3.18 23.20 -10.62
N HIS B 155 4.32 23.13 -9.91
CA HIS B 155 4.45 22.21 -8.79
C HIS B 155 3.63 22.77 -7.62
N THR B 156 2.67 21.98 -7.14
CA THR B 156 1.80 22.38 -6.01
C THR B 156 1.99 21.52 -4.74
N VAL B 157 2.43 20.27 -4.92
CA VAL B 157 2.62 19.34 -3.82
C VAL B 157 3.95 18.60 -4.02
N ILE B 158 5.04 19.20 -3.53
CA ILE B 158 6.38 18.59 -3.56
C ILE B 158 6.74 17.89 -2.23
N SER B 159 7.82 17.11 -2.25
CA SER B 159 8.41 16.48 -1.08
C SER B 159 9.81 17.10 -0.86
N ASN B 160 10.22 17.22 0.41
CA ASN B 160 11.55 17.73 0.78
C ASN B 160 12.49 16.58 1.13
N ALA B 161 12.09 15.38 0.72
CA ALA B 161 12.86 14.16 0.99
C ALA B 161 12.88 13.82 2.49
N SER B 162 13.87 13.03 2.90
CA SER B 162 14.08 12.72 4.30
C SER B 162 15.38 13.35 4.74
N CYS B 163 15.57 13.46 6.06
CA CYS B 163 16.82 13.92 6.67
C CYS B 163 18.06 13.15 6.18
N THR B 164 17.90 11.84 6.09
CA THR B 164 18.90 10.93 5.55
C THR B 164 19.24 11.26 4.10
N THR B 165 18.22 11.34 3.25
CA THR B 165 18.41 11.64 1.83
C THR B 165 19.14 12.97 1.67
N ASN B 166 18.70 13.97 2.45
CA ASN B 166 19.36 15.27 2.45
C ASN B 166 20.81 15.22 2.89
N CYS B 167 21.14 14.27 3.76
CA CYS B 167 22.52 14.04 4.18
C CYS B 167 23.31 13.26 3.14
N LEU B 168 22.69 12.25 2.53
CA LEU B 168 23.40 11.34 1.61
C LEU B 168 23.73 12.01 0.27
N ALA B 169 22.75 12.70 -0.31
CA ALA B 169 22.89 13.29 -1.65
C ALA B 169 24.16 14.12 -1.80
N PRO B 170 24.41 15.10 -0.90
CA PRO B 170 25.64 15.92 -0.98
C PRO B 170 26.94 15.17 -0.69
N LEU B 171 26.85 14.00 -0.08
CA LEU B 171 28.03 13.22 0.22
C LEU B 171 28.45 12.53 -1.07
N VAL B 172 27.47 11.93 -1.75
CA VAL B 172 27.71 11.10 -2.93
C VAL B 172 27.95 11.89 -4.23
N LYS B 173 27.28 13.03 -4.41
CA LYS B 173 27.37 13.77 -5.68
C LYS B 173 28.82 14.12 -6.08
N PRO B 174 29.59 14.73 -5.15
CA PRO B 174 30.96 15.06 -5.50
C PRO B 174 31.86 13.84 -5.71
N LEU B 175 31.59 12.75 -5.00
CA LEU B 175 32.40 11.55 -5.19
C LEU B 175 32.01 10.82 -6.48
N ASN B 176 30.74 10.87 -6.88
CA ASN B 176 30.33 10.30 -8.18
C ASN B 176 30.82 11.13 -9.37
N ASP B 177 30.85 12.46 -9.20
CA ASP B 177 31.30 13.36 -10.23
C ASP B 177 32.80 13.24 -10.49
N LYS B 178 33.60 13.23 -9.43
CA LYS B 178 35.07 13.31 -9.54
C LYS B 178 35.81 11.98 -9.28
N ILE B 179 35.07 10.88 -9.19
CA ILE B 179 35.66 9.54 -9.04
C ILE B 179 34.83 8.51 -9.75
N GLY B 180 33.51 8.55 -9.53
CA GLY B 180 32.60 7.59 -10.13
C GLY B 180 32.28 6.47 -9.17
N LEU B 181 31.00 6.11 -9.14
CA LEU B 181 30.49 5.08 -8.25
C LEU B 181 29.78 4.03 -9.09
N GLU B 182 30.17 2.76 -8.94
CA GLU B 182 29.47 1.67 -9.62
C GLU B 182 28.19 1.38 -8.83
N THR B 183 28.36 1.01 -7.57
CA THR B 183 27.25 0.69 -6.67
C THR B 183 27.60 1.07 -5.25
N GLY B 184 26.58 1.41 -4.47
CA GLY B 184 26.80 1.83 -3.08
C GLY B 184 25.77 1.31 -2.08
N LEU B 185 26.23 1.01 -0.87
CA LEU B 185 25.32 0.55 0.17
C LEU B 185 25.54 1.37 1.44
N MET B 186 24.43 1.88 1.97
CA MET B 186 24.40 2.79 3.14
C MET B 186 23.83 2.10 4.42
N THR B 187 24.51 2.28 5.54
CA THR B 187 23.87 2.15 6.85
C THR B 187 23.83 3.53 7.51
N THR B 188 22.64 4.03 7.86
CA THR B 188 22.57 5.21 8.71
C THR B 188 22.26 4.82 10.16
N ILE B 189 23.08 5.31 11.08
CA ILE B 189 22.89 5.09 12.49
C ILE B 189 22.22 6.34 13.05
N HIS B 190 20.97 6.18 13.44
CA HIS B 190 20.02 7.26 13.57
C HIS B 190 19.50 7.45 15.01
N ALA B 191 19.41 8.70 15.46
CA ALA B 191 18.80 8.99 16.74
C ALA B 191 17.35 8.49 16.69
N TYR B 192 16.76 8.17 17.84
CA TYR B 192 15.36 7.74 17.83
C TYR B 192 14.43 8.93 17.60
N THR B 193 13.24 8.62 17.11
CA THR B 193 12.25 9.60 16.74
C THR B 193 10.92 9.22 17.40
N ASN B 194 9.92 10.09 17.30
CA ASN B 194 8.66 9.89 18.03
C ASN B 194 7.70 8.84 17.46
N ASP B 195 8.03 8.29 16.29
CA ASP B 195 7.31 7.12 15.78
C ASP B 195 7.71 5.81 16.53
N GLN B 196 8.77 5.87 17.31
CA GLN B 196 9.23 4.75 18.15
C GLN B 196 8.60 4.71 19.54
N VAL B 197 9.01 3.73 20.36
CA VAL B 197 8.42 3.52 21.70
C VAL B 197 9.44 3.42 22.86
N LEU B 198 8.94 3.66 24.07
CA LEU B 198 9.74 3.64 25.31
C LEU B 198 9.96 2.25 25.86
N THR B 199 8.87 1.50 25.95
CA THR B 199 8.93 0.11 26.40
C THR B 199 7.98 -0.64 25.47
N ASP B 200 8.20 -1.95 25.29
CA ASP B 200 7.64 -2.67 24.12
C ASP B 200 6.12 -2.67 24.08
N VAL B 201 5.59 -2.22 22.97
CA VAL B 201 4.15 -2.08 22.79
C VAL B 201 3.88 -2.24 21.30
N TYR B 202 2.61 -2.42 20.97
CA TYR B 202 2.18 -2.66 19.61
C TYR B 202 2.64 -1.57 18.65
N HIS B 203 3.22 -2.00 17.54
CA HIS B 203 3.63 -1.12 16.45
C HIS B 203 3.46 -1.88 15.13
N GLU B 204 3.24 -1.16 14.04
CA GLU B 204 3.07 -1.82 12.74
C GLU B 204 4.35 -2.57 12.31
N ASP B 205 5.49 -2.16 12.85
CA ASP B 205 6.80 -2.73 12.54
C ASP B 205 7.32 -3.39 13.80
N LEU B 206 7.53 -4.71 13.76
CA LEU B 206 7.83 -5.49 14.97
C LEU B 206 9.16 -5.09 15.64
N ARG B 207 10.01 -4.37 14.92
CA ARG B 207 11.25 -3.90 15.51
C ARG B 207 11.05 -2.54 16.16
N ARG B 208 10.29 -1.66 15.52
CA ARG B 208 9.98 -0.34 16.11
C ARG B 208 8.99 -0.48 17.28
N ALA B 209 8.44 -1.68 17.41
CA ALA B 209 7.63 -2.07 18.56
C ALA B 209 8.48 -2.26 19.81
N ARG B 210 9.80 -2.27 19.66
CA ARG B 210 10.68 -2.55 20.77
C ARG B 210 11.31 -1.31 21.33
N SER B 211 11.62 -1.38 22.63
CA SER B 211 12.12 -0.25 23.38
C SER B 211 13.25 0.45 22.68
N ALA B 212 13.06 1.72 22.36
CA ALA B 212 14.04 2.50 21.64
C ALA B 212 15.24 2.87 22.52
N THR B 213 15.06 2.84 23.83
CA THR B 213 16.08 3.32 24.74
C THR B 213 17.10 2.26 25.14
N HIS B 214 16.83 0.99 24.80
CA HIS B 214 17.67 -0.15 25.22
C HIS B 214 18.31 -0.99 24.08
N SER B 215 18.00 -0.70 22.84
CA SER B 215 18.51 -1.50 21.74
C SER B 215 18.91 -0.70 20.49
N GLN B 216 19.69 -1.40 19.67
CA GLN B 216 19.91 -1.02 18.27
C GLN B 216 18.78 -1.67 17.49
N ILE B 217 18.01 -0.87 16.76
CA ILE B 217 16.80 -1.38 16.09
C ILE B 217 16.94 -1.18 14.59
N PRO B 218 17.20 -2.27 13.86
CA PRO B 218 17.30 -2.09 12.42
C PRO B 218 15.97 -1.65 11.82
N THR B 219 16.02 -0.81 10.79
CA THR B 219 14.77 -0.27 10.25
C THR B 219 14.93 0.13 8.79
N LYS B 220 13.83 0.02 8.04
CA LYS B 220 13.87 0.36 6.62
C LYS B 220 13.84 1.86 6.38
N THR B 221 14.33 2.23 5.20
CA THR B 221 14.42 3.63 4.78
C THR B 221 14.69 3.67 3.29
N GLY B 222 13.92 4.48 2.58
CA GLY B 222 14.07 4.62 1.13
C GLY B 222 15.19 5.57 0.76
N ALA B 223 15.91 6.08 1.75
CA ALA B 223 16.86 7.19 1.54
C ALA B 223 17.86 6.94 0.43
N ALA B 224 18.54 5.80 0.48
CA ALA B 224 19.55 5.44 -0.52
C ALA B 224 18.98 5.41 -1.94
N ALA B 225 17.91 4.66 -2.15
CA ALA B 225 17.28 4.59 -3.46
C ALA B 225 16.75 5.95 -3.90
N ALA B 226 16.07 6.64 -2.99
CA ALA B 226 15.51 7.97 -3.28
C ALA B 226 16.55 8.94 -3.86
N VAL B 227 17.80 8.84 -3.46
CA VAL B 227 18.86 9.68 -4.04
C VAL B 227 18.87 9.49 -5.56
N GLY B 228 18.69 8.23 -5.96
CA GLY B 228 18.52 7.87 -7.37
C GLY B 228 17.72 8.86 -8.19
N LEU B 229 16.65 9.41 -7.61
CA LEU B 229 15.80 10.37 -8.32
C LEU B 229 15.88 11.81 -7.78
N VAL B 230 16.99 12.14 -7.12
CA VAL B 230 17.41 13.55 -6.99
C VAL B 230 18.68 13.75 -7.81
N LEU B 231 19.49 12.70 -7.92
CA LEU B 231 20.57 12.61 -8.91
C LEU B 231 20.28 11.42 -9.86
N PRO B 232 19.48 11.66 -10.92
CA PRO B 232 19.02 10.57 -11.80
C PRO B 232 20.12 9.62 -12.30
N GLU B 233 21.31 10.17 -12.57
CA GLU B 233 22.48 9.37 -12.93
C GLU B 233 22.84 8.27 -11.92
N LEU B 234 22.31 8.34 -10.70
CA LEU B 234 22.55 7.30 -9.71
C LEU B 234 21.38 6.34 -9.58
N ASN B 235 20.32 6.53 -10.38
CA ASN B 235 19.11 5.71 -10.27
C ASN B 235 19.46 4.22 -10.28
N GLY B 236 19.05 3.52 -9.22
CA GLY B 236 19.24 2.08 -9.11
C GLY B 236 20.60 1.62 -8.64
N LYS B 237 21.46 2.55 -8.26
CA LYS B 237 22.84 2.24 -7.89
C LYS B 237 23.12 2.28 -6.38
N LEU B 238 22.11 2.67 -5.59
CA LEU B 238 22.27 2.74 -4.14
C LEU B 238 21.14 2.04 -3.39
N ASP B 239 21.49 1.26 -2.37
CA ASP B 239 20.50 0.77 -1.39
C ASP B 239 21.07 0.95 0.02
N GLY B 240 20.29 0.58 1.01
CA GLY B 240 20.69 0.74 2.40
C GLY B 240 19.52 0.60 3.35
N TYR B 241 19.84 0.72 4.63
CA TYR B 241 18.85 0.67 5.70
C TYR B 241 19.40 1.47 6.89
N ALA B 242 18.64 1.50 7.98
CA ALA B 242 18.96 2.30 9.15
C ALA B 242 19.10 1.42 10.39
N ILE B 243 19.88 1.91 11.35
CA ILE B 243 19.89 1.35 12.69
C ILE B 243 19.59 2.50 13.65
N ARG B 244 18.47 2.38 14.35
CA ARG B 244 18.11 3.36 15.35
C ARG B 244 18.82 3.00 16.63
N VAL B 245 19.42 3.97 17.28
CA VAL B 245 20.11 3.73 18.52
C VAL B 245 19.54 4.65 19.62
N PRO B 246 19.93 4.38 20.88
CA PRO B 246 19.40 5.17 21.98
C PRO B 246 20.07 6.54 22.16
N THR B 247 19.78 7.49 21.26
CA THR B 247 20.14 8.87 21.46
C THR B 247 18.97 9.74 21.08
N ILE B 248 18.89 10.91 21.69
CA ILE B 248 17.75 11.78 21.49
C ILE B 248 17.78 12.51 20.15
N ASN B 249 18.96 12.85 19.63
CA ASN B 249 19.11 13.55 18.34
C ASN B 249 20.52 13.38 17.73
N VAL B 250 20.61 13.50 16.42
CA VAL B 250 21.85 13.49 15.63
C VAL B 250 22.15 12.07 15.11
N SER B 251 22.30 11.99 13.79
CA SER B 251 22.53 10.76 13.09
C SER B 251 23.87 10.81 12.32
N ILE B 252 24.23 9.69 11.73
CA ILE B 252 25.37 9.63 10.84
C ILE B 252 25.00 8.75 9.67
N VAL B 253 25.51 9.10 8.48
CA VAL B 253 25.42 8.22 7.30
C VAL B 253 26.79 7.55 7.08
N ASP B 254 26.76 6.26 6.77
CA ASP B 254 27.96 5.45 6.54
C ASP B 254 27.77 4.75 5.20
N LEU B 255 28.52 5.20 4.20
CA LEU B 255 28.33 4.77 2.82
C LEU B 255 29.57 3.99 2.40
N SER B 256 29.34 2.78 1.90
CA SER B 256 30.36 1.98 1.26
C SER B 256 30.01 1.93 -0.22
N PHE B 257 31.02 2.18 -1.07
CA PHE B 257 30.83 2.10 -2.52
C PHE B 257 32.05 1.61 -3.33
N ILE B 258 31.76 1.14 -4.54
CA ILE B 258 32.74 0.70 -5.53
C ILE B 258 33.16 1.91 -6.36
N ALA B 259 34.43 2.31 -6.23
CA ALA B 259 35.00 3.37 -7.05
C ALA B 259 35.21 2.85 -8.49
N LYS B 260 34.88 3.69 -9.49
CA LYS B 260 35.12 3.36 -10.90
C LYS B 260 36.61 3.18 -11.19
N ARG B 261 37.45 3.91 -10.45
CA ARG B 261 38.90 3.88 -10.60
C ARG B 261 39.54 3.85 -9.24
N ASP B 262 40.88 3.77 -9.22
CA ASP B 262 41.62 3.69 -7.98
C ASP B 262 41.66 5.07 -7.34
N THR B 263 41.75 5.11 -6.01
CA THR B 263 41.76 6.36 -5.27
C THR B 263 42.45 6.17 -3.93
N THR B 264 42.45 7.23 -3.12
CA THR B 264 43.07 7.18 -1.80
C THR B 264 42.20 7.94 -0.80
N ALA B 265 42.49 7.75 0.49
CA ALA B 265 41.75 8.42 1.56
C ALA B 265 41.98 9.92 1.44
N ALA B 266 43.26 10.31 1.39
CA ALA B 266 43.70 11.70 1.23
C ALA B 266 42.99 12.42 0.08
N GLU B 267 42.79 11.72 -1.03
CA GLU B 267 42.13 12.32 -2.18
C GLU B 267 40.63 12.42 -1.97
N VAL B 268 40.01 11.34 -1.48
CA VAL B 268 38.60 11.36 -1.16
C VAL B 268 38.33 12.56 -0.26
N ASN B 269 39.12 12.72 0.79
CA ASN B 269 38.92 13.83 1.71
C ASN B 269 38.99 15.16 1.00
N ALA B 270 40.05 15.38 0.22
CA ALA B 270 40.22 16.61 -0.57
C ALA B 270 39.04 16.97 -1.51
N ILE B 271 38.51 15.99 -2.24
CA ILE B 271 37.33 16.23 -3.06
C ILE B 271 36.22 16.84 -2.19
N MET B 272 35.92 16.14 -1.09
CA MET B 272 34.88 16.53 -0.15
C MET B 272 35.21 17.85 0.52
N LYS B 273 36.46 18.07 0.88
CA LYS B 273 36.84 19.34 1.46
C LYS B 273 36.42 20.49 0.56
N GLU B 274 36.97 20.57 -0.65
CA GLU B 274 36.70 21.73 -1.51
C GLU B 274 35.28 21.74 -2.08
N ALA B 275 34.59 20.60 -2.04
CA ALA B 275 33.14 20.61 -2.29
C ALA B 275 32.43 21.43 -1.23
N SER B 276 32.82 21.23 0.03
CA SER B 276 32.23 21.97 1.16
C SER B 276 32.65 23.45 1.15
N GLU B 277 33.84 23.73 0.65
CA GLU B 277 34.30 25.13 0.59
C GLU B 277 33.81 25.87 -0.65
N GLY B 278 33.13 25.16 -1.57
CA GLY B 278 32.67 25.76 -2.82
C GLY B 278 31.19 25.57 -3.12
N ALA B 279 30.90 24.84 -4.18
CA ALA B 279 29.54 24.77 -4.72
C ALA B 279 28.47 24.26 -3.74
N LEU B 280 28.89 23.55 -2.69
CA LEU B 280 27.95 23.01 -1.69
C LEU B 280 28.06 23.68 -0.31
N LYS B 281 28.76 24.81 -0.28
CA LYS B 281 29.02 25.56 0.95
C LYS B 281 27.70 25.79 1.65
N GLY B 282 27.71 25.69 2.98
CA GLY B 282 26.48 25.84 3.77
C GLY B 282 25.76 24.52 3.96
N ILE B 283 25.44 23.88 2.84
CA ILE B 283 24.75 22.61 2.83
C ILE B 283 25.65 21.48 3.37
N LEU B 284 26.89 21.44 2.89
CA LEU B 284 27.84 20.39 3.24
C LEU B 284 28.96 20.95 4.12
N GLY B 285 29.12 20.38 5.31
CA GLY B 285 30.20 20.79 6.21
C GLY B 285 31.38 19.84 6.04
N TYR B 286 32.50 20.20 6.64
CA TYR B 286 33.71 19.36 6.62
C TYR B 286 34.30 19.28 8.02
N ASN B 287 34.68 18.08 8.47
CA ASN B 287 35.32 17.93 9.79
C ASN B 287 36.61 17.11 9.82
N GLU B 288 37.63 17.67 10.46
CA GLU B 288 38.87 16.95 10.77
C GLU B 288 39.09 16.81 12.26
N ALA B 289 38.29 17.48 13.09
CA ALA B 289 38.49 17.43 14.54
C ALA B 289 38.00 16.10 15.15
N PRO B 290 38.47 15.75 16.35
CA PRO B 290 38.03 14.51 16.98
C PRO B 290 36.72 14.70 17.80
N LEU B 291 35.60 14.73 17.09
CA LEU B 291 34.31 15.03 17.67
C LEU B 291 33.42 13.79 17.72
N VAL B 292 32.35 13.88 18.51
CA VAL B 292 31.40 12.80 18.68
C VAL B 292 30.02 13.33 18.29
N SER B 293 29.00 12.46 18.32
CA SER B 293 27.70 12.85 17.77
C SER B 293 27.10 14.13 18.37
N ILE B 294 27.20 14.32 19.67
CA ILE B 294 26.54 15.47 20.30
C ILE B 294 27.14 16.84 19.85
N ASP B 295 28.36 16.83 19.30
CA ASP B 295 29.02 18.07 18.86
C ASP B 295 28.41 18.65 17.60
N PHE B 296 27.50 17.90 16.97
CA PHE B 296 26.82 18.32 15.77
C PHE B 296 25.38 18.64 16.06
N ASN B 297 25.01 18.60 17.32
CA ASN B 297 23.70 19.01 17.71
C ASN B 297 23.59 20.51 17.42
N HIS B 298 22.51 20.90 16.74
CA HIS B 298 22.26 22.29 16.37
C HIS B 298 23.25 22.78 15.29
N ASN B 299 23.82 21.86 14.51
CA ASN B 299 24.54 22.23 13.30
C ASN B 299 23.57 22.24 12.14
N PRO B 300 23.43 23.37 11.43
CA PRO B 300 22.43 23.49 10.37
C PRO B 300 22.82 22.91 9.02
N ALA B 301 24.02 22.35 8.90
CA ALA B 301 24.36 21.59 7.70
C ALA B 301 23.37 20.44 7.44
N SER B 302 23.15 20.16 6.17
CA SER B 302 22.47 18.97 5.76
C SER B 302 23.34 17.73 5.99
N SER B 303 24.65 17.93 5.88
CA SER B 303 25.60 16.84 5.86
C SER B 303 26.95 17.42 6.22
N THR B 304 27.53 16.97 7.32
CA THR B 304 28.90 17.35 7.68
C THR B 304 29.78 16.13 7.52
N PHE B 305 30.53 16.09 6.42
CA PHE B 305 31.39 14.96 6.08
C PHE B 305 32.51 14.88 7.10
N ASP B 306 32.87 13.67 7.52
CA ASP B 306 33.90 13.47 8.54
C ASP B 306 35.14 12.80 7.96
N ALA B 307 36.14 13.62 7.69
CA ALA B 307 37.38 13.17 7.02
C ALA B 307 38.10 12.12 7.86
N THR B 308 38.01 12.24 9.18
CA THR B 308 38.73 11.38 10.11
C THR B 308 38.33 9.92 10.04
N LEU B 309 37.23 9.60 9.36
CA LEU B 309 36.70 8.25 9.31
C LEU B 309 36.74 7.63 7.91
N THR B 310 37.35 8.35 6.96
CA THR B 310 37.41 7.83 5.60
C THR B 310 38.33 6.63 5.63
N LYS B 311 37.97 5.61 4.87
CA LYS B 311 38.78 4.43 4.75
C LYS B 311 38.64 3.93 3.31
N VAL B 312 39.77 3.64 2.66
CA VAL B 312 39.76 3.10 1.26
C VAL B 312 40.61 1.84 1.16
N SER B 313 40.01 0.81 0.58
CA SER B 313 40.70 -0.46 0.43
C SER B 313 40.51 -0.93 -1.01
N GLY B 314 41.52 -0.66 -1.84
CA GLY B 314 41.41 -0.94 -3.27
C GLY B 314 40.31 -0.09 -3.85
N ARG B 315 39.46 -0.70 -4.66
CA ARG B 315 38.30 -0.02 -5.24
C ARG B 315 37.14 0.27 -4.25
N LEU B 316 37.23 -0.26 -3.02
CA LEU B 316 36.19 -0.10 -2.01
C LEU B 316 36.45 1.11 -1.10
N VAL B 317 35.50 2.05 -1.14
CA VAL B 317 35.55 3.29 -0.34
C VAL B 317 34.42 3.33 0.70
N LYS B 318 34.77 3.75 1.90
CA LYS B 318 33.82 4.02 2.97
C LYS B 318 33.99 5.44 3.47
N VAL B 319 32.88 6.18 3.43
CA VAL B 319 32.79 7.58 3.85
C VAL B 319 31.59 7.80 4.81
N SER B 320 31.75 8.72 5.76
CA SER B 320 30.69 9.01 6.72
C SER B 320 30.40 10.51 6.82
N SER B 321 29.13 10.84 7.09
CA SER B 321 28.74 12.22 7.34
C SER B 321 27.75 12.28 8.52
N TRP B 322 27.98 13.25 9.42
CA TRP B 322 27.10 13.50 10.55
C TRP B 322 25.96 14.44 10.16
N TYR B 323 24.77 14.20 10.71
CA TYR B 323 23.64 15.12 10.48
C TYR B 323 22.68 15.26 11.65
N ASP B 324 22.40 16.52 12.02
CA ASP B 324 21.32 16.81 12.92
C ASP B 324 20.02 16.63 12.15
N ASN B 325 19.37 15.51 12.37
CA ASN B 325 18.20 15.11 11.62
C ASN B 325 17.01 16.06 11.83
N GLU B 326 17.03 16.80 12.92
CA GLU B 326 16.01 17.82 13.17
C GLU B 326 16.44 19.18 12.61
N TRP B 327 17.61 19.65 13.00
CA TRP B 327 18.00 21.03 12.75
C TRP B 327 18.41 21.27 11.29
N GLY B 328 19.20 20.33 10.76
CA GLY B 328 19.59 20.38 9.36
C GLY B 328 18.37 20.40 8.48
N PHE B 329 17.52 19.40 8.64
CA PHE B 329 16.31 19.28 7.83
C PHE B 329 15.38 20.52 7.93
N SER B 330 15.30 21.10 9.12
CA SER B 330 14.39 22.20 9.38
C SER B 330 14.85 23.49 8.69
N ASN B 331 16.14 23.78 8.74
CA ASN B 331 16.66 24.90 8.00
C ASN B 331 16.43 24.77 6.48
N ARG B 332 16.47 23.55 5.96
CA ARG B 332 16.21 23.30 4.54
C ARG B 332 14.72 23.45 4.21
N MET B 333 13.84 23.14 5.14
CA MET B 333 12.41 23.36 4.91
C MET B 333 12.16 24.83 4.58
N LEU B 334 12.89 25.73 5.22
CA LEU B 334 12.75 27.16 4.93
C LEU B 334 13.27 27.45 3.52
N ASP B 335 14.50 27.05 3.24
CA ASP B 335 15.08 27.21 1.91
C ASP B 335 14.15 26.71 0.80
N THR B 336 13.58 25.53 0.99
CA THR B 336 12.78 24.89 -0.05
C THR B 336 11.37 25.48 -0.16
N ALA B 337 10.89 26.06 0.93
CA ALA B 337 9.65 26.85 0.90
C ALA B 337 9.77 28.06 -0.03
N ILE B 338 10.85 28.82 0.12
CA ILE B 338 11.13 29.97 -0.74
C ILE B 338 11.18 29.52 -2.20
N ALA B 339 12.19 28.72 -2.53
CA ALA B 339 12.37 28.17 -3.87
C ALA B 339 11.04 27.77 -4.53
N LEU B 340 10.19 27.09 -3.78
CA LEU B 340 8.90 26.61 -4.27
C LEU B 340 7.93 27.75 -4.55
N ALA B 341 7.99 28.82 -3.77
CA ALA B 341 7.07 29.95 -3.92
C ALA B 341 7.41 30.85 -5.12
N ASN B 342 8.71 31.01 -5.41
CA ASN B 342 9.19 31.84 -6.52
C ASN B 342 9.75 31.04 -7.70
N ALA B 343 8.98 30.08 -8.20
CA ALA B 343 9.49 29.17 -9.26
C ALA B 343 9.44 29.84 -10.64
N THR C 10 42.94 42.15 43.55
CA THR C 10 42.84 41.00 42.60
C THR C 10 43.66 39.82 43.08
N ILE C 11 43.04 38.65 42.95
CA ILE C 11 43.50 37.43 43.58
C ILE C 11 43.83 36.41 42.49
N ARG C 12 44.92 35.67 42.70
CA ARG C 12 45.38 34.73 41.69
C ARG C 12 44.99 33.32 42.10
N VAL C 13 44.28 32.63 41.22
CA VAL C 13 43.66 31.34 41.52
C VAL C 13 44.23 30.23 40.64
N ALA C 14 44.43 29.05 41.24
CA ALA C 14 44.77 27.83 40.51
C ALA C 14 43.68 26.75 40.74
N ILE C 15 43.28 26.05 39.69
CA ILE C 15 42.33 24.92 39.80
C ILE C 15 43.07 23.59 39.79
N ASN C 16 42.97 22.84 40.88
CA ASN C 16 43.57 21.52 40.95
C ASN C 16 42.51 20.44 40.75
N GLY C 17 42.55 19.76 39.60
CA GLY C 17 41.51 18.80 39.21
C GLY C 17 40.54 19.47 38.25
N TYR C 18 40.83 19.37 36.96
CA TYR C 18 40.16 20.18 35.93
C TYR C 18 39.08 19.33 35.28
N GLY C 19 38.19 18.79 36.11
CA GLY C 19 37.11 17.92 35.66
C GLY C 19 35.79 18.66 35.75
N ARG C 20 34.72 17.92 36.00
CA ARG C 20 33.39 18.52 36.02
C ARG C 20 33.34 19.84 36.80
N ILE C 21 33.80 19.87 38.04
CA ILE C 21 33.76 21.12 38.81
C ILE C 21 34.89 22.09 38.38
N GLY C 22 36.09 21.56 38.16
CA GLY C 22 37.21 22.39 37.70
C GLY C 22 36.94 23.20 36.44
N ARG C 23 36.61 22.51 35.34
CA ARG C 23 36.36 23.21 34.08
C ARG C 23 35.15 24.13 34.17
N ASN C 24 34.06 23.63 34.75
CA ASN C 24 32.86 24.43 34.89
C ASN C 24 33.02 25.64 35.81
N THR C 25 33.94 25.56 36.76
CA THR C 25 34.33 26.75 37.51
C THR C 25 35.05 27.74 36.57
N LEU C 26 35.93 27.25 35.72
CA LEU C 26 36.54 28.10 34.71
C LEU C 26 35.48 28.64 33.74
N ARG C 27 34.63 27.76 33.23
CA ARG C 27 33.60 28.19 32.30
C ARG C 27 32.72 29.24 32.94
N ALA C 28 32.22 28.93 34.13
CA ALA C 28 31.44 29.88 34.93
C ALA C 28 32.10 31.27 34.99
N PHE C 29 33.39 31.28 35.31
CA PHE C 29 34.16 32.52 35.47
C PHE C 29 34.19 33.39 34.19
N TYR C 30 34.28 32.76 33.02
CA TYR C 30 34.21 33.47 31.73
C TYR C 30 32.79 33.82 31.28
N GLU C 31 31.83 32.92 31.51
CA GLU C 31 30.46 33.23 31.08
C GLU C 31 29.81 34.36 31.89
N ASN C 32 30.36 34.68 33.05
CA ASN C 32 29.87 35.80 33.84
C ASN C 32 30.69 37.07 33.57
N GLY C 33 31.31 37.14 32.39
CA GLY C 33 32.01 38.34 31.96
C GLY C 33 33.17 38.73 32.85
N LYS C 34 33.81 37.75 33.47
CA LYS C 34 34.93 37.98 34.39
C LYS C 34 34.65 39.04 35.45
N LYS C 35 33.41 39.12 35.95
CA LYS C 35 33.07 40.11 36.99
C LYS C 35 33.76 39.85 38.33
N HIS C 36 34.07 38.59 38.61
CA HIS C 36 34.84 38.23 39.80
C HIS C 36 36.25 38.79 39.71
N ASP C 37 36.73 39.36 40.81
CA ASP C 37 38.03 40.01 40.86
C ASP C 37 39.15 38.98 41.05
N LEU C 38 39.32 38.12 40.06
CA LEU C 38 40.40 37.13 40.09
C LEU C 38 40.92 36.81 38.73
N GLU C 39 42.03 36.09 38.70
CA GLU C 39 42.55 35.55 37.47
C GLU C 39 42.94 34.11 37.69
N ILE C 40 42.59 33.28 36.72
CA ILE C 40 42.93 31.87 36.75
C ILE C 40 44.26 31.74 36.05
N VAL C 41 45.29 31.36 36.80
CA VAL C 41 46.66 31.36 36.29
C VAL C 41 47.20 29.98 36.04
N ALA C 42 46.55 28.94 36.61
CA ALA C 42 46.99 27.56 36.39
C ALA C 42 45.90 26.46 36.61
N ILE C 43 46.04 25.40 35.85
CA ILE C 43 45.18 24.22 35.85
C ILE C 43 46.11 23.06 36.11
N ASN C 44 45.72 22.12 36.97
CA ASN C 44 46.45 20.86 37.12
C ASN C 44 45.53 19.63 36.96
N ASP C 45 45.89 18.73 36.03
CA ASP C 45 45.11 17.52 35.78
C ASP C 45 46.08 16.42 35.34
N LEU C 46 45.65 15.49 34.50
CA LEU C 46 46.47 14.33 34.13
C LEU C 46 46.94 14.30 32.67
N GLY C 47 46.34 15.11 31.81
CA GLY C 47 46.73 15.13 30.40
C GLY C 47 47.49 16.39 30.06
N ASP C 48 47.68 16.62 28.77
CA ASP C 48 48.37 17.79 28.25
C ASP C 48 47.40 18.93 27.97
N ALA C 49 47.91 20.11 27.68
CA ALA C 49 47.05 21.26 27.39
C ALA C 49 46.08 20.95 26.29
N LYS C 50 46.51 20.17 25.32
CA LYS C 50 45.68 19.82 24.16
C LYS C 50 44.38 19.14 24.59
N THR C 51 44.48 18.26 25.57
CA THR C 51 43.33 17.56 26.14
C THR C 51 42.43 18.48 26.98
N ASN C 52 43.04 19.30 27.84
CA ASN C 52 42.26 20.23 28.66
C ASN C 52 41.53 21.27 27.80
N ALA C 53 42.19 21.72 26.74
CA ALA C 53 41.59 22.68 25.80
C ALA C 53 40.41 22.06 25.06
N HIS C 54 40.58 20.82 24.65
CA HIS C 54 39.50 20.12 23.95
C HIS C 54 38.25 19.99 24.85
N LEU C 55 38.44 19.57 26.09
CA LEU C 55 37.30 19.41 27.02
C LEU C 55 36.70 20.74 27.49
N THR C 56 37.51 21.80 27.55
CA THR C 56 36.99 23.15 27.81
C THR C 56 36.12 23.61 26.66
N GLN C 57 36.52 23.29 25.43
CA GLN C 57 35.81 23.81 24.27
C GLN C 57 34.49 23.08 24.01
N TYR C 58 34.45 21.77 24.20
CA TYR C 58 33.26 20.97 23.92
C TYR C 58 32.79 20.21 25.16
N ASP C 59 31.47 20.15 25.35
CA ASP C 59 30.90 19.42 26.49
C ASP C 59 29.56 18.82 26.14
N THR C 60 29.30 17.61 26.61
CA THR C 60 28.01 16.99 26.43
C THR C 60 26.92 17.77 27.19
N ALA C 61 27.05 17.91 28.50
CA ALA C 61 25.98 18.43 29.35
C ALA C 61 25.74 19.90 29.08
N HIS C 62 26.83 20.68 28.94
CA HIS C 62 26.73 22.12 28.80
C HIS C 62 26.97 22.68 27.41
N GLY C 63 27.19 21.82 26.40
CA GLY C 63 27.38 22.29 25.03
C GLY C 63 28.73 22.96 24.81
N LYS C 64 28.84 23.65 23.68
CA LYS C 64 30.13 24.23 23.28
C LYS C 64 30.40 25.54 24.06
N PHE C 65 31.59 25.66 24.61
CA PHE C 65 32.02 26.87 25.31
C PHE C 65 31.85 28.11 24.41
N PRO C 66 31.21 29.19 24.92
CA PRO C 66 30.89 30.33 24.06
C PRO C 66 32.10 31.13 23.56
N GLY C 67 33.23 31.06 24.26
CA GLY C 67 34.43 31.84 23.91
C GLY C 67 35.43 31.07 23.05
N GLU C 68 36.68 31.55 23.03
CA GLU C 68 37.73 30.95 22.23
C GLU C 68 38.84 30.28 23.04
N VAL C 69 39.13 29.03 22.68
CA VAL C 69 40.10 28.22 23.38
C VAL C 69 41.16 27.73 22.40
N SER C 70 42.42 28.02 22.71
CA SER C 70 43.53 27.63 21.86
C SER C 70 44.62 27.01 22.73
N VAL C 71 45.66 26.50 22.09
CA VAL C 71 46.82 25.98 22.80
C VAL C 71 48.07 26.73 22.36
N ASP C 72 48.96 27.00 23.32
CA ASP C 72 50.29 27.53 23.02
C ASP C 72 51.33 26.88 23.95
N GLY C 73 51.84 25.74 23.52
CA GLY C 73 52.87 25.01 24.27
C GLY C 73 52.34 24.35 25.54
N ASP C 74 52.82 24.83 26.68
CA ASP C 74 52.37 24.36 27.98
C ASP C 74 51.31 25.30 28.56
N TYR C 75 50.67 26.08 27.68
CA TYR C 75 49.71 27.08 28.11
C TYR C 75 48.40 26.92 27.35
N LEU C 76 47.32 26.90 28.12
CA LEU C 76 45.95 26.92 27.60
C LEU C 76 45.57 28.39 27.56
N VAL C 77 44.98 28.83 26.46
CA VAL C 77 44.62 30.24 26.28
C VAL C 77 43.12 30.33 26.08
N VAL C 78 42.44 31.05 26.97
CA VAL C 78 40.98 31.18 26.91
C VAL C 78 40.62 32.67 26.81
N ASN C 79 39.98 33.06 25.72
CA ASN C 79 39.62 34.47 25.50
C ASN C 79 40.83 35.39 25.74
N GLY C 80 42.00 34.99 25.22
CA GLY C 80 43.19 35.82 25.32
C GLY C 80 43.99 35.69 26.61
N ASP C 81 43.42 35.03 27.62
CA ASP C 81 44.13 34.83 28.88
C ASP C 81 45.00 33.59 28.80
N ARG C 82 46.24 33.71 29.23
CA ARG C 82 47.19 32.61 29.18
C ARG C 82 47.18 31.88 30.51
N ILE C 83 46.93 30.58 30.47
CA ILE C 83 46.75 29.76 31.67
C ILE C 83 47.66 28.57 31.60
N ARG C 84 48.50 28.40 32.62
CA ARG C 84 49.48 27.35 32.59
C ARG C 84 48.94 25.98 32.99
N VAL C 85 49.25 24.97 32.17
CA VAL C 85 48.75 23.63 32.34
C VAL C 85 49.83 22.78 32.96
N LEU C 86 49.52 22.17 34.09
CA LEU C 86 50.44 21.29 34.81
C LEU C 86 49.82 19.89 34.86
N ALA C 87 50.64 18.87 35.07
CA ALA C 87 50.14 17.50 35.19
C ALA C 87 50.94 16.70 36.21
N ASN C 88 50.86 17.12 37.46
CA ASN C 88 51.49 16.40 38.56
C ASN C 88 50.44 16.05 39.60
N ARG C 89 50.38 14.79 39.99
CA ARG C 89 49.32 14.31 40.87
C ARG C 89 49.72 14.31 42.36
N ASN C 90 50.79 15.06 42.67
CA ASN C 90 51.24 15.28 44.06
C ASN C 90 51.33 16.79 44.36
N PRO C 91 50.35 17.32 45.12
CA PRO C 91 50.31 18.77 45.35
C PRO C 91 51.58 19.35 45.97
N ALA C 92 52.23 18.56 46.84
CA ALA C 92 53.47 18.95 47.51
C ALA C 92 54.44 19.62 46.55
N GLU C 93 54.64 18.96 45.40
CA GLU C 93 55.51 19.46 44.35
C GLU C 93 54.80 20.68 43.76
N LEU C 94 54.46 20.73 42.47
CA LEU C 94 53.59 21.82 41.94
C LEU C 94 54.00 23.27 42.28
N PRO C 95 54.20 24.11 41.26
CA PRO C 95 54.84 25.43 41.46
C PRO C 95 53.88 26.57 41.80
N TRP C 96 53.20 26.46 42.93
CA TRP C 96 52.28 27.52 43.34
C TRP C 96 53.03 28.78 43.81
N GLY C 97 54.18 28.60 44.44
CA GLY C 97 55.02 29.73 44.88
C GLY C 97 55.55 30.50 43.68
N GLU C 98 56.12 29.78 42.71
CA GLU C 98 56.53 30.39 41.45
C GLU C 98 55.42 31.21 40.85
N LEU C 99 54.22 30.63 40.77
CA LEU C 99 53.07 31.32 40.17
C LEU C 99 52.35 32.26 41.12
N GLY C 100 52.64 32.15 42.41
CA GLY C 100 52.11 33.10 43.40
C GLY C 100 50.61 32.99 43.59
N VAL C 101 50.12 31.76 43.77
CA VAL C 101 48.70 31.48 43.87
C VAL C 101 48.15 31.89 45.23
N ASP C 102 47.08 32.68 45.22
CA ASP C 102 46.42 33.11 46.43
C ASP C 102 45.49 32.01 46.93
N VAL C 103 44.70 31.43 46.02
CA VAL C 103 43.72 30.40 46.36
C VAL C 103 43.79 29.22 45.41
N VAL C 104 44.02 28.03 45.94
CA VAL C 104 43.87 26.82 45.15
C VAL C 104 42.45 26.32 45.34
N MET C 105 41.76 26.06 44.23
CA MET C 105 40.52 25.31 44.25
C MET C 105 40.81 23.83 44.05
N GLU C 106 40.69 23.08 45.14
CA GLU C 106 40.95 21.66 45.19
C GLU C 106 39.71 20.85 44.75
N CYS C 107 39.75 20.35 43.52
CA CYS C 107 38.59 19.75 42.86
C CYS C 107 38.87 18.39 42.24
N THR C 108 39.78 17.62 42.85
CA THR C 108 40.10 16.27 42.36
C THR C 108 39.30 15.18 43.08
N GLY C 109 38.77 15.50 44.26
CA GLY C 109 38.10 14.52 45.09
C GLY C 109 38.99 13.72 46.02
N PHE C 110 40.31 13.96 45.97
CA PHE C 110 41.27 13.14 46.72
C PHE C 110 41.92 13.88 47.90
N PHE C 111 41.55 15.13 48.15
CA PHE C 111 42.24 15.91 49.19
C PHE C 111 41.23 16.63 50.09
N THR C 112 40.26 15.88 50.62
CA THR C 112 39.08 16.50 51.23
C THR C 112 39.21 16.60 52.74
N SER C 113 40.34 17.13 53.20
CA SER C 113 40.59 17.40 54.62
C SER C 113 41.74 18.40 54.73
N LYS C 114 41.71 19.25 55.75
CA LYS C 114 42.79 20.22 56.01
C LYS C 114 44.16 19.55 55.91
N GLU C 115 44.29 18.40 56.58
CA GLU C 115 45.54 17.66 56.60
C GLU C 115 46.03 17.39 55.18
N LYS C 116 45.18 16.74 54.36
CA LYS C 116 45.56 16.36 52.99
C LYS C 116 45.74 17.55 52.06
N ALA C 117 44.82 18.52 52.17
CA ALA C 117 44.79 19.67 51.26
C ALA C 117 45.91 20.68 51.54
N SER C 118 46.52 20.57 52.73
CA SER C 118 47.65 21.43 53.13
C SER C 118 48.91 21.20 52.28
N ALA C 119 48.98 20.06 51.60
CA ALA C 119 50.03 19.81 50.63
C ALA C 119 50.15 20.93 49.60
N HIS C 120 49.08 21.69 49.41
CA HIS C 120 49.10 22.83 48.52
C HIS C 120 49.86 23.98 49.16
N LEU C 121 49.67 24.17 50.46
CA LEU C 121 50.43 25.16 51.22
C LEU C 121 51.92 24.84 51.07
N LYS C 122 52.29 23.57 51.30
CA LYS C 122 53.66 23.09 51.07
C LYS C 122 54.20 23.46 49.69
N GLY C 123 53.32 23.43 48.69
CA GLY C 123 53.69 23.72 47.30
C GLY C 123 53.75 25.20 46.96
N GLY C 124 53.31 26.05 47.88
CA GLY C 124 53.46 27.51 47.72
C GLY C 124 52.22 28.37 47.77
N ALA C 125 51.04 27.76 47.68
CA ALA C 125 49.78 28.52 47.73
C ALA C 125 49.49 29.02 49.14
N LYS C 126 48.74 30.12 49.24
CA LYS C 126 48.47 30.74 50.53
C LYS C 126 47.16 30.27 51.19
N LYS C 127 46.16 29.87 50.39
CA LYS C 127 44.85 29.43 50.90
C LYS C 127 44.25 28.37 49.95
N VAL C 128 43.45 27.45 50.49
CA VAL C 128 42.76 26.43 49.68
C VAL C 128 41.24 26.36 49.94
N ILE C 129 40.48 26.09 48.87
CA ILE C 129 39.05 25.76 48.96
C ILE C 129 38.84 24.31 48.46
N ILE C 130 38.41 23.44 49.37
CA ILE C 130 37.98 22.09 48.97
C ILE C 130 36.60 22.19 48.31
N SER C 131 36.43 21.53 47.17
CA SER C 131 35.18 21.61 46.42
C SER C 131 34.21 20.53 46.86
N ALA C 132 34.07 20.33 48.17
CA ALA C 132 33.33 19.21 48.70
C ALA C 132 33.30 19.34 50.21
N PRO C 133 32.51 18.48 50.87
CA PRO C 133 32.60 18.36 52.32
C PRO C 133 34.01 17.96 52.77
N GLY C 134 34.53 18.64 53.78
CA GLY C 134 35.81 18.29 54.36
C GLY C 134 35.62 17.60 55.68
N GLY C 135 36.73 17.22 56.31
CA GLY C 135 36.66 16.71 57.68
C GLY C 135 36.16 17.81 58.61
N LYS C 136 35.92 17.45 59.86
CA LYS C 136 35.69 18.42 60.92
C LYS C 136 36.93 19.34 61.06
N ASP C 137 38.09 18.88 60.58
CA ASP C 137 39.37 19.60 60.75
C ASP C 137 39.52 20.89 59.95
N VAL C 138 38.69 21.06 58.93
CA VAL C 138 38.79 22.25 58.10
C VAL C 138 38.39 23.50 58.90
N ASP C 139 38.84 24.66 58.44
CA ASP C 139 38.67 25.88 59.24
C ASP C 139 37.26 26.46 59.19
N ALA C 140 36.58 26.21 58.07
CA ALA C 140 35.21 26.61 57.90
C ALA C 140 34.57 25.74 56.82
N THR C 141 33.26 25.49 56.94
CA THR C 141 32.49 24.88 55.87
C THR C 141 31.49 25.92 55.40
N ILE C 142 31.54 26.29 54.11
CA ILE C 142 30.79 27.44 53.62
C ILE C 142 29.71 27.14 52.56
N VAL C 143 28.53 27.69 52.80
CA VAL C 143 27.50 27.81 51.79
C VAL C 143 27.33 29.30 51.51
N TYR C 144 27.81 29.74 50.35
CA TYR C 144 27.83 31.17 50.07
C TYR C 144 26.39 31.63 49.97
N GLY C 145 26.13 32.80 50.55
CA GLY C 145 24.78 33.35 50.66
C GLY C 145 24.19 33.18 52.04
N VAL C 146 24.72 32.22 52.79
CA VAL C 146 24.17 31.83 54.08
C VAL C 146 25.14 32.09 55.25
N ASN C 147 26.38 31.63 55.13
CA ASN C 147 27.34 31.80 56.23
C ASN C 147 28.77 32.28 55.86
N HIS C 148 28.99 32.76 54.64
CA HIS C 148 30.34 33.22 54.23
C HIS C 148 30.94 34.33 55.09
N ASP C 149 30.09 35.10 55.78
CA ASP C 149 30.55 36.13 56.73
C ASP C 149 31.36 35.54 57.90
N VAL C 150 31.28 34.23 58.15
CA VAL C 150 32.10 33.63 59.21
C VAL C 150 33.58 33.50 58.83
N LEU C 151 33.91 33.77 57.58
CA LEU C 151 35.30 33.60 57.09
C LEU C 151 36.24 34.65 57.72
N LYS C 152 37.46 34.20 58.02
CA LYS C 152 38.44 35.02 58.74
C LYS C 152 39.80 34.96 58.08
N ALA C 153 40.54 36.08 58.15
CA ALA C 153 41.87 36.19 57.50
C ALA C 153 42.73 34.97 57.78
N GLU C 154 42.70 34.48 59.01
CA GLU C 154 43.51 33.33 59.44
C GLU C 154 43.18 31.99 58.75
N HIS C 155 41.91 31.79 58.36
CA HIS C 155 41.44 30.53 57.73
C HIS C 155 42.21 30.25 56.45
N THR C 156 42.89 29.10 56.38
CA THR C 156 43.71 28.76 55.19
C THR C 156 43.06 27.68 54.34
N VAL C 157 42.52 26.65 54.97
CA VAL C 157 41.80 25.58 54.25
C VAL C 157 40.33 25.50 54.67
N ILE C 158 39.43 25.73 53.71
CA ILE C 158 38.01 25.64 53.94
C ILE C 158 37.36 24.61 53.00
N SER C 159 36.09 24.29 53.29
CA SER C 159 35.31 23.44 52.42
C SER C 159 34.18 24.27 51.85
N ASN C 160 33.87 24.05 50.57
CA ASN C 160 32.70 24.70 49.97
C ASN C 160 31.39 23.93 50.19
N ALA C 161 31.45 22.84 50.99
CA ALA C 161 30.31 21.93 51.21
C ALA C 161 30.04 21.15 49.93
N SER C 162 28.86 20.52 49.82
CA SER C 162 28.50 19.78 48.62
C SER C 162 27.47 20.56 47.84
N CYS C 163 27.17 20.06 46.65
CA CYS C 163 26.06 20.61 45.87
C CYS C 163 24.78 20.52 46.68
N THR C 164 24.55 19.37 47.30
CA THR C 164 23.31 19.15 48.04
C THR C 164 23.15 20.12 49.23
N THR C 165 24.20 20.27 50.02
CA THR C 165 24.16 21.23 51.13
C THR C 165 23.89 22.65 50.69
N ASN C 166 24.52 23.08 49.59
CA ASN C 166 24.20 24.41 49.05
C ASN C 166 22.76 24.52 48.55
N CYS C 167 22.15 23.42 48.16
CA CYS C 167 20.74 23.47 47.74
C CYS C 167 19.78 23.46 48.93
N LEU C 168 20.14 22.73 49.99
CA LEU C 168 19.24 22.50 51.12
C LEU C 168 19.21 23.65 52.13
N ALA C 169 20.37 24.24 52.44
CA ALA C 169 20.43 25.36 53.39
C ALA C 169 19.53 26.54 53.01
N PRO C 170 19.62 27.04 51.76
CA PRO C 170 18.72 28.13 51.34
C PRO C 170 17.24 27.74 51.27
N LEU C 171 16.95 26.45 51.12
CA LEU C 171 15.57 25.98 51.07
C LEU C 171 15.01 26.03 52.48
N VAL C 172 15.78 25.50 53.42
CA VAL C 172 15.31 25.25 54.77
C VAL C 172 15.32 26.52 55.62
N LYS C 173 16.35 27.35 55.46
CA LYS C 173 16.51 28.57 56.25
C LYS C 173 15.24 29.44 56.36
N PRO C 174 14.73 29.93 55.22
CA PRO C 174 13.61 30.85 55.40
C PRO C 174 12.35 30.21 56.02
N LEU C 175 12.16 28.89 55.88
CA LEU C 175 11.00 28.19 56.43
C LEU C 175 11.16 27.94 57.94
N ASN C 176 12.37 27.60 58.38
CA ASN C 176 12.65 27.52 59.81
C ASN C 176 12.60 28.89 60.56
N ASP C 177 12.86 29.98 59.86
CA ASP C 177 12.82 31.34 60.45
C ASP C 177 11.41 31.88 60.66
N LYS C 178 10.49 31.59 59.75
CA LYS C 178 9.16 32.17 59.78
C LYS C 178 8.10 31.18 60.26
N ILE C 179 8.29 29.89 60.00
CA ILE C 179 7.34 28.88 60.46
C ILE C 179 7.86 28.14 61.68
N GLY C 180 9.07 27.58 61.56
CA GLY C 180 9.64 26.75 62.60
C GLY C 180 9.71 25.29 62.17
N LEU C 181 10.85 24.64 62.40
CA LEU C 181 11.05 23.25 62.02
C LEU C 181 11.46 22.42 63.23
N GLU C 182 10.72 21.34 63.52
CA GLU C 182 11.07 20.45 64.62
C GLU C 182 12.17 19.48 64.20
N THR C 183 11.86 18.64 63.22
CA THR C 183 12.83 17.76 62.60
C THR C 183 12.52 17.66 61.12
N GLY C 184 13.47 17.16 60.35
CA GLY C 184 13.30 17.07 58.91
C GLY C 184 14.09 15.93 58.33
N LEU C 185 13.61 15.39 57.21
CA LEU C 185 14.26 14.27 56.54
C LEU C 185 14.25 14.49 55.03
N MET C 186 15.39 14.20 54.41
CA MET C 186 15.70 14.57 53.03
C MET C 186 15.91 13.35 52.18
N THR C 187 15.39 13.36 50.98
CA THR C 187 15.92 12.53 49.90
C THR C 187 16.34 13.42 48.73
N THR C 188 17.55 13.20 48.22
CA THR C 188 17.98 13.90 47.01
C THR C 188 18.13 12.92 45.86
N ILE C 189 17.43 13.23 44.79
CA ILE C 189 17.40 12.42 43.60
C ILE C 189 18.43 13.07 42.73
N HIS C 190 19.56 12.41 42.62
CA HIS C 190 20.76 13.07 42.17
C HIS C 190 21.24 12.44 40.87
N ALA C 191 21.62 13.29 39.92
CA ALA C 191 22.26 12.84 38.68
C ALA C 191 23.51 12.01 38.98
N TYR C 192 23.90 11.14 38.07
CA TYR C 192 25.12 10.40 38.27
C TYR C 192 26.36 11.30 38.11
N THR C 193 27.47 10.82 38.66
CA THR C 193 28.74 11.54 38.66
C THR C 193 29.86 10.53 38.32
N ASN C 194 31.07 11.04 38.13
CA ASN C 194 32.17 10.23 37.58
C ASN C 194 32.80 9.25 38.56
N ASP C 195 32.44 9.35 39.82
CA ASP C 195 32.75 8.27 40.77
C ASP C 195 31.83 7.01 40.62
N GLN C 196 30.94 6.97 39.62
CA GLN C 196 30.05 5.83 39.43
C GLN C 196 30.58 5.06 38.21
N VAL C 197 29.88 4.00 37.81
CA VAL C 197 30.37 3.11 36.76
C VAL C 197 29.36 2.91 35.64
N LEU C 198 29.83 2.54 34.45
CA LEU C 198 28.94 2.31 33.29
C LEU C 198 28.33 0.91 33.28
N THR C 199 29.13 -0.09 33.62
CA THR C 199 28.58 -1.44 33.81
C THR C 199 29.26 -2.12 35.01
N ASP C 200 28.57 -3.07 35.63
CA ASP C 200 28.93 -3.48 37.00
C ASP C 200 30.41 -3.82 37.09
N VAL C 201 31.08 -3.32 38.13
CA VAL C 201 32.54 -3.44 38.29
C VAL C 201 32.96 -2.92 39.67
N TYR C 202 34.15 -3.34 40.14
CA TYR C 202 34.61 -3.10 41.50
C TYR C 202 34.52 -1.62 41.95
N HIS C 203 34.13 -1.40 43.19
CA HIS C 203 34.01 -0.05 43.77
C HIS C 203 34.00 -0.24 45.29
N GLU C 204 34.45 0.76 46.05
CA GLU C 204 34.43 0.64 47.53
C GLU C 204 32.98 0.54 48.04
N ASP C 205 32.06 1.18 47.31
CA ASP C 205 30.62 1.17 47.59
C ASP C 205 29.89 0.11 46.76
N LEU C 206 29.26 -0.85 47.44
CA LEU C 206 28.64 -1.97 46.74
C LEU C 206 27.46 -1.58 45.83
N ARG C 207 26.80 -0.47 46.14
CA ARG C 207 25.72 -0.01 45.27
C ARG C 207 26.28 0.81 44.11
N ARG C 208 27.29 1.62 44.37
CA ARG C 208 27.93 2.37 43.28
C ARG C 208 28.73 1.47 42.34
N ALA C 209 28.98 0.23 42.76
CA ALA C 209 29.60 -0.75 41.86
C ALA C 209 28.69 -1.16 40.71
N ARG C 210 27.43 -0.72 40.72
CA ARG C 210 26.38 -1.14 39.78
C ARG C 210 26.13 -0.05 38.74
N SER C 211 25.82 -0.46 37.50
CA SER C 211 25.61 0.46 36.40
C SER C 211 24.77 1.64 36.78
N ALA C 212 25.34 2.84 36.67
CA ALA C 212 24.65 4.11 36.88
C ALA C 212 23.56 4.40 35.84
N THR C 213 23.64 3.69 34.72
CA THR C 213 22.82 4.00 33.56
C THR C 213 21.50 3.23 33.55
N HIS C 214 21.39 2.20 34.38
CA HIS C 214 20.23 1.33 34.35
C HIS C 214 19.42 1.27 35.65
N SER C 215 19.85 1.99 36.68
CA SER C 215 19.28 1.81 38.01
C SER C 215 19.13 3.10 38.82
N GLN C 216 18.19 3.06 39.77
CA GLN C 216 18.16 4.00 40.87
C GLN C 216 19.07 3.38 41.90
N ILE C 217 20.07 4.14 42.35
CA ILE C 217 21.10 3.61 43.24
C ILE C 217 21.14 4.45 44.51
N PRO C 218 20.76 3.88 45.65
CA PRO C 218 20.80 4.64 46.90
C PRO C 218 22.23 4.76 47.45
N THR C 219 22.60 5.93 47.94
CA THR C 219 23.93 6.20 48.51
C THR C 219 23.88 7.22 49.65
N LYS C 220 24.86 7.19 50.55
CA LYS C 220 24.97 8.15 51.67
C LYS C 220 25.26 9.60 51.27
N THR C 221 24.78 10.54 52.07
CA THR C 221 25.20 11.93 51.98
C THR C 221 25.13 12.61 53.35
N GLY C 222 26.13 13.42 53.64
CA GLY C 222 26.22 14.14 54.90
C GLY C 222 25.49 15.47 54.85
N ALA C 223 24.89 15.79 53.70
CA ALA C 223 24.34 17.13 53.50
C ALA C 223 23.33 17.57 54.57
N ALA C 224 22.52 16.64 55.08
CA ALA C 224 21.48 17.02 56.03
C ALA C 224 22.10 17.48 57.34
N ALA C 225 22.94 16.64 57.94
CA ALA C 225 23.70 17.03 59.14
C ALA C 225 24.42 18.38 58.91
N ALA C 226 25.06 18.52 57.75
CA ALA C 226 25.91 19.67 57.47
C ALA C 226 25.12 20.98 57.48
N VAL C 227 23.85 20.92 57.12
CA VAL C 227 23.03 22.12 57.23
C VAL C 227 22.98 22.62 58.68
N GLY C 228 23.31 21.75 59.65
CA GLY C 228 23.55 22.16 61.02
C GLY C 228 24.81 22.99 61.21
N LEU C 229 25.89 22.63 60.52
CA LEU C 229 27.15 23.36 60.61
C LEU C 229 27.05 24.80 60.09
N VAL C 230 26.24 25.03 59.06
CA VAL C 230 26.13 26.34 58.45
C VAL C 230 24.96 27.10 59.05
N LEU C 231 24.00 26.37 59.63
CA LEU C 231 22.85 26.96 60.33
C LEU C 231 22.68 26.28 61.69
N PRO C 232 23.56 26.63 62.66
CA PRO C 232 23.67 25.97 63.97
C PRO C 232 22.33 25.69 64.66
N GLU C 233 21.36 26.55 64.42
CA GLU C 233 20.02 26.41 64.99
C GLU C 233 19.31 25.13 64.52
N LEU C 234 19.84 24.48 63.49
CA LEU C 234 19.34 23.18 63.02
C LEU C 234 20.36 22.05 63.23
N ASN C 235 21.23 22.21 64.23
CA ASN C 235 22.14 21.14 64.59
C ASN C 235 21.37 19.90 65.05
N GLY C 236 21.57 18.79 64.33
CA GLY C 236 21.06 17.48 64.75
C GLY C 236 19.61 17.18 64.42
N LYS C 237 19.00 18.06 63.63
CA LYS C 237 17.56 18.04 63.38
C LYS C 237 17.17 17.45 62.03
N LEU C 238 18.15 17.39 61.11
CA LEU C 238 17.91 16.96 59.75
C LEU C 238 18.72 15.73 59.46
N ASP C 239 18.16 14.79 58.71
CA ASP C 239 18.95 13.64 58.26
C ASP C 239 18.49 13.25 56.85
N GLY C 240 19.23 12.39 56.15
CA GLY C 240 18.83 12.05 54.78
C GLY C 240 19.85 11.28 53.98
N TYR C 241 19.55 11.08 52.71
CA TYR C 241 20.38 10.26 51.82
C TYR C 241 20.07 10.59 50.37
N ALA C 242 20.77 9.93 49.45
CA ALA C 242 20.61 10.17 48.03
C ALA C 242 20.13 8.94 47.26
N ILE C 243 19.50 9.20 46.12
CA ILE C 243 19.26 8.18 45.14
C ILE C 243 19.79 8.69 43.83
N ARG C 244 20.82 8.01 43.31
CA ARG C 244 21.45 8.39 42.07
C ARG C 244 20.59 7.82 40.98
N VAL C 245 20.22 8.64 40.00
CA VAL C 245 19.41 8.17 38.88
C VAL C 245 20.09 8.38 37.53
N PRO C 246 19.65 7.65 36.50
CA PRO C 246 20.18 7.77 35.13
C PRO C 246 20.02 9.12 34.39
N THR C 247 20.57 10.21 34.94
CA THR C 247 20.67 11.45 34.20
C THR C 247 22.11 12.00 34.35
N ILE C 248 22.51 12.81 33.38
CA ILE C 248 23.90 13.29 33.29
C ILE C 248 24.14 14.57 34.12
N ASN C 249 23.10 15.35 34.37
CA ASN C 249 23.20 16.50 35.27
C ASN C 249 21.85 16.96 35.79
N VAL C 250 21.88 17.63 36.93
CA VAL C 250 20.74 18.30 37.56
C VAL C 250 20.05 17.36 38.55
N SER C 251 19.81 17.91 39.72
CA SER C 251 19.39 17.12 40.87
C SER C 251 18.27 17.84 41.61
N ILE C 252 17.63 17.16 42.55
CA ILE C 252 16.55 17.79 43.32
C ILE C 252 16.66 17.35 44.75
N VAL C 253 16.32 18.25 45.65
CA VAL C 253 16.21 17.94 47.06
C VAL C 253 14.74 17.89 47.43
N ASP C 254 14.35 16.78 48.04
CA ASP C 254 12.98 16.53 48.51
C ASP C 254 13.07 16.51 50.00
N LEU C 255 12.60 17.56 50.67
CA LEU C 255 12.65 17.63 52.13
C LEU C 255 11.28 17.50 52.76
N SER C 256 11.18 16.65 53.78
CA SER C 256 9.94 16.50 54.56
C SER C 256 10.20 16.95 55.97
N PHE C 257 9.36 17.80 56.52
CA PHE C 257 9.56 18.20 57.91
C PHE C 257 8.27 18.48 58.67
N ILE C 258 8.38 18.35 59.99
CA ILE C 258 7.34 18.68 60.93
C ILE C 258 7.41 20.16 61.27
N ALA C 259 6.37 20.91 60.90
CA ALA C 259 6.24 22.33 61.23
C ALA C 259 5.85 22.50 62.70
N LYS C 260 6.28 23.62 63.29
CA LYS C 260 6.12 23.88 64.72
C LYS C 260 4.80 24.61 65.01
N ARG C 261 4.13 25.04 63.95
CA ARG C 261 2.79 25.59 64.02
C ARG C 261 2.05 25.33 62.70
N ASP C 262 0.77 25.65 62.65
CA ASP C 262 -0.07 25.37 61.48
C ASP C 262 0.30 26.29 60.34
N THR C 263 0.32 25.71 59.16
CA THR C 263 0.72 26.44 57.98
C THR C 263 -0.09 25.94 56.79
N THR C 264 0.01 26.65 55.67
CA THR C 264 -0.62 26.24 54.41
C THR C 264 0.43 26.18 53.29
N ALA C 265 0.06 25.55 52.18
CA ALA C 265 0.96 25.47 51.03
C ALA C 265 1.22 26.87 50.48
N ALA C 266 0.18 27.69 50.44
CA ALA C 266 0.31 29.08 49.98
C ALA C 266 1.27 29.91 50.85
N GLU C 267 1.20 29.74 52.16
CA GLU C 267 2.07 30.49 53.06
C GLU C 267 3.52 30.07 52.80
N VAL C 268 3.77 28.76 52.79
CA VAL C 268 5.11 28.21 52.51
C VAL C 268 5.68 28.77 51.22
N ASN C 269 4.90 28.73 50.15
CA ASN C 269 5.33 29.32 48.88
C ASN C 269 5.57 30.83 49.00
N ALA C 270 4.64 31.56 49.61
CA ALA C 270 4.81 33.00 49.81
C ALA C 270 6.10 33.31 50.57
N ILE C 271 6.40 32.53 51.59
CA ILE C 271 7.64 32.75 52.34
C ILE C 271 8.86 32.63 51.44
N MET C 272 8.93 31.56 50.64
CA MET C 272 10.07 31.29 49.76
C MET C 272 10.20 32.30 48.66
N LYS C 273 9.09 32.71 48.08
CA LYS C 273 9.10 33.75 47.06
C LYS C 273 9.73 35.02 47.64
N GLU C 274 9.31 35.40 48.85
CA GLU C 274 9.87 36.58 49.51
C GLU C 274 11.39 36.45 49.71
N ALA C 275 11.85 35.28 50.15
CA ALA C 275 13.29 35.06 50.40
C ALA C 275 14.14 35.12 49.12
N SER C 276 13.64 34.52 48.04
CA SER C 276 14.35 34.58 46.75
C SER C 276 14.45 36.00 46.23
N GLU C 277 13.49 36.84 46.61
CA GLU C 277 13.42 38.20 46.10
C GLU C 277 14.26 39.16 46.95
N GLY C 278 14.60 38.71 48.17
CA GLY C 278 15.27 39.53 49.15
C GLY C 278 16.65 39.03 49.50
N ALA C 279 16.85 38.60 50.74
CA ALA C 279 18.19 38.36 51.25
C ALA C 279 18.98 37.30 50.50
N LEU C 280 18.27 36.30 49.95
CA LEU C 280 18.93 35.18 49.24
C LEU C 280 18.84 35.33 47.72
N LYS C 281 18.49 36.52 47.24
CA LYS C 281 18.43 36.80 45.80
C LYS C 281 19.74 36.37 45.12
N GLY C 282 19.63 35.68 44.00
CA GLY C 282 20.81 35.14 43.30
C GLY C 282 21.20 33.72 43.73
N ILE C 283 21.17 33.44 45.04
CA ILE C 283 21.48 32.10 45.53
C ILE C 283 20.26 31.15 45.45
N LEU C 284 19.05 31.72 45.55
CA LEU C 284 17.80 30.96 45.60
C LEU C 284 16.82 31.55 44.61
N GLY C 285 16.41 30.75 43.63
CA GLY C 285 15.38 31.14 42.68
C GLY C 285 14.04 30.59 43.15
N TYR C 286 12.99 30.88 42.38
CA TYR C 286 11.63 30.49 42.70
C TYR C 286 10.91 30.12 41.41
N ASN C 287 10.36 28.92 41.36
CA ASN C 287 9.62 28.48 40.18
C ASN C 287 8.14 28.11 40.45
N GLU C 288 7.27 28.56 39.56
CA GLU C 288 5.87 28.11 39.54
C GLU C 288 5.42 27.68 38.13
N ALA C 289 6.37 27.53 37.22
CA ALA C 289 6.11 27.01 35.90
C ALA C 289 6.25 25.47 35.90
N PRO C 290 5.53 24.79 35.00
CA PRO C 290 5.60 23.33 34.94
C PRO C 290 6.85 22.85 34.16
N LEU C 291 7.97 22.77 34.88
CA LEU C 291 9.27 22.51 34.30
C LEU C 291 9.81 21.14 34.73
N VAL C 292 10.88 20.68 34.07
CA VAL C 292 11.46 19.38 34.42
C VAL C 292 12.93 19.58 34.60
N SER C 293 13.62 18.58 35.15
CA SER C 293 15.00 18.74 35.56
C SER C 293 15.90 19.41 34.50
N ILE C 294 15.82 18.97 33.25
CA ILE C 294 16.71 19.49 32.21
C ILE C 294 16.55 21.01 31.99
N ASP C 295 15.41 21.56 32.35
CA ASP C 295 15.18 23.00 32.23
C ASP C 295 16.01 23.81 33.23
N PHE C 296 16.59 23.17 34.23
CA PHE C 296 17.42 23.84 35.20
C PHE C 296 18.91 23.68 34.93
N ASN C 297 19.22 22.99 33.84
CA ASN C 297 20.59 22.88 33.37
C ASN C 297 21.18 24.24 33.03
N HIS C 298 22.39 24.49 33.50
CA HIS C 298 23.05 25.79 33.37
C HIS C 298 22.39 26.92 34.16
N ASN C 299 21.57 26.58 35.16
CA ASN C 299 21.02 27.57 36.06
C ASN C 299 22.00 27.71 37.22
N PRO C 300 22.56 28.92 37.42
CA PRO C 300 23.62 29.20 38.40
C PRO C 300 23.16 29.32 39.84
N ALA C 301 21.85 29.30 40.07
CA ALA C 301 21.33 29.28 41.43
C ALA C 301 21.84 28.06 42.20
N SER C 302 21.93 28.22 43.51
CA SER C 302 22.29 27.10 44.37
C SER C 302 21.05 26.25 44.63
N SER C 303 19.86 26.86 44.51
CA SER C 303 18.61 26.22 44.87
C SER C 303 17.48 26.93 44.16
N THR C 304 16.67 26.20 43.42
CA THR C 304 15.50 26.79 42.82
C THR C 304 14.25 26.09 43.36
N PHE C 305 13.66 26.70 44.39
CA PHE C 305 12.45 26.21 45.04
C PHE C 305 11.38 25.98 44.02
N ASP C 306 10.72 24.83 44.09
CA ASP C 306 9.65 24.57 43.16
C ASP C 306 8.31 24.64 43.89
N ALA C 307 7.66 25.80 43.83
CA ALA C 307 6.37 26.02 44.49
C ALA C 307 5.29 25.03 44.03
N THR C 308 5.33 24.62 42.76
CA THR C 308 4.33 23.70 42.23
C THR C 308 4.36 22.34 42.89
N LEU C 309 5.44 22.01 43.60
CA LEU C 309 5.59 20.69 44.18
C LEU C 309 5.33 20.72 45.68
N THR C 310 4.87 21.85 46.22
CA THR C 310 4.74 21.96 47.67
C THR C 310 3.53 21.21 48.18
N LYS C 311 3.68 20.60 49.35
CA LYS C 311 2.69 19.72 49.92
C LYS C 311 2.71 19.93 51.45
N VAL C 312 1.57 20.32 52.01
CA VAL C 312 1.44 20.32 53.47
C VAL C 312 0.19 19.55 53.91
N SER C 313 0.36 18.63 54.86
CA SER C 313 -0.80 17.94 55.42
C SER C 313 -0.70 17.91 56.94
N GLY C 314 -1.43 18.83 57.56
CA GLY C 314 -1.36 19.00 59.00
C GLY C 314 -0.10 19.76 59.30
N ARG C 315 0.78 19.13 60.06
CA ARG C 315 2.05 19.70 60.44
C ARG C 315 3.21 19.19 59.57
N LEU C 316 2.94 18.25 58.67
CA LEU C 316 3.97 17.66 57.83
C LEU C 316 4.02 18.44 56.53
N VAL C 317 5.18 19.01 56.24
CA VAL C 317 5.37 19.83 55.07
C VAL C 317 6.36 19.13 54.17
N LYS C 318 6.14 19.21 52.87
CA LYS C 318 7.07 18.65 51.90
C LYS C 318 7.38 19.71 50.86
N VAL C 319 8.67 20.02 50.73
CA VAL C 319 9.12 21.07 49.80
C VAL C 319 10.30 20.57 49.00
N SER C 320 10.44 21.11 47.79
CA SER C 320 11.45 20.65 46.85
C SER C 320 12.20 21.80 46.17
N SER C 321 13.49 21.57 45.95
CA SER C 321 14.31 22.54 45.25
C SER C 321 15.25 21.88 44.24
N TRP C 322 15.26 22.41 43.02
CA TRP C 322 16.09 21.88 41.95
C TRP C 322 17.49 22.47 42.05
N TYR C 323 18.52 21.71 41.69
CA TYR C 323 19.85 22.30 41.51
C TYR C 323 20.70 21.68 40.38
N ASP C 324 21.38 22.55 39.63
CA ASP C 324 22.41 22.10 38.72
C ASP C 324 23.60 21.82 39.61
N ASN C 325 23.82 20.54 39.89
CA ASN C 325 24.91 20.15 40.75
C ASN C 325 26.29 20.57 40.23
N GLU C 326 26.45 20.76 38.92
CA GLU C 326 27.71 21.28 38.40
C GLU C 326 27.73 22.82 38.38
N TRP C 327 26.70 23.42 37.79
CA TRP C 327 26.78 24.83 37.49
C TRP C 327 26.57 25.71 38.70
N GLY C 328 25.65 25.33 39.57
CA GLY C 328 25.41 26.08 40.79
C GLY C 328 26.64 26.13 41.67
N PHE C 329 27.15 24.94 41.98
CA PHE C 329 28.31 24.79 42.83
C PHE C 329 29.54 25.54 42.24
N SER C 330 29.78 25.35 40.94
CA SER C 330 30.86 26.04 40.24
C SER C 330 30.77 27.59 40.34
N ASN C 331 29.61 28.17 40.12
CA ASN C 331 29.51 29.62 40.34
C ASN C 331 29.81 30.00 41.81
N ARG C 332 29.35 29.17 42.76
CA ARG C 332 29.61 29.44 44.17
C ARG C 332 31.08 29.33 44.55
N MET C 333 31.82 28.46 43.88
CA MET C 333 33.24 28.32 44.17
C MET C 333 33.99 29.65 43.93
N LEU C 334 33.56 30.38 42.89
CA LEU C 334 34.15 31.67 42.55
C LEU C 334 33.80 32.69 43.62
N ASP C 335 32.51 32.75 43.99
CA ASP C 335 32.04 33.67 45.04
C ASP C 335 32.78 33.43 46.34
N THR C 336 32.97 32.17 46.71
CA THR C 336 33.60 31.83 47.96
C THR C 336 35.09 32.16 47.97
N ALA C 337 35.73 31.98 46.82
CA ALA C 337 37.12 32.38 46.65
C ALA C 337 37.30 33.88 46.97
N ILE C 338 36.46 34.70 46.37
CA ILE C 338 36.46 36.15 46.58
C ILE C 338 36.21 36.53 48.03
N ALA C 339 35.36 35.78 48.72
CA ALA C 339 35.11 36.00 50.13
C ALA C 339 36.29 35.53 50.99
N LEU C 340 36.88 34.39 50.64
CA LEU C 340 37.96 33.83 51.44
C LEU C 340 39.18 34.73 51.49
N ALA C 341 39.62 35.21 50.33
CA ALA C 341 40.87 35.96 50.24
C ALA C 341 40.70 37.37 50.81
N ASN C 342 39.57 37.99 50.51
CA ASN C 342 39.30 39.36 50.96
C ASN C 342 38.63 39.39 52.34
N ALA C 343 38.86 38.37 53.16
CA ALA C 343 38.24 38.26 54.47
C ALA C 343 39.05 39.04 55.49
N LYS C 344 38.41 40.04 56.10
CA LYS C 344 39.02 41.06 56.99
C LYS C 344 39.45 42.25 56.17
N THR D 10 40.23 -34.23 33.26
CA THR D 10 39.81 -32.87 33.71
C THR D 10 40.97 -31.90 33.79
N ILE D 11 40.84 -30.78 33.09
CA ILE D 11 41.85 -29.72 33.07
C ILE D 11 41.60 -28.80 34.25
N ARG D 12 42.63 -28.53 35.03
CA ARG D 12 42.52 -27.67 36.18
C ARG D 12 42.87 -26.24 35.75
N VAL D 13 41.97 -25.29 35.99
CA VAL D 13 42.05 -23.92 35.43
C VAL D 13 41.96 -22.83 36.49
N ALA D 14 42.61 -21.70 36.25
CA ALA D 14 42.50 -20.53 37.11
C ALA D 14 42.16 -19.29 36.27
N ILE D 15 41.98 -18.16 36.96
CA ILE D 15 41.69 -16.86 36.33
C ILE D 15 42.49 -15.80 37.07
N ASN D 16 43.06 -14.85 36.34
CA ASN D 16 43.68 -13.64 36.93
C ASN D 16 42.95 -12.46 36.36
N GLY D 17 42.62 -11.50 37.21
CA GLY D 17 41.68 -10.44 36.87
C GLY D 17 40.25 -10.99 36.88
N TYR D 18 39.39 -10.40 37.70
CA TYR D 18 38.02 -10.92 37.91
C TYR D 18 37.03 -9.78 37.66
N GLY D 19 37.17 -9.18 36.48
CA GLY D 19 36.29 -8.09 36.05
C GLY D 19 35.11 -8.62 35.26
N ARG D 20 34.61 -7.81 34.34
CA ARG D 20 33.52 -8.26 33.50
C ARG D 20 33.89 -9.53 32.74
N ILE D 21 35.02 -9.56 32.02
CA ILE D 21 35.40 -10.83 31.36
C ILE D 21 35.62 -11.98 32.36
N GLY D 22 36.43 -11.71 33.39
CA GLY D 22 36.64 -12.64 34.49
C GLY D 22 35.38 -13.30 35.02
N ARG D 23 34.54 -12.52 35.68
CA ARG D 23 33.31 -13.04 36.28
C ARG D 23 32.41 -13.73 35.29
N ASN D 24 32.34 -13.21 34.07
CA ASN D 24 31.43 -13.78 33.08
C ASN D 24 31.96 -15.06 32.47
N THR D 25 33.28 -15.23 32.49
CA THR D 25 33.90 -16.51 32.14
C THR D 25 33.57 -17.55 33.22
N LEU D 26 33.71 -17.19 34.49
CA LEU D 26 33.32 -18.08 35.59
C LEU D 26 31.84 -18.45 35.51
N ARG D 27 30.98 -17.43 35.42
CA ARG D 27 29.53 -17.63 35.24
C ARG D 27 29.20 -18.48 34.03
N ALA D 28 29.87 -18.19 32.91
CA ALA D 28 29.69 -18.94 31.67
C ALA D 28 29.78 -20.43 31.98
N PHE D 29 30.88 -20.82 32.61
CA PHE D 29 31.17 -22.21 32.92
C PHE D 29 30.06 -22.90 33.73
N TYR D 30 29.73 -22.30 34.88
CA TYR D 30 28.63 -22.80 35.70
C TYR D 30 27.27 -22.80 35.02
N GLU D 31 26.98 -21.78 34.21
CA GLU D 31 25.66 -21.68 33.56
C GLU D 31 25.47 -22.74 32.48
N ASN D 32 26.57 -23.14 31.85
CA ASN D 32 26.57 -24.14 30.80
C ASN D 32 26.17 -25.52 31.33
N GLY D 33 26.52 -25.79 32.59
CA GLY D 33 26.32 -27.09 33.24
C GLY D 33 27.64 -27.78 33.58
N LYS D 34 28.72 -27.01 33.65
CA LYS D 34 30.07 -27.54 33.79
C LYS D 34 30.41 -28.64 32.77
N LYS D 35 29.82 -28.57 31.58
CA LYS D 35 29.98 -29.60 30.55
C LYS D 35 31.35 -29.52 29.86
N HIS D 36 32.09 -28.45 30.12
CA HIS D 36 33.49 -28.38 29.73
C HIS D 36 34.29 -29.26 30.68
N ASP D 37 35.17 -30.08 30.11
CA ASP D 37 36.09 -30.92 30.89
C ASP D 37 37.08 -30.05 31.64
N LEU D 38 36.62 -29.43 32.73
CA LEU D 38 37.35 -28.37 33.40
C LEU D 38 36.87 -28.15 34.84
N GLU D 39 37.71 -27.52 35.64
CA GLU D 39 37.33 -27.13 36.99
C GLU D 39 38.08 -25.86 37.36
N ILE D 40 37.34 -24.78 37.63
CA ILE D 40 37.92 -23.46 37.93
C ILE D 40 38.40 -23.45 39.38
N VAL D 41 39.72 -23.45 39.59
CA VAL D 41 40.29 -23.63 40.94
C VAL D 41 40.97 -22.39 41.56
N ALA D 42 40.87 -21.22 40.93
CA ALA D 42 41.55 -20.04 41.48
C ALA D 42 41.13 -18.70 40.85
N ILE D 43 41.15 -17.63 41.65
CA ILE D 43 40.71 -16.28 41.20
C ILE D 43 41.53 -15.16 41.87
N ASN D 44 42.18 -14.32 41.06
CA ASN D 44 43.29 -13.48 41.57
C ASN D 44 43.12 -11.97 41.35
N ASP D 45 41.90 -11.44 41.51
CA ASP D 45 41.71 -9.99 41.52
C ASP D 45 42.49 -9.48 42.73
N LEU D 46 42.34 -8.19 43.04
CA LEU D 46 42.91 -7.68 44.29
C LEU D 46 41.85 -7.13 45.27
N GLY D 47 40.67 -6.74 44.78
CA GLY D 47 39.56 -6.33 45.67
C GLY D 47 39.11 -7.50 46.55
N ASP D 48 38.55 -7.20 47.72
CA ASP D 48 38.24 -8.24 48.73
C ASP D 48 37.12 -9.20 48.30
N ALA D 49 36.95 -10.28 49.04
CA ALA D 49 36.14 -11.43 48.61
C ALA D 49 34.64 -11.22 48.79
N LYS D 50 34.24 -10.49 49.83
CA LYS D 50 32.84 -10.10 49.99
C LYS D 50 32.33 -9.40 48.71
N THR D 51 33.14 -8.45 48.22
CA THR D 51 32.82 -7.65 47.04
C THR D 51 32.72 -8.44 45.73
N ASN D 52 33.61 -9.40 45.53
CA ASN D 52 33.60 -10.21 44.30
C ASN D 52 32.47 -11.23 44.28
N ALA D 53 32.08 -11.70 45.45
CA ALA D 53 30.95 -12.63 45.59
C ALA D 53 29.65 -11.91 45.20
N HIS D 54 29.47 -10.71 45.73
CA HIS D 54 28.31 -9.88 45.43
C HIS D 54 28.21 -9.57 43.93
N LEU D 55 29.33 -9.32 43.27
CA LEU D 55 29.31 -9.00 41.84
C LEU D 55 29.19 -10.26 40.99
N THR D 56 29.46 -11.41 41.57
CA THR D 56 29.19 -12.66 40.90
C THR D 56 27.69 -12.92 40.99
N GLN D 57 27.13 -12.78 42.19
CA GLN D 57 25.70 -13.04 42.39
C GLN D 57 24.81 -12.11 41.57
N TYR D 58 25.08 -10.80 41.67
CA TYR D 58 24.24 -9.77 41.04
C TYR D 58 24.91 -9.08 39.85
N ASP D 59 24.16 -8.90 38.76
CA ASP D 59 24.66 -8.20 37.58
C ASP D 59 23.57 -7.48 36.82
N THR D 60 23.85 -6.22 36.48
CA THR D 60 22.88 -5.43 35.76
C THR D 60 22.56 -6.09 34.43
N ALA D 61 23.58 -6.30 33.61
CA ALA D 61 23.38 -6.65 32.19
C ALA D 61 22.97 -8.10 31.99
N HIS D 62 23.52 -9.00 32.79
CA HIS D 62 23.22 -10.43 32.67
C HIS D 62 22.26 -10.96 33.73
N GLY D 63 21.75 -10.06 34.57
CA GLY D 63 20.83 -10.44 35.64
C GLY D 63 21.48 -11.28 36.73
N LYS D 64 20.66 -11.66 37.70
CA LYS D 64 21.06 -12.49 38.85
C LYS D 64 21.60 -13.84 38.39
N PHE D 65 22.72 -14.26 38.98
CA PHE D 65 23.32 -15.55 38.72
C PHE D 65 22.39 -16.65 39.21
N PRO D 66 22.03 -17.60 38.34
CA PRO D 66 21.12 -18.67 38.75
C PRO D 66 21.86 -19.79 39.49
N GLY D 67 22.30 -19.49 40.71
CA GLY D 67 23.15 -20.39 41.46
C GLY D 67 23.47 -19.81 42.82
N GLU D 68 24.21 -20.57 43.62
CA GLU D 68 24.47 -20.21 45.00
C GLU D 68 25.87 -19.64 45.12
N VAL D 69 25.99 -18.45 45.72
CA VAL D 69 27.29 -17.81 45.88
C VAL D 69 27.49 -17.37 47.32
N SER D 70 28.65 -17.69 47.89
CA SER D 70 28.97 -17.28 49.26
C SER D 70 30.47 -17.26 49.47
N VAL D 71 30.87 -16.77 50.65
CA VAL D 71 32.27 -16.68 51.03
C VAL D 71 32.54 -17.35 52.38
N ASP D 72 33.51 -18.26 52.40
CA ASP D 72 33.98 -18.88 53.63
C ASP D 72 35.43 -18.48 53.84
N GLY D 73 35.64 -17.35 54.53
CA GLY D 73 36.98 -16.85 54.80
C GLY D 73 37.72 -16.41 53.54
N ASP D 74 38.85 -17.07 53.25
CA ASP D 74 39.68 -16.78 52.06
C ASP D 74 39.37 -17.79 50.95
N TYR D 75 38.15 -17.71 50.42
CA TYR D 75 37.60 -18.68 49.48
C TYR D 75 36.26 -18.22 48.90
N LEU D 76 35.88 -18.81 47.77
CA LEU D 76 34.61 -18.49 47.11
C LEU D 76 33.86 -19.78 46.84
N VAL D 77 32.56 -19.78 47.15
CA VAL D 77 31.78 -21.00 47.01
C VAL D 77 30.70 -20.76 45.98
N VAL D 78 30.74 -21.53 44.90
CA VAL D 78 29.84 -21.38 43.77
C VAL D 78 29.23 -22.72 43.44
N ASN D 79 27.95 -22.90 43.79
CA ASN D 79 27.27 -24.19 43.66
C ASN D 79 28.08 -25.36 44.27
N GLY D 80 28.56 -25.13 45.49
CA GLY D 80 29.24 -26.15 46.28
C GLY D 80 30.77 -26.17 46.20
N ASP D 81 31.33 -25.62 45.13
CA ASP D 81 32.74 -25.78 44.79
C ASP D 81 33.57 -24.66 45.40
N ARG D 82 34.72 -25.03 45.96
CA ARG D 82 35.59 -24.08 46.65
C ARG D 82 36.59 -23.47 45.67
N ILE D 83 36.46 -22.17 45.43
CA ILE D 83 37.39 -21.45 44.58
C ILE D 83 38.39 -20.73 45.46
N ARG D 84 39.67 -21.07 45.30
CA ARG D 84 40.73 -20.42 46.02
C ARG D 84 40.88 -19.00 45.50
N VAL D 85 40.66 -18.02 46.39
CA VAL D 85 40.98 -16.62 46.10
C VAL D 85 42.45 -16.36 46.41
N LEU D 86 43.09 -15.48 45.62
CA LEU D 86 44.50 -15.10 45.81
C LEU D 86 44.63 -13.57 45.84
N ALA D 87 45.86 -13.05 45.83
CA ALA D 87 46.08 -11.61 45.75
C ALA D 87 47.50 -11.16 45.30
N ASN D 88 48.21 -11.98 44.52
CA ASN D 88 49.58 -11.66 44.09
C ASN D 88 49.62 -10.80 42.80
N ARG D 89 50.35 -9.68 42.85
CA ARG D 89 50.53 -8.78 41.70
C ARG D 89 51.40 -9.40 40.61
N ASN D 90 52.30 -10.29 41.03
CA ASN D 90 53.29 -10.89 40.16
C ASN D 90 52.89 -12.32 39.77
N PRO D 91 52.91 -12.66 38.46
CA PRO D 91 52.50 -14.00 38.03
C PRO D 91 53.57 -15.08 38.22
N ALA D 92 54.84 -14.68 38.32
CA ALA D 92 55.96 -15.61 38.43
C ALA D 92 55.99 -16.39 39.75
N GLU D 93 55.31 -15.88 40.78
CA GLU D 93 55.38 -16.46 42.13
C GLU D 93 54.02 -16.87 42.73
N LEU D 94 52.99 -16.94 41.89
CA LEU D 94 51.72 -17.55 42.30
C LEU D 94 51.91 -19.06 42.37
N PRO D 95 51.14 -19.74 43.25
CA PRO D 95 51.40 -21.16 43.50
C PRO D 95 51.13 -22.09 42.30
N TRP D 96 50.25 -21.68 41.39
CA TRP D 96 49.73 -22.49 40.26
C TRP D 96 50.12 -23.98 40.21
N GLY D 97 51.40 -24.25 39.98
CA GLY D 97 51.93 -25.61 39.79
C GLY D 97 51.84 -26.51 41.00
N GLU D 98 51.83 -25.88 42.18
CA GLU D 98 51.42 -26.52 43.44
C GLU D 98 50.03 -27.17 43.29
N LEU D 99 49.12 -26.44 42.65
CA LEU D 99 47.72 -26.88 42.47
C LEU D 99 47.43 -27.35 41.02
N GLY D 100 48.49 -27.67 40.27
CA GLY D 100 48.39 -28.35 38.99
C GLY D 100 47.70 -27.57 37.88
N VAL D 101 47.93 -26.26 37.86
CA VAL D 101 47.22 -25.37 36.93
C VAL D 101 47.68 -25.59 35.48
N ASP D 102 46.76 -26.11 34.67
CA ASP D 102 47.02 -26.39 33.25
C ASP D 102 46.94 -25.12 32.39
N VAL D 103 45.97 -24.24 32.71
CA VAL D 103 45.70 -23.03 31.92
C VAL D 103 45.32 -21.84 32.81
N VAL D 104 45.91 -20.69 32.54
CA VAL D 104 45.61 -19.44 33.25
C VAL D 104 44.98 -18.42 32.29
N MET D 105 44.12 -17.55 32.82
CA MET D 105 43.37 -16.58 32.01
C MET D 105 43.66 -15.17 32.49
N GLU D 106 44.30 -14.36 31.66
CA GLU D 106 44.62 -12.97 32.01
C GLU D 106 43.54 -12.02 31.48
N CYS D 107 42.73 -11.47 32.39
CA CYS D 107 41.55 -10.69 32.02
C CYS D 107 41.53 -9.29 32.64
N THR D 108 42.66 -8.88 33.23
CA THR D 108 42.81 -7.49 33.67
C THR D 108 43.30 -6.64 32.50
N GLY D 109 44.03 -7.27 31.58
CA GLY D 109 44.55 -6.60 30.38
C GLY D 109 45.93 -5.99 30.60
N PHE D 110 46.04 -5.18 31.66
CA PHE D 110 47.30 -4.53 32.06
C PHE D 110 48.56 -5.33 31.74
N PHE D 111 48.46 -6.66 31.77
CA PHE D 111 49.57 -7.56 31.44
C PHE D 111 49.26 -8.38 30.17
N THR D 112 49.22 -7.70 29.02
CA THR D 112 48.77 -8.30 27.75
C THR D 112 49.83 -9.01 26.88
N SER D 113 51.06 -8.49 26.88
CA SER D 113 52.14 -8.97 25.99
C SER D 113 52.77 -10.33 26.41
N LYS D 114 53.63 -10.89 25.56
CA LYS D 114 54.15 -12.27 25.70
C LYS D 114 55.13 -12.51 26.85
N GLU D 115 56.08 -11.60 27.04
CA GLU D 115 57.11 -11.79 28.07
C GLU D 115 56.53 -11.56 29.47
N LYS D 116 55.59 -10.63 29.58
CA LYS D 116 54.82 -10.46 30.81
C LYS D 116 53.92 -11.67 31.09
N ALA D 117 53.44 -12.29 30.01
CA ALA D 117 52.46 -13.39 30.08
C ALA D 117 53.08 -14.73 30.46
N SER D 118 54.35 -14.96 30.09
CA SER D 118 55.04 -16.21 30.43
C SER D 118 55.42 -16.29 31.91
N ALA D 119 55.18 -15.20 32.66
CA ALA D 119 55.37 -15.20 34.10
C ALA D 119 54.48 -16.23 34.81
N HIS D 120 53.27 -16.46 34.28
CA HIS D 120 52.36 -17.50 34.80
C HIS D 120 52.94 -18.93 34.59
N LEU D 121 53.71 -19.10 33.52
CA LEU D 121 54.41 -20.36 33.25
C LEU D 121 55.52 -20.60 34.28
N LYS D 122 56.28 -19.55 34.61
CA LYS D 122 57.25 -19.60 35.71
C LYS D 122 56.57 -19.95 37.04
N GLY D 123 55.37 -19.42 37.24
CA GLY D 123 54.56 -19.68 38.44
C GLY D 123 53.97 -21.08 38.50
N GLY D 124 54.03 -21.81 37.39
CA GLY D 124 53.65 -23.22 37.36
C GLY D 124 52.71 -23.63 36.25
N ALA D 125 52.06 -22.65 35.62
CA ALA D 125 51.09 -22.92 34.56
C ALA D 125 51.78 -23.51 33.31
N LYS D 126 51.18 -24.55 32.75
CA LYS D 126 51.69 -25.18 31.52
C LYS D 126 51.32 -24.36 30.27
N LYS D 127 50.24 -23.58 30.35
CA LYS D 127 49.77 -22.72 29.26
C LYS D 127 49.20 -21.40 29.82
N VAL D 128 48.80 -20.48 28.94
CA VAL D 128 48.11 -19.24 29.33
C VAL D 128 47.28 -18.68 28.17
N ILE D 129 46.01 -18.31 28.43
CA ILE D 129 45.14 -17.68 27.43
C ILE D 129 44.94 -16.22 27.77
N ILE D 130 45.16 -15.34 26.80
CA ILE D 130 44.90 -13.91 26.98
C ILE D 130 43.53 -13.58 26.39
N SER D 131 42.78 -12.76 27.12
CA SER D 131 41.40 -12.43 26.78
C SER D 131 41.34 -11.10 26.03
N ALA D 132 42.31 -10.90 25.14
CA ALA D 132 42.46 -9.66 24.43
C ALA D 132 43.43 -9.87 23.27
N PRO D 133 43.53 -8.88 22.37
CA PRO D 133 44.56 -8.98 21.34
C PRO D 133 45.94 -8.81 21.98
N GLY D 134 46.84 -9.74 21.67
CA GLY D 134 48.20 -9.70 22.21
C GLY D 134 49.21 -9.05 21.27
N GLY D 135 50.31 -8.55 21.85
CA GLY D 135 51.43 -8.00 21.07
C GLY D 135 51.90 -8.97 20.00
N LYS D 136 52.54 -8.45 18.96
CA LYS D 136 52.85 -9.23 17.76
C LYS D 136 53.99 -10.21 18.02
N ASP D 137 53.76 -11.16 18.93
CA ASP D 137 54.84 -11.99 19.49
C ASP D 137 54.32 -13.11 20.42
N VAL D 138 53.23 -13.76 20.05
CA VAL D 138 52.57 -14.78 20.87
C VAL D 138 52.32 -16.04 20.04
N ASP D 139 52.35 -17.22 20.67
CA ASP D 139 52.27 -18.49 19.94
C ASP D 139 51.11 -18.60 18.95
N ALA D 140 49.99 -17.95 19.28
CA ALA D 140 48.85 -17.90 18.36
C ALA D 140 47.88 -16.79 18.72
N THR D 141 46.97 -16.53 17.80
CA THR D 141 45.76 -15.79 18.07
C THR D 141 44.68 -16.70 17.50
N ILE D 142 43.74 -17.08 18.36
CA ILE D 142 42.77 -18.10 18.01
C ILE D 142 41.35 -17.58 18.05
N VAL D 143 40.55 -18.11 17.14
CA VAL D 143 39.15 -17.85 17.05
C VAL D 143 38.52 -19.24 17.01
N TYR D 144 37.98 -19.68 18.14
CA TYR D 144 37.55 -21.07 18.28
C TYR D 144 36.44 -21.38 17.27
N GLY D 145 36.59 -22.52 16.58
CA GLY D 145 35.65 -22.94 15.55
C GLY D 145 36.09 -22.56 14.16
N VAL D 146 37.13 -21.74 14.05
CA VAL D 146 37.63 -21.21 12.78
C VAL D 146 39.04 -21.73 12.54
N ASN D 147 39.92 -21.55 13.53
CA ASN D 147 41.32 -21.93 13.39
C ASN D 147 41.94 -22.61 14.61
N HIS D 148 41.14 -23.10 15.55
CA HIS D 148 41.69 -23.65 16.80
C HIS D 148 42.47 -24.96 16.55
N ASP D 149 42.17 -25.62 15.43
CA ASP D 149 42.93 -26.81 14.97
C ASP D 149 44.42 -26.54 14.73
N VAL D 150 44.83 -25.29 14.60
CA VAL D 150 46.26 -24.96 14.43
C VAL D 150 47.00 -24.90 15.77
N LEU D 151 46.42 -25.52 16.80
CA LEU D 151 47.03 -25.57 18.12
C LEU D 151 47.93 -26.80 18.24
N LYS D 152 48.92 -26.71 19.16
CA LYS D 152 49.89 -27.79 19.39
C LYS D 152 50.29 -27.84 20.89
N ALA D 153 51.04 -28.88 21.27
CA ALA D 153 51.54 -29.03 22.65
C ALA D 153 52.65 -28.04 23.00
N GLU D 154 53.37 -27.57 21.98
CA GLU D 154 54.50 -26.65 22.13
C GLU D 154 54.04 -25.27 22.60
N HIS D 155 52.84 -24.88 22.16
CA HIS D 155 52.32 -23.54 22.41
C HIS D 155 52.06 -23.34 23.90
N THR D 156 52.42 -22.16 24.41
CA THR D 156 52.20 -21.82 25.82
C THR D 156 51.30 -20.59 25.99
N VAL D 157 51.82 -19.39 25.69
CA VAL D 157 51.09 -18.11 25.89
C VAL D 157 50.37 -17.59 24.62
N ILE D 158 49.12 -18.02 24.43
CA ILE D 158 48.32 -17.66 23.24
C ILE D 158 47.35 -16.49 23.49
N SER D 159 46.71 -16.05 22.41
CA SER D 159 45.64 -15.05 22.43
C SER D 159 44.31 -15.62 21.94
N ASN D 160 43.22 -15.19 22.58
CA ASN D 160 41.86 -15.56 22.19
C ASN D 160 41.17 -14.41 21.40
N ALA D 161 41.95 -13.37 21.08
CA ALA D 161 41.53 -12.30 20.16
C ALA D 161 40.67 -11.22 20.84
N SER D 162 39.84 -10.53 20.05
CA SER D 162 38.88 -9.59 20.61
C SER D 162 37.49 -10.14 20.37
N CYS D 163 36.52 -9.58 21.05
CA CYS D 163 35.13 -9.95 20.84
C CYS D 163 34.74 -9.73 19.37
N THR D 164 35.17 -8.60 18.82
CA THR D 164 34.85 -8.21 17.45
C THR D 164 35.47 -9.16 16.43
N THR D 165 36.77 -9.45 16.59
CA THR D 165 37.43 -10.42 15.70
C THR D 165 36.76 -11.79 15.78
N ASN D 166 36.37 -12.18 16.99
CA ASN D 166 35.58 -13.40 17.15
C ASN D 166 34.23 -13.41 16.45
N CYS D 167 33.72 -12.23 16.10
CA CYS D 167 32.45 -12.12 15.37
C CYS D 167 32.70 -11.99 13.86
N LEU D 168 33.75 -11.27 13.51
CA LEU D 168 34.12 -11.07 12.12
C LEU D 168 34.63 -12.34 11.41
N ALA D 169 35.50 -13.11 12.06
CA ALA D 169 36.11 -14.30 11.43
C ALA D 169 35.08 -15.30 10.88
N PRO D 170 34.14 -15.75 11.73
CA PRO D 170 33.17 -16.73 11.29
C PRO D 170 32.20 -16.15 10.28
N LEU D 171 31.97 -14.84 10.37
CA LEU D 171 31.11 -14.15 9.43
C LEU D 171 31.74 -14.27 8.06
N VAL D 172 33.03 -13.96 7.97
CA VAL D 172 33.70 -13.77 6.68
C VAL D 172 34.12 -15.07 5.98
N LYS D 173 34.56 -16.08 6.74
CA LYS D 173 35.12 -17.32 6.18
C LYS D 173 34.27 -17.98 5.08
N PRO D 174 33.07 -18.49 5.41
CA PRO D 174 32.32 -19.16 4.36
C PRO D 174 31.93 -18.27 3.18
N LEU D 175 32.07 -16.96 3.33
CA LEU D 175 31.80 -16.02 2.23
C LEU D 175 33.01 -15.91 1.33
N ASN D 176 34.19 -15.83 1.94
CA ASN D 176 35.43 -15.87 1.19
C ASN D 176 35.58 -17.23 0.50
N ASP D 177 35.22 -18.29 1.22
CA ASP D 177 35.41 -19.64 0.72
C ASP D 177 34.54 -20.00 -0.49
N LYS D 178 33.29 -19.53 -0.53
CA LYS D 178 32.32 -19.93 -1.58
C LYS D 178 32.00 -18.84 -2.59
N ILE D 179 32.38 -17.61 -2.27
CA ILE D 179 32.13 -16.47 -3.16
C ILE D 179 33.44 -15.75 -3.46
N GLY D 180 34.24 -15.54 -2.43
CA GLY D 180 35.50 -14.85 -2.59
C GLY D 180 35.35 -13.36 -2.34
N LEU D 181 36.34 -12.82 -1.65
CA LEU D 181 36.29 -11.48 -1.12
C LEU D 181 37.54 -10.71 -1.52
N GLU D 182 37.39 -9.80 -2.48
CA GLU D 182 38.51 -8.98 -2.94
C GLU D 182 39.01 -8.06 -1.81
N THR D 183 38.09 -7.27 -1.24
CA THR D 183 38.36 -6.48 0.00
C THR D 183 37.08 -6.12 0.75
N GLY D 184 37.23 -5.89 2.06
CA GLY D 184 36.11 -5.49 2.91
C GLY D 184 36.45 -4.42 3.92
N LEU D 185 35.47 -3.58 4.22
CA LEU D 185 35.59 -2.60 5.32
C LEU D 185 34.47 -2.83 6.35
N MET D 186 34.81 -2.65 7.61
CA MET D 186 33.91 -2.93 8.73
C MET D 186 33.61 -1.70 9.58
N THR D 187 32.35 -1.58 9.96
CA THR D 187 31.96 -0.79 11.11
C THR D 187 31.27 -1.72 12.11
N THR D 188 31.81 -1.81 13.32
CA THR D 188 31.11 -2.49 14.40
C THR D 188 30.43 -1.43 15.29
N ILE D 189 29.11 -1.54 15.41
CA ILE D 189 28.35 -0.66 16.30
C ILE D 189 28.25 -1.38 17.63
N HIS D 190 28.90 -0.79 18.61
CA HIS D 190 29.38 -1.49 19.76
C HIS D 190 28.87 -0.85 21.05
N ALA D 191 28.42 -1.69 21.98
CA ALA D 191 28.02 -1.30 23.31
C ALA D 191 29.14 -0.60 24.04
N TYR D 192 28.81 0.29 24.97
CA TYR D 192 29.84 0.97 25.74
C TYR D 192 30.52 0.00 26.70
N THR D 193 31.76 0.33 27.11
CA THR D 193 32.53 -0.53 28.02
C THR D 193 33.11 0.33 29.14
N ASN D 194 33.75 -0.30 30.11
CA ASN D 194 34.18 0.41 31.32
C ASN D 194 35.39 1.33 31.18
N ASP D 195 36.09 1.31 30.05
CA ASP D 195 37.12 2.34 29.81
C ASP D 195 36.56 3.70 29.41
N GLN D 196 35.27 3.76 29.05
CA GLN D 196 34.62 5.01 28.70
C GLN D 196 34.20 5.82 29.95
N VAL D 197 33.54 6.95 29.71
CA VAL D 197 33.21 7.85 30.82
C VAL D 197 31.72 8.18 30.85
N LEU D 198 31.27 8.58 32.04
CA LEU D 198 29.86 8.88 32.28
C LEU D 198 29.56 10.29 31.82
N THR D 199 30.39 11.25 32.24
CA THR D 199 30.26 12.61 31.79
C THR D 199 31.65 13.16 31.47
N ASP D 200 31.75 14.01 30.44
CA ASP D 200 33.03 14.36 29.82
C ASP D 200 34.13 14.61 30.86
N VAL D 201 35.19 13.82 30.79
CA VAL D 201 36.31 13.95 31.71
C VAL D 201 37.59 13.31 31.11
N TYR D 202 38.75 13.61 31.68
CA TYR D 202 40.04 13.14 31.11
C TYR D 202 40.00 11.72 30.58
N HIS D 203 40.52 11.55 29.38
CA HIS D 203 40.80 10.23 28.83
C HIS D 203 41.95 10.38 27.82
N GLU D 204 42.76 9.33 27.68
CA GLU D 204 43.90 9.38 26.76
C GLU D 204 43.47 9.45 25.29
N ASP D 205 42.27 8.93 24.98
CA ASP D 205 41.59 9.21 23.70
C ASP D 205 40.55 10.30 23.90
N LEU D 206 40.54 11.28 22.99
CA LEU D 206 39.70 12.47 23.11
C LEU D 206 38.22 12.23 22.79
N ARG D 207 37.92 11.14 22.08
CA ARG D 207 36.55 10.79 21.84
C ARG D 207 36.00 9.96 22.98
N ARG D 208 36.83 9.09 23.54
CA ARG D 208 36.40 8.26 24.65
C ARG D 208 36.27 9.08 25.93
N ALA D 209 36.81 10.29 25.94
CA ALA D 209 36.70 11.22 27.07
C ALA D 209 35.33 11.90 27.14
N ARG D 210 34.46 11.61 26.16
CA ARG D 210 33.09 12.18 26.07
C ARG D 210 32.03 11.19 26.57
N SER D 211 30.99 11.73 27.23
CA SER D 211 29.89 10.89 27.79
C SER D 211 29.46 9.72 26.88
N ALA D 212 29.67 8.49 27.36
CA ALA D 212 29.24 7.30 26.61
C ALA D 212 27.71 7.19 26.48
N THR D 213 26.99 7.78 27.44
CA THR D 213 25.55 7.60 27.54
C THR D 213 24.78 8.52 26.61
N HIS D 214 25.45 9.52 26.04
CA HIS D 214 24.78 10.55 25.24
C HIS D 214 25.30 10.72 23.80
N SER D 215 26.28 9.95 23.36
CA SER D 215 26.71 10.07 21.94
C SER D 215 27.10 8.79 21.26
N GLN D 216 27.05 8.86 19.94
CA GLN D 216 27.77 7.94 19.06
C GLN D 216 29.22 8.41 19.00
N ILE D 217 30.14 7.53 19.37
CA ILE D 217 31.55 7.85 19.59
C ILE D 217 32.44 6.94 18.71
N PRO D 218 33.02 7.51 17.63
CA PRO D 218 33.92 6.70 16.78
C PRO D 218 35.20 6.35 17.50
N THR D 219 35.67 5.12 17.37
CA THR D 219 36.86 4.66 18.07
C THR D 219 37.64 3.73 17.14
N LYS D 220 38.96 3.62 17.35
CA LYS D 220 39.76 2.71 16.55
C LYS D 220 39.69 1.29 17.06
N THR D 221 39.61 0.32 16.15
CA THR D 221 39.77 -1.09 16.53
C THR D 221 40.62 -1.84 15.49
N GLY D 222 41.55 -2.67 15.97
CA GLY D 222 42.38 -3.50 15.08
C GLY D 222 41.74 -4.80 14.63
N ALA D 223 40.49 -5.02 15.04
CA ALA D 223 39.82 -6.32 14.86
C ALA D 223 39.63 -6.75 13.42
N ALA D 224 39.54 -5.81 12.50
CA ALA D 224 39.37 -6.16 11.08
C ALA D 224 40.70 -6.60 10.48
N ALA D 225 41.79 -5.92 10.83
CA ALA D 225 43.13 -6.28 10.38
C ALA D 225 43.54 -7.63 10.98
N ALA D 226 43.23 -7.84 12.25
CA ALA D 226 43.62 -9.05 12.98
C ALA D 226 42.92 -10.35 12.52
N VAL D 227 41.96 -10.24 11.60
CA VAL D 227 41.39 -11.42 10.94
C VAL D 227 42.48 -12.11 10.10
N GLY D 228 43.41 -11.33 9.58
CA GLY D 228 44.60 -11.87 8.92
C GLY D 228 45.26 -12.97 9.74
N LEU D 229 45.46 -12.71 11.03
CA LEU D 229 46.16 -13.65 11.92
C LEU D 229 45.45 -15.00 12.14
N VAL D 230 44.14 -15.06 11.93
CA VAL D 230 43.37 -16.31 12.05
C VAL D 230 43.01 -16.91 10.69
N LEU D 231 42.79 -16.05 9.70
CA LEU D 231 42.59 -16.46 8.32
C LEU D 231 43.65 -15.74 7.43
N PRO D 232 44.85 -16.37 7.25
CA PRO D 232 45.99 -15.80 6.49
C PRO D 232 45.65 -15.35 5.08
N GLU D 233 44.75 -16.07 4.43
CA GLU D 233 44.30 -15.72 3.08
C GLU D 233 43.57 -14.37 3.00
N LEU D 234 43.22 -13.80 4.16
CA LEU D 234 42.64 -12.46 4.24
C LEU D 234 43.58 -11.48 4.95
N ASN D 235 44.88 -11.73 4.90
CA ASN D 235 45.83 -10.70 5.34
C ASN D 235 45.66 -9.51 4.42
N GLY D 236 45.60 -8.31 5.03
CA GLY D 236 45.56 -7.06 4.28
C GLY D 236 44.29 -6.76 3.51
N LYS D 237 43.28 -7.63 3.59
CA LYS D 237 42.04 -7.47 2.82
C LYS D 237 40.88 -6.84 3.59
N LEU D 238 41.04 -6.67 4.90
CA LEU D 238 39.96 -6.15 5.74
C LEU D 238 40.48 -5.04 6.63
N ASP D 239 39.73 -3.92 6.68
CA ASP D 239 40.00 -2.85 7.63
C ASP D 239 38.69 -2.33 8.28
N GLY D 240 38.82 -1.38 9.20
CA GLY D 240 37.64 -0.85 9.88
C GLY D 240 37.83 -0.18 11.21
N TYR D 241 36.69 0.20 11.80
CA TYR D 241 36.63 0.87 13.10
C TYR D 241 35.29 0.62 13.81
N ALA D 242 35.16 1.22 15.00
CA ALA D 242 33.97 1.07 15.83
C ALA D 242 33.24 2.41 16.00
N ILE D 243 31.93 2.33 16.14
CA ILE D 243 31.15 3.42 16.68
C ILE D 243 30.53 2.93 17.97
N ARG D 244 30.99 3.48 19.08
CA ARG D 244 30.43 3.23 20.41
C ARG D 244 29.08 3.96 20.58
N VAL D 245 28.06 3.23 21.05
CA VAL D 245 26.72 3.79 21.22
C VAL D 245 26.20 3.58 22.65
N PRO D 246 25.07 4.21 23.03
CA PRO D 246 24.66 4.11 24.43
C PRO D 246 23.80 2.87 24.72
N THR D 247 24.40 1.70 24.60
CA THR D 247 23.82 0.46 25.09
C THR D 247 24.83 -0.14 26.04
N ILE D 248 24.33 -0.81 27.06
CA ILE D 248 25.20 -1.41 28.07
C ILE D 248 25.88 -2.67 27.53
N ASN D 249 25.22 -3.36 26.61
CA ASN D 249 25.77 -4.62 26.08
C ASN D 249 25.17 -5.01 24.76
N VAL D 250 25.93 -5.79 24.02
CA VAL D 250 25.55 -6.35 22.70
C VAL D 250 25.94 -5.39 21.59
N SER D 251 26.47 -5.97 20.51
CA SER D 251 27.13 -5.21 19.47
C SER D 251 26.86 -5.84 18.14
N ILE D 252 27.02 -5.08 17.07
CA ILE D 252 26.83 -5.61 15.71
C ILE D 252 28.04 -5.31 14.84
N VAL D 253 28.44 -6.29 14.06
CA VAL D 253 29.45 -6.14 13.03
C VAL D 253 28.71 -5.92 11.73
N ASP D 254 29.04 -4.82 11.05
CA ASP D 254 28.46 -4.45 9.74
C ASP D 254 29.61 -4.51 8.72
N LEU D 255 29.52 -5.43 7.76
CA LEU D 255 30.61 -5.66 6.79
C LEU D 255 30.19 -5.39 5.36
N SER D 256 30.95 -4.52 4.70
CA SER D 256 30.83 -4.28 3.29
C SER D 256 32.07 -4.85 2.62
N PHE D 257 31.85 -5.67 1.59
CA PHE D 257 32.96 -6.23 0.83
C PHE D 257 32.63 -6.37 -0.67
N ILE D 258 33.68 -6.35 -1.47
CA ILE D 258 33.59 -6.56 -2.93
C ILE D 258 33.75 -8.04 -3.18
N ALA D 259 32.78 -8.65 -3.84
CA ALA D 259 32.80 -10.08 -4.10
C ALA D 259 33.56 -10.37 -5.40
N LYS D 260 34.38 -11.41 -5.39
CA LYS D 260 35.15 -11.83 -6.59
C LYS D 260 34.23 -12.28 -7.76
N ARG D 261 33.02 -12.75 -7.47
CA ARG D 261 32.08 -13.15 -8.53
C ARG D 261 30.69 -12.56 -8.27
N ASP D 262 29.75 -12.83 -9.17
CA ASP D 262 28.38 -12.32 -9.04
C ASP D 262 27.57 -13.13 -8.03
N THR D 263 26.63 -12.46 -7.35
CA THR D 263 25.85 -13.13 -6.32
C THR D 263 24.51 -12.45 -5.99
N THR D 264 23.78 -13.06 -5.05
CA THR D 264 22.52 -12.53 -4.53
C THR D 264 22.50 -12.54 -2.99
N ALA D 265 21.55 -11.80 -2.42
CA ALA D 265 21.31 -11.84 -0.98
C ALA D 265 20.91 -13.27 -0.54
N ALA D 266 19.94 -13.86 -1.22
CA ALA D 266 19.45 -15.22 -0.90
C ALA D 266 20.56 -16.27 -0.93
N GLU D 267 21.58 -16.08 -1.77
CA GLU D 267 22.71 -17.00 -1.84
C GLU D 267 23.68 -16.78 -0.68
N VAL D 268 24.05 -15.53 -0.45
CA VAL D 268 24.82 -15.17 0.73
C VAL D 268 24.19 -15.78 1.98
N ASN D 269 22.86 -15.66 2.07
CA ASN D 269 22.12 -16.16 3.23
C ASN D 269 22.21 -17.68 3.32
N ALA D 270 21.83 -18.36 2.24
CA ALA D 270 21.98 -19.82 2.14
C ALA D 270 23.37 -20.33 2.59
N ILE D 271 24.43 -19.70 2.09
CA ILE D 271 25.80 -20.08 2.45
C ILE D 271 26.04 -19.96 3.95
N MET D 272 25.40 -18.99 4.58
CA MET D 272 25.60 -18.73 6.00
C MET D 272 24.79 -19.70 6.84
N LYS D 273 23.55 -19.96 6.43
CA LYS D 273 22.73 -20.96 7.10
C LYS D 273 23.47 -22.28 7.14
N GLU D 274 23.88 -22.77 5.98
CA GLU D 274 24.69 -23.99 5.86
C GLU D 274 25.87 -23.98 6.83
N ALA D 275 26.62 -22.88 6.86
CA ALA D 275 27.80 -22.82 7.70
C ALA D 275 27.45 -22.82 9.20
N SER D 276 26.26 -22.32 9.55
CA SER D 276 25.80 -22.35 10.95
C SER D 276 25.36 -23.75 11.37
N GLU D 277 24.84 -24.54 10.43
CA GLU D 277 24.49 -25.94 10.66
C GLU D 277 25.67 -26.93 10.40
N GLY D 278 26.88 -26.42 10.18
CA GLY D 278 28.03 -27.25 9.79
C GLY D 278 29.24 -27.12 10.71
N ALA D 279 30.39 -26.81 10.15
CA ALA D 279 31.65 -26.74 10.90
C ALA D 279 31.55 -25.82 12.10
N LEU D 280 30.99 -24.63 11.87
CA LEU D 280 30.92 -23.59 12.92
C LEU D 280 29.64 -23.66 13.77
N LYS D 281 28.90 -24.76 13.68
CA LYS D 281 27.69 -24.95 14.50
C LYS D 281 27.94 -24.60 15.97
N GLY D 282 26.97 -23.92 16.58
CA GLY D 282 27.12 -23.40 17.94
C GLY D 282 27.88 -22.09 18.04
N ILE D 283 28.97 -21.96 17.29
CA ILE D 283 29.80 -20.75 17.27
C ILE D 283 29.16 -19.62 16.46
N LEU D 284 28.60 -19.98 15.30
CA LEU D 284 27.93 -19.05 14.40
C LEU D 284 26.45 -19.35 14.35
N GLY D 285 25.61 -18.34 14.65
CA GLY D 285 24.15 -18.49 14.60
C GLY D 285 23.54 -17.93 13.34
N TYR D 286 22.27 -18.24 13.09
CA TYR D 286 21.57 -17.75 11.91
C TYR D 286 20.20 -17.21 12.29
N ASN D 287 19.98 -15.92 12.05
CA ASN D 287 18.70 -15.27 12.38
C ASN D 287 17.89 -14.85 11.15
N GLU D 288 16.61 -15.27 11.11
CA GLU D 288 15.66 -14.77 10.14
C GLU D 288 14.50 -14.00 10.80
N ALA D 289 14.52 -13.91 12.13
CA ALA D 289 13.42 -13.30 12.90
C ALA D 289 13.63 -11.76 13.08
N PRO D 290 12.54 -11.01 13.27
CA PRO D 290 12.69 -9.56 13.31
C PRO D 290 13.13 -9.05 14.69
N LEU D 291 14.40 -9.27 15.05
CA LEU D 291 14.87 -9.05 16.41
C LEU D 291 15.73 -7.79 16.57
N VAL D 292 15.92 -7.36 17.81
CA VAL D 292 16.74 -6.18 18.09
C VAL D 292 17.88 -6.57 19.01
N SER D 293 18.81 -5.66 19.22
CA SER D 293 20.05 -6.06 19.88
C SER D 293 19.81 -6.79 21.20
N ILE D 294 18.82 -6.36 21.97
CA ILE D 294 18.67 -6.92 23.33
C ILE D 294 18.26 -8.39 23.31
N ASP D 295 17.72 -8.84 22.18
CA ASP D 295 17.37 -10.24 21.98
C ASP D 295 18.59 -11.16 21.93
N PHE D 296 19.77 -10.58 21.70
CA PHE D 296 20.99 -11.39 21.60
C PHE D 296 21.80 -11.29 22.86
N ASN D 297 21.24 -10.61 23.87
CA ASN D 297 21.88 -10.53 25.17
C ASN D 297 21.87 -11.88 25.86
N HIS D 298 23.04 -12.37 26.25
CA HIS D 298 23.20 -13.69 26.88
C HIS D 298 23.13 -14.85 25.87
N ASN D 299 23.28 -14.52 24.59
CA ASN D 299 23.45 -15.52 23.55
C ASN D 299 24.94 -15.87 23.46
N PRO D 300 25.31 -17.16 23.69
CA PRO D 300 26.71 -17.58 23.76
C PRO D 300 27.44 -17.66 22.38
N ALA D 301 26.73 -17.47 21.27
CA ALA D 301 27.39 -17.44 19.96
C ALA D 301 28.45 -16.36 19.95
N SER D 302 29.50 -16.57 19.16
CA SER D 302 30.53 -15.57 18.89
C SER D 302 30.01 -14.59 17.82
N SER D 303 29.10 -15.07 17.00
CA SER D 303 28.63 -14.34 15.85
C SER D 303 27.27 -14.93 15.48
N THR D 304 26.22 -14.11 15.42
CA THR D 304 24.92 -14.57 14.93
C THR D 304 24.56 -13.71 13.73
N PHE D 305 24.68 -14.31 12.55
CA PHE D 305 24.50 -13.61 11.28
C PHE D 305 23.05 -13.29 11.12
N ASP D 306 22.74 -12.15 10.53
CA ASP D 306 21.34 -11.72 10.42
C ASP D 306 20.89 -11.60 8.96
N ALA D 307 20.23 -12.67 8.49
CA ALA D 307 19.79 -12.79 7.10
C ALA D 307 18.85 -11.67 6.70
N THR D 308 18.14 -11.09 7.65
CA THR D 308 17.22 -9.98 7.35
C THR D 308 17.96 -8.73 6.86
N LEU D 309 19.23 -8.57 7.21
CA LEU D 309 19.95 -7.33 6.92
C LEU D 309 20.85 -7.40 5.68
N THR D 310 20.78 -8.48 4.91
CA THR D 310 21.73 -8.68 3.83
C THR D 310 21.34 -7.80 2.63
N LYS D 311 22.32 -7.11 2.06
CA LYS D 311 22.10 -6.32 0.85
C LYS D 311 23.23 -6.61 -0.16
N VAL D 312 22.85 -6.91 -1.41
CA VAL D 312 23.83 -7.07 -2.49
C VAL D 312 23.47 -6.14 -3.62
N SER D 313 24.41 -5.30 -4.01
CA SER D 313 24.23 -4.36 -5.12
C SER D 313 25.42 -4.47 -6.10
N GLY D 314 25.17 -5.13 -7.23
CA GLY D 314 26.25 -5.52 -8.14
C GLY D 314 27.25 -6.43 -7.44
N ARG D 315 28.49 -5.98 -7.30
CA ARG D 315 29.54 -6.77 -6.67
C ARG D 315 29.82 -6.34 -5.23
N LEU D 316 29.08 -5.34 -4.75
CA LEU D 316 29.22 -4.87 -3.38
C LEU D 316 28.22 -5.65 -2.53
N VAL D 317 28.69 -6.21 -1.42
CA VAL D 317 27.84 -7.00 -0.53
C VAL D 317 27.93 -6.46 0.88
N LYS D 318 26.79 -6.30 1.53
CA LYS D 318 26.72 -5.89 2.95
C LYS D 318 26.06 -7.00 3.74
N VAL D 319 26.79 -7.54 4.70
CA VAL D 319 26.29 -8.52 5.65
C VAL D 319 26.60 -8.04 7.06
N SER D 320 25.77 -8.46 8.03
CA SER D 320 25.99 -8.06 9.42
C SER D 320 25.72 -9.22 10.38
N SER D 321 26.46 -9.26 11.47
CA SER D 321 26.29 -10.27 12.51
C SER D 321 26.23 -9.64 13.92
N TRP D 322 25.34 -10.13 14.78
CA TRP D 322 25.21 -9.65 16.16
C TRP D 322 26.08 -10.42 17.14
N TYR D 323 26.66 -9.74 18.11
CA TYR D 323 27.40 -10.44 19.12
C TYR D 323 27.28 -9.82 20.53
N ASP D 324 27.04 -10.68 21.52
CA ASP D 324 27.09 -10.25 22.91
C ASP D 324 28.56 -10.12 23.23
N ASN D 325 29.11 -8.92 23.07
CA ASN D 325 30.55 -8.69 23.28
C ASN D 325 31.15 -9.25 24.57
N GLU D 326 30.33 -9.52 25.59
CA GLU D 326 30.84 -10.10 26.83
C GLU D 326 30.63 -11.60 26.89
N TRP D 327 29.47 -12.06 26.47
CA TRP D 327 29.05 -13.41 26.78
C TRP D 327 29.65 -14.41 25.82
N GLY D 328 29.56 -14.14 24.52
CA GLY D 328 30.12 -15.03 23.50
C GLY D 328 31.60 -15.29 23.71
N PHE D 329 32.34 -14.20 23.84
CA PHE D 329 33.77 -14.24 24.07
C PHE D 329 34.11 -15.09 25.31
N SER D 330 33.40 -14.87 26.41
CA SER D 330 33.60 -15.63 27.65
C SER D 330 33.35 -17.13 27.49
N ASN D 331 32.40 -17.52 26.64
CA ASN D 331 32.17 -18.93 26.33
C ASN D 331 33.23 -19.53 25.39
N ARG D 332 33.88 -18.68 24.59
CA ARG D 332 34.96 -19.13 23.74
C ARG D 332 36.23 -19.37 24.57
N MET D 333 36.47 -18.51 25.55
CA MET D 333 37.62 -18.68 26.45
C MET D 333 37.64 -20.10 27.06
N LEU D 334 36.47 -20.62 27.41
CA LEU D 334 36.35 -21.96 27.96
C LEU D 334 36.64 -22.99 26.89
N ASP D 335 36.04 -22.81 25.72
CA ASP D 335 36.30 -23.69 24.59
C ASP D 335 37.80 -23.72 24.29
N THR D 336 38.40 -22.53 24.27
CA THR D 336 39.82 -22.38 23.94
C THR D 336 40.70 -23.08 24.97
N ALA D 337 40.41 -22.90 26.25
CA ALA D 337 41.22 -23.50 27.32
C ALA D 337 41.28 -25.02 27.24
N ILE D 338 40.17 -25.65 26.85
CA ILE D 338 40.17 -27.07 26.51
C ILE D 338 41.15 -27.33 25.37
N ALA D 339 40.83 -26.86 24.15
CA ALA D 339 41.64 -27.13 22.95
C ALA D 339 43.12 -26.80 23.11
N LEU D 340 43.43 -25.82 23.97
CA LEU D 340 44.80 -25.49 24.33
C LEU D 340 45.50 -26.68 24.97
N ALA D 341 44.91 -27.20 26.06
CA ALA D 341 45.50 -28.28 26.84
C ALA D 341 45.65 -29.58 26.06
N ASN D 342 44.59 -29.94 25.33
CA ASN D 342 44.49 -31.24 24.67
C ASN D 342 45.03 -31.27 23.23
N ALA D 343 46.11 -30.54 22.98
CA ALA D 343 46.78 -30.53 21.67
C ALA D 343 48.12 -31.26 21.80
N LYS D 344 48.17 -32.50 21.34
CA LYS D 344 49.37 -33.36 21.46
C LYS D 344 49.90 -33.44 22.91
N THR E 10 -31.26 12.33 11.37
CA THR E 10 -30.62 11.20 10.62
C THR E 10 -31.58 10.00 10.54
N ILE E 11 -31.35 9.12 9.58
CA ILE E 11 -32.19 7.95 9.32
C ILE E 11 -31.33 6.71 9.07
N ARG E 12 -31.81 5.54 9.50
CA ARG E 12 -31.03 4.29 9.41
C ARG E 12 -31.56 3.35 8.34
N VAL E 13 -30.72 3.09 7.33
CA VAL E 13 -31.12 2.30 6.15
C VAL E 13 -30.28 1.03 6.02
N ALA E 14 -30.93 -0.05 5.58
CA ALA E 14 -30.25 -1.29 5.22
C ALA E 14 -30.64 -1.67 3.80
N ILE E 15 -29.80 -2.48 3.15
CA ILE E 15 -30.01 -2.85 1.74
C ILE E 15 -30.10 -4.36 1.60
N ASN E 16 -31.28 -4.86 1.27
CA ASN E 16 -31.44 -6.29 0.97
C ASN E 16 -31.25 -6.51 -0.50
N GLY E 17 -30.34 -7.42 -0.84
CA GLY E 17 -30.01 -7.71 -2.22
C GLY E 17 -28.96 -6.74 -2.70
N TYR E 18 -27.69 -7.17 -2.66
CA TYR E 18 -26.54 -6.30 -2.92
C TYR E 18 -25.96 -6.68 -4.27
N GLY E 19 -26.82 -6.63 -5.28
CA GLY E 19 -26.40 -6.71 -6.67
C GLY E 19 -26.41 -5.31 -7.20
N ARG E 20 -26.54 -5.17 -8.51
CA ARG E 20 -26.29 -3.89 -9.16
C ARG E 20 -26.98 -2.70 -8.47
N ILE E 21 -28.30 -2.62 -8.56
CA ILE E 21 -29.01 -1.47 -7.99
C ILE E 21 -28.67 -1.31 -6.49
N GLY E 22 -28.50 -2.42 -5.80
CA GLY E 22 -28.06 -2.39 -4.40
C GLY E 22 -26.72 -1.69 -4.22
N ARG E 23 -25.69 -2.14 -4.94
CA ARG E 23 -24.34 -1.60 -4.81
C ARG E 23 -24.28 -0.18 -5.31
N ASN E 24 -25.05 0.11 -6.36
CA ASN E 24 -25.05 1.43 -6.96
C ASN E 24 -25.74 2.49 -6.09
N THR E 25 -26.78 2.08 -5.36
CA THR E 25 -27.44 2.94 -4.39
C THR E 25 -26.44 3.27 -3.31
N LEU E 26 -25.71 2.27 -2.86
CA LEU E 26 -24.66 2.52 -1.89
C LEU E 26 -23.65 3.49 -2.50
N ARG E 27 -23.14 3.17 -3.67
CA ARG E 27 -22.11 4.00 -4.29
C ARG E 27 -22.59 5.43 -4.52
N ALA E 28 -23.87 5.56 -4.90
CA ALA E 28 -24.48 6.87 -5.16
C ALA E 28 -24.50 7.71 -3.90
N PHE E 29 -24.82 7.06 -2.78
CA PHE E 29 -24.89 7.73 -1.51
C PHE E 29 -23.54 8.36 -1.18
N TYR E 30 -22.48 7.56 -1.21
CA TYR E 30 -21.14 8.08 -0.94
C TYR E 30 -20.65 9.12 -1.97
N GLU E 31 -20.93 8.91 -3.25
CA GLU E 31 -20.43 9.83 -4.30
C GLU E 31 -21.08 11.23 -4.31
N ASN E 32 -22.28 11.35 -3.73
CA ASN E 32 -22.92 12.64 -3.51
C ASN E 32 -22.54 13.25 -2.13
N GLY E 33 -21.39 12.81 -1.59
CA GLY E 33 -20.86 13.31 -0.33
C GLY E 33 -21.74 13.05 0.90
N LYS E 34 -22.61 12.04 0.83
CA LYS E 34 -23.58 11.78 1.90
C LYS E 34 -24.38 13.04 2.25
N LYS E 35 -24.87 13.72 1.22
CA LYS E 35 -25.75 14.86 1.40
C LYS E 35 -27.05 14.47 2.10
N HIS E 36 -27.51 13.24 1.86
CA HIS E 36 -28.75 12.77 2.45
C HIS E 36 -28.59 12.56 3.96
N ASP E 37 -29.68 12.78 4.70
CA ASP E 37 -29.74 12.53 6.16
C ASP E 37 -29.95 11.05 6.41
N LEU E 38 -28.90 10.27 6.21
CA LEU E 38 -29.03 8.82 6.22
C LEU E 38 -27.69 8.16 6.55
N GLU E 39 -27.77 6.94 7.06
CA GLU E 39 -26.60 6.12 7.28
C GLU E 39 -26.97 4.71 6.84
N ILE E 40 -26.15 4.11 5.99
CA ILE E 40 -26.36 2.73 5.58
C ILE E 40 -25.72 1.91 6.66
N VAL E 41 -26.48 0.98 7.26
CA VAL E 41 -26.01 0.27 8.45
C VAL E 41 -25.89 -1.24 8.24
N ALA E 42 -26.42 -1.78 7.15
CA ALA E 42 -26.37 -3.21 6.94
C ALA E 42 -26.66 -3.62 5.50
N ILE E 43 -26.13 -4.76 5.09
CA ILE E 43 -26.50 -5.37 3.82
C ILE E 43 -26.83 -6.85 4.03
N ASN E 44 -28.13 -7.18 4.04
CA ASN E 44 -28.55 -8.59 4.00
C ASN E 44 -28.27 -9.06 2.59
N ASP E 45 -27.79 -10.28 2.43
CA ASP E 45 -27.41 -10.80 1.12
C ASP E 45 -26.72 -12.16 1.23
N LEU E 46 -26.90 -12.96 0.19
CA LEU E 46 -26.18 -14.22 0.04
C LEU E 46 -25.06 -14.09 -1.05
N GLY E 47 -23.86 -14.54 -0.69
CA GLY E 47 -22.61 -14.13 -1.32
C GLY E 47 -21.73 -13.53 -0.23
N ASP E 48 -20.43 -13.85 -0.22
CA ASP E 48 -19.57 -13.52 0.94
C ASP E 48 -19.05 -12.08 0.95
N ALA E 49 -18.37 -11.72 2.03
CA ALA E 49 -17.99 -10.34 2.27
C ALA E 49 -16.88 -9.83 1.35
N LYS E 50 -15.89 -10.69 1.06
CA LYS E 50 -14.80 -10.30 0.12
C LYS E 50 -15.40 -9.93 -1.23
N THR E 51 -16.25 -10.82 -1.74
CA THR E 51 -16.92 -10.63 -3.02
C THR E 51 -17.66 -9.29 -3.08
N ASN E 52 -18.59 -9.07 -2.15
CA ASN E 52 -19.39 -7.85 -2.16
C ASN E 52 -18.49 -6.61 -2.03
N ALA E 53 -17.33 -6.76 -1.39
CA ALA E 53 -16.37 -5.67 -1.28
C ALA E 53 -15.65 -5.44 -2.62
N HIS E 54 -15.19 -6.51 -3.24
CA HIS E 54 -14.52 -6.42 -4.55
C HIS E 54 -15.42 -5.74 -5.61
N LEU E 55 -16.67 -6.15 -5.68
CA LEU E 55 -17.63 -5.60 -6.62
C LEU E 55 -18.09 -4.20 -6.25
N THR E 56 -17.90 -3.80 -4.99
CA THR E 56 -18.13 -2.41 -4.60
C THR E 56 -16.97 -1.56 -5.07
N GLN E 57 -15.75 -2.08 -4.98
CA GLN E 57 -14.55 -1.34 -5.38
C GLN E 57 -14.40 -1.24 -6.90
N TYR E 58 -14.61 -2.33 -7.62
CA TYR E 58 -14.45 -2.32 -9.09
C TYR E 58 -15.76 -2.57 -9.85
N ASP E 59 -15.93 -1.88 -10.98
CA ASP E 59 -17.11 -2.06 -11.84
C ASP E 59 -16.81 -1.66 -13.28
N THR E 60 -17.24 -2.48 -14.22
CA THR E 60 -17.04 -2.20 -15.63
C THR E 60 -17.78 -0.93 -16.09
N ALA E 61 -19.07 -0.82 -15.79
CA ALA E 61 -19.88 0.29 -16.33
C ALA E 61 -19.54 1.61 -15.66
N HIS E 62 -19.37 1.58 -14.35
CA HIS E 62 -19.23 2.81 -13.59
C HIS E 62 -17.81 3.14 -13.22
N GLY E 63 -16.89 2.21 -13.49
CA GLY E 63 -15.50 2.44 -13.19
C GLY E 63 -15.24 2.15 -11.74
N LYS E 64 -14.02 2.41 -11.32
CA LYS E 64 -13.62 2.14 -9.95
C LYS E 64 -14.24 3.17 -9.00
N PHE E 65 -14.62 2.69 -7.82
CA PHE E 65 -15.21 3.49 -6.77
C PHE E 65 -14.16 4.42 -6.21
N PRO E 66 -14.39 5.75 -6.23
CA PRO E 66 -13.41 6.71 -5.75
C PRO E 66 -13.54 6.89 -4.25
N GLY E 67 -12.92 5.98 -3.50
CA GLY E 67 -12.99 5.92 -2.06
C GLY E 67 -12.45 4.57 -1.60
N GLU E 68 -12.23 4.41 -0.30
CA GLU E 68 -11.62 3.16 0.22
C GLU E 68 -12.71 2.17 0.60
N VAL E 69 -12.51 0.92 0.21
CA VAL E 69 -13.37 -0.19 0.63
C VAL E 69 -12.51 -1.30 1.21
N SER E 70 -13.03 -2.01 2.22
CA SER E 70 -12.30 -3.11 2.86
C SER E 70 -13.23 -3.93 3.72
N VAL E 71 -12.80 -5.12 4.11
CA VAL E 71 -13.56 -6.01 4.99
C VAL E 71 -12.94 -6.05 6.38
N ASP E 72 -13.76 -6.21 7.40
CA ASP E 72 -13.26 -6.42 8.77
C ASP E 72 -14.10 -7.47 9.47
N GLY E 73 -14.07 -8.68 8.91
CA GLY E 73 -14.84 -9.82 9.42
C GLY E 73 -16.28 -9.82 8.93
N ASP E 74 -17.21 -9.52 9.83
CA ASP E 74 -18.64 -9.40 9.51
C ASP E 74 -19.02 -7.95 9.19
N TYR E 75 -18.14 -7.23 8.49
CA TYR E 75 -18.38 -5.83 8.19
C TYR E 75 -17.73 -5.40 6.88
N LEU E 76 -18.48 -4.64 6.09
CA LEU E 76 -17.94 -3.90 4.95
C LEU E 76 -17.58 -2.51 5.48
N VAL E 77 -16.35 -2.07 5.21
CA VAL E 77 -15.92 -0.75 5.65
C VAL E 77 -15.76 0.18 4.44
N VAL E 78 -16.53 1.26 4.40
CA VAL E 78 -16.55 2.16 3.24
C VAL E 78 -16.32 3.59 3.68
N ASN E 79 -15.17 4.16 3.33
CA ASN E 79 -14.81 5.51 3.79
C ASN E 79 -14.97 5.66 5.32
N GLY E 80 -14.48 4.65 6.05
CA GLY E 80 -14.55 4.67 7.52
C GLY E 80 -15.77 4.00 8.13
N ASP E 81 -16.92 4.13 7.48
CA ASP E 81 -18.19 3.63 8.01
C ASP E 81 -18.26 2.10 8.05
N ARG E 82 -18.62 1.54 9.20
CA ARG E 82 -18.72 0.09 9.38
C ARG E 82 -20.12 -0.47 9.07
N ILE E 83 -20.27 -1.03 7.88
CA ILE E 83 -21.54 -1.56 7.39
C ILE E 83 -21.62 -3.06 7.59
N ARG E 84 -22.65 -3.50 8.30
CA ARG E 84 -22.77 -4.90 8.69
C ARG E 84 -23.21 -5.79 7.52
N VAL E 85 -22.43 -6.83 7.22
CA VAL E 85 -22.82 -7.83 6.23
C VAL E 85 -23.71 -8.87 6.93
N LEU E 86 -24.62 -9.48 6.17
CA LEU E 86 -25.58 -10.45 6.74
C LEU E 86 -25.97 -11.54 5.74
N ALA E 87 -26.79 -12.50 6.18
CA ALA E 87 -27.29 -13.59 5.33
C ALA E 87 -28.30 -14.53 6.02
N ASN E 88 -29.59 -14.28 5.81
CA ASN E 88 -30.69 -15.15 6.29
C ASN E 88 -31.95 -14.94 5.42
N ARG E 89 -32.34 -15.99 4.68
CA ARG E 89 -33.49 -15.94 3.76
C ARG E 89 -34.73 -15.24 4.32
N ASN E 90 -35.02 -15.50 5.59
CA ASN E 90 -36.18 -14.94 6.30
C ASN E 90 -35.88 -13.65 7.08
N PRO E 91 -36.33 -12.50 6.54
CA PRO E 91 -36.13 -11.21 7.22
C PRO E 91 -37.04 -10.97 8.43
N ALA E 92 -37.97 -11.88 8.70
CA ALA E 92 -38.83 -11.79 9.89
C ALA E 92 -38.04 -12.08 11.17
N GLU E 93 -36.97 -12.88 11.06
CA GLU E 93 -36.11 -13.20 12.21
C GLU E 93 -34.77 -12.46 12.17
N LEU E 94 -34.63 -11.52 11.22
CA LEU E 94 -33.41 -10.73 11.07
C LEU E 94 -33.26 -9.66 12.16
N PRO E 95 -32.04 -9.11 12.32
CA PRO E 95 -31.77 -8.12 13.35
C PRO E 95 -32.32 -6.72 13.08
N TRP E 96 -32.97 -6.50 11.93
CA TRP E 96 -33.48 -5.17 11.58
C TRP E 96 -33.95 -4.42 12.82
N GLY E 97 -34.51 -5.16 13.78
CA GLY E 97 -34.98 -4.60 15.05
C GLY E 97 -33.90 -3.92 15.90
N GLU E 98 -32.88 -4.69 16.30
CA GLU E 98 -31.79 -4.15 17.13
C GLU E 98 -31.00 -3.04 16.42
N LEU E 99 -30.83 -3.19 15.11
CA LEU E 99 -30.09 -2.23 14.28
C LEU E 99 -30.83 -0.91 14.07
N GLY E 100 -32.11 -0.86 14.47
CA GLY E 100 -32.90 0.35 14.34
C GLY E 100 -33.18 0.66 12.87
N VAL E 101 -33.40 -0.38 12.08
CA VAL E 101 -33.57 -0.24 10.64
C VAL E 101 -34.90 0.43 10.30
N ASP E 102 -34.84 1.73 10.02
CA ASP E 102 -36.00 2.48 9.53
C ASP E 102 -36.45 1.95 8.16
N VAL E 103 -35.75 2.36 7.09
CA VAL E 103 -36.07 1.92 5.73
C VAL E 103 -35.22 0.73 5.32
N VAL E 104 -35.85 -0.29 4.76
CA VAL E 104 -35.13 -1.33 4.05
C VAL E 104 -35.33 -1.01 2.58
N MET E 105 -34.27 -1.18 1.79
CA MET E 105 -34.35 -1.05 0.34
C MET E 105 -34.24 -2.44 -0.30
N GLU E 106 -35.36 -2.91 -0.84
CA GLU E 106 -35.49 -4.28 -1.33
C GLU E 106 -35.14 -4.35 -2.81
N CYS E 107 -33.99 -4.93 -3.13
CA CYS E 107 -33.46 -4.89 -4.50
C CYS E 107 -33.06 -6.24 -5.08
N THR E 108 -33.67 -7.32 -4.58
CA THR E 108 -33.30 -8.69 -4.98
C THR E 108 -33.71 -9.08 -6.40
N GLY E 109 -34.97 -8.79 -6.73
CA GLY E 109 -35.53 -9.14 -8.03
C GLY E 109 -36.63 -10.20 -7.99
N PHE E 110 -37.08 -10.56 -6.79
CA PHE E 110 -38.26 -11.45 -6.63
C PHE E 110 -38.89 -11.43 -5.23
N PHE E 111 -38.99 -10.23 -4.65
CA PHE E 111 -39.91 -9.97 -3.53
C PHE E 111 -40.57 -8.62 -3.79
N THR E 112 -41.23 -8.53 -4.95
CA THR E 112 -41.73 -7.25 -5.49
C THR E 112 -43.10 -6.86 -4.96
N SER E 113 -43.94 -7.85 -4.62
CA SER E 113 -45.25 -7.58 -4.00
C SER E 113 -45.09 -7.27 -2.51
N LYS E 114 -46.14 -6.73 -1.89
CA LYS E 114 -46.14 -6.49 -0.45
C LYS E 114 -46.31 -7.77 0.34
N GLU E 115 -46.93 -8.79 -0.28
CA GLU E 115 -46.99 -10.12 0.32
C GLU E 115 -45.58 -10.59 0.63
N LYS E 116 -44.80 -10.79 -0.43
CA LYS E 116 -43.45 -11.34 -0.32
C LYS E 116 -42.46 -10.43 0.42
N ALA E 117 -42.72 -9.12 0.43
CA ALA E 117 -41.80 -8.13 1.00
C ALA E 117 -42.31 -7.50 2.29
N SER E 118 -43.08 -8.26 3.06
CA SER E 118 -43.48 -7.81 4.41
C SER E 118 -42.73 -8.56 5.53
N ALA E 119 -41.85 -9.49 5.16
CA ALA E 119 -40.97 -10.17 6.12
C ALA E 119 -40.18 -9.15 6.93
N HIS E 120 -39.48 -8.25 6.23
CA HIS E 120 -38.71 -7.15 6.84
C HIS E 120 -39.51 -6.40 7.90
N LEU E 121 -40.81 -6.29 7.66
CA LEU E 121 -41.72 -5.42 8.43
C LEU E 121 -41.96 -5.93 9.85
N LYS E 122 -42.41 -7.18 9.97
CA LYS E 122 -42.59 -7.82 11.27
C LYS E 122 -41.22 -8.19 11.87
N GLY E 123 -40.21 -8.29 11.00
CA GLY E 123 -38.85 -8.66 11.42
C GLY E 123 -37.93 -7.52 11.81
N GLY E 124 -38.51 -6.43 12.31
CA GLY E 124 -37.73 -5.32 12.86
C GLY E 124 -37.92 -4.01 12.11
N ALA E 125 -37.90 -4.09 10.77
CA ALA E 125 -37.91 -2.90 9.94
C ALA E 125 -39.29 -2.23 9.88
N LYS E 126 -39.31 -0.91 9.91
CA LYS E 126 -40.54 -0.15 9.87
C LYS E 126 -41.11 -0.09 8.45
N LYS E 127 -40.30 0.41 7.52
CA LYS E 127 -40.76 0.69 6.15
C LYS E 127 -39.92 -0.11 5.13
N VAL E 128 -40.45 -0.23 3.92
CA VAL E 128 -39.75 -0.92 2.82
C VAL E 128 -39.97 -0.22 1.48
N ILE E 129 -38.90 -0.04 0.70
CA ILE E 129 -38.96 0.48 -0.67
C ILE E 129 -38.53 -0.60 -1.66
N ILE E 130 -39.46 -1.05 -2.49
CA ILE E 130 -39.16 -2.00 -3.54
C ILE E 130 -38.54 -1.25 -4.72
N SER E 131 -37.37 -1.73 -5.17
CA SER E 131 -36.61 -1.11 -6.26
C SER E 131 -37.09 -1.61 -7.62
N ALA E 132 -38.39 -1.88 -7.71
CA ALA E 132 -39.04 -2.28 -8.94
C ALA E 132 -40.52 -1.89 -8.89
N PRO E 133 -41.19 -1.88 -10.06
CA PRO E 133 -42.63 -1.77 -10.02
C PRO E 133 -43.18 -2.79 -9.04
N GLY E 134 -44.14 -2.36 -8.21
CA GLY E 134 -44.73 -3.22 -7.19
C GLY E 134 -45.93 -4.04 -7.65
N GLY E 135 -46.48 -4.80 -6.71
CA GLY E 135 -47.70 -5.57 -6.95
C GLY E 135 -48.92 -4.76 -6.57
N LYS E 136 -50.09 -5.19 -7.06
CA LYS E 136 -51.37 -4.47 -6.88
C LYS E 136 -51.58 -3.87 -5.50
N ASP E 137 -51.18 -4.61 -4.46
CA ASP E 137 -51.45 -4.23 -3.07
C ASP E 137 -50.48 -3.23 -2.42
N VAL E 138 -49.41 -2.83 -3.11
CA VAL E 138 -48.42 -1.90 -2.52
C VAL E 138 -49.04 -0.57 -2.09
N ASP E 139 -48.52 0.01 -1.02
CA ASP E 139 -49.08 1.26 -0.46
C ASP E 139 -49.04 2.43 -1.46
N ALA E 140 -47.93 2.57 -2.17
CA ALA E 140 -47.77 3.65 -3.13
C ALA E 140 -46.68 3.36 -4.17
N THR E 141 -46.73 4.11 -5.28
CA THR E 141 -45.73 4.06 -6.33
C THR E 141 -45.15 5.46 -6.51
N ILE E 142 -43.89 5.66 -6.15
CA ILE E 142 -43.29 6.97 -6.25
C ILE E 142 -42.32 7.06 -7.41
N VAL E 143 -42.54 8.08 -8.24
CA VAL E 143 -41.50 8.65 -9.09
C VAL E 143 -41.11 9.95 -8.39
N TYR E 144 -39.96 9.95 -7.73
CA TYR E 144 -39.56 11.10 -6.95
C TYR E 144 -39.40 12.34 -7.82
N GLY E 145 -39.78 13.49 -7.28
CA GLY E 145 -39.86 14.74 -8.04
C GLY E 145 -41.19 14.96 -8.75
N VAL E 146 -41.95 13.90 -8.96
CA VAL E 146 -43.23 14.00 -9.61
C VAL E 146 -44.39 13.90 -8.61
N ASN E 147 -44.33 12.92 -7.71
CA ASN E 147 -45.42 12.70 -6.74
C ASN E 147 -45.02 12.05 -5.41
N HIS E 148 -43.87 12.42 -4.85
CA HIS E 148 -43.51 12.01 -3.49
C HIS E 148 -44.30 12.79 -2.39
N ASP E 149 -45.06 13.81 -2.80
CA ASP E 149 -46.00 14.49 -1.91
C ASP E 149 -47.14 13.58 -1.39
N VAL E 150 -47.52 12.56 -2.16
CA VAL E 150 -48.59 11.65 -1.75
C VAL E 150 -48.23 10.73 -0.57
N LEU E 151 -46.94 10.66 -0.22
CA LEU E 151 -46.48 9.82 0.90
C LEU E 151 -47.02 10.31 2.25
N LYS E 152 -47.50 9.36 3.06
CA LYS E 152 -48.08 9.64 4.37
C LYS E 152 -47.48 8.64 5.35
N ALA E 153 -47.44 9.01 6.63
CA ALA E 153 -46.78 8.21 7.67
C ALA E 153 -47.32 6.78 7.83
N GLU E 154 -48.56 6.55 7.40
CA GLU E 154 -49.21 5.24 7.51
C GLU E 154 -48.79 4.26 6.39
N HIS E 155 -47.83 4.68 5.58
CA HIS E 155 -47.32 3.83 4.49
C HIS E 155 -46.09 3.05 4.96
N THR E 156 -46.00 1.79 4.54
CA THR E 156 -44.90 0.93 4.98
C THR E 156 -44.26 0.08 3.87
N VAL E 157 -45.01 -0.27 2.83
CA VAL E 157 -44.41 -0.91 1.65
C VAL E 157 -44.85 -0.20 0.37
N ILE E 158 -43.98 0.69 -0.10
CA ILE E 158 -44.17 1.47 -1.31
C ILE E 158 -43.33 0.87 -2.43
N SER E 159 -43.41 1.46 -3.61
CA SER E 159 -42.56 1.09 -4.75
C SER E 159 -41.97 2.35 -5.38
N ASN E 160 -40.70 2.25 -5.77
CA ASN E 160 -39.98 3.35 -6.43
C ASN E 160 -40.12 3.26 -7.96
N ALA E 161 -41.07 2.47 -8.42
CA ALA E 161 -41.35 2.32 -9.86
C ALA E 161 -40.17 1.68 -10.58
N SER E 162 -40.07 1.93 -11.89
CA SER E 162 -38.96 1.44 -12.70
C SER E 162 -38.07 2.59 -13.19
N CYS E 163 -36.92 2.23 -13.73
CA CYS E 163 -36.02 3.20 -14.33
C CYS E 163 -36.72 3.88 -15.51
N THR E 164 -37.44 3.10 -16.31
CA THR E 164 -38.14 3.64 -17.47
C THR E 164 -39.27 4.58 -17.06
N THR E 165 -40.00 4.24 -16.00
CA THR E 165 -41.08 5.10 -15.53
C THR E 165 -40.54 6.40 -14.93
N ASN E 166 -39.40 6.34 -14.26
CA ASN E 166 -38.79 7.57 -13.74
C ASN E 166 -38.26 8.49 -14.83
N CYS E 167 -38.04 7.94 -16.01
CA CYS E 167 -37.63 8.74 -17.15
C CYS E 167 -38.86 9.28 -17.85
N LEU E 168 -39.85 8.40 -18.09
CA LEU E 168 -41.07 8.81 -18.77
C LEU E 168 -41.91 9.88 -18.02
N ALA E 169 -42.15 9.71 -16.73
CA ALA E 169 -43.06 10.60 -16.02
C ALA E 169 -42.62 12.05 -16.13
N PRO E 170 -41.35 12.35 -15.78
CA PRO E 170 -40.85 13.71 -15.95
C PRO E 170 -40.83 14.23 -17.38
N LEU E 171 -40.76 13.34 -18.37
CA LEU E 171 -40.84 13.78 -19.76
C LEU E 171 -42.26 14.26 -20.12
N VAL E 172 -43.26 13.43 -19.81
CA VAL E 172 -44.63 13.69 -20.25
C VAL E 172 -45.39 14.77 -19.43
N LYS E 173 -45.10 14.86 -18.14
CA LYS E 173 -45.87 15.74 -17.24
C LYS E 173 -45.91 17.21 -17.70
N PRO E 174 -44.74 17.85 -17.87
CA PRO E 174 -44.80 19.26 -18.24
C PRO E 174 -45.42 19.46 -19.63
N LEU E 175 -45.28 18.47 -20.51
CA LEU E 175 -45.90 18.56 -21.81
C LEU E 175 -47.41 18.44 -21.71
N ASN E 176 -47.89 17.50 -20.89
CA ASN E 176 -49.32 17.36 -20.70
C ASN E 176 -49.94 18.59 -20.01
N ASP E 177 -49.19 19.23 -19.12
CA ASP E 177 -49.68 20.36 -18.35
C ASP E 177 -49.87 21.64 -19.15
N LYS E 178 -49.04 21.85 -20.18
CA LYS E 178 -49.03 23.09 -20.96
C LYS E 178 -49.33 22.93 -22.48
N ILE E 179 -49.28 21.70 -23.00
CA ILE E 179 -49.80 21.39 -24.33
C ILE E 179 -51.04 20.54 -24.22
N GLY E 180 -51.00 19.53 -23.33
CA GLY E 180 -52.05 18.53 -23.23
C GLY E 180 -51.81 17.34 -24.13
N LEU E 181 -51.81 16.16 -23.53
CA LEU E 181 -51.55 14.92 -24.26
C LEU E 181 -52.84 14.11 -24.35
N GLU E 182 -53.22 13.77 -25.57
CA GLU E 182 -54.43 12.97 -25.80
C GLU E 182 -54.08 11.51 -25.58
N THR E 183 -53.30 10.92 -26.49
CA THR E 183 -52.70 9.60 -26.26
C THR E 183 -51.23 9.59 -26.68
N GLY E 184 -50.50 8.55 -26.21
CA GLY E 184 -49.09 8.39 -26.54
C GLY E 184 -48.62 6.96 -26.50
N LEU E 185 -47.70 6.63 -27.41
CA LEU E 185 -47.01 5.35 -27.41
C LEU E 185 -45.48 5.55 -27.25
N MET E 186 -44.88 4.71 -26.42
CA MET E 186 -43.44 4.78 -26.11
C MET E 186 -42.68 3.60 -26.71
N THR E 187 -41.45 3.87 -27.15
CA THR E 187 -40.47 2.83 -27.35
C THR E 187 -39.20 3.19 -26.54
N THR E 188 -38.78 2.34 -25.62
CA THR E 188 -37.53 2.60 -24.88
C THR E 188 -36.40 1.71 -25.42
N ILE E 189 -35.39 2.33 -26.06
CA ILE E 189 -34.20 1.61 -26.52
C ILE E 189 -33.32 1.49 -25.28
N HIS E 190 -33.01 0.24 -24.91
CA HIS E 190 -32.60 -0.06 -23.54
C HIS E 190 -31.36 -0.93 -23.49
N ALA E 191 -30.44 -0.59 -22.60
CA ALA E 191 -29.24 -1.39 -22.36
C ALA E 191 -29.63 -2.77 -21.89
N TYR E 192 -28.81 -3.77 -22.20
CA TYR E 192 -29.06 -5.09 -21.67
C TYR E 192 -28.83 -5.14 -20.18
N THR E 193 -29.39 -6.17 -19.55
CA THR E 193 -29.36 -6.33 -18.09
C THR E 193 -29.17 -7.80 -17.74
N ASN E 194 -28.90 -8.09 -16.47
CA ASN E 194 -28.46 -9.42 -16.04
C ASN E 194 -29.52 -10.54 -16.04
N ASP E 195 -30.74 -10.23 -16.43
CA ASP E 195 -31.79 -11.21 -16.66
C ASP E 195 -31.78 -11.73 -18.11
N GLN E 196 -30.88 -11.20 -18.93
CA GLN E 196 -30.72 -11.59 -20.31
C GLN E 196 -29.61 -12.62 -20.40
N VAL E 197 -29.24 -13.02 -21.61
CA VAL E 197 -28.23 -14.06 -21.80
C VAL E 197 -27.19 -13.69 -22.86
N LEU E 198 -26.03 -14.33 -22.74
CA LEU E 198 -24.86 -14.08 -23.55
C LEU E 198 -24.89 -14.80 -24.88
N THR E 199 -25.30 -16.06 -24.85
CA THR E 199 -25.44 -16.86 -26.05
C THR E 199 -26.67 -17.74 -25.86
N ASP E 200 -27.43 -17.93 -26.94
CA ASP E 200 -28.82 -18.42 -26.84
C ASP E 200 -28.95 -19.60 -25.90
N VAL E 201 -29.73 -19.41 -24.83
CA VAL E 201 -30.01 -20.47 -23.87
C VAL E 201 -31.39 -20.27 -23.23
N TYR E 202 -31.90 -21.31 -22.60
CA TYR E 202 -33.22 -21.28 -21.94
C TYR E 202 -33.52 -19.98 -21.19
N HIS E 203 -34.75 -19.51 -21.33
CA HIS E 203 -35.29 -18.38 -20.58
C HIS E 203 -36.82 -18.45 -20.61
N GLU E 204 -37.51 -17.99 -19.56
CA GLU E 204 -38.97 -17.99 -19.56
C GLU E 204 -39.55 -17.13 -20.70
N ASP E 205 -38.85 -16.05 -21.05
CA ASP E 205 -39.15 -15.23 -22.22
C ASP E 205 -38.29 -15.66 -23.41
N LEU E 206 -38.94 -16.07 -24.50
CA LEU E 206 -38.23 -16.62 -25.68
C LEU E 206 -37.39 -15.62 -26.46
N ARG E 207 -37.68 -14.33 -26.33
CA ARG E 207 -36.88 -13.28 -26.99
C ARG E 207 -35.61 -13.06 -26.19
N ARG E 208 -35.80 -13.04 -24.88
CA ARG E 208 -34.70 -12.85 -23.96
C ARG E 208 -33.81 -14.09 -23.82
N ALA E 209 -34.21 -15.20 -24.43
CA ALA E 209 -33.39 -16.39 -24.50
C ALA E 209 -32.30 -16.25 -25.56
N ARG E 210 -32.28 -15.12 -26.26
CA ARG E 210 -31.36 -14.93 -27.37
C ARG E 210 -30.23 -13.98 -26.96
N SER E 211 -29.06 -14.18 -27.55
CA SER E 211 -27.87 -13.43 -27.22
C SER E 211 -28.16 -11.93 -27.21
N ALA E 212 -28.00 -11.34 -26.03
CA ALA E 212 -28.23 -9.90 -25.85
C ALA E 212 -27.16 -9.05 -26.52
N THR E 213 -26.02 -9.66 -26.81
CA THR E 213 -24.87 -8.97 -27.36
C THR E 213 -24.89 -8.87 -28.89
N HIS E 214 -25.83 -9.57 -29.55
CA HIS E 214 -25.83 -9.64 -31.02
C HIS E 214 -27.12 -9.17 -31.68
N SER E 215 -28.18 -8.96 -30.91
CA SER E 215 -29.44 -8.50 -31.51
C SER E 215 -30.09 -7.37 -30.77
N GLN E 216 -30.95 -6.67 -31.52
CA GLN E 216 -32.04 -5.89 -30.96
C GLN E 216 -33.14 -6.86 -30.60
N ILE E 217 -33.61 -6.80 -29.35
CA ILE E 217 -34.51 -7.80 -28.77
C ILE E 217 -35.72 -7.07 -28.17
N PRO E 218 -36.90 -7.26 -28.78
CA PRO E 218 -38.07 -6.59 -28.22
C PRO E 218 -38.57 -7.26 -26.95
N THR E 219 -39.11 -6.48 -26.04
CA THR E 219 -39.52 -7.02 -24.76
C THR E 219 -40.63 -6.17 -24.14
N LYS E 220 -41.50 -6.82 -23.37
CA LYS E 220 -42.65 -6.18 -22.71
C LYS E 220 -42.24 -5.36 -21.50
N THR E 221 -42.75 -4.15 -21.43
CA THR E 221 -42.60 -3.33 -20.22
C THR E 221 -43.94 -2.66 -19.93
N GLY E 222 -44.28 -2.59 -18.66
CA GLY E 222 -45.49 -1.89 -18.23
C GLY E 222 -45.24 -0.47 -17.76
N ALA E 223 -44.07 0.07 -18.09
CA ALA E 223 -43.63 1.36 -17.55
C ALA E 223 -44.41 2.56 -18.09
N ALA E 224 -44.94 2.47 -19.30
CA ALA E 224 -45.81 3.54 -19.85
C ALA E 224 -47.16 3.59 -19.10
N ALA E 225 -47.86 2.45 -19.10
CA ALA E 225 -49.11 2.30 -18.33
C ALA E 225 -48.92 2.63 -16.86
N ALA E 226 -47.74 2.33 -16.33
CA ALA E 226 -47.44 2.62 -14.92
C ALA E 226 -47.40 4.12 -14.63
N VAL E 227 -47.42 4.95 -15.67
CA VAL E 227 -47.43 6.39 -15.47
C VAL E 227 -48.79 6.85 -14.89
N GLY E 228 -49.86 6.11 -15.17
CA GLY E 228 -51.15 6.28 -14.51
C GLY E 228 -51.06 6.19 -12.99
N LEU E 229 -50.35 5.18 -12.51
CA LEU E 229 -50.13 5.02 -11.06
C LEU E 229 -49.53 6.28 -10.39
N VAL E 230 -48.75 7.05 -11.15
CA VAL E 230 -48.08 8.23 -10.58
C VAL E 230 -48.72 9.54 -11.02
N LEU E 231 -49.16 9.62 -12.27
CA LEU E 231 -49.94 10.76 -12.74
C LEU E 231 -51.31 10.19 -13.10
N PRO E 232 -52.26 10.19 -12.14
CA PRO E 232 -53.60 9.64 -12.38
C PRO E 232 -54.28 10.32 -13.56
N GLU E 233 -54.08 11.63 -13.69
CA GLU E 233 -54.61 12.40 -14.82
C GLU E 233 -54.07 11.97 -16.20
N LEU E 234 -53.34 10.83 -16.24
CA LEU E 234 -52.81 10.23 -17.47
C LEU E 234 -53.15 8.74 -17.62
N ASN E 235 -53.81 8.17 -16.62
CA ASN E 235 -54.22 6.76 -16.64
C ASN E 235 -54.92 6.37 -17.94
N GLY E 236 -54.46 5.28 -18.54
CA GLY E 236 -55.06 4.72 -19.74
C GLY E 236 -54.56 5.32 -21.03
N LYS E 237 -53.86 6.44 -20.94
CA LYS E 237 -53.49 7.24 -22.11
C LYS E 237 -52.11 6.92 -22.69
N LEU E 238 -51.25 6.24 -21.92
CA LEU E 238 -49.92 5.82 -22.39
C LEU E 238 -49.75 4.31 -22.45
N ASP E 239 -48.89 3.86 -23.37
CA ASP E 239 -48.51 2.46 -23.44
C ASP E 239 -47.22 2.34 -24.25
N GLY E 240 -46.59 1.17 -24.24
CA GLY E 240 -45.42 0.95 -25.09
C GLY E 240 -44.68 -0.36 -24.88
N TYR E 241 -43.40 -0.35 -25.22
CA TYR E 241 -42.49 -1.48 -25.04
C TYR E 241 -41.04 -1.03 -25.22
N ALA E 242 -40.13 -2.02 -25.23
CA ALA E 242 -38.69 -1.78 -25.20
C ALA E 242 -38.00 -2.63 -26.23
N ILE E 243 -36.88 -2.13 -26.74
CA ILE E 243 -35.96 -2.91 -27.55
C ILE E 243 -34.64 -2.95 -26.78
N ARG E 244 -34.25 -4.14 -26.34
CA ARG E 244 -32.97 -4.32 -25.67
C ARG E 244 -31.90 -4.32 -26.78
N VAL E 245 -30.84 -3.54 -26.61
CA VAL E 245 -29.75 -3.48 -27.61
C VAL E 245 -28.39 -3.83 -26.97
N PRO E 246 -27.34 -4.09 -27.77
CA PRO E 246 -26.05 -4.51 -27.19
C PRO E 246 -25.18 -3.40 -26.58
N THR E 247 -25.63 -2.81 -25.47
CA THR E 247 -24.86 -1.85 -24.70
C THR E 247 -25.03 -2.18 -23.21
N ILE E 248 -23.96 -1.99 -22.44
CA ILE E 248 -23.92 -2.37 -21.04
C ILE E 248 -24.77 -1.48 -20.13
N ASN E 249 -25.03 -0.23 -20.56
CA ASN E 249 -25.78 0.72 -19.78
C ASN E 249 -26.27 1.94 -20.59
N VAL E 250 -27.22 2.68 -20.02
CA VAL E 250 -27.82 3.91 -20.57
C VAL E 250 -28.85 3.60 -21.62
N SER E 251 -30.02 4.21 -21.49
CA SER E 251 -31.15 3.89 -22.34
C SER E 251 -31.81 5.18 -22.76
N ILE E 252 -32.69 5.09 -23.75
CA ILE E 252 -33.46 6.22 -24.21
C ILE E 252 -34.96 5.87 -24.28
N VAL E 253 -35.79 6.80 -23.80
CA VAL E 253 -37.24 6.75 -24.00
C VAL E 253 -37.54 7.57 -25.26
N ASP E 254 -38.21 6.94 -26.22
CA ASP E 254 -38.68 7.58 -27.45
C ASP E 254 -40.23 7.60 -27.46
N LEU E 255 -40.82 8.77 -27.25
CA LEU E 255 -42.28 8.91 -27.02
C LEU E 255 -42.98 9.68 -28.15
N SER E 256 -43.94 9.03 -28.81
CA SER E 256 -44.85 9.74 -29.69
C SER E 256 -46.15 10.05 -28.95
N PHE E 257 -46.80 11.15 -29.30
CA PHE E 257 -48.11 11.49 -28.73
C PHE E 257 -48.89 12.54 -29.52
N ILE E 258 -50.20 12.52 -29.35
CA ILE E 258 -51.09 13.46 -30.04
C ILE E 258 -51.30 14.63 -29.08
N ALA E 259 -50.90 15.82 -29.51
CA ALA E 259 -51.14 17.03 -28.71
C ALA E 259 -52.61 17.49 -28.83
N LYS E 260 -53.12 18.10 -27.77
CA LYS E 260 -54.48 18.65 -27.78
C LYS E 260 -54.60 19.99 -28.50
N ARG E 261 -53.47 20.61 -28.88
CA ARG E 261 -53.49 21.82 -29.72
C ARG E 261 -52.27 21.92 -30.62
N ASP E 262 -52.34 22.79 -31.62
CA ASP E 262 -51.20 23.07 -32.52
C ASP E 262 -49.97 23.45 -31.72
N THR E 263 -48.80 22.97 -32.14
CA THR E 263 -47.54 23.40 -31.51
C THR E 263 -46.34 23.25 -32.41
N THR E 264 -45.16 23.53 -31.86
CA THR E 264 -43.91 23.55 -32.61
C THR E 264 -42.74 22.90 -31.86
N ALA E 265 -41.73 22.46 -32.63
CA ALA E 265 -40.46 22.00 -32.09
C ALA E 265 -39.91 22.96 -31.05
N ALA E 266 -39.86 24.24 -31.39
CA ALA E 266 -39.31 25.26 -30.49
C ALA E 266 -40.06 25.43 -29.15
N GLU E 267 -41.38 25.31 -29.18
CA GLU E 267 -42.20 25.47 -27.97
C GLU E 267 -42.07 24.27 -27.05
N VAL E 268 -42.16 23.08 -27.61
CA VAL E 268 -41.90 21.85 -26.86
C VAL E 268 -40.59 21.97 -26.07
N ASN E 269 -39.53 22.38 -26.76
CA ASN E 269 -38.24 22.53 -26.13
C ASN E 269 -38.26 23.61 -25.05
N ALA E 270 -38.86 24.77 -25.37
CA ALA E 270 -38.93 25.85 -24.38
C ALA E 270 -39.61 25.35 -23.11
N ILE E 271 -40.69 24.59 -23.27
CA ILE E 271 -41.45 24.02 -22.15
C ILE E 271 -40.59 23.09 -21.30
N MET E 272 -39.81 22.26 -21.98
CA MET E 272 -38.95 21.30 -21.30
C MET E 272 -37.77 21.94 -20.60
N LYS E 273 -37.21 22.98 -21.21
CA LYS E 273 -36.11 23.72 -20.59
C LYS E 273 -36.60 24.32 -19.28
N GLU E 274 -37.77 24.94 -19.35
CA GLU E 274 -38.35 25.60 -18.19
C GLU E 274 -38.59 24.59 -17.09
N ALA E 275 -39.23 23.48 -17.44
CA ALA E 275 -39.47 22.42 -16.51
C ALA E 275 -38.17 21.97 -15.83
N SER E 276 -37.11 21.81 -16.62
CA SER E 276 -35.82 21.35 -16.11
C SER E 276 -35.18 22.38 -15.19
N GLU E 277 -35.45 23.65 -15.46
CA GLU E 277 -34.85 24.74 -14.69
C GLU E 277 -35.65 25.10 -13.42
N GLY E 278 -36.88 24.59 -13.30
CA GLY E 278 -37.75 24.93 -12.17
C GLY E 278 -38.16 23.78 -11.28
N ALA E 279 -39.39 23.33 -11.46
CA ALA E 279 -40.00 22.31 -10.58
C ALA E 279 -39.18 21.02 -10.49
N LEU E 280 -38.72 20.54 -11.64
CA LEU E 280 -38.07 19.24 -11.74
C LEU E 280 -36.53 19.36 -11.84
N LYS E 281 -35.97 20.51 -11.43
CA LYS E 281 -34.52 20.68 -11.41
C LYS E 281 -33.85 19.55 -10.63
N GLY E 282 -32.80 18.97 -11.22
CA GLY E 282 -32.10 17.85 -10.60
C GLY E 282 -32.62 16.52 -11.12
N ILE E 283 -33.94 16.33 -11.09
CA ILE E 283 -34.55 15.13 -11.63
C ILE E 283 -34.56 15.12 -13.16
N LEU E 284 -34.92 16.24 -13.77
CA LEU E 284 -34.99 16.35 -15.22
C LEU E 284 -33.96 17.35 -15.72
N GLY E 285 -33.16 16.92 -16.68
CA GLY E 285 -32.13 17.73 -17.29
C GLY E 285 -32.50 18.00 -18.74
N TYR E 286 -31.66 18.77 -19.42
CA TYR E 286 -31.98 19.30 -20.73
C TYR E 286 -30.69 19.33 -21.54
N ASN E 287 -30.71 18.74 -22.73
CA ASN E 287 -29.51 18.71 -23.57
C ASN E 287 -29.75 19.36 -24.91
N GLU E 288 -28.82 20.20 -25.32
CA GLU E 288 -28.82 20.74 -26.67
C GLU E 288 -27.54 20.36 -27.45
N ALA E 289 -26.64 19.62 -26.79
CA ALA E 289 -25.33 19.28 -27.35
C ALA E 289 -25.45 17.98 -28.16
N PRO E 290 -24.63 17.84 -29.23
CA PRO E 290 -24.72 16.64 -30.04
C PRO E 290 -24.06 15.41 -29.35
N LEU E 291 -24.71 14.91 -28.30
CA LEU E 291 -24.13 13.84 -27.51
C LEU E 291 -24.68 12.48 -27.93
N VAL E 292 -24.02 11.42 -27.44
CA VAL E 292 -24.46 10.05 -27.72
C VAL E 292 -24.60 9.41 -26.38
N SER E 293 -25.10 8.18 -26.36
CA SER E 293 -25.58 7.57 -25.11
C SER E 293 -24.57 7.48 -23.98
N ILE E 294 -23.30 7.24 -24.30
CA ILE E 294 -22.33 7.04 -23.24
C ILE E 294 -21.98 8.33 -22.57
N ASP E 295 -22.34 9.45 -23.20
CA ASP E 295 -22.12 10.73 -22.56
C ASP E 295 -23.00 10.90 -21.33
N PHE E 296 -24.05 10.07 -21.20
CA PHE E 296 -25.00 10.12 -20.07
C PHE E 296 -24.75 9.03 -19.02
N ASN E 297 -23.72 8.22 -19.23
CA ASN E 297 -23.30 7.26 -18.21
C ASN E 297 -22.92 8.03 -16.96
N HIS E 298 -23.44 7.60 -15.81
CA HIS E 298 -23.13 8.21 -14.52
C HIS E 298 -23.78 9.60 -14.29
N ASN E 299 -24.78 9.92 -15.11
CA ASN E 299 -25.60 11.12 -14.93
C ASN E 299 -26.76 10.80 -14.00
N PRO E 300 -26.83 11.48 -12.85
CA PRO E 300 -27.81 11.14 -11.82
C PRO E 300 -29.24 11.54 -12.11
N ALA E 301 -29.52 12.16 -13.26
CA ALA E 301 -30.89 12.52 -13.62
C ALA E 301 -31.74 11.29 -13.90
N SER E 302 -33.04 11.38 -13.60
CA SER E 302 -34.01 10.36 -13.97
C SER E 302 -34.29 10.42 -15.46
N SER E 303 -34.21 11.63 -16.01
CA SER E 303 -34.53 11.91 -17.41
C SER E 303 -33.74 13.13 -17.91
N THR E 304 -33.04 12.96 -19.03
CA THR E 304 -32.41 14.10 -19.68
C THR E 304 -32.97 14.22 -21.05
N PHE E 305 -33.85 15.20 -21.18
CA PHE E 305 -34.56 15.48 -22.39
C PHE E 305 -33.56 15.91 -23.45
N ASP E 306 -33.74 15.43 -24.68
CA ASP E 306 -32.84 15.80 -25.77
C ASP E 306 -33.53 16.65 -26.85
N ALA E 307 -33.34 17.97 -26.74
CA ALA E 307 -33.93 18.95 -27.65
C ALA E 307 -33.53 18.74 -29.08
N THR E 308 -32.36 18.16 -29.32
CA THR E 308 -31.93 17.99 -30.70
C THR E 308 -32.74 16.94 -31.43
N LEU E 309 -33.47 16.09 -30.70
CA LEU E 309 -34.24 15.00 -31.32
C LEU E 309 -35.75 15.31 -31.41
N THR E 310 -36.21 16.38 -30.80
CA THR E 310 -37.63 16.74 -30.84
C THR E 310 -38.11 16.92 -32.28
N LYS E 311 -39.18 16.20 -32.63
CA LYS E 311 -39.89 16.39 -33.90
C LYS E 311 -41.36 16.70 -33.62
N VAL E 312 -41.93 17.64 -34.37
CA VAL E 312 -43.40 17.79 -34.39
C VAL E 312 -43.91 18.01 -35.82
N SER E 313 -44.89 17.19 -36.20
CA SER E 313 -45.35 17.08 -37.59
C SER E 313 -46.86 17.30 -37.68
N GLY E 314 -47.36 18.38 -37.09
CA GLY E 314 -48.81 18.63 -36.96
C GLY E 314 -49.23 18.57 -35.50
N ARG E 315 -50.18 17.68 -35.19
CA ARG E 315 -50.57 17.39 -33.80
C ARG E 315 -49.74 16.22 -33.22
N LEU E 316 -48.91 15.60 -34.05
CA LEU E 316 -48.04 14.51 -33.65
C LEU E 316 -46.68 15.03 -33.16
N VAL E 317 -46.35 14.73 -31.91
CA VAL E 317 -45.10 15.16 -31.35
C VAL E 317 -44.25 13.97 -30.91
N LYS E 318 -43.01 13.93 -31.38
CA LYS E 318 -42.01 12.95 -30.93
C LYS E 318 -40.95 13.61 -30.04
N VAL E 319 -40.83 13.10 -28.81
CA VAL E 319 -39.83 13.54 -27.85
C VAL E 319 -39.03 12.36 -27.29
N SER E 320 -37.79 12.64 -26.92
CA SER E 320 -36.85 11.63 -26.46
C SER E 320 -36.08 12.12 -25.24
N SER E 321 -35.74 11.19 -24.36
CA SER E 321 -35.02 11.51 -23.15
C SER E 321 -34.05 10.38 -22.82
N TRP E 322 -32.80 10.73 -22.50
CA TRP E 322 -31.79 9.75 -22.09
C TRP E 322 -31.89 9.43 -20.62
N TYR E 323 -31.61 8.18 -20.24
CA TYR E 323 -31.47 7.85 -18.81
C TYR E 323 -30.45 6.75 -18.50
N ASP E 324 -29.54 7.04 -17.58
CA ASP E 324 -28.71 6.00 -17.00
C ASP E 324 -29.64 5.18 -16.15
N ASN E 325 -30.04 4.03 -16.68
CA ASN E 325 -31.02 3.16 -16.04
C ASN E 325 -30.59 2.66 -14.66
N GLU E 326 -29.30 2.74 -14.35
CA GLU E 326 -28.78 2.28 -13.06
C GLU E 326 -28.60 3.43 -12.07
N TRP E 327 -27.91 4.47 -12.49
CA TRP E 327 -27.42 5.53 -11.60
C TRP E 327 -28.50 6.54 -11.23
N GLY E 328 -29.29 6.99 -12.21
CA GLY E 328 -30.42 7.84 -11.94
C GLY E 328 -31.36 7.21 -10.92
N PHE E 329 -31.80 6.00 -11.24
CA PHE E 329 -32.72 5.24 -10.42
C PHE E 329 -32.18 4.98 -9.02
N SER E 330 -30.87 4.69 -8.92
CA SER E 330 -30.23 4.46 -7.62
C SER E 330 -30.23 5.72 -6.78
N ASN E 331 -29.92 6.86 -7.39
CA ASN E 331 -29.96 8.13 -6.69
C ASN E 331 -31.36 8.40 -6.15
N ARG E 332 -32.35 8.21 -7.03
CA ARG E 332 -33.74 8.37 -6.67
C ARG E 332 -34.07 7.57 -5.42
N MET E 333 -33.60 6.31 -5.37
CA MET E 333 -33.83 5.44 -4.21
C MET E 333 -33.44 6.11 -2.90
N LEU E 334 -32.38 6.91 -2.90
CA LEU E 334 -31.97 7.65 -1.70
C LEU E 334 -32.92 8.82 -1.40
N ASP E 335 -33.32 9.54 -2.46
CA ASP E 335 -34.26 10.66 -2.36
C ASP E 335 -35.60 10.22 -1.75
N THR E 336 -36.11 9.08 -2.22
CA THR E 336 -37.39 8.57 -1.76
C THR E 336 -37.32 8.11 -0.29
N ALA E 337 -36.34 7.30 0.04
CA ALA E 337 -36.15 6.82 1.42
C ALA E 337 -36.26 7.93 2.49
N ILE E 338 -35.70 9.10 2.19
CA ILE E 338 -35.73 10.24 3.11
C ILE E 338 -37.11 10.90 3.20
N ALA E 339 -37.89 10.78 2.13
CA ALA E 339 -39.28 11.24 2.14
C ALA E 339 -40.17 10.22 2.86
N LEU E 340 -40.03 8.94 2.52
CA LEU E 340 -40.82 7.89 3.15
C LEU E 340 -40.59 7.83 4.67
N ALA E 341 -39.36 8.06 5.11
CA ALA E 341 -39.06 8.05 6.56
C ALA E 341 -39.69 9.24 7.27
N ASN E 342 -39.53 10.44 6.70
CA ASN E 342 -40.10 11.67 7.25
C ASN E 342 -41.52 11.99 6.73
N ALA E 343 -42.34 10.95 6.58
CA ALA E 343 -43.70 11.09 6.08
C ALA E 343 -44.61 11.74 7.14
N LYS E 344 -45.17 12.90 6.78
CA LYS E 344 -46.03 13.71 7.67
C LYS E 344 -45.26 14.24 8.89
N THR F 10 -27.97 -50.24 -34.10
CA THR F 10 -28.25 -48.80 -33.80
C THR F 10 -28.32 -48.59 -32.30
N ILE F 11 -27.62 -47.55 -31.83
CA ILE F 11 -27.59 -47.19 -30.43
C ILE F 11 -28.63 -46.11 -30.15
N ARG F 12 -29.28 -46.21 -29.00
CA ARG F 12 -30.31 -45.28 -28.60
C ARG F 12 -29.72 -44.29 -27.60
N VAL F 13 -29.83 -42.99 -27.89
CA VAL F 13 -29.13 -41.95 -27.12
C VAL F 13 -30.10 -40.96 -26.51
N ALA F 14 -29.76 -40.46 -25.33
CA ALA F 14 -30.50 -39.39 -24.70
C ALA F 14 -29.53 -38.26 -24.30
N ILE F 15 -30.04 -37.03 -24.32
CA ILE F 15 -29.28 -35.83 -23.97
C ILE F 15 -29.85 -35.17 -22.72
N ASN F 16 -29.07 -35.12 -21.64
CA ASN F 16 -29.44 -34.37 -20.44
C ASN F 16 -28.83 -32.96 -20.50
N GLY F 17 -29.68 -31.94 -20.58
CA GLY F 17 -29.21 -30.58 -20.72
C GLY F 17 -29.18 -30.22 -22.18
N TYR F 18 -30.17 -29.49 -22.63
CA TYR F 18 -30.36 -29.22 -24.04
C TYR F 18 -29.92 -27.79 -24.36
N GLY F 19 -28.72 -27.45 -23.87
CA GLY F 19 -28.11 -26.13 -24.00
C GLY F 19 -27.12 -26.04 -25.14
N ARG F 20 -26.04 -25.29 -24.96
CA ARG F 20 -25.16 -24.98 -26.09
C ARG F 20 -24.54 -26.25 -26.67
N ILE F 21 -24.12 -27.17 -25.81
CA ILE F 21 -23.55 -28.43 -26.29
C ILE F 21 -24.63 -29.50 -26.50
N GLY F 22 -25.64 -29.50 -25.63
CA GLY F 22 -26.85 -30.31 -25.82
C GLY F 22 -27.48 -30.15 -27.19
N ARG F 23 -27.87 -28.93 -27.54
CA ARG F 23 -28.58 -28.67 -28.81
C ARG F 23 -27.71 -28.83 -30.03
N ASN F 24 -26.49 -28.34 -29.92
CA ASN F 24 -25.57 -28.43 -31.03
C ASN F 24 -25.18 -29.86 -31.35
N THR F 25 -25.09 -30.72 -30.32
CA THR F 25 -24.89 -32.15 -30.55
C THR F 25 -26.05 -32.71 -31.39
N LEU F 26 -27.28 -32.41 -31.01
CA LEU F 26 -28.40 -32.80 -31.85
C LEU F 26 -28.26 -32.20 -33.25
N ARG F 27 -27.98 -30.90 -33.33
CA ARG F 27 -27.85 -30.24 -34.64
C ARG F 27 -26.77 -30.86 -35.52
N ALA F 28 -25.62 -31.17 -34.92
CA ALA F 28 -24.52 -31.73 -35.68
C ALA F 28 -24.92 -33.09 -36.26
N PHE F 29 -25.67 -33.86 -35.47
CA PHE F 29 -26.10 -35.20 -35.90
C PHE F 29 -26.94 -35.13 -37.16
N TYR F 30 -27.93 -34.24 -37.17
CA TYR F 30 -28.78 -34.01 -38.35
C TYR F 30 -28.06 -33.37 -39.53
N GLU F 31 -27.27 -32.32 -39.28
CA GLU F 31 -26.54 -31.64 -40.35
C GLU F 31 -25.50 -32.54 -41.04
N ASN F 32 -24.97 -33.50 -40.29
CA ASN F 32 -24.06 -34.52 -40.84
C ASN F 32 -24.82 -35.66 -41.56
N GLY F 33 -26.15 -35.60 -41.58
CA GLY F 33 -26.97 -36.59 -42.31
C GLY F 33 -27.24 -37.90 -41.59
N LYS F 34 -27.11 -37.90 -40.26
CA LYS F 34 -27.35 -39.08 -39.44
C LYS F 34 -26.48 -40.26 -39.87
N LYS F 35 -25.20 -40.02 -40.14
CA LYS F 35 -24.29 -41.10 -40.54
C LYS F 35 -23.80 -41.85 -39.33
N HIS F 36 -24.01 -41.29 -38.14
CA HIS F 36 -23.77 -42.03 -36.92
C HIS F 36 -24.90 -43.06 -36.74
N ASP F 37 -24.51 -44.30 -36.42
CA ASP F 37 -25.48 -45.37 -36.19
C ASP F 37 -26.09 -45.20 -34.80
N LEU F 38 -26.85 -44.11 -34.64
CA LEU F 38 -27.52 -43.85 -33.38
C LEU F 38 -28.79 -43.08 -33.68
N GLU F 39 -29.72 -43.10 -32.74
CA GLU F 39 -30.89 -42.24 -32.82
C GLU F 39 -31.10 -41.59 -31.45
N ILE F 40 -31.42 -40.31 -31.47
CA ILE F 40 -31.69 -39.56 -30.26
C ILE F 40 -33.16 -39.72 -29.96
N VAL F 41 -33.46 -40.35 -28.84
CA VAL F 41 -34.81 -40.73 -28.50
C VAL F 41 -35.41 -39.84 -27.43
N ALA F 42 -34.59 -39.02 -26.76
CA ALA F 42 -35.09 -38.13 -25.70
C ALA F 42 -34.11 -37.00 -25.36
N ILE F 43 -34.66 -35.92 -24.81
CA ILE F 43 -33.90 -34.77 -24.32
C ILE F 43 -34.56 -34.24 -23.04
N ASN F 44 -33.76 -33.81 -22.08
CA ASN F 44 -34.27 -33.21 -20.83
C ASN F 44 -33.64 -31.84 -20.64
N ASP F 45 -34.44 -30.87 -20.21
CA ASP F 45 -33.94 -29.55 -19.86
C ASP F 45 -34.86 -28.94 -18.79
N LEU F 46 -34.99 -27.61 -18.80
CA LEU F 46 -35.75 -26.88 -17.79
C LEU F 46 -37.13 -26.53 -18.31
N GLY F 47 -37.25 -26.39 -19.63
CA GLY F 47 -38.42 -25.77 -20.22
C GLY F 47 -39.26 -26.70 -21.07
N ASP F 48 -40.21 -26.06 -21.74
CA ASP F 48 -41.28 -26.75 -22.42
C ASP F 48 -40.75 -27.31 -23.72
N ALA F 49 -41.55 -28.14 -24.38
CA ALA F 49 -41.24 -28.60 -25.73
C ALA F 49 -41.17 -27.44 -26.74
N LYS F 50 -42.05 -26.45 -26.57
CA LYS F 50 -42.13 -25.32 -27.50
C LYS F 50 -40.86 -24.46 -27.40
N THR F 51 -40.35 -24.29 -26.18
CA THR F 51 -39.11 -23.56 -25.94
C THR F 51 -37.90 -24.24 -26.59
N ASN F 52 -37.75 -25.54 -26.40
CA ASN F 52 -36.59 -26.23 -26.96
C ASN F 52 -36.70 -26.34 -28.49
N ALA F 53 -37.92 -26.34 -29.02
CA ALA F 53 -38.10 -26.34 -30.46
C ALA F 53 -37.70 -24.98 -31.02
N HIS F 54 -38.03 -23.91 -30.30
CA HIS F 54 -37.63 -22.58 -30.71
C HIS F 54 -36.10 -22.44 -30.76
N LEU F 55 -35.41 -22.86 -29.71
CA LEU F 55 -33.93 -22.78 -29.67
C LEU F 55 -33.22 -23.83 -30.51
N THR F 56 -33.91 -24.87 -30.98
CA THR F 56 -33.29 -25.79 -31.93
C THR F 56 -33.34 -25.14 -33.30
N GLN F 57 -34.43 -24.43 -33.55
CA GLN F 57 -34.68 -23.83 -34.86
C GLN F 57 -33.82 -22.58 -35.10
N TYR F 58 -33.75 -21.69 -34.11
CA TYR F 58 -33.08 -20.41 -34.25
C TYR F 58 -31.84 -20.24 -33.35
N ASP F 59 -30.72 -19.86 -33.94
CA ASP F 59 -29.47 -19.65 -33.18
C ASP F 59 -28.68 -18.47 -33.72
N THR F 60 -28.21 -17.64 -32.81
CA THR F 60 -27.37 -16.49 -33.12
C THR F 60 -26.05 -16.97 -33.71
N ALA F 61 -25.27 -17.68 -32.90
CA ALA F 61 -23.92 -18.10 -33.32
C ALA F 61 -23.93 -18.93 -34.60
N HIS F 62 -24.83 -19.90 -34.68
CA HIS F 62 -24.83 -20.85 -35.81
C HIS F 62 -25.94 -20.65 -36.84
N GLY F 63 -26.85 -19.72 -36.61
CA GLY F 63 -27.89 -19.40 -37.58
C GLY F 63 -29.11 -20.31 -37.50
N LYS F 64 -29.94 -20.25 -38.52
CA LYS F 64 -31.15 -21.07 -38.52
C LYS F 64 -30.77 -22.51 -38.86
N PHE F 65 -31.38 -23.44 -38.14
CA PHE F 65 -31.27 -24.86 -38.42
C PHE F 65 -31.74 -25.19 -39.84
N PRO F 66 -30.90 -25.85 -40.64
CA PRO F 66 -31.29 -26.13 -42.01
C PRO F 66 -32.09 -27.45 -42.11
N GLY F 67 -33.31 -27.41 -41.59
CA GLY F 67 -34.17 -28.59 -41.48
C GLY F 67 -35.53 -28.17 -40.90
N GLU F 68 -36.37 -29.13 -40.51
CA GLU F 68 -37.70 -28.77 -39.96
C GLU F 68 -37.86 -29.16 -38.50
N VAL F 69 -38.44 -28.27 -37.72
CA VAL F 69 -38.68 -28.54 -36.31
C VAL F 69 -40.11 -28.17 -35.97
N SER F 70 -40.85 -29.09 -35.36
CA SER F 70 -42.15 -28.76 -34.79
C SER F 70 -42.31 -29.40 -33.43
N VAL F 71 -43.50 -29.24 -32.86
CA VAL F 71 -43.84 -29.83 -31.57
C VAL F 71 -45.17 -30.57 -31.65
N ASP F 72 -45.32 -31.59 -30.82
CA ASP F 72 -46.52 -32.41 -30.77
C ASP F 72 -46.63 -32.95 -29.34
N GLY F 73 -47.34 -32.21 -28.50
CA GLY F 73 -47.47 -32.55 -27.08
C GLY F 73 -46.14 -32.58 -26.35
N ASP F 74 -45.78 -33.77 -25.86
CA ASP F 74 -44.53 -34.02 -25.13
C ASP F 74 -43.34 -34.36 -26.06
N TYR F 75 -43.46 -34.09 -27.36
CA TYR F 75 -42.44 -34.51 -28.31
C TYR F 75 -41.96 -33.37 -29.15
N LEU F 76 -40.64 -33.30 -29.29
CA LEU F 76 -39.98 -32.44 -30.23
C LEU F 76 -39.87 -33.28 -31.48
N VAL F 77 -40.12 -32.69 -32.63
CA VAL F 77 -40.04 -33.40 -33.89
C VAL F 77 -39.04 -32.72 -34.80
N VAL F 78 -38.00 -33.45 -35.20
CA VAL F 78 -36.92 -32.91 -35.99
C VAL F 78 -36.76 -33.80 -37.22
N ASN F 79 -36.86 -33.23 -38.41
CA ASN F 79 -36.76 -34.03 -39.64
C ASN F 79 -37.59 -35.32 -39.59
N GLY F 80 -38.77 -35.23 -39.00
CA GLY F 80 -39.66 -36.39 -38.89
C GLY F 80 -39.48 -37.24 -37.65
N ASP F 81 -38.24 -37.36 -37.16
CA ASP F 81 -37.96 -38.20 -35.99
C ASP F 81 -38.59 -37.59 -34.76
N ARG F 82 -39.31 -38.42 -34.01
CA ARG F 82 -39.98 -37.99 -32.78
C ARG F 82 -39.05 -38.22 -31.60
N ILE F 83 -38.92 -37.20 -30.75
CA ILE F 83 -37.96 -37.20 -29.64
C ILE F 83 -38.67 -36.74 -28.40
N ARG F 84 -38.60 -37.53 -27.34
CA ARG F 84 -39.35 -37.19 -26.13
C ARG F 84 -38.69 -36.10 -25.28
N VAL F 85 -39.48 -35.07 -24.95
CA VAL F 85 -38.98 -33.93 -24.21
C VAL F 85 -39.37 -34.05 -22.76
N LEU F 86 -38.35 -34.14 -21.89
CA LEU F 86 -38.53 -34.16 -20.43
C LEU F 86 -38.12 -32.81 -19.81
N ALA F 87 -38.51 -32.61 -18.56
CA ALA F 87 -38.18 -31.39 -17.81
C ALA F 87 -38.10 -31.70 -16.32
N ASN F 88 -37.14 -32.56 -15.96
CA ASN F 88 -36.87 -32.86 -14.54
C ASN F 88 -35.40 -32.57 -14.19
N ARG F 89 -35.22 -31.72 -13.18
CA ARG F 89 -33.90 -31.38 -12.64
C ARG F 89 -33.10 -32.59 -12.10
N ASN F 90 -33.81 -33.64 -11.66
CA ASN F 90 -33.18 -34.79 -10.99
C ASN F 90 -33.10 -36.04 -11.88
N PRO F 91 -31.89 -36.38 -12.37
CA PRO F 91 -31.69 -37.55 -13.24
C PRO F 91 -32.07 -38.88 -12.61
N ALA F 92 -32.02 -38.95 -11.28
CA ALA F 92 -32.31 -40.17 -10.51
C ALA F 92 -33.32 -41.04 -11.22
N GLU F 93 -34.49 -40.48 -11.47
CA GLU F 93 -35.67 -41.27 -11.85
C GLU F 93 -35.99 -41.26 -13.36
N LEU F 94 -35.65 -40.15 -14.05
CA LEU F 94 -35.88 -39.98 -15.50
C LEU F 94 -36.04 -41.33 -16.20
N PRO F 95 -37.01 -41.42 -17.13
CA PRO F 95 -37.39 -42.73 -17.68
C PRO F 95 -36.40 -43.32 -18.67
N TRP F 96 -35.14 -43.51 -18.27
CA TRP F 96 -34.15 -44.07 -19.19
C TRP F 96 -34.37 -45.57 -19.39
N GLY F 97 -34.51 -46.30 -18.30
CA GLY F 97 -34.83 -47.73 -18.40
C GLY F 97 -36.05 -47.98 -19.26
N GLU F 98 -37.07 -47.13 -19.08
CA GLU F 98 -38.30 -47.22 -19.86
C GLU F 98 -38.10 -46.97 -21.37
N LEU F 99 -37.23 -46.01 -21.69
CA LEU F 99 -36.95 -45.63 -23.10
C LEU F 99 -35.87 -46.47 -23.81
N GLY F 100 -35.23 -47.38 -23.07
CA GLY F 100 -34.22 -48.26 -23.64
C GLY F 100 -32.90 -47.55 -23.99
N VAL F 101 -32.45 -46.66 -23.12
CA VAL F 101 -31.30 -45.79 -23.40
C VAL F 101 -29.94 -46.41 -23.11
N ASP F 102 -29.11 -46.50 -24.15
CA ASP F 102 -27.75 -47.01 -24.05
C ASP F 102 -26.81 -45.96 -23.45
N VAL F 103 -26.79 -44.77 -24.08
CA VAL F 103 -25.88 -43.69 -23.69
C VAL F 103 -26.64 -42.41 -23.39
N VAL F 104 -26.48 -41.90 -22.16
CA VAL F 104 -26.90 -40.54 -21.85
C VAL F 104 -25.71 -39.60 -22.09
N MET F 105 -25.92 -38.55 -22.87
CA MET F 105 -24.95 -37.48 -22.98
C MET F 105 -25.30 -36.45 -21.91
N GLU F 106 -24.43 -36.33 -20.92
CA GLU F 106 -24.66 -35.45 -19.79
C GLU F 106 -24.08 -34.07 -20.09
N CYS F 107 -24.94 -33.10 -20.40
CA CYS F 107 -24.50 -31.78 -20.85
C CYS F 107 -25.07 -30.62 -20.08
N THR F 108 -25.43 -30.83 -18.82
CA THR F 108 -26.02 -29.76 -18.00
C THR F 108 -24.94 -28.86 -17.39
N GLY F 109 -23.79 -29.46 -17.08
CA GLY F 109 -22.72 -28.78 -16.34
C GLY F 109 -22.85 -28.90 -14.82
N PHE F 110 -23.74 -29.77 -14.35
CA PHE F 110 -23.97 -29.97 -12.91
C PHE F 110 -23.74 -31.41 -12.42
N PHE F 111 -23.37 -32.31 -13.31
CA PHE F 111 -23.16 -33.71 -12.94
C PHE F 111 -21.85 -34.17 -13.57
N THR F 112 -20.77 -33.50 -13.20
CA THR F 112 -19.47 -33.73 -13.83
C THR F 112 -18.61 -34.79 -13.14
N SER F 113 -19.03 -35.27 -11.97
CA SER F 113 -18.36 -36.41 -11.31
C SER F 113 -19.05 -37.71 -11.74
N LYS F 114 -18.35 -38.84 -11.65
CA LYS F 114 -18.97 -40.14 -11.89
C LYS F 114 -20.06 -40.40 -10.85
N GLU F 115 -19.81 -39.97 -9.62
CA GLU F 115 -20.75 -40.18 -8.53
C GLU F 115 -22.09 -39.49 -8.86
N LYS F 116 -22.06 -38.17 -9.06
CA LYS F 116 -23.24 -37.38 -9.42
C LYS F 116 -23.93 -37.82 -10.73
N ALA F 117 -23.12 -38.18 -11.73
CA ALA F 117 -23.61 -38.63 -13.03
C ALA F 117 -24.20 -40.05 -12.99
N SER F 118 -23.83 -40.84 -11.98
CA SER F 118 -24.37 -42.19 -11.83
C SER F 118 -25.90 -42.20 -11.58
N ALA F 119 -26.46 -41.04 -11.24
CA ALA F 119 -27.92 -40.89 -11.15
C ALA F 119 -28.66 -41.19 -12.47
N HIS F 120 -27.95 -41.23 -13.60
CA HIS F 120 -28.54 -41.70 -14.87
C HIS F 120 -28.57 -43.20 -14.96
N LEU F 121 -27.55 -43.86 -14.40
CA LEU F 121 -27.52 -45.32 -14.27
C LEU F 121 -28.72 -45.79 -13.42
N LYS F 122 -29.00 -45.04 -12.35
CA LYS F 122 -30.18 -45.25 -11.52
C LYS F 122 -31.46 -45.08 -12.33
N GLY F 123 -31.48 -44.09 -13.21
CA GLY F 123 -32.62 -43.88 -14.12
C GLY F 123 -32.89 -45.01 -15.09
N GLY F 124 -31.94 -45.94 -15.25
CA GLY F 124 -32.11 -47.10 -16.12
C GLY F 124 -31.24 -47.05 -17.39
N ALA F 125 -30.43 -46.00 -17.50
CA ALA F 125 -29.49 -45.86 -18.60
C ALA F 125 -28.27 -46.75 -18.38
N LYS F 126 -27.72 -47.29 -19.46
CA LYS F 126 -26.57 -48.20 -19.40
C LYS F 126 -25.24 -47.48 -19.20
N LYS F 127 -25.00 -46.44 -20.00
CA LYS F 127 -23.74 -45.70 -19.99
C LYS F 127 -23.94 -44.18 -20.07
N VAL F 128 -23.01 -43.42 -19.50
CA VAL F 128 -23.03 -41.95 -19.61
C VAL F 128 -21.75 -41.39 -20.26
N ILE F 129 -21.90 -40.29 -21.00
CA ILE F 129 -20.79 -39.46 -21.50
C ILE F 129 -20.93 -38.07 -20.91
N ILE F 130 -19.95 -37.66 -20.10
CA ILE F 130 -19.90 -36.30 -19.57
C ILE F 130 -19.32 -35.33 -20.61
N SER F 131 -20.08 -34.28 -20.92
CA SER F 131 -19.68 -33.28 -21.92
C SER F 131 -18.70 -32.25 -21.36
N ALA F 132 -17.81 -32.69 -20.46
CA ALA F 132 -16.89 -31.80 -19.79
C ALA F 132 -15.84 -32.63 -19.10
N PRO F 133 -14.77 -31.98 -18.61
CA PRO F 133 -13.80 -32.72 -17.82
C PRO F 133 -14.49 -33.41 -16.65
N GLY F 134 -14.17 -34.68 -16.46
CA GLY F 134 -14.71 -35.46 -15.37
C GLY F 134 -13.95 -35.25 -14.08
N GLY F 135 -14.51 -35.76 -12.99
CA GLY F 135 -13.81 -35.76 -11.72
C GLY F 135 -12.68 -36.73 -11.87
N LYS F 136 -11.92 -36.93 -10.80
CA LYS F 136 -10.84 -37.92 -10.78
C LYS F 136 -11.39 -39.36 -10.89
N ASP F 137 -12.71 -39.53 -10.70
CA ASP F 137 -13.31 -40.88 -10.61
C ASP F 137 -13.87 -41.52 -11.91
N VAL F 138 -14.00 -40.74 -12.99
CA VAL F 138 -14.49 -41.28 -14.27
C VAL F 138 -13.67 -42.46 -14.78
N ASP F 139 -14.30 -43.27 -15.63
CA ASP F 139 -13.70 -44.54 -16.07
C ASP F 139 -12.56 -44.30 -17.05
N ALA F 140 -12.78 -43.36 -17.97
CA ALA F 140 -11.75 -42.89 -18.89
C ALA F 140 -12.05 -41.44 -19.30
N THR F 141 -11.01 -40.72 -19.71
CA THR F 141 -11.16 -39.40 -20.31
C THR F 141 -10.67 -39.44 -21.76
N ILE F 142 -11.52 -39.04 -22.69
CA ILE F 142 -11.34 -39.31 -24.11
C ILE F 142 -11.29 -38.04 -24.98
N VAL F 143 -10.19 -37.88 -25.70
CA VAL F 143 -10.14 -37.00 -26.86
C VAL F 143 -10.29 -37.91 -28.07
N TYR F 144 -11.42 -37.81 -28.78
CA TYR F 144 -11.66 -38.72 -29.91
C TYR F 144 -10.72 -38.44 -31.07
N GLY F 145 -10.21 -39.53 -31.65
CA GLY F 145 -9.17 -39.49 -32.68
C GLY F 145 -7.79 -39.67 -32.08
N VAL F 146 -7.69 -39.70 -30.75
CA VAL F 146 -6.39 -39.79 -30.09
C VAL F 146 -6.28 -40.94 -29.09
N ASN F 147 -7.20 -41.06 -28.15
CA ASN F 147 -7.16 -42.15 -27.15
C ASN F 147 -8.45 -42.91 -26.92
N HIS F 148 -9.32 -42.95 -27.94
CA HIS F 148 -10.59 -43.67 -27.81
C HIS F 148 -10.42 -45.20 -27.86
N ASP F 149 -9.33 -45.66 -28.48
CA ASP F 149 -8.91 -47.07 -28.46
C ASP F 149 -8.78 -47.64 -27.02
N VAL F 150 -8.77 -46.79 -26.01
CA VAL F 150 -8.67 -47.26 -24.62
C VAL F 150 -10.04 -47.61 -24.00
N LEU F 151 -11.12 -47.47 -24.76
CA LEU F 151 -12.45 -47.72 -24.22
C LEU F 151 -12.74 -49.22 -24.18
N LYS F 152 -13.37 -49.64 -23.09
CA LYS F 152 -13.68 -51.04 -22.81
C LYS F 152 -15.17 -51.16 -22.45
N ALA F 153 -15.78 -52.29 -22.80
CA ALA F 153 -17.20 -52.54 -22.52
C ALA F 153 -17.55 -52.36 -21.05
N GLU F 154 -16.59 -52.56 -20.15
CA GLU F 154 -16.84 -52.39 -18.72
C GLU F 154 -16.89 -50.94 -18.29
N HIS F 155 -16.48 -50.01 -19.15
CA HIS F 155 -16.58 -48.57 -18.83
C HIS F 155 -18.03 -48.08 -18.95
N THR F 156 -18.55 -47.46 -17.89
CA THR F 156 -19.94 -46.99 -17.89
C THR F 156 -20.11 -45.46 -17.85
N VAL F 157 -19.14 -44.74 -17.26
CA VAL F 157 -19.25 -43.28 -17.18
C VAL F 157 -17.94 -42.57 -17.48
N ILE F 158 -17.83 -42.06 -18.71
CA ILE F 158 -16.60 -41.41 -19.19
C ILE F 158 -16.75 -39.90 -19.38
N SER F 159 -15.62 -39.22 -19.46
CA SER F 159 -15.55 -37.80 -19.82
C SER F 159 -15.10 -37.67 -21.27
N ASN F 160 -15.65 -36.68 -21.96
CA ASN F 160 -15.22 -36.35 -23.30
C ASN F 160 -14.17 -35.20 -23.31
N ALA F 161 -13.56 -34.95 -22.16
CA ALA F 161 -12.59 -33.88 -21.99
C ALA F 161 -13.26 -32.52 -22.21
N SER F 162 -12.49 -31.48 -22.48
CA SER F 162 -13.05 -30.18 -22.82
C SER F 162 -12.74 -29.87 -24.27
N CYS F 163 -13.45 -28.87 -24.80
CA CYS F 163 -13.14 -28.27 -26.08
C CYS F 163 -11.65 -28.00 -26.23
N THR F 164 -11.02 -27.46 -25.19
CA THR F 164 -9.61 -27.07 -25.26
C THR F 164 -8.66 -28.27 -25.29
N THR F 165 -8.88 -29.25 -24.41
CA THR F 165 -8.14 -30.50 -24.46
C THR F 165 -8.27 -31.24 -25.81
N ASN F 166 -9.47 -31.23 -26.39
CA ASN F 166 -9.65 -31.76 -27.75
C ASN F 166 -8.94 -30.94 -28.86
N CYS F 167 -8.70 -29.66 -28.63
CA CYS F 167 -7.95 -28.87 -29.62
C CYS F 167 -6.46 -29.09 -29.45
N LEU F 168 -6.00 -29.13 -28.20
CA LEU F 168 -4.57 -29.18 -27.88
C LEU F 168 -3.93 -30.54 -28.13
N ALA F 169 -4.59 -31.60 -27.65
CA ALA F 169 -4.08 -32.98 -27.74
C ALA F 169 -3.57 -33.31 -29.15
N PRO F 170 -4.38 -33.04 -30.19
CA PRO F 170 -3.96 -33.29 -31.57
C PRO F 170 -2.98 -32.29 -32.15
N LEU F 171 -2.89 -31.10 -31.57
CA LEU F 171 -1.89 -30.12 -31.96
C LEU F 171 -0.53 -30.64 -31.53
N VAL F 172 -0.45 -31.08 -30.28
CA VAL F 172 0.80 -31.39 -29.62
C VAL F 172 1.33 -32.81 -29.88
N LYS F 173 0.46 -33.77 -30.22
CA LYS F 173 0.89 -35.16 -30.43
C LYS F 173 1.91 -35.30 -31.56
N PRO F 174 1.55 -34.90 -32.79
CA PRO F 174 2.53 -35.07 -33.85
C PRO F 174 3.87 -34.38 -33.57
N LEU F 175 3.86 -33.28 -32.82
CA LEU F 175 5.07 -32.51 -32.57
C LEU F 175 6.00 -33.20 -31.59
N ASN F 176 5.41 -33.85 -30.58
CA ASN F 176 6.18 -34.64 -29.63
C ASN F 176 6.69 -35.94 -30.27
N ASP F 177 5.89 -36.48 -31.18
CA ASP F 177 6.28 -37.68 -31.93
C ASP F 177 7.44 -37.45 -32.91
N LYS F 178 7.49 -36.28 -33.54
CA LYS F 178 8.51 -35.99 -34.56
C LYS F 178 9.67 -35.09 -34.10
N ILE F 179 9.41 -34.11 -33.24
CA ILE F 179 10.48 -33.23 -32.74
C ILE F 179 10.87 -33.53 -31.31
N GLY F 180 9.89 -33.76 -30.46
CA GLY F 180 10.11 -33.92 -29.03
C GLY F 180 9.80 -32.66 -28.25
N LEU F 181 8.92 -32.76 -27.26
CA LEU F 181 8.51 -31.63 -26.45
C LEU F 181 9.08 -31.80 -25.05
N GLU F 182 9.96 -30.89 -24.63
CA GLU F 182 10.54 -31.01 -23.30
C GLU F 182 9.52 -30.58 -22.28
N THR F 183 9.07 -29.34 -22.35
CA THR F 183 7.93 -28.86 -21.57
C THR F 183 7.18 -27.83 -22.41
N GLY F 184 5.99 -27.46 -21.95
CA GLY F 184 5.11 -26.60 -22.75
C GLY F 184 4.11 -25.83 -21.91
N LEU F 185 3.72 -24.67 -22.42
CA LEU F 185 2.81 -23.76 -21.71
C LEU F 185 1.78 -23.17 -22.67
N MET F 186 0.53 -23.11 -22.21
CA MET F 186 -0.59 -22.79 -23.06
C MET F 186 -1.31 -21.54 -22.61
N THR F 187 -1.62 -20.69 -23.56
CA THR F 187 -2.68 -19.74 -23.36
C THR F 187 -3.72 -20.06 -24.39
N THR F 188 -4.98 -20.20 -23.95
CA THR F 188 -6.07 -20.31 -24.89
C THR F 188 -6.89 -19.05 -24.78
N ILE F 189 -7.16 -18.46 -25.94
CA ILE F 189 -7.97 -17.25 -26.04
C ILE F 189 -9.35 -17.67 -26.47
N HIS F 190 -10.31 -17.55 -25.56
CA HIS F 190 -11.54 -18.30 -25.65
C HIS F 190 -12.76 -17.39 -25.74
N ALA F 191 -13.72 -17.78 -26.58
CA ALA F 191 -15.02 -17.11 -26.62
C ALA F 191 -15.70 -17.11 -25.24
N TYR F 192 -16.58 -16.15 -24.97
CA TYR F 192 -17.28 -16.19 -23.68
C TYR F 192 -18.33 -17.29 -23.67
N THR F 193 -18.71 -17.72 -22.48
CA THR F 193 -19.66 -18.85 -22.31
C THR F 193 -20.75 -18.48 -21.33
N ASN F 194 -21.76 -19.34 -21.21
CA ASN F 194 -22.92 -18.99 -20.39
C ASN F 194 -22.70 -18.90 -18.88
N ASP F 195 -21.59 -19.44 -18.36
CA ASP F 195 -21.25 -19.24 -16.93
C ASP F 195 -20.68 -17.84 -16.58
N GLN F 196 -20.60 -16.95 -17.57
CA GLN F 196 -20.06 -15.61 -17.33
C GLN F 196 -21.23 -14.64 -17.18
N VAL F 197 -20.97 -13.34 -17.10
CA VAL F 197 -22.03 -12.39 -16.83
C VAL F 197 -22.01 -11.22 -17.80
N LEU F 198 -23.15 -10.57 -17.98
CA LEU F 198 -23.25 -9.44 -18.89
C LEU F 198 -22.75 -8.15 -18.26
N THR F 199 -23.14 -7.87 -17.02
CA THR F 199 -22.61 -6.72 -16.27
C THR F 199 -22.36 -7.16 -14.84
N ASP F 200 -21.38 -6.53 -14.20
CA ASP F 200 -20.70 -7.12 -13.04
C ASP F 200 -21.66 -7.56 -11.93
N VAL F 201 -21.56 -8.81 -11.49
CA VAL F 201 -22.47 -9.35 -10.48
C VAL F 201 -21.91 -10.65 -9.89
N TYR F 202 -22.43 -11.04 -8.73
CA TYR F 202 -21.85 -12.13 -7.95
C TYR F 202 -21.53 -13.32 -8.82
N HIS F 203 -20.31 -13.84 -8.66
CA HIS F 203 -19.91 -15.11 -9.23
C HIS F 203 -18.95 -15.76 -8.24
N GLU F 204 -18.78 -17.07 -8.27
CA GLU F 204 -17.84 -17.72 -7.33
C GLU F 204 -16.36 -17.45 -7.69
N ASP F 205 -16.15 -17.00 -8.93
CA ASP F 205 -14.86 -16.57 -9.49
C ASP F 205 -14.95 -15.07 -9.68
N LEU F 206 -14.07 -14.33 -9.00
CA LEU F 206 -14.11 -12.87 -9.01
C LEU F 206 -13.75 -12.23 -10.35
N ARG F 207 -13.06 -12.97 -11.21
CA ARG F 207 -12.82 -12.50 -12.58
C ARG F 207 -14.04 -12.72 -13.46
N ARG F 208 -14.68 -13.87 -13.29
CA ARG F 208 -15.88 -14.20 -14.06
C ARG F 208 -17.08 -13.37 -13.61
N ALA F 209 -16.99 -12.73 -12.44
CA ALA F 209 -17.95 -11.75 -11.97
C ALA F 209 -17.96 -10.45 -12.80
N ARG F 210 -16.99 -10.31 -13.70
CA ARG F 210 -16.84 -9.07 -14.44
C ARG F 210 -17.41 -9.25 -15.83
N SER F 211 -17.96 -8.16 -16.36
CA SER F 211 -18.59 -8.18 -17.68
C SER F 211 -17.75 -8.87 -18.74
N ALA F 212 -18.32 -9.92 -19.33
CA ALA F 212 -17.69 -10.71 -20.37
C ALA F 212 -17.54 -9.95 -21.68
N THR F 213 -18.38 -8.95 -21.87
CA THR F 213 -18.48 -8.24 -23.12
C THR F 213 -17.53 -7.05 -23.26
N HIS F 214 -16.90 -6.62 -22.16
CA HIS F 214 -16.04 -5.43 -22.15
C HIS F 214 -14.59 -5.68 -21.70
N SER F 215 -14.22 -6.90 -21.35
CA SER F 215 -12.89 -7.17 -20.85
C SER F 215 -12.27 -8.44 -21.35
N GLN F 216 -10.95 -8.46 -21.34
CA GLN F 216 -10.18 -9.70 -21.38
C GLN F 216 -10.12 -10.20 -19.95
N ILE F 217 -10.55 -11.45 -19.73
CA ILE F 217 -10.71 -12.01 -18.39
C ILE F 217 -9.94 -13.33 -18.24
N PRO F 218 -8.86 -13.32 -17.44
CA PRO F 218 -8.09 -14.55 -17.17
C PRO F 218 -8.87 -15.58 -16.38
N THR F 219 -8.77 -16.86 -16.75
CA THR F 219 -9.40 -17.92 -15.98
C THR F 219 -8.63 -19.23 -16.04
N LYS F 220 -8.82 -20.05 -15.01
CA LYS F 220 -8.16 -21.34 -14.94
C LYS F 220 -8.84 -22.31 -15.86
N THR F 221 -8.03 -23.19 -16.42
CA THR F 221 -8.46 -24.34 -17.21
C THR F 221 -7.47 -25.44 -16.89
N GLY F 222 -7.94 -26.69 -16.86
CA GLY F 222 -7.10 -27.83 -16.54
C GLY F 222 -6.67 -28.55 -17.79
N ALA F 223 -6.98 -27.94 -18.93
CA ALA F 223 -6.86 -28.60 -20.22
C ALA F 223 -5.44 -29.10 -20.49
N ALA F 224 -4.45 -28.30 -20.12
CA ALA F 224 -3.05 -28.62 -20.40
C ALA F 224 -2.55 -29.77 -19.54
N ALA F 225 -2.78 -29.72 -18.23
CA ALA F 225 -2.50 -30.88 -17.36
C ALA F 225 -3.24 -32.11 -17.92
N ALA F 226 -4.49 -31.91 -18.30
CA ALA F 226 -5.37 -33.02 -18.72
C ALA F 226 -4.89 -33.72 -19.97
N VAL F 227 -4.09 -33.06 -20.80
CA VAL F 227 -3.51 -33.75 -21.96
C VAL F 227 -2.59 -34.91 -21.53
N GLY F 228 -2.14 -34.91 -20.27
CA GLY F 228 -1.50 -36.10 -19.67
C GLY F 228 -2.41 -37.33 -19.58
N LEU F 229 -3.71 -37.11 -19.35
CA LEU F 229 -4.67 -38.20 -19.27
C LEU F 229 -4.87 -38.89 -20.61
N VAL F 230 -4.67 -38.16 -21.70
CA VAL F 230 -4.93 -38.71 -23.04
C VAL F 230 -3.62 -39.11 -23.72
N LEU F 231 -2.55 -38.39 -23.39
CA LEU F 231 -1.19 -38.72 -23.85
C LEU F 231 -0.26 -38.89 -22.64
N PRO F 232 -0.16 -40.12 -22.11
CA PRO F 232 0.58 -40.31 -20.85
C PRO F 232 2.05 -39.90 -20.92
N GLU F 233 2.65 -39.95 -22.10
CA GLU F 233 4.05 -39.57 -22.26
C GLU F 233 4.30 -38.05 -22.03
N LEU F 234 3.22 -37.25 -22.03
CA LEU F 234 3.29 -35.82 -21.68
C LEU F 234 2.86 -35.51 -20.24
N ASN F 235 2.49 -36.51 -19.45
CA ASN F 235 1.99 -36.24 -18.12
C ASN F 235 2.95 -35.33 -17.39
N GLY F 236 2.43 -34.25 -16.81
CA GLY F 236 3.24 -33.29 -16.05
C GLY F 236 4.03 -32.29 -16.88
N LYS F 237 4.03 -32.42 -18.22
CA LYS F 237 4.85 -31.58 -19.08
C LYS F 237 4.20 -30.25 -19.52
N LEU F 238 2.87 -30.18 -19.51
CA LEU F 238 2.15 -28.99 -19.97
C LEU F 238 1.34 -28.36 -18.85
N ASP F 239 1.34 -27.03 -18.76
CA ASP F 239 0.39 -26.27 -17.92
C ASP F 239 -0.16 -25.10 -18.77
N GLY F 240 -1.02 -24.26 -18.19
CA GLY F 240 -1.67 -23.22 -18.98
C GLY F 240 -2.89 -22.57 -18.36
N TYR F 241 -3.46 -21.61 -19.07
CA TYR F 241 -4.65 -20.91 -18.59
C TYR F 241 -5.42 -20.37 -19.78
N ALA F 242 -6.50 -19.65 -19.50
CA ALA F 242 -7.36 -19.10 -20.53
C ALA F 242 -7.50 -17.61 -20.32
N ILE F 243 -7.72 -16.91 -21.42
CA ILE F 243 -8.19 -15.54 -21.36
C ILE F 243 -9.46 -15.49 -22.17
N ARG F 244 -10.58 -15.20 -21.50
CA ARG F 244 -11.87 -15.04 -22.14
C ARG F 244 -11.97 -13.67 -22.77
N VAL F 245 -12.46 -13.61 -24.01
CA VAL F 245 -12.61 -12.34 -24.72
C VAL F 245 -14.02 -12.13 -25.23
N PRO F 246 -14.38 -10.88 -25.58
CA PRO F 246 -15.72 -10.62 -26.07
C PRO F 246 -16.03 -11.14 -27.49
N THR F 247 -16.09 -12.46 -27.64
CA THR F 247 -16.60 -13.10 -28.84
C THR F 247 -17.57 -14.17 -28.40
N ILE F 248 -18.61 -14.39 -29.19
CA ILE F 248 -19.67 -15.30 -28.82
C ILE F 248 -19.27 -16.75 -29.04
N ASN F 249 -18.42 -17.01 -30.03
CA ASN F 249 -17.94 -18.37 -30.35
C ASN F 249 -16.61 -18.36 -31.13
N VAL F 250 -15.90 -19.48 -31.07
CA VAL F 250 -14.59 -19.70 -31.69
C VAL F 250 -13.47 -19.24 -30.74
N SER F 251 -12.52 -20.14 -30.56
CA SER F 251 -11.40 -19.95 -29.65
C SER F 251 -10.12 -20.41 -30.34
N ILE F 252 -8.98 -20.12 -29.71
CA ILE F 252 -7.70 -20.53 -30.24
C ILE F 252 -6.82 -21.00 -29.10
N VAL F 253 -6.06 -22.05 -29.34
CA VAL F 253 -5.01 -22.48 -28.44
C VAL F 253 -3.68 -21.93 -28.92
N ASP F 254 -2.94 -21.28 -28.03
CA ASP F 254 -1.58 -20.76 -28.31
C ASP F 254 -0.60 -21.54 -27.44
N LEU F 255 0.17 -22.41 -28.08
CA LEU F 255 1.09 -23.30 -27.36
C LEU F 255 2.52 -22.87 -27.56
N SER F 256 3.25 -22.74 -26.45
CA SER F 256 4.69 -22.44 -26.47
C SER F 256 5.46 -23.60 -25.82
N PHE F 257 6.52 -24.07 -26.46
CA PHE F 257 7.24 -25.21 -25.93
C PHE F 257 8.73 -25.27 -26.33
N ILE F 258 9.50 -26.00 -25.53
CA ILE F 258 10.92 -26.19 -25.77
C ILE F 258 11.12 -27.45 -26.55
N ALA F 259 11.58 -27.31 -27.80
CA ALA F 259 11.89 -28.46 -28.63
C ALA F 259 13.09 -29.22 -28.04
N LYS F 260 13.07 -30.54 -28.20
CA LYS F 260 14.18 -31.39 -27.76
C LYS F 260 15.38 -31.36 -28.74
N ARG F 261 15.15 -30.84 -29.94
CA ARG F 261 16.19 -30.69 -30.93
C ARG F 261 15.90 -29.56 -31.89
N ASP F 262 16.94 -29.11 -32.61
CA ASP F 262 16.85 -28.01 -33.58
C ASP F 262 15.77 -28.27 -34.60
N THR F 263 14.96 -27.24 -34.85
CA THR F 263 13.87 -27.32 -35.84
C THR F 263 13.67 -25.95 -36.49
N THR F 264 12.76 -25.90 -37.47
CA THR F 264 12.36 -24.65 -38.13
C THR F 264 10.85 -24.56 -38.21
N ALA F 265 10.35 -23.37 -38.55
CA ALA F 265 8.92 -23.16 -38.71
C ALA F 265 8.43 -24.06 -39.84
N ALA F 266 9.21 -24.06 -40.92
CA ALA F 266 8.91 -24.86 -42.11
C ALA F 266 8.81 -26.33 -41.77
N GLU F 267 9.70 -26.83 -40.90
CA GLU F 267 9.58 -28.23 -40.45
C GLU F 267 8.36 -28.41 -39.54
N VAL F 268 8.11 -27.48 -38.62
CA VAL F 268 6.94 -27.58 -37.76
C VAL F 268 5.66 -27.68 -38.61
N ASN F 269 5.54 -26.77 -39.57
CA ASN F 269 4.37 -26.72 -40.44
C ASN F 269 4.25 -27.98 -41.32
N ALA F 270 5.36 -28.43 -41.89
CA ALA F 270 5.38 -29.68 -42.68
C ALA F 270 4.77 -30.85 -41.89
N ILE F 271 5.26 -31.07 -40.67
CA ILE F 271 4.80 -32.15 -39.79
C ILE F 271 3.30 -32.09 -39.54
N MET F 272 2.80 -30.89 -39.28
CA MET F 272 1.37 -30.69 -39.03
C MET F 272 0.49 -30.94 -40.25
N LYS F 273 0.98 -30.60 -41.45
CA LYS F 273 0.22 -30.88 -42.66
C LYS F 273 0.12 -32.39 -42.85
N GLU F 274 1.24 -33.08 -42.66
CA GLU F 274 1.26 -34.52 -42.85
C GLU F 274 0.29 -35.19 -41.89
N ALA F 275 0.32 -34.78 -40.62
CA ALA F 275 -0.56 -35.35 -39.61
C ALA F 275 -2.05 -35.16 -39.96
N SER F 276 -2.39 -34.02 -40.54
CA SER F 276 -3.78 -33.72 -40.87
C SER F 276 -4.27 -34.39 -42.15
N GLU F 277 -3.36 -34.78 -43.05
CA GLU F 277 -3.71 -35.65 -44.18
C GLU F 277 -3.92 -37.10 -43.70
N GLY F 278 -3.13 -37.51 -42.70
CA GLY F 278 -3.05 -38.91 -42.28
C GLY F 278 -4.05 -39.37 -41.22
N ALA F 279 -3.53 -39.98 -40.16
CA ALA F 279 -4.37 -40.29 -39.02
C ALA F 279 -4.55 -38.96 -38.30
N LEU F 280 -5.78 -38.69 -37.86
CA LEU F 280 -6.19 -37.38 -37.33
C LEU F 280 -6.93 -36.58 -38.40
N LYS F 281 -6.75 -36.95 -39.67
CA LYS F 281 -7.59 -36.44 -40.73
C LYS F 281 -9.04 -36.37 -40.24
N GLY F 282 -9.66 -35.21 -40.39
CA GLY F 282 -11.02 -34.99 -39.88
C GLY F 282 -10.98 -34.31 -38.53
N ILE F 283 -10.27 -34.91 -37.59
CA ILE F 283 -10.09 -34.32 -36.26
C ILE F 283 -9.21 -33.06 -36.31
N LEU F 284 -8.22 -33.09 -37.21
CA LEU F 284 -7.20 -32.05 -37.32
C LEU F 284 -7.22 -31.39 -38.70
N GLY F 285 -7.50 -30.09 -38.74
CA GLY F 285 -7.38 -29.29 -39.94
C GLY F 285 -6.02 -28.61 -40.07
N TYR F 286 -5.80 -28.00 -41.22
CA TYR F 286 -4.56 -27.30 -41.54
C TYR F 286 -4.92 -26.05 -42.31
N ASN F 287 -4.43 -24.89 -41.90
CA ASN F 287 -4.79 -23.64 -42.59
C ASN F 287 -3.57 -22.82 -43.02
N GLU F 288 -3.58 -22.37 -44.28
CA GLU F 288 -2.55 -21.47 -44.83
C GLU F 288 -3.13 -20.10 -45.25
N ALA F 289 -4.45 -20.00 -45.32
CA ALA F 289 -5.11 -18.79 -45.81
C ALA F 289 -5.10 -17.76 -44.68
N PRO F 290 -5.16 -16.45 -45.03
CA PRO F 290 -5.14 -15.42 -43.97
C PRO F 290 -6.55 -15.18 -43.42
N LEU F 291 -6.99 -16.11 -42.59
CA LEU F 291 -8.35 -16.13 -42.05
C LEU F 291 -8.40 -15.56 -40.62
N VAL F 292 -9.62 -15.22 -40.17
CA VAL F 292 -9.83 -14.75 -38.80
C VAL F 292 -10.80 -15.66 -38.02
N SER F 293 -10.98 -15.42 -36.73
CA SER F 293 -11.68 -16.37 -35.87
C SER F 293 -13.03 -16.83 -36.42
N ILE F 294 -13.83 -15.92 -36.96
CA ILE F 294 -15.17 -16.27 -37.41
C ILE F 294 -15.20 -17.16 -38.66
N ASP F 295 -14.07 -17.28 -39.36
CA ASP F 295 -13.97 -18.13 -40.54
C ASP F 295 -13.99 -19.59 -40.14
N PHE F 296 -13.69 -19.85 -38.86
CA PHE F 296 -13.73 -21.20 -38.32
C PHE F 296 -15.00 -21.51 -37.54
N ASN F 297 -15.96 -20.60 -37.53
CA ASN F 297 -17.28 -20.88 -36.95
C ASN F 297 -17.99 -21.99 -37.75
N HIS F 298 -18.55 -22.96 -37.04
CA HIS F 298 -19.25 -24.12 -37.63
C HIS F 298 -18.31 -25.09 -38.33
N ASN F 299 -17.02 -25.03 -38.02
CA ASN F 299 -16.05 -25.97 -38.54
C ASN F 299 -16.04 -27.13 -37.58
N PRO F 300 -16.24 -28.36 -38.09
CA PRO F 300 -16.45 -29.50 -37.19
C PRO F 300 -15.17 -30.11 -36.66
N ALA F 301 -14.01 -29.53 -36.98
CA ALA F 301 -12.74 -30.02 -36.48
C ALA F 301 -12.58 -29.76 -34.98
N SER F 302 -11.73 -30.57 -34.35
CA SER F 302 -11.36 -30.37 -32.95
C SER F 302 -10.24 -29.33 -32.86
N SER F 303 -9.41 -29.27 -33.91
CA SER F 303 -8.22 -28.47 -33.92
C SER F 303 -7.85 -28.17 -35.37
N THR F 304 -7.81 -26.89 -35.74
CA THR F 304 -7.31 -26.47 -37.03
C THR F 304 -6.04 -25.66 -36.82
N PHE F 305 -4.91 -26.31 -37.04
CA PHE F 305 -3.59 -25.73 -36.92
C PHE F 305 -3.44 -24.56 -37.90
N ASP F 306 -2.99 -23.39 -37.42
CA ASP F 306 -2.73 -22.23 -38.29
C ASP F 306 -1.26 -22.13 -38.61
N ALA F 307 -0.92 -22.54 -39.83
CA ALA F 307 0.46 -22.52 -40.32
C ALA F 307 0.99 -21.09 -40.39
N THR F 308 0.09 -20.13 -40.61
CA THR F 308 0.50 -18.75 -40.75
C THR F 308 1.02 -18.14 -39.46
N LEU F 309 0.67 -18.72 -38.32
CA LEU F 309 1.05 -18.14 -37.03
C LEU F 309 2.28 -18.80 -36.41
N THR F 310 2.88 -19.78 -37.08
CA THR F 310 3.98 -20.51 -36.46
C THR F 310 5.21 -19.65 -36.31
N LYS F 311 5.86 -19.76 -35.15
CA LYS F 311 7.05 -19.01 -34.85
C LYS F 311 8.04 -19.96 -34.20
N VAL F 312 9.32 -19.89 -34.58
CA VAL F 312 10.40 -20.55 -33.82
C VAL F 312 11.62 -19.65 -33.63
N SER F 313 12.11 -19.63 -32.40
CA SER F 313 13.25 -18.83 -32.05
C SER F 313 14.14 -19.71 -31.21
N GLY F 314 15.19 -20.25 -31.85
CA GLY F 314 16.08 -21.21 -31.21
C GLY F 314 15.36 -22.53 -30.96
N ARG F 315 15.35 -22.97 -29.72
CA ARG F 315 14.67 -24.20 -29.33
C ARG F 315 13.18 -23.96 -29.02
N LEU F 316 12.76 -22.70 -28.96
CA LEU F 316 11.39 -22.32 -28.55
C LEU F 316 10.45 -22.32 -29.74
N VAL F 317 9.35 -23.06 -29.61
CA VAL F 317 8.36 -23.13 -30.65
C VAL F 317 7.01 -22.63 -30.14
N LYS F 318 6.37 -21.78 -30.93
CA LYS F 318 5.01 -21.33 -30.65
C LYS F 318 4.11 -21.75 -31.81
N VAL F 319 3.05 -22.47 -31.48
CA VAL F 319 2.11 -22.97 -32.49
C VAL F 319 0.65 -22.72 -32.08
N SER F 320 -0.20 -22.36 -33.03
CA SER F 320 -1.57 -22.02 -32.72
C SER F 320 -2.58 -22.83 -33.52
N SER F 321 -3.77 -23.03 -32.94
CA SER F 321 -4.82 -23.82 -33.56
C SER F 321 -6.20 -23.32 -33.20
N TRP F 322 -7.04 -23.12 -34.20
CA TRP F 322 -8.40 -22.64 -34.00
C TRP F 322 -9.34 -23.80 -33.68
N TYR F 323 -10.33 -23.56 -32.83
CA TYR F 323 -11.40 -24.52 -32.59
C TYR F 323 -12.72 -23.82 -32.33
N ASP F 324 -13.75 -24.34 -32.97
CA ASP F 324 -15.10 -23.97 -32.63
C ASP F 324 -15.43 -24.76 -31.38
N ASN F 325 -15.40 -24.07 -30.24
CA ASN F 325 -15.60 -24.70 -28.95
C ASN F 325 -17.01 -25.29 -28.73
N GLU F 326 -17.97 -24.93 -29.59
CA GLU F 326 -19.27 -25.55 -29.56
C GLU F 326 -19.34 -26.71 -30.53
N TRP F 327 -19.02 -26.42 -31.78
CA TRP F 327 -19.29 -27.31 -32.89
C TRP F 327 -18.31 -28.47 -33.00
N GLY F 328 -17.04 -28.21 -32.68
CA GLY F 328 -16.02 -29.25 -32.75
C GLY F 328 -16.35 -30.30 -31.70
N PHE F 329 -16.33 -29.88 -30.45
CA PHE F 329 -16.71 -30.73 -29.33
C PHE F 329 -18.01 -31.52 -29.59
N SER F 330 -19.03 -30.80 -30.02
CA SER F 330 -20.33 -31.38 -30.28
C SER F 330 -20.28 -32.51 -31.31
N ASN F 331 -19.51 -32.36 -32.37
CA ASN F 331 -19.35 -33.45 -33.32
C ASN F 331 -18.54 -34.60 -32.73
N ARG F 332 -17.60 -34.31 -31.83
CA ARG F 332 -16.86 -35.39 -31.16
C ARG F 332 -17.73 -36.17 -30.17
N MET F 333 -18.68 -35.52 -29.50
CA MET F 333 -19.58 -36.24 -28.57
C MET F 333 -20.30 -37.42 -29.24
N LEU F 334 -20.74 -37.22 -30.47
CA LEU F 334 -21.32 -38.28 -31.29
C LEU F 334 -20.32 -39.38 -31.62
N ASP F 335 -19.12 -39.00 -32.07
CA ASP F 335 -18.09 -40.00 -32.40
C ASP F 335 -17.75 -40.86 -31.19
N THR F 336 -17.61 -40.20 -30.04
CA THR F 336 -17.32 -40.86 -28.78
C THR F 336 -18.52 -41.68 -28.25
N ALA F 337 -19.73 -41.21 -28.48
CA ALA F 337 -20.95 -41.98 -28.18
C ALA F 337 -20.88 -43.38 -28.82
N ILE F 338 -20.69 -43.39 -30.12
CA ILE F 338 -20.53 -44.62 -30.87
C ILE F 338 -19.44 -45.49 -30.22
N ALA F 339 -18.20 -45.00 -30.20
CA ALA F 339 -17.07 -45.82 -29.80
C ALA F 339 -17.21 -46.41 -28.38
N LEU F 340 -17.98 -45.74 -27.52
CA LEU F 340 -18.20 -46.17 -26.14
C LEU F 340 -19.17 -47.36 -26.02
N ALA F 341 -20.30 -47.26 -26.71
CA ALA F 341 -21.31 -48.31 -26.71
C ALA F 341 -20.75 -49.61 -27.32
N ASN F 342 -20.23 -49.52 -28.55
CA ASN F 342 -19.58 -50.65 -29.22
C ASN F 342 -18.24 -51.13 -28.61
N ALA F 343 -17.84 -50.60 -27.46
CA ALA F 343 -16.56 -50.97 -26.87
C ALA F 343 -16.54 -52.47 -26.54
N LYS F 344 -15.38 -53.10 -26.81
CA LYS F 344 -15.20 -54.56 -26.83
C LYS F 344 -16.05 -55.20 -27.94
N THR G 10 -31.26 -9.56 -72.52
CA THR G 10 -30.39 -9.86 -71.34
C THR G 10 -29.33 -8.79 -71.18
N ILE G 11 -29.39 -8.06 -70.07
CA ILE G 11 -28.60 -6.84 -69.83
C ILE G 11 -27.16 -7.16 -69.43
N ARG G 12 -26.29 -6.15 -69.52
CA ARG G 12 -24.91 -6.22 -68.99
C ARG G 12 -24.75 -5.19 -67.86
N VAL G 13 -23.91 -5.50 -66.88
CA VAL G 13 -23.79 -4.70 -65.65
C VAL G 13 -22.35 -4.59 -65.15
N ALA G 14 -22.03 -3.47 -64.49
CA ALA G 14 -20.72 -3.28 -63.87
C ALA G 14 -20.84 -2.64 -62.50
N ILE G 15 -19.87 -2.90 -61.62
CA ILE G 15 -19.94 -2.46 -60.23
C ILE G 15 -18.74 -1.62 -59.80
N ASN G 16 -19.00 -0.33 -59.57
CA ASN G 16 -18.03 0.59 -59.00
C ASN G 16 -18.36 0.75 -57.51
N GLY G 17 -17.39 0.40 -56.66
CA GLY G 17 -17.63 0.32 -55.22
C GLY G 17 -18.02 -1.10 -54.83
N TYR G 18 -17.03 -1.96 -54.70
CA TYR G 18 -17.23 -3.37 -54.40
C TYR G 18 -17.21 -3.57 -52.89
N GLY G 19 -18.16 -2.92 -52.21
CA GLY G 19 -18.17 -2.83 -50.75
C GLY G 19 -19.28 -3.64 -50.12
N ARG G 20 -19.85 -3.15 -49.04
CA ARG G 20 -20.96 -3.87 -48.41
C ARG G 20 -22.12 -4.04 -49.41
N ILE G 21 -22.40 -2.99 -50.20
CA ILE G 21 -23.51 -3.05 -51.15
C ILE G 21 -23.06 -3.65 -52.48
N GLY G 22 -21.88 -3.31 -52.95
CA GLY G 22 -21.36 -3.89 -54.18
C GLY G 22 -21.15 -5.40 -54.17
N ARG G 23 -20.59 -5.93 -53.09
CA ARG G 23 -20.27 -7.35 -53.02
C ARG G 23 -21.50 -8.18 -52.74
N ASN G 24 -22.42 -7.62 -51.97
CA ASN G 24 -23.63 -8.35 -51.59
C ASN G 24 -24.71 -8.31 -52.67
N THR G 25 -24.56 -7.38 -53.62
CA THR G 25 -25.42 -7.34 -54.78
C THR G 25 -25.00 -8.50 -55.71
N LEU G 26 -23.71 -8.59 -55.99
CA LEU G 26 -23.20 -9.75 -56.71
C LEU G 26 -23.68 -11.03 -56.04
N ARG G 27 -23.40 -11.20 -54.75
CA ARG G 27 -23.73 -12.44 -54.05
C ARG G 27 -25.21 -12.78 -54.14
N ALA G 28 -26.06 -11.77 -53.99
CA ALA G 28 -27.50 -11.96 -54.05
C ALA G 28 -27.93 -12.45 -55.43
N PHE G 29 -27.31 -11.90 -56.48
CA PHE G 29 -27.51 -12.33 -57.86
C PHE G 29 -27.25 -13.82 -58.02
N TYR G 30 -26.07 -14.25 -57.58
CA TYR G 30 -25.68 -15.66 -57.65
C TYR G 30 -26.48 -16.59 -56.72
N GLU G 31 -26.78 -16.16 -55.50
CA GLU G 31 -27.55 -16.97 -54.55
C GLU G 31 -29.01 -17.17 -54.99
N ASN G 32 -29.60 -16.17 -55.63
CA ASN G 32 -30.94 -16.28 -56.21
C ASN G 32 -30.92 -17.18 -57.46
N GLY G 33 -29.72 -17.46 -57.96
CA GLY G 33 -29.53 -18.46 -59.00
C GLY G 33 -29.61 -17.87 -60.38
N LYS G 34 -29.06 -16.67 -60.55
CA LYS G 34 -29.04 -15.95 -61.82
C LYS G 34 -30.42 -15.69 -62.45
N LYS G 35 -31.48 -15.74 -61.65
CA LYS G 35 -32.84 -15.56 -62.16
C LYS G 35 -33.09 -14.19 -62.82
N HIS G 36 -32.20 -13.23 -62.64
CA HIS G 36 -32.29 -11.96 -63.35
C HIS G 36 -31.64 -12.13 -64.70
N ASP G 37 -32.35 -11.74 -65.76
CA ASP G 37 -31.75 -11.69 -67.11
C ASP G 37 -30.70 -10.59 -67.11
N LEU G 38 -29.47 -10.96 -66.76
CA LEU G 38 -28.42 -9.99 -66.46
C LEU G 38 -27.11 -10.73 -66.33
N GLU G 39 -26.01 -10.02 -66.55
CA GLU G 39 -24.68 -10.53 -66.22
C GLU G 39 -23.78 -9.44 -65.64
N ILE G 40 -22.79 -9.86 -64.85
CA ILE G 40 -21.83 -8.95 -64.23
C ILE G 40 -20.48 -9.12 -64.91
N VAL G 41 -19.99 -8.06 -65.55
CA VAL G 41 -18.86 -8.17 -66.47
C VAL G 41 -17.56 -7.53 -65.94
N ALA G 42 -17.69 -6.49 -65.12
CA ALA G 42 -16.51 -5.85 -64.53
C ALA G 42 -16.81 -5.19 -63.18
N ILE G 43 -15.74 -4.96 -62.42
CA ILE G 43 -15.83 -4.48 -61.05
C ILE G 43 -14.68 -3.51 -60.75
N ASN G 44 -14.98 -2.42 -60.05
CA ASN G 44 -13.96 -1.43 -59.67
C ASN G 44 -13.88 -1.15 -58.16
N ASP G 45 -12.67 -1.18 -57.61
CA ASP G 45 -12.43 -0.92 -56.19
C ASP G 45 -10.92 -0.91 -55.99
N LEU G 46 -10.41 0.11 -55.33
CA LEU G 46 -8.96 0.33 -55.21
C LEU G 46 -8.08 -0.86 -54.71
N GLY G 47 -8.63 -2.06 -54.63
CA GLY G 47 -7.81 -3.24 -54.38
C GLY G 47 -7.60 -4.09 -55.61
N ASP G 48 -6.55 -4.92 -55.57
CA ASP G 48 -6.25 -5.87 -56.64
C ASP G 48 -7.28 -7.01 -56.71
N ALA G 49 -7.04 -7.95 -57.62
CA ALA G 49 -7.91 -9.13 -57.81
C ALA G 49 -7.93 -10.06 -56.60
N LYS G 50 -6.78 -10.30 -55.97
CA LYS G 50 -6.69 -11.14 -54.76
C LYS G 50 -7.64 -10.64 -53.67
N THR G 51 -7.48 -9.37 -53.32
CA THR G 51 -8.23 -8.78 -52.23
C THR G 51 -9.72 -8.92 -52.48
N ASN G 52 -10.16 -8.61 -53.69
CA ASN G 52 -11.60 -8.65 -54.00
C ASN G 52 -12.14 -10.08 -53.90
N ALA G 53 -11.34 -11.05 -54.36
CA ALA G 53 -11.70 -12.46 -54.29
C ALA G 53 -11.92 -12.95 -52.84
N HIS G 54 -10.95 -12.65 -51.99
CA HIS G 54 -11.01 -13.02 -50.58
C HIS G 54 -12.25 -12.45 -49.88
N LEU G 55 -12.52 -11.16 -50.08
CA LEU G 55 -13.70 -10.53 -49.46
C LEU G 55 -15.00 -11.05 -50.06
N THR G 56 -14.96 -11.56 -51.29
CA THR G 56 -16.12 -12.26 -51.87
C THR G 56 -16.28 -13.66 -51.27
N GLN G 57 -15.18 -14.36 -51.01
CA GLN G 57 -15.26 -15.70 -50.46
C GLN G 57 -15.63 -15.70 -48.97
N TYR G 58 -15.18 -14.67 -48.25
CA TYR G 58 -15.35 -14.61 -46.81
C TYR G 58 -16.09 -13.36 -46.32
N ASP G 59 -17.00 -13.55 -45.37
CA ASP G 59 -17.64 -12.43 -44.74
C ASP G 59 -18.15 -12.71 -43.31
N THR G 60 -17.89 -11.75 -42.43
CA THR G 60 -18.35 -11.81 -41.06
C THR G 60 -19.87 -11.87 -41.00
N ALA G 61 -20.55 -10.87 -41.55
CA ALA G 61 -22.02 -10.80 -41.44
C ALA G 61 -22.76 -11.99 -42.10
N HIS G 62 -22.36 -12.35 -43.32
CA HIS G 62 -23.15 -13.26 -44.15
C HIS G 62 -22.55 -14.67 -44.33
N GLY G 63 -21.31 -14.87 -43.88
CA GLY G 63 -20.68 -16.18 -43.91
C GLY G 63 -19.84 -16.45 -45.15
N LYS G 64 -19.42 -17.70 -45.31
CA LYS G 64 -18.69 -18.09 -46.51
C LYS G 64 -19.68 -17.98 -47.68
N PHE G 65 -19.15 -17.63 -48.85
CA PHE G 65 -19.94 -17.59 -50.07
C PHE G 65 -20.14 -19.02 -50.56
N PRO G 66 -21.41 -19.46 -50.76
CA PRO G 66 -21.69 -20.81 -51.26
C PRO G 66 -21.45 -20.94 -52.78
N GLY G 67 -20.20 -20.81 -53.19
CA GLY G 67 -19.84 -20.90 -54.59
C GLY G 67 -18.35 -21.12 -54.65
N GLU G 68 -17.78 -20.86 -55.83
CA GLU G 68 -16.33 -20.91 -55.98
C GLU G 68 -15.84 -19.55 -56.45
N VAL G 69 -14.67 -19.19 -55.94
CA VAL G 69 -14.05 -17.91 -56.21
C VAL G 69 -12.57 -18.18 -56.41
N SER G 70 -11.97 -17.43 -57.33
CA SER G 70 -10.56 -17.59 -57.66
C SER G 70 -10.11 -16.40 -58.49
N VAL G 71 -8.79 -16.23 -58.60
CA VAL G 71 -8.21 -15.15 -59.40
C VAL G 71 -7.70 -15.72 -60.72
N ASP G 72 -7.68 -14.89 -61.75
CA ASP G 72 -7.02 -15.24 -63.01
C ASP G 72 -6.26 -14.02 -63.55
N GLY G 73 -5.18 -13.67 -62.85
CA GLY G 73 -4.41 -12.47 -63.16
C GLY G 73 -5.16 -11.23 -62.71
N ASP G 74 -5.67 -10.48 -63.69
CA ASP G 74 -6.49 -9.30 -63.44
C ASP G 74 -7.99 -9.63 -63.46
N TYR G 75 -8.32 -10.92 -63.54
CA TYR G 75 -9.71 -11.39 -63.65
C TYR G 75 -10.21 -12.13 -62.38
N LEU G 76 -11.51 -11.98 -62.10
CA LEU G 76 -12.16 -12.66 -60.98
C LEU G 76 -13.19 -13.65 -61.52
N VAL G 77 -13.11 -14.89 -61.07
CA VAL G 77 -13.98 -15.95 -61.57
C VAL G 77 -14.95 -16.46 -60.50
N VAL G 78 -16.24 -16.19 -60.69
CA VAL G 78 -17.29 -16.62 -59.78
C VAL G 78 -18.16 -17.70 -60.42
N ASN G 79 -18.02 -18.94 -59.94
CA ASN G 79 -18.78 -20.07 -60.48
C ASN G 79 -18.73 -20.10 -62.00
N GLY G 80 -17.52 -20.21 -62.54
CA GLY G 80 -17.31 -20.26 -63.99
C GLY G 80 -17.26 -18.89 -64.65
N ASP G 81 -18.27 -18.06 -64.38
CA ASP G 81 -18.36 -16.73 -64.98
C ASP G 81 -17.07 -15.94 -64.80
N ARG G 82 -16.80 -15.02 -65.72
CA ARG G 82 -15.54 -14.28 -65.76
C ARG G 82 -15.82 -12.79 -65.56
N ILE G 83 -15.05 -12.16 -64.65
CA ILE G 83 -15.25 -10.75 -64.29
C ILE G 83 -13.90 -10.02 -64.12
N ARG G 84 -13.82 -8.79 -64.64
CA ARG G 84 -12.56 -8.04 -64.60
C ARG G 84 -12.49 -7.08 -63.42
N VAL G 85 -11.29 -6.91 -62.89
CA VAL G 85 -11.06 -6.07 -61.72
C VAL G 85 -10.32 -4.79 -62.09
N LEU G 86 -11.04 -3.67 -62.01
CA LEU G 86 -10.47 -2.34 -62.23
C LEU G 86 -10.09 -1.69 -60.90
N ALA G 87 -9.12 -0.78 -60.95
CA ALA G 87 -8.61 -0.13 -59.75
C ALA G 87 -8.32 1.34 -60.06
N ASN G 88 -9.36 2.04 -60.50
CA ASN G 88 -9.24 3.46 -60.80
C ASN G 88 -10.26 4.26 -59.99
N ARG G 89 -9.75 5.19 -59.17
CA ARG G 89 -10.60 6.01 -58.31
C ARG G 89 -11.46 7.02 -59.10
N ASN G 90 -11.05 7.32 -60.33
CA ASN G 90 -11.80 8.22 -61.22
C ASN G 90 -12.56 7.45 -62.30
N PRO G 91 -13.92 7.50 -62.26
CA PRO G 91 -14.75 6.78 -63.25
C PRO G 91 -14.68 7.32 -64.68
N ALA G 92 -14.40 8.61 -64.82
CA ALA G 92 -14.27 9.23 -66.14
C ALA G 92 -13.30 8.49 -67.06
N GLU G 93 -12.29 7.84 -66.47
CA GLU G 93 -11.26 7.09 -67.23
C GLU G 93 -11.29 5.58 -66.93
N LEU G 94 -12.46 5.08 -66.54
CA LEU G 94 -12.69 3.64 -66.43
C LEU G 94 -13.21 3.13 -67.76
N PRO G 95 -12.52 2.12 -68.34
CA PRO G 95 -12.88 1.66 -69.68
C PRO G 95 -14.17 0.82 -69.70
N TRP G 96 -15.31 1.52 -69.65
CA TRP G 96 -16.62 0.87 -69.71
C TRP G 96 -17.07 0.69 -71.17
N GLY G 97 -16.66 1.63 -72.02
CA GLY G 97 -16.99 1.57 -73.44
C GLY G 97 -16.39 0.35 -74.10
N GLU G 98 -15.10 0.12 -73.84
CA GLU G 98 -14.39 -1.06 -74.34
C GLU G 98 -15.07 -2.36 -73.92
N LEU G 99 -15.47 -2.43 -72.65
CA LEU G 99 -16.15 -3.61 -72.10
C LEU G 99 -17.61 -3.67 -72.55
N GLY G 100 -18.15 -2.54 -73.01
CA GLY G 100 -19.55 -2.47 -73.41
C GLY G 100 -20.42 -2.64 -72.18
N VAL G 101 -20.28 -1.70 -71.24
CA VAL G 101 -21.04 -1.73 -70.00
C VAL G 101 -22.37 -1.02 -70.19
N ASP G 102 -23.46 -1.68 -69.82
CA ASP G 102 -24.81 -1.16 -70.06
C ASP G 102 -25.42 -0.49 -68.82
N VAL G 103 -25.21 -1.08 -67.63
CA VAL G 103 -25.66 -0.45 -66.38
C VAL G 103 -24.55 -0.44 -65.34
N VAL G 104 -24.20 0.76 -64.88
CA VAL G 104 -23.21 0.90 -63.80
C VAL G 104 -23.94 1.06 -62.45
N MET G 105 -23.69 0.12 -61.55
CA MET G 105 -24.19 0.23 -60.19
C MET G 105 -23.17 0.98 -59.35
N GLU G 106 -23.52 2.22 -59.00
CA GLU G 106 -22.59 3.12 -58.31
C GLU G 106 -22.76 2.96 -56.80
N CYS G 107 -21.75 2.40 -56.15
CA CYS G 107 -21.83 1.99 -54.74
C CYS G 107 -20.63 2.40 -53.90
N THR G 108 -20.00 3.53 -54.20
CA THR G 108 -18.78 3.95 -53.49
C THR G 108 -19.06 4.85 -52.30
N GLY G 109 -20.16 5.58 -52.35
CA GLY G 109 -20.51 6.57 -51.34
C GLY G 109 -20.08 7.99 -51.70
N PHE G 110 -19.31 8.11 -52.78
CA PHE G 110 -18.67 9.38 -53.15
C PHE G 110 -19.33 10.11 -54.34
N PHE G 111 -20.02 9.38 -55.21
CA PHE G 111 -20.52 9.95 -56.47
C PHE G 111 -22.02 9.79 -56.60
N THR G 112 -22.76 10.43 -55.68
CA THR G 112 -24.19 10.16 -55.51
C THR G 112 -25.14 11.13 -56.23
N SER G 113 -24.64 12.22 -56.79
CA SER G 113 -25.48 13.13 -57.60
C SER G 113 -25.30 12.81 -59.09
N LYS G 114 -26.12 13.41 -59.94
CA LYS G 114 -26.02 13.19 -61.39
C LYS G 114 -24.72 13.76 -61.98
N GLU G 115 -24.36 14.98 -61.58
CA GLU G 115 -23.10 15.60 -62.01
C GLU G 115 -21.93 14.61 -61.92
N LYS G 116 -21.68 14.11 -60.71
CA LYS G 116 -20.52 13.28 -60.41
C LYS G 116 -20.69 11.83 -60.91
N ALA G 117 -21.93 11.35 -60.93
CA ALA G 117 -22.25 10.01 -61.43
C ALA G 117 -22.15 9.96 -62.94
N SER G 118 -22.39 11.09 -63.60
CA SER G 118 -22.28 11.15 -65.07
C SER G 118 -20.87 10.87 -65.59
N ALA G 119 -19.88 10.88 -64.72
CA ALA G 119 -18.50 10.48 -65.07
C ALA G 119 -18.40 9.01 -65.47
N HIS G 120 -19.38 8.19 -65.09
CA HIS G 120 -19.46 6.81 -65.58
C HIS G 120 -19.85 6.81 -67.05
N LEU G 121 -20.69 7.75 -67.44
CA LEU G 121 -21.13 7.85 -68.83
C LEU G 121 -19.97 8.34 -69.74
N LYS G 122 -19.14 9.23 -69.20
CA LYS G 122 -17.91 9.66 -69.90
C LYS G 122 -16.88 8.51 -70.08
N GLY G 123 -16.87 7.55 -69.16
CA GLY G 123 -16.10 6.33 -69.34
C GLY G 123 -16.68 5.48 -70.47
N GLY G 124 -17.95 5.73 -70.81
CA GLY G 124 -18.61 5.13 -71.97
C GLY G 124 -19.62 4.08 -71.61
N ALA G 125 -20.76 4.50 -71.05
CA ALA G 125 -21.78 3.57 -70.54
C ALA G 125 -23.20 4.11 -70.61
N LYS G 126 -24.14 3.24 -70.99
CA LYS G 126 -25.57 3.58 -71.10
C LYS G 126 -26.16 4.27 -69.83
N LYS G 127 -26.54 3.47 -68.83
CA LYS G 127 -27.29 3.94 -67.65
C LYS G 127 -26.46 3.86 -66.35
N VAL G 128 -26.94 4.51 -65.29
CA VAL G 128 -26.33 4.44 -63.96
C VAL G 128 -27.41 4.33 -62.87
N ILE G 129 -27.13 3.51 -61.85
CA ILE G 129 -27.98 3.40 -60.65
C ILE G 129 -27.17 3.73 -59.42
N ILE G 130 -27.59 4.76 -58.69
CA ILE G 130 -26.95 5.12 -57.44
C ILE G 130 -27.58 4.27 -56.36
N SER G 131 -26.75 3.49 -55.68
CA SER G 131 -27.17 2.66 -54.54
C SER G 131 -27.26 3.49 -53.24
N ALA G 132 -28.02 4.57 -53.28
CA ALA G 132 -28.15 5.51 -52.16
C ALA G 132 -29.10 6.62 -52.60
N PRO G 133 -29.60 7.43 -51.67
CA PRO G 133 -30.39 8.59 -52.09
C PRO G 133 -29.58 9.57 -52.94
N GLY G 134 -30.22 10.15 -53.95
CA GLY G 134 -29.56 11.10 -54.85
C GLY G 134 -29.75 12.54 -54.41
N GLY G 135 -29.00 13.44 -55.04
CA GLY G 135 -29.29 14.87 -54.97
C GLY G 135 -30.51 15.18 -55.83
N LYS G 136 -31.18 16.31 -55.55
CA LYS G 136 -32.43 16.70 -56.23
C LYS G 136 -32.46 16.60 -57.77
N ASP G 137 -31.28 16.47 -58.40
CA ASP G 137 -31.16 16.49 -59.86
C ASP G 137 -31.14 15.13 -60.57
N VAL G 138 -31.26 14.03 -59.83
CA VAL G 138 -31.28 12.68 -60.44
C VAL G 138 -32.58 12.44 -61.21
N ASP G 139 -32.50 11.58 -62.22
CA ASP G 139 -33.62 11.35 -63.12
C ASP G 139 -34.88 10.86 -62.39
N ALA G 140 -34.71 9.91 -61.47
CA ALA G 140 -35.82 9.42 -60.62
C ALA G 140 -35.37 8.63 -59.38
N THR G 141 -36.30 8.45 -58.42
CA THR G 141 -36.02 7.76 -57.15
C THR G 141 -37.01 6.61 -56.89
N ILE G 142 -36.49 5.38 -56.92
CA ILE G 142 -37.32 4.17 -56.95
C ILE G 142 -37.20 3.26 -55.73
N VAL G 143 -38.33 2.99 -55.08
CA VAL G 143 -38.50 1.86 -54.15
C VAL G 143 -39.19 0.76 -54.92
N TYR G 144 -38.42 -0.23 -55.37
CA TYR G 144 -38.96 -1.31 -56.20
C TYR G 144 -40.16 -1.97 -55.53
N GLY G 145 -41.23 -2.15 -56.31
CA GLY G 145 -42.43 -2.80 -55.83
C GLY G 145 -43.48 -1.83 -55.33
N VAL G 146 -43.11 -0.56 -55.24
CA VAL G 146 -44.08 0.49 -54.97
C VAL G 146 -44.23 1.46 -56.16
N ASN G 147 -43.13 1.80 -56.83
CA ASN G 147 -43.14 2.83 -57.89
C ASN G 147 -42.08 2.67 -59.00
N HIS G 148 -41.78 1.44 -59.38
CA HIS G 148 -40.78 1.20 -60.45
C HIS G 148 -41.31 1.39 -61.89
N ASP G 149 -42.55 1.87 -62.02
CA ASP G 149 -43.20 2.11 -63.31
C ASP G 149 -42.75 3.46 -63.90
N VAL G 150 -42.60 4.48 -63.05
CA VAL G 150 -42.16 5.81 -63.49
C VAL G 150 -40.86 5.79 -64.31
N LEU G 151 -40.25 4.62 -64.45
CA LEU G 151 -39.06 4.45 -65.28
C LEU G 151 -39.36 4.63 -66.77
N LYS G 152 -38.37 5.18 -67.47
CA LYS G 152 -38.49 5.57 -68.88
C LYS G 152 -37.14 5.41 -69.57
N ALA G 153 -37.13 5.13 -70.87
CA ALA G 153 -35.88 4.86 -71.61
C ALA G 153 -34.97 6.08 -71.67
N GLU G 154 -35.54 7.26 -71.38
CA GLU G 154 -34.80 8.51 -71.36
C GLU G 154 -33.79 8.53 -70.20
N HIS G 155 -34.17 7.90 -69.09
CA HIS G 155 -33.45 8.03 -67.82
C HIS G 155 -32.08 7.37 -67.82
N THR G 156 -31.04 8.16 -67.56
CA THR G 156 -29.65 7.66 -67.52
C THR G 156 -29.08 7.49 -66.10
N VAL G 157 -29.52 8.32 -65.16
CA VAL G 157 -28.96 8.32 -63.81
C VAL G 157 -30.05 8.37 -62.74
N ILE G 158 -30.36 7.21 -62.14
CA ILE G 158 -31.42 7.11 -61.12
C ILE G 158 -30.94 6.73 -59.71
N SER G 159 -31.87 6.79 -58.74
CA SER G 159 -31.59 6.41 -57.35
C SER G 159 -32.48 5.27 -56.85
N ASN G 160 -31.86 4.32 -56.15
CA ASN G 160 -32.57 3.20 -55.53
C ASN G 160 -33.02 3.52 -54.12
N ALA G 161 -33.00 4.81 -53.76
CA ALA G 161 -33.31 5.28 -52.40
C ALA G 161 -32.35 4.69 -51.39
N SER G 162 -32.75 4.62 -50.12
CA SER G 162 -31.96 3.94 -49.12
C SER G 162 -32.66 2.68 -48.61
N CYS G 163 -31.87 1.86 -47.93
CA CYS G 163 -32.36 0.71 -47.19
C CYS G 163 -33.55 1.09 -46.34
N THR G 164 -33.44 2.21 -45.62
CA THR G 164 -34.51 2.64 -44.74
C THR G 164 -35.77 2.99 -45.53
N THR G 165 -35.57 3.63 -46.67
CA THR G 165 -36.70 4.11 -47.48
C THR G 165 -37.45 2.94 -48.13
N ASN G 166 -36.72 1.96 -48.64
CA ASN G 166 -37.32 0.73 -49.12
C ASN G 166 -38.08 -0.03 -48.03
N CYS G 167 -37.74 0.18 -46.75
CA CYS G 167 -38.47 -0.48 -45.67
C CYS G 167 -39.72 0.28 -45.25
N LEU G 168 -39.61 1.60 -45.19
CA LEU G 168 -40.71 2.44 -44.74
C LEU G 168 -41.88 2.49 -45.74
N ALA G 169 -41.58 2.57 -47.03
CA ALA G 169 -42.64 2.77 -48.06
C ALA G 169 -43.66 1.63 -48.07
N PRO G 170 -43.21 0.38 -48.28
CA PRO G 170 -44.14 -0.76 -48.22
C PRO G 170 -44.90 -0.85 -46.90
N LEU G 171 -44.29 -0.34 -45.84
CA LEU G 171 -44.90 -0.36 -44.52
C LEU G 171 -46.08 0.62 -44.50
N VAL G 172 -45.88 1.80 -45.05
CA VAL G 172 -46.87 2.87 -44.92
C VAL G 172 -48.01 2.74 -45.95
N LYS G 173 -47.73 2.24 -47.16
CA LYS G 173 -48.68 2.31 -48.25
C LYS G 173 -50.04 1.68 -47.92
N PRO G 174 -50.06 0.42 -47.45
CA PRO G 174 -51.37 -0.17 -47.19
C PRO G 174 -52.11 0.48 -46.01
N LEU G 175 -51.38 0.96 -45.00
CA LEU G 175 -52.06 1.66 -43.91
C LEU G 175 -52.61 3.00 -44.41
N ASN G 176 -51.90 3.61 -45.34
CA ASN G 176 -52.36 4.85 -45.93
C ASN G 176 -53.59 4.58 -46.79
N ASP G 177 -53.46 3.57 -47.68
CA ASP G 177 -54.55 3.18 -48.58
C ASP G 177 -55.86 2.87 -47.85
N LYS G 178 -55.80 2.08 -46.77
CA LYS G 178 -57.01 1.51 -46.13
C LYS G 178 -57.47 2.23 -44.86
N ILE G 179 -56.56 2.95 -44.20
CA ILE G 179 -56.88 3.66 -42.96
C ILE G 179 -56.72 5.17 -43.07
N GLY G 180 -55.70 5.60 -43.82
CA GLY G 180 -55.42 7.02 -43.98
C GLY G 180 -54.48 7.57 -42.92
N LEU G 181 -53.34 8.10 -43.37
CA LEU G 181 -52.35 8.69 -42.48
C LEU G 181 -52.35 10.24 -42.53
N GLU G 182 -52.62 10.87 -41.38
CA GLU G 182 -52.69 12.33 -41.26
C GLU G 182 -51.27 12.94 -41.20
N THR G 183 -50.50 12.58 -40.17
CA THR G 183 -49.04 12.75 -40.19
C THR G 183 -48.39 11.56 -39.51
N GLY G 184 -47.10 11.36 -39.76
CA GLY G 184 -46.30 10.31 -39.10
C GLY G 184 -44.83 10.63 -38.85
N LEU G 185 -44.26 10.01 -37.81
CA LEU G 185 -42.86 10.21 -37.43
C LEU G 185 -42.12 8.88 -37.18
N MET G 186 -40.92 8.79 -37.74
CA MET G 186 -40.14 7.56 -37.72
C MET G 186 -38.82 7.66 -36.91
N THR G 187 -38.53 6.61 -36.16
CA THR G 187 -37.19 6.32 -35.64
C THR G 187 -36.75 5.03 -36.29
N THR G 188 -35.60 5.01 -36.97
CA THR G 188 -35.03 3.72 -37.34
C THR G 188 -33.85 3.39 -36.41
N ILE G 189 -33.87 2.18 -35.85
CA ILE G 189 -32.77 1.64 -35.05
C ILE G 189 -31.93 0.74 -35.95
N HIS G 190 -30.72 1.19 -36.22
CA HIS G 190 -29.98 0.77 -37.38
C HIS G 190 -28.63 0.24 -36.97
N ALA G 191 -28.24 -0.88 -37.57
CA ALA G 191 -26.88 -1.38 -37.45
C ALA G 191 -25.89 -0.31 -37.82
N TYR G 192 -24.66 -0.42 -37.31
CA TYR G 192 -23.61 0.51 -37.73
C TYR G 192 -23.14 0.23 -39.14
N THR G 193 -22.56 1.23 -39.80
CA THR G 193 -21.97 1.02 -41.12
C THR G 193 -20.54 1.55 -41.19
N ASN G 194 -19.90 1.40 -42.35
CA ASN G 194 -18.48 1.69 -42.45
C ASN G 194 -18.11 3.18 -42.48
N ASP G 195 -19.09 4.07 -42.54
CA ASP G 195 -18.85 5.50 -42.31
C ASP G 195 -18.77 5.91 -40.82
N GLN G 196 -18.90 4.96 -39.90
CA GLN G 196 -18.74 5.21 -38.47
C GLN G 196 -17.34 4.81 -38.02
N VAL G 197 -17.03 4.99 -36.73
CA VAL G 197 -15.68 4.80 -36.22
C VAL G 197 -15.67 3.77 -35.11
N LEU G 198 -14.52 3.11 -34.92
CA LEU G 198 -14.33 2.11 -33.84
C LEU G 198 -14.12 2.73 -32.46
N THR G 199 -13.25 3.75 -32.39
CA THR G 199 -13.08 4.56 -31.18
C THR G 199 -12.95 6.05 -31.56
N ASP G 200 -13.46 6.94 -30.71
CA ASP G 200 -13.66 8.36 -31.05
C ASP G 200 -12.54 9.00 -31.87
N VAL G 201 -12.89 9.56 -33.02
CA VAL G 201 -11.94 10.21 -33.87
C VAL G 201 -12.67 11.07 -34.90
N TYR G 202 -11.93 11.89 -35.62
CA TYR G 202 -12.51 12.81 -36.61
C TYR G 202 -13.60 12.20 -37.46
N HIS G 203 -14.66 12.98 -37.62
CA HIS G 203 -15.73 12.71 -38.56
C HIS G 203 -16.50 14.02 -38.74
N GLU G 204 -17.07 14.26 -39.91
CA GLU G 204 -17.72 15.55 -40.21
C GLU G 204 -19.02 15.72 -39.44
N ASP G 205 -19.58 14.61 -39.03
CA ASP G 205 -20.70 14.55 -38.11
C ASP G 205 -20.18 14.16 -36.72
N LEU G 206 -20.50 14.98 -35.72
CA LEU G 206 -19.92 14.87 -34.39
C LEU G 206 -20.48 13.68 -33.61
N ARG G 207 -21.61 13.16 -34.04
CA ARG G 207 -22.15 11.96 -33.43
C ARG G 207 -21.51 10.70 -34.03
N ARG G 208 -21.25 10.71 -35.33
CA ARG G 208 -20.59 9.59 -35.96
C ARG G 208 -19.11 9.57 -35.65
N ALA G 209 -18.59 10.64 -35.04
CA ALA G 209 -17.19 10.66 -34.61
C ALA G 209 -16.97 9.79 -33.35
N ARG G 210 -18.06 9.31 -32.75
CA ARG G 210 -18.01 8.56 -31.51
C ARG G 210 -18.11 7.03 -31.78
N SER G 211 -17.44 6.23 -30.93
CA SER G 211 -17.40 4.78 -31.05
C SER G 211 -18.75 4.14 -31.33
N ALA G 212 -18.90 3.55 -32.50
CA ALA G 212 -20.14 2.90 -32.88
C ALA G 212 -20.44 1.67 -32.02
N THR G 213 -19.41 1.12 -31.38
CA THR G 213 -19.51 -0.15 -30.70
C THR G 213 -20.04 0.01 -29.28
N HIS G 214 -20.03 1.22 -28.75
CA HIS G 214 -20.31 1.45 -27.34
C HIS G 214 -21.47 2.41 -27.07
N SER G 215 -22.07 2.99 -28.11
CA SER G 215 -23.16 3.95 -27.93
C SER G 215 -24.35 3.74 -28.83
N GLN G 216 -25.48 4.25 -28.37
CA GLN G 216 -26.57 4.65 -29.26
C GLN G 216 -26.27 6.08 -29.78
N ILE G 217 -26.34 6.23 -31.10
CA ILE G 217 -25.82 7.41 -31.77
C ILE G 217 -26.88 7.92 -32.72
N PRO G 218 -27.62 8.96 -32.29
CA PRO G 218 -28.59 9.53 -33.20
C PRO G 218 -27.94 10.12 -34.43
N THR G 219 -28.59 9.97 -35.58
CA THR G 219 -28.09 10.48 -36.84
C THR G 219 -29.29 10.83 -37.72
N LYS G 220 -29.15 11.90 -38.49
CA LYS G 220 -30.19 12.33 -39.40
C LYS G 220 -30.35 11.27 -40.45
N THR G 221 -31.57 11.12 -40.93
CA THR G 221 -31.79 10.46 -42.20
C THR G 221 -32.94 11.14 -42.97
N GLY G 222 -32.82 11.14 -44.30
CA GLY G 222 -33.83 11.72 -45.18
C GLY G 222 -34.96 10.76 -45.54
N ALA G 223 -34.96 9.56 -44.97
CA ALA G 223 -35.82 8.47 -45.45
C ALA G 223 -37.32 8.70 -45.30
N ALA G 224 -37.76 9.28 -44.20
CA ALA G 224 -39.19 9.54 -44.01
C ALA G 224 -39.69 10.48 -45.09
N ALA G 225 -39.04 11.64 -45.24
CA ALA G 225 -39.39 12.61 -46.26
C ALA G 225 -39.26 12.05 -47.67
N ALA G 226 -38.33 11.11 -47.86
CA ALA G 226 -38.06 10.52 -49.18
C ALA G 226 -39.17 9.57 -49.62
N VAL G 227 -39.93 9.07 -48.66
CA VAL G 227 -41.08 8.23 -48.97
C VAL G 227 -42.13 9.09 -49.68
N GLY G 228 -42.12 10.39 -49.42
CA GLY G 228 -42.96 11.36 -50.12
C GLY G 228 -42.69 11.55 -51.60
N LEU G 229 -41.58 11.03 -52.12
CA LEU G 229 -41.28 11.07 -53.55
C LEU G 229 -41.73 9.79 -54.27
N VAL G 230 -41.67 8.66 -53.56
CA VAL G 230 -42.16 7.39 -54.12
C VAL G 230 -43.68 7.31 -54.06
N LEU G 231 -44.26 7.90 -53.01
CA LEU G 231 -45.70 7.93 -52.83
C LEU G 231 -46.11 9.40 -52.69
N PRO G 232 -46.32 10.07 -53.84
CA PRO G 232 -46.51 11.52 -53.85
C PRO G 232 -47.60 12.04 -52.91
N GLU G 233 -48.60 11.21 -52.62
CA GLU G 233 -49.71 11.60 -51.74
C GLU G 233 -49.34 11.76 -50.26
N LEU G 234 -48.12 11.36 -49.89
CA LEU G 234 -47.64 11.50 -48.51
C LEU G 234 -46.63 12.63 -48.37
N ASN G 235 -46.46 13.41 -49.43
CA ASN G 235 -45.42 14.42 -49.46
C ASN G 235 -45.54 15.41 -48.30
N GLY G 236 -44.46 15.52 -47.54
CA GLY G 236 -44.42 16.40 -46.38
C GLY G 236 -45.26 15.96 -45.20
N LYS G 237 -45.70 14.70 -45.19
CA LYS G 237 -46.49 14.18 -44.06
C LYS G 237 -45.68 13.26 -43.15
N LEU G 238 -44.53 12.80 -43.63
CA LEU G 238 -43.66 11.91 -42.89
C LEU G 238 -42.30 12.56 -42.57
N ASP G 239 -41.89 12.49 -41.30
CA ASP G 239 -40.55 12.88 -40.88
C ASP G 239 -39.92 11.82 -39.95
N GLY G 240 -38.61 11.94 -39.69
CA GLY G 240 -37.94 11.05 -38.74
C GLY G 240 -36.43 11.20 -38.60
N TYR G 241 -35.81 10.21 -37.94
CA TYR G 241 -34.35 10.15 -37.77
C TYR G 241 -33.91 8.74 -37.37
N ALA G 242 -32.60 8.52 -37.26
CA ALA G 242 -32.05 7.20 -36.94
C ALA G 242 -31.33 7.16 -35.57
N ILE G 243 -31.19 5.96 -35.03
CA ILE G 243 -30.36 5.76 -33.86
C ILE G 243 -29.53 4.55 -34.20
N ARG G 244 -28.21 4.78 -34.26
CA ARG G 244 -27.23 3.76 -34.64
C ARG G 244 -26.88 2.96 -33.40
N VAL G 245 -26.86 1.64 -33.50
CA VAL G 245 -26.56 0.79 -32.34
C VAL G 245 -25.42 -0.18 -32.66
N PRO G 246 -24.84 -0.81 -31.64
CA PRO G 246 -23.73 -1.75 -31.82
C PRO G 246 -24.10 -3.13 -32.39
N THR G 247 -24.60 -3.16 -33.62
CA THR G 247 -24.80 -4.41 -34.31
C THR G 247 -24.20 -4.27 -35.68
N ILE G 248 -23.68 -5.39 -36.21
CA ILE G 248 -23.01 -5.42 -37.50
C ILE G 248 -24.00 -5.30 -38.64
N ASN G 249 -25.24 -5.77 -38.44
CA ASN G 249 -26.26 -5.80 -39.48
C ASN G 249 -27.70 -5.93 -38.97
N VAL G 250 -28.65 -5.58 -39.84
CA VAL G 250 -30.10 -5.68 -39.62
C VAL G 250 -30.57 -4.49 -38.82
N SER G 251 -31.77 -4.01 -39.13
CA SER G 251 -32.29 -2.75 -38.62
C SER G 251 -33.80 -2.82 -38.46
N ILE G 252 -34.38 -1.86 -37.74
CA ILE G 252 -35.82 -1.82 -37.55
C ILE G 252 -36.30 -0.40 -37.79
N VAL G 253 -37.44 -0.32 -38.47
CA VAL G 253 -38.12 0.94 -38.68
C VAL G 253 -39.29 0.93 -37.73
N ASP G 254 -39.33 1.91 -36.84
CA ASP G 254 -40.44 2.12 -35.94
C ASP G 254 -41.20 3.39 -36.38
N LEU G 255 -42.51 3.26 -36.56
CA LEU G 255 -43.36 4.35 -37.09
C LEU G 255 -44.57 4.64 -36.21
N SER G 256 -44.69 5.88 -35.73
CA SER G 256 -45.92 6.36 -35.13
C SER G 256 -46.64 7.27 -36.13
N PHE G 257 -47.97 7.21 -36.16
CA PHE G 257 -48.76 8.16 -36.94
C PHE G 257 -50.18 8.38 -36.42
N ILE G 258 -50.76 9.50 -36.87
CA ILE G 258 -52.11 9.88 -36.53
C ILE G 258 -53.02 9.36 -37.64
N ALA G 259 -53.94 8.48 -37.28
CA ALA G 259 -54.82 7.87 -38.28
C ALA G 259 -56.05 8.73 -38.51
N LYS G 260 -56.51 8.77 -39.76
CA LYS G 260 -57.69 9.58 -40.13
C LYS G 260 -59.02 9.11 -39.50
N ARG G 261 -59.05 7.89 -38.96
CA ARG G 261 -60.23 7.39 -38.25
C ARG G 261 -59.85 6.45 -37.11
N ASP G 262 -60.86 6.04 -36.35
CA ASP G 262 -60.67 5.04 -35.31
C ASP G 262 -60.35 3.66 -35.93
N THR G 263 -59.47 2.91 -35.28
CA THR G 263 -59.06 1.60 -35.76
C THR G 263 -58.49 0.77 -34.61
N THR G 264 -57.92 -0.39 -34.94
CA THR G 264 -57.41 -1.29 -33.92
C THR G 264 -56.15 -2.02 -34.37
N ALA G 265 -55.34 -2.44 -33.39
CA ALA G 265 -54.25 -3.35 -33.62
C ALA G 265 -54.71 -4.53 -34.47
N ALA G 266 -55.81 -5.17 -34.07
CA ALA G 266 -56.41 -6.30 -34.82
C ALA G 266 -56.52 -5.95 -36.30
N GLU G 267 -57.15 -4.80 -36.59
CA GLU G 267 -57.36 -4.29 -37.96
C GLU G 267 -56.05 -3.93 -38.68
N VAL G 268 -55.14 -3.26 -37.95
CA VAL G 268 -53.88 -2.79 -38.55
C VAL G 268 -53.08 -4.01 -39.01
N ASN G 269 -53.02 -5.00 -38.13
CA ASN G 269 -52.30 -6.22 -38.40
C ASN G 269 -52.90 -6.97 -39.60
N ALA G 270 -54.23 -7.12 -39.57
CA ALA G 270 -54.98 -7.75 -40.68
C ALA G 270 -54.73 -7.08 -42.03
N ILE G 271 -54.75 -5.75 -42.05
CA ILE G 271 -54.47 -4.97 -43.29
C ILE G 271 -53.09 -5.31 -43.88
N MET G 272 -52.08 -5.40 -43.02
CA MET G 272 -50.70 -5.66 -43.48
C MET G 272 -50.48 -7.10 -43.90
N LYS G 273 -51.12 -8.04 -43.20
CA LYS G 273 -51.11 -9.45 -43.59
C LYS G 273 -51.67 -9.61 -45.01
N GLU G 274 -52.82 -8.98 -45.26
CA GLU G 274 -53.40 -8.95 -46.59
C GLU G 274 -52.38 -8.40 -47.57
N ALA G 275 -51.83 -7.23 -47.28
CA ALA G 275 -50.84 -6.60 -48.16
C ALA G 275 -49.56 -7.44 -48.39
N SER G 276 -49.11 -8.14 -47.34
CA SER G 276 -47.97 -9.07 -47.45
C SER G 276 -48.29 -10.21 -48.42
N GLU G 277 -49.50 -10.73 -48.28
CA GLU G 277 -50.00 -11.78 -49.17
C GLU G 277 -50.39 -11.24 -50.56
N GLY G 278 -50.66 -9.93 -50.67
CA GLY G 278 -51.19 -9.35 -51.91
C GLY G 278 -50.15 -8.85 -52.90
N ALA G 279 -50.26 -7.57 -53.26
CA ALA G 279 -49.41 -6.97 -54.29
C ALA G 279 -47.95 -6.74 -53.87
N LEU G 280 -47.69 -6.69 -52.56
CA LEU G 280 -46.33 -6.42 -52.07
C LEU G 280 -45.60 -7.68 -51.64
N LYS G 281 -46.23 -8.84 -51.85
CA LYS G 281 -45.57 -10.15 -51.72
C LYS G 281 -44.16 -10.11 -52.31
N GLY G 282 -43.20 -10.70 -51.59
CA GLY G 282 -41.80 -10.76 -52.06
C GLY G 282 -41.05 -9.44 -51.92
N ILE G 283 -41.73 -8.44 -51.38
CA ILE G 283 -41.11 -7.18 -50.94
C ILE G 283 -41.48 -6.90 -49.47
N LEU G 284 -42.70 -7.24 -49.06
CA LEU G 284 -43.17 -7.04 -47.68
C LEU G 284 -43.50 -8.39 -47.03
N GLY G 285 -42.80 -8.72 -45.94
CA GLY G 285 -43.02 -9.96 -45.19
C GLY G 285 -43.93 -9.75 -44.01
N TYR G 286 -44.53 -10.82 -43.51
CA TYR G 286 -45.36 -10.74 -42.29
C TYR G 286 -44.69 -11.65 -41.24
N ASN G 287 -44.67 -11.17 -39.98
CA ASN G 287 -44.07 -11.93 -38.87
C ASN G 287 -44.93 -11.91 -37.63
N GLU G 288 -45.19 -13.13 -37.13
CA GLU G 288 -45.91 -13.39 -35.86
C GLU G 288 -45.04 -14.14 -34.84
N ALA G 289 -43.91 -14.67 -35.27
CA ALA G 289 -43.03 -15.45 -34.41
C ALA G 289 -42.28 -14.49 -33.47
N PRO G 290 -41.88 -14.97 -32.27
CA PRO G 290 -41.22 -14.08 -31.36
C PRO G 290 -39.73 -14.07 -31.69
N LEU G 291 -39.38 -13.46 -32.82
CA LEU G 291 -38.01 -13.45 -33.34
C LEU G 291 -37.26 -12.19 -32.90
N VAL G 292 -35.94 -12.16 -33.09
CA VAL G 292 -35.12 -10.98 -32.80
C VAL G 292 -34.30 -10.59 -34.03
N SER G 293 -33.61 -9.46 -33.97
CA SER G 293 -33.01 -8.85 -35.16
C SER G 293 -32.15 -9.80 -35.99
N ILE G 294 -31.31 -10.60 -35.33
CA ILE G 294 -30.42 -11.51 -36.03
C ILE G 294 -31.18 -12.56 -36.84
N ASP G 295 -32.40 -12.88 -36.42
CA ASP G 295 -33.23 -13.84 -37.16
C ASP G 295 -33.60 -13.34 -38.55
N PHE G 296 -33.53 -12.03 -38.77
CA PHE G 296 -33.81 -11.47 -40.08
C PHE G 296 -32.58 -11.14 -40.89
N ASN G 297 -31.40 -11.57 -40.42
CA ASN G 297 -30.17 -11.40 -41.23
C ASN G 297 -30.33 -12.28 -42.45
N HIS G 298 -29.93 -11.79 -43.60
CA HIS G 298 -30.01 -12.53 -44.86
C HIS G 298 -31.44 -12.79 -45.38
N ASN G 299 -32.42 -12.10 -44.81
CA ASN G 299 -33.78 -12.15 -45.32
C ASN G 299 -33.88 -11.03 -46.35
N PRO G 300 -34.20 -11.39 -47.61
CA PRO G 300 -34.17 -10.51 -48.78
C PRO G 300 -35.38 -9.60 -48.90
N ALA G 301 -36.38 -9.77 -48.03
CA ALA G 301 -37.47 -8.81 -47.99
C ALA G 301 -36.92 -7.38 -47.86
N SER G 302 -37.66 -6.43 -48.37
CA SER G 302 -37.32 -5.04 -48.22
C SER G 302 -37.85 -4.51 -46.88
N SER G 303 -38.93 -5.11 -46.41
CA SER G 303 -39.55 -4.75 -45.15
C SER G 303 -40.25 -6.00 -44.64
N THR G 304 -40.06 -6.34 -43.37
CA THR G 304 -40.79 -7.44 -42.74
C THR G 304 -41.57 -6.91 -41.56
N PHE G 305 -42.85 -6.68 -41.78
CA PHE G 305 -43.72 -6.17 -40.75
C PHE G 305 -43.78 -7.17 -39.61
N ASP G 306 -43.81 -6.66 -38.38
CA ASP G 306 -43.85 -7.47 -37.15
C ASP G 306 -45.15 -7.23 -36.41
N ALA G 307 -46.10 -8.16 -36.56
CA ALA G 307 -47.42 -8.00 -35.95
C ALA G 307 -47.35 -7.89 -34.44
N THR G 308 -46.37 -8.57 -33.84
CA THR G 308 -46.30 -8.70 -32.38
C THR G 308 -46.06 -7.34 -31.71
N LEU G 309 -45.46 -6.41 -32.44
CA LEU G 309 -45.11 -5.12 -31.86
C LEU G 309 -46.20 -4.07 -32.02
N THR G 310 -47.20 -4.31 -32.87
CA THR G 310 -48.19 -3.29 -33.20
C THR G 310 -48.89 -2.77 -31.95
N LYS G 311 -49.03 -1.46 -31.83
CA LYS G 311 -49.83 -0.88 -30.74
C LYS G 311 -50.71 0.26 -31.29
N VAL G 312 -51.92 0.40 -30.75
CA VAL G 312 -52.82 1.47 -31.17
C VAL G 312 -53.65 1.95 -30.00
N SER G 313 -53.65 3.27 -29.77
CA SER G 313 -54.41 3.88 -28.68
C SER G 313 -55.25 5.05 -29.20
N GLY G 314 -56.50 4.73 -29.57
CA GLY G 314 -57.40 5.69 -30.20
C GLY G 314 -56.99 5.98 -31.65
N ARG G 315 -56.49 7.19 -31.86
CA ARG G 315 -56.06 7.64 -33.19
C ARG G 315 -54.56 7.38 -33.46
N LEU G 316 -53.78 7.18 -32.39
CA LEU G 316 -52.33 6.96 -32.50
C LEU G 316 -51.97 5.50 -32.74
N VAL G 317 -51.24 5.25 -33.81
CA VAL G 317 -50.82 3.92 -34.19
C VAL G 317 -49.29 3.83 -34.20
N LYS G 318 -48.74 2.81 -33.55
CA LYS G 318 -47.31 2.46 -33.70
C LYS G 318 -47.15 1.09 -34.39
N VAL G 319 -46.30 1.06 -35.42
CA VAL G 319 -46.07 -0.14 -36.25
C VAL G 319 -44.59 -0.23 -36.54
N SER G 320 -44.06 -1.45 -36.55
CA SER G 320 -42.63 -1.69 -36.73
C SER G 320 -42.35 -2.71 -37.84
N SER G 321 -41.21 -2.55 -38.51
CA SER G 321 -40.82 -3.46 -39.55
C SER G 321 -39.30 -3.67 -39.54
N TRP G 322 -38.86 -4.91 -39.74
CA TRP G 322 -37.44 -5.26 -39.75
C TRP G 322 -36.86 -5.21 -41.16
N TYR G 323 -35.59 -4.90 -41.28
CA TYR G 323 -34.91 -4.99 -42.57
C TYR G 323 -33.43 -5.29 -42.49
N ASP G 324 -32.97 -6.22 -43.31
CA ASP G 324 -31.56 -6.41 -43.56
C ASP G 324 -31.05 -5.29 -44.46
N ASN G 325 -30.61 -4.21 -43.82
CA ASN G 325 -30.11 -3.04 -44.53
C ASN G 325 -29.11 -3.33 -45.65
N GLU G 326 -28.41 -4.45 -45.58
CA GLU G 326 -27.49 -4.85 -46.64
C GLU G 326 -28.10 -5.77 -47.70
N TRP G 327 -28.93 -6.74 -47.27
CA TRP G 327 -29.35 -7.82 -48.17
C TRP G 327 -30.62 -7.51 -48.95
N GLY G 328 -31.61 -6.92 -48.29
CA GLY G 328 -32.82 -6.47 -48.96
C GLY G 328 -32.43 -5.49 -50.05
N PHE G 329 -31.75 -4.43 -49.64
CA PHE G 329 -31.37 -3.37 -50.54
C PHE G 329 -30.54 -3.86 -51.71
N SER G 330 -29.64 -4.82 -51.46
CA SER G 330 -28.78 -5.36 -52.51
C SER G 330 -29.56 -6.22 -53.46
N ASN G 331 -30.61 -6.86 -52.97
CA ASN G 331 -31.48 -7.66 -53.82
C ASN G 331 -32.38 -6.75 -54.65
N ARG G 332 -32.86 -5.67 -54.06
CA ARG G 332 -33.55 -4.65 -54.81
C ARG G 332 -32.71 -4.00 -55.92
N MET G 333 -31.38 -3.92 -55.76
CA MET G 333 -30.53 -3.32 -56.80
C MET G 333 -30.58 -4.09 -58.12
N LEU G 334 -30.67 -5.42 -58.02
CA LEU G 334 -30.80 -6.25 -59.20
C LEU G 334 -32.22 -6.08 -59.78
N ASP G 335 -33.23 -6.12 -58.93
CA ASP G 335 -34.61 -5.91 -59.34
C ASP G 335 -34.89 -4.54 -59.99
N THR G 336 -34.10 -3.52 -59.65
CA THR G 336 -34.26 -2.20 -60.26
C THR G 336 -33.43 -2.09 -61.53
N ALA G 337 -32.25 -2.72 -61.56
CA ALA G 337 -31.43 -2.75 -62.77
C ALA G 337 -32.16 -3.33 -63.99
N ILE G 338 -33.05 -4.28 -63.75
CA ILE G 338 -33.91 -4.83 -64.81
C ILE G 338 -34.84 -3.73 -65.30
N ALA G 339 -35.80 -3.34 -64.47
CA ALA G 339 -36.79 -2.32 -64.83
C ALA G 339 -36.21 -1.04 -65.43
N LEU G 340 -34.93 -0.77 -65.20
CA LEU G 340 -34.29 0.42 -65.77
C LEU G 340 -33.78 0.19 -67.20
N ALA G 341 -33.20 -0.97 -67.46
CA ALA G 341 -32.72 -1.29 -68.81
C ALA G 341 -33.89 -1.61 -69.75
N ASN G 342 -34.94 -2.24 -69.23
CA ASN G 342 -36.15 -2.52 -70.01
C ASN G 342 -37.19 -1.38 -69.95
N ALA G 343 -36.74 -0.17 -69.66
CA ALA G 343 -37.63 0.98 -69.47
C ALA G 343 -38.22 1.44 -70.80
N LYS G 344 -39.51 1.81 -70.79
CA LYS G 344 -40.26 2.12 -72.02
C LYS G 344 -40.20 0.95 -73.01
N THR H 10 11.34 26.35 -20.82
CA THR H 10 10.08 25.63 -21.20
C THR H 10 10.07 25.30 -22.70
N ILE H 11 9.77 24.03 -22.98
CA ILE H 11 9.80 23.49 -24.33
C ILE H 11 8.45 23.72 -24.98
N ARG H 12 8.43 24.20 -26.23
CA ARG H 12 7.16 24.39 -26.93
C ARG H 12 6.86 23.21 -27.87
N VAL H 13 5.64 22.69 -27.78
CA VAL H 13 5.24 21.46 -28.48
C VAL H 13 4.03 21.61 -29.39
N ALA H 14 4.10 20.89 -30.50
CA ALA H 14 3.03 20.80 -31.48
C ALA H 14 2.64 19.32 -31.66
N ILE H 15 1.33 19.07 -31.66
CA ILE H 15 0.80 17.72 -31.89
C ILE H 15 0.27 17.63 -33.31
N ASN H 16 0.94 16.84 -34.15
CA ASN H 16 0.45 16.54 -35.50
C ASN H 16 -0.35 15.25 -35.52
N GLY H 17 -1.65 15.40 -35.75
CA GLY H 17 -2.56 14.29 -35.66
C GLY H 17 -3.15 14.26 -34.27
N TYR H 18 -4.31 14.86 -34.13
CA TYR H 18 -4.94 14.97 -32.85
C TYR H 18 -5.97 13.85 -32.80
N GLY H 19 -5.48 12.60 -32.77
CA GLY H 19 -6.33 11.41 -32.67
C GLY H 19 -6.22 10.71 -31.31
N ARG H 20 -6.24 9.39 -31.29
CA ARG H 20 -6.24 8.68 -30.01
C ARG H 20 -4.97 8.98 -29.20
N ILE H 21 -3.82 9.04 -29.85
CA ILE H 21 -2.58 9.29 -29.13
C ILE H 21 -2.42 10.82 -28.96
N GLY H 22 -2.56 11.53 -30.07
CA GLY H 22 -2.55 12.97 -30.07
C GLY H 22 -3.39 13.63 -28.98
N ARG H 23 -4.67 13.26 -28.87
CA ARG H 23 -5.54 13.84 -27.88
C ARG H 23 -5.22 13.36 -26.49
N ASN H 24 -5.00 12.06 -26.35
CA ASN H 24 -4.71 11.54 -25.03
C ASN H 24 -3.39 12.09 -24.46
N THR H 25 -2.46 12.39 -25.34
CA THR H 25 -1.25 13.10 -24.96
C THR H 25 -1.60 14.50 -24.41
N LEU H 26 -2.45 15.25 -25.11
CA LEU H 26 -2.90 16.54 -24.58
C LEU H 26 -3.62 16.33 -23.24
N ARG H 27 -4.59 15.42 -23.20
CA ARG H 27 -5.27 15.09 -21.96
C ARG H 27 -4.29 14.73 -20.88
N ALA H 28 -3.37 13.83 -21.20
CA ALA H 28 -2.42 13.33 -20.22
C ALA H 28 -1.64 14.47 -19.55
N PHE H 29 -1.29 15.49 -20.34
CA PHE H 29 -0.51 16.62 -19.84
C PHE H 29 -1.32 17.43 -18.82
N TYR H 30 -2.61 17.63 -19.09
CA TYR H 30 -3.46 18.35 -18.15
C TYR H 30 -3.87 17.53 -16.93
N GLU H 31 -4.23 16.27 -17.10
CA GLU H 31 -4.58 15.44 -15.92
C GLU H 31 -3.41 15.19 -14.99
N ASN H 32 -2.21 15.43 -15.49
CA ASN H 32 -1.00 15.22 -14.72
C ASN H 32 -0.56 16.51 -14.00
N GLY H 33 -1.20 17.62 -14.36
CA GLY H 33 -1.04 18.91 -13.66
C GLY H 33 -0.20 19.94 -14.40
N LYS H 34 0.26 19.56 -15.58
CA LYS H 34 1.27 20.31 -16.32
C LYS H 34 2.62 20.28 -15.60
N LYS H 35 2.90 19.22 -14.88
CA LYS H 35 4.21 19.01 -14.27
C LYS H 35 5.34 18.93 -15.30
N HIS H 36 5.03 18.47 -16.51
CA HIS H 36 6.01 18.42 -17.58
C HIS H 36 6.30 19.85 -17.97
N ASP H 37 7.58 20.19 -18.13
CA ASP H 37 7.99 21.55 -18.48
C ASP H 37 7.89 21.75 -20.00
N LEU H 38 6.66 21.69 -20.50
CA LEU H 38 6.38 22.02 -21.89
C LEU H 38 5.08 22.78 -21.93
N GLU H 39 4.84 23.48 -23.04
CA GLU H 39 3.53 24.06 -23.32
C GLU H 39 3.14 23.52 -24.68
N ILE H 40 1.87 23.19 -24.86
CA ILE H 40 1.36 22.74 -26.14
C ILE H 40 0.78 23.94 -26.87
N VAL H 41 1.45 24.35 -27.95
CA VAL H 41 1.14 25.64 -28.53
C VAL H 41 0.35 25.53 -29.81
N ALA H 42 0.36 24.37 -30.46
CA ALA H 42 -0.44 24.15 -31.68
C ALA H 42 -0.86 22.69 -31.86
N ILE H 43 -1.89 22.49 -32.67
CA ILE H 43 -2.45 21.16 -32.95
C ILE H 43 -2.83 21.16 -34.42
N ASN H 44 -2.60 20.02 -35.09
CA ASN H 44 -3.00 19.83 -36.50
C ASN H 44 -3.75 18.52 -36.71
N ASP H 45 -4.83 18.60 -37.50
CA ASP H 45 -5.70 17.47 -37.81
C ASP H 45 -6.49 17.85 -39.07
N LEU H 46 -7.64 17.21 -39.30
CA LEU H 46 -8.39 17.40 -40.53
C LEU H 46 -9.51 18.40 -40.37
N GLY H 47 -10.04 18.50 -39.16
CA GLY H 47 -11.23 19.31 -38.92
C GLY H 47 -10.97 20.65 -38.26
N ASP H 48 -12.05 21.25 -37.78
CA ASP H 48 -12.01 22.60 -37.22
C ASP H 48 -11.88 22.60 -35.70
N ALA H 49 -11.78 23.81 -35.16
CA ALA H 49 -11.67 24.03 -33.73
C ALA H 49 -12.79 23.35 -32.97
N LYS H 50 -14.02 23.58 -33.42
CA LYS H 50 -15.20 23.09 -32.70
C LYS H 50 -15.14 21.57 -32.54
N THR H 51 -14.72 20.90 -33.61
CA THR H 51 -14.59 19.45 -33.68
C THR H 51 -13.53 18.91 -32.74
N ASN H 52 -12.33 19.48 -32.81
CA ASN H 52 -11.27 19.12 -31.89
C ASN H 52 -11.66 19.45 -30.45
N ALA H 53 -12.43 20.50 -30.27
CA ALA H 53 -12.88 20.90 -28.93
C ALA H 53 -13.87 19.86 -28.40
N HIS H 54 -14.84 19.50 -29.23
CA HIS H 54 -15.84 18.50 -28.86
C HIS H 54 -15.19 17.17 -28.50
N LEU H 55 -14.26 16.72 -29.33
CA LEU H 55 -13.57 15.46 -29.14
C LEU H 55 -12.63 15.41 -27.95
N THR H 56 -12.18 16.58 -27.48
CA THR H 56 -11.34 16.67 -26.29
C THR H 56 -12.23 16.57 -25.08
N GLN H 57 -13.38 17.23 -25.14
CA GLN H 57 -14.32 17.27 -24.01
C GLN H 57 -14.92 15.91 -23.72
N TYR H 58 -15.39 15.20 -24.75
CA TYR H 58 -16.03 13.87 -24.55
C TYR H 58 -15.27 12.70 -25.15
N ASP H 59 -15.29 11.58 -24.46
CA ASP H 59 -14.66 10.38 -24.99
C ASP H 59 -15.33 9.13 -24.47
N THR H 60 -15.42 8.14 -25.35
CA THR H 60 -15.96 6.85 -24.94
C THR H 60 -14.98 6.13 -24.03
N ALA H 61 -13.75 5.88 -24.46
CA ALA H 61 -12.87 5.02 -23.66
C ALA H 61 -12.53 5.61 -22.28
N HIS H 62 -12.27 6.92 -22.24
CA HIS H 62 -11.73 7.57 -21.04
C HIS H 62 -12.66 8.56 -20.34
N GLY H 63 -13.84 8.76 -20.90
CA GLY H 63 -14.86 9.54 -20.23
C GLY H 63 -14.68 11.01 -20.48
N LYS H 64 -15.45 11.79 -19.75
CA LYS H 64 -15.50 13.23 -19.89
C LYS H 64 -14.21 13.82 -19.34
N PHE H 65 -13.63 14.76 -20.07
CA PHE H 65 -12.42 15.45 -19.63
C PHE H 65 -12.72 16.26 -18.34
N PRO H 66 -11.99 16.00 -17.24
CA PRO H 66 -12.20 16.79 -16.05
C PRO H 66 -11.45 18.12 -16.15
N GLY H 67 -11.98 19.02 -16.96
CA GLY H 67 -11.36 20.29 -17.23
C GLY H 67 -12.34 21.19 -18.00
N GLU H 68 -11.84 22.34 -18.42
CA GLU H 68 -12.63 23.35 -19.13
C GLU H 68 -12.16 23.47 -20.58
N VAL H 69 -13.03 23.13 -21.53
CA VAL H 69 -12.73 23.24 -22.97
C VAL H 69 -13.71 24.15 -23.66
N SER H 70 -13.21 24.98 -24.58
CA SER H 70 -14.04 25.88 -25.37
C SER H 70 -13.25 26.34 -26.61
N VAL H 71 -13.88 27.16 -27.44
CA VAL H 71 -13.28 27.63 -28.67
C VAL H 71 -13.32 29.15 -28.74
N ASP H 72 -12.35 29.72 -29.45
CA ASP H 72 -12.26 31.15 -29.73
C ASP H 72 -11.54 31.32 -31.07
N GLY H 73 -12.30 31.33 -32.16
CA GLY H 73 -11.77 31.51 -33.51
C GLY H 73 -10.95 30.33 -34.03
N ASP H 74 -9.66 30.59 -34.26
CA ASP H 74 -8.69 29.60 -34.71
C ASP H 74 -8.01 28.87 -33.55
N TYR H 75 -8.50 29.07 -32.32
CA TYR H 75 -7.84 28.57 -31.13
C TYR H 75 -8.73 27.65 -30.28
N LEU H 76 -8.15 26.55 -29.82
CA LEU H 76 -8.75 25.70 -28.82
C LEU H 76 -8.26 26.19 -27.47
N VAL H 77 -9.15 26.32 -26.51
CA VAL H 77 -8.77 26.82 -25.18
C VAL H 77 -9.00 25.74 -24.15
N VAL H 78 -7.92 25.29 -23.53
CA VAL H 78 -7.99 24.23 -22.54
C VAL H 78 -7.45 24.77 -21.24
N ASN H 79 -8.30 24.81 -20.21
CA ASN H 79 -7.92 25.38 -18.89
C ASN H 79 -7.21 26.73 -18.99
N GLY H 80 -7.72 27.62 -19.82
CA GLY H 80 -7.09 28.93 -20.02
C GLY H 80 -6.11 29.00 -21.16
N ASP H 81 -5.36 27.92 -21.40
CA ASP H 81 -4.30 27.96 -22.40
C ASP H 81 -4.87 28.03 -23.80
N ARG H 82 -4.27 28.84 -24.66
CA ARG H 82 -4.76 28.99 -26.03
C ARG H 82 -3.87 28.18 -26.95
N ILE H 83 -4.48 27.28 -27.71
CA ILE H 83 -3.77 26.33 -28.57
C ILE H 83 -4.21 26.57 -30.02
N ARG H 84 -3.28 26.96 -30.89
CA ARG H 84 -3.65 27.25 -32.26
C ARG H 84 -4.04 25.97 -32.98
N VAL H 85 -5.15 26.02 -33.72
CA VAL H 85 -5.68 24.85 -34.43
C VAL H 85 -5.46 25.00 -35.93
N LEU H 86 -4.73 24.06 -36.52
CA LEU H 86 -4.47 24.03 -37.95
C LEU H 86 -5.18 22.83 -38.60
N ALA H 87 -5.34 22.89 -39.92
CA ALA H 87 -5.86 21.77 -40.70
C ALA H 87 -5.20 21.73 -42.07
N ASN H 88 -3.94 21.31 -42.07
CA ASN H 88 -3.19 21.16 -43.30
C ASN H 88 -2.51 19.79 -43.31
N ARG H 89 -2.79 19.01 -44.35
CA ARG H 89 -2.21 17.67 -44.50
C ARG H 89 -0.70 17.62 -44.83
N ASN H 90 -0.14 18.71 -45.36
CA ASN H 90 1.27 18.76 -45.74
C ASN H 90 2.12 19.44 -44.65
N PRO H 91 2.88 18.65 -43.88
CA PRO H 91 3.69 19.18 -42.78
C PRO H 91 4.63 20.34 -43.13
N ALA H 92 5.17 20.37 -44.34
CA ALA H 92 6.09 21.44 -44.74
C ALA H 92 5.40 22.81 -44.80
N GLU H 93 4.08 22.82 -45.03
CA GLU H 93 3.30 24.07 -45.05
C GLU H 93 2.83 24.53 -43.64
N LEU H 94 3.19 23.81 -42.59
CA LEU H 94 2.77 24.21 -41.25
C LEU H 94 3.71 25.29 -40.69
N PRO H 95 3.21 26.15 -39.80
CA PRO H 95 3.95 27.31 -39.35
C PRO H 95 4.71 27.04 -38.05
N TRP H 96 5.53 26.02 -38.05
CA TRP H 96 6.25 25.64 -36.85
C TRP H 96 7.37 26.62 -36.49
N GLY H 97 8.06 27.15 -37.49
CA GLY H 97 9.10 28.18 -37.27
C GLY H 97 8.51 29.40 -36.59
N GLU H 98 7.47 29.95 -37.20
CA GLU H 98 6.66 31.04 -36.66
C GLU H 98 6.27 30.86 -35.19
N LEU H 99 5.77 29.66 -34.85
CA LEU H 99 5.39 29.31 -33.45
C LEU H 99 6.56 28.87 -32.57
N GLY H 100 7.71 28.57 -33.19
CA GLY H 100 8.91 28.23 -32.44
C GLY H 100 8.83 26.87 -31.78
N VAL H 101 8.23 25.91 -32.49
CA VAL H 101 8.04 24.56 -31.96
C VAL H 101 9.40 23.93 -31.77
N ASP H 102 9.70 23.52 -30.55
CA ASP H 102 10.92 22.79 -30.26
C ASP H 102 10.73 21.28 -30.56
N VAL H 103 9.53 20.74 -30.30
CA VAL H 103 9.22 19.33 -30.59
C VAL H 103 7.83 19.13 -31.20
N VAL H 104 7.79 18.55 -32.39
CA VAL H 104 6.53 18.10 -32.97
C VAL H 104 6.29 16.65 -32.56
N MET H 105 5.11 16.35 -32.02
CA MET H 105 4.68 14.96 -31.78
C MET H 105 3.90 14.52 -32.99
N GLU H 106 4.49 13.59 -33.74
CA GLU H 106 3.97 13.17 -35.02
C GLU H 106 3.11 11.92 -34.78
N CYS H 107 1.79 12.13 -34.80
CA CYS H 107 0.83 11.13 -34.35
C CYS H 107 -0.22 10.83 -35.39
N THR H 108 0.09 11.03 -36.66
CA THR H 108 -0.86 10.75 -37.72
C THR H 108 -0.77 9.30 -38.21
N GLY H 109 0.42 8.71 -38.11
CA GLY H 109 0.69 7.38 -38.70
C GLY H 109 1.16 7.44 -40.16
N PHE H 110 1.20 8.65 -40.74
CA PHE H 110 1.56 8.85 -42.16
C PHE H 110 2.98 9.40 -42.34
N PHE H 111 3.71 9.58 -41.26
CA PHE H 111 5.06 10.16 -41.34
C PHE H 111 5.98 9.47 -40.36
N THR H 112 6.18 8.17 -40.56
CA THR H 112 6.92 7.37 -39.61
C THR H 112 8.40 7.20 -39.95
N SER H 113 8.84 7.60 -41.14
CA SER H 113 10.30 7.59 -41.44
C SER H 113 10.90 8.99 -41.21
N LYS H 114 12.20 9.08 -40.97
CA LYS H 114 12.88 10.36 -40.88
C LYS H 114 12.69 11.14 -42.17
N GLU H 115 12.85 10.44 -43.29
CA GLU H 115 12.68 11.06 -44.59
C GLU H 115 11.35 11.83 -44.67
N LYS H 116 10.24 11.16 -44.36
CA LYS H 116 8.91 11.80 -44.33
C LYS H 116 8.68 12.76 -43.13
N ALA H 117 9.17 12.40 -41.96
CA ALA H 117 9.02 13.26 -40.76
C ALA H 117 9.86 14.54 -40.80
N SER H 118 10.92 14.54 -41.61
CA SER H 118 11.74 15.75 -41.86
C SER H 118 10.98 16.87 -42.55
N ALA H 119 9.81 16.58 -43.09
CA ALA H 119 8.94 17.64 -43.58
C ALA H 119 8.59 18.62 -42.46
N HIS H 120 8.55 18.14 -41.21
CA HIS H 120 8.32 19.02 -40.06
C HIS H 120 9.48 19.98 -39.83
N LEU H 121 10.70 19.51 -40.08
CA LEU H 121 11.89 20.36 -39.99
C LEU H 121 11.84 21.45 -41.08
N LYS H 122 11.59 21.02 -42.31
CA LYS H 122 11.28 21.92 -43.43
C LYS H 122 10.26 23.03 -43.10
N GLY H 123 9.29 22.71 -42.25
CA GLY H 123 8.26 23.68 -41.84
C GLY H 123 8.63 24.58 -40.66
N GLY H 124 9.77 24.30 -40.03
CA GLY H 124 10.31 25.15 -38.97
C GLY H 124 10.43 24.56 -37.57
N ALA H 125 10.06 23.28 -37.40
CA ALA H 125 10.24 22.60 -36.11
C ALA H 125 11.69 22.19 -35.89
N LYS H 126 12.12 22.22 -34.65
CA LYS H 126 13.47 21.83 -34.30
C LYS H 126 13.64 20.31 -34.18
N LYS H 127 12.63 19.61 -33.64
CA LYS H 127 12.73 18.15 -33.45
C LYS H 127 11.38 17.43 -33.63
N VAL H 128 11.43 16.12 -33.81
CA VAL H 128 10.24 15.31 -34.07
C VAL H 128 10.32 13.99 -33.29
N ILE H 129 9.25 13.67 -32.55
CA ILE H 129 9.01 12.35 -31.93
C ILE H 129 7.87 11.67 -32.68
N ILE H 130 8.20 10.57 -33.34
CA ILE H 130 7.18 9.78 -34.00
C ILE H 130 6.54 8.89 -32.94
N SER H 131 5.20 8.94 -32.89
CA SER H 131 4.43 8.17 -31.91
C SER H 131 4.16 6.75 -32.38
N ALA H 132 5.21 6.06 -32.80
CA ALA H 132 5.12 4.76 -33.48
C ALA H 132 6.53 4.28 -33.79
N PRO H 133 6.69 2.98 -34.09
CA PRO H 133 7.98 2.51 -34.57
C PRO H 133 8.39 3.29 -35.81
N GLY H 134 9.65 3.67 -35.91
CA GLY H 134 10.09 4.47 -37.08
C GLY H 134 10.70 3.60 -38.16
N GLY H 135 10.76 4.11 -39.38
CA GLY H 135 11.57 3.50 -40.42
C GLY H 135 12.99 3.44 -39.89
N LYS H 136 13.85 2.69 -40.54
CA LYS H 136 15.17 2.40 -40.00
C LYS H 136 16.16 3.57 -40.09
N ASP H 137 15.72 4.70 -40.63
CA ASP H 137 16.55 5.91 -40.72
C ASP H 137 16.45 6.85 -39.50
N VAL H 138 15.57 6.56 -38.54
CA VAL H 138 15.40 7.48 -37.41
C VAL H 138 16.65 7.44 -36.54
N ASP H 139 16.86 8.50 -35.76
CA ASP H 139 18.10 8.68 -35.03
C ASP H 139 18.10 7.84 -33.78
N ALA H 140 16.91 7.54 -33.24
CA ALA H 140 16.80 6.66 -32.06
C ALA H 140 15.37 6.12 -31.87
N THR H 141 15.28 5.00 -31.16
CA THR H 141 14.02 4.46 -30.74
C THR H 141 14.04 4.36 -29.19
N ILE H 142 13.05 5.00 -28.56
CA ILE H 142 13.08 5.16 -27.10
C ILE H 142 11.91 4.51 -26.39
N VAL H 143 12.23 3.66 -25.41
CA VAL H 143 11.29 3.28 -24.40
C VAL H 143 11.70 4.04 -23.14
N TYR H 144 10.95 5.09 -22.82
CA TYR H 144 11.30 5.93 -21.69
C TYR H 144 11.39 5.11 -20.43
N GLY H 145 12.43 5.38 -19.63
CA GLY H 145 12.75 4.59 -18.44
C GLY H 145 13.66 3.39 -18.70
N VAL H 146 13.84 3.03 -19.96
CA VAL H 146 14.72 1.95 -20.31
C VAL H 146 15.96 2.48 -21.04
N ASN H 147 15.80 3.24 -22.11
CA ASN H 147 16.97 3.76 -22.81
C ASN H 147 16.90 5.27 -23.17
N HIS H 148 16.09 6.07 -22.48
CA HIS H 148 16.09 7.54 -22.81
C HIS H 148 17.43 8.23 -22.58
N ASP H 149 18.34 7.63 -21.82
CA ASP H 149 19.70 8.16 -21.68
C ASP H 149 20.50 8.21 -22.99
N VAL H 150 20.12 7.44 -24.01
CA VAL H 150 20.89 7.47 -25.26
C VAL H 150 20.64 8.72 -26.10
N LEU H 151 19.70 9.57 -25.69
CA LEU H 151 19.36 10.75 -26.49
C LEU H 151 20.51 11.77 -26.49
N LYS H 152 20.72 12.40 -27.65
CA LYS H 152 21.77 13.42 -27.86
C LYS H 152 21.13 14.64 -28.46
N ALA H 153 21.65 15.81 -28.14
CA ALA H 153 21.25 17.08 -28.74
C ALA H 153 21.15 17.01 -30.27
N GLU H 154 22.03 16.24 -30.89
CA GLU H 154 22.06 16.16 -32.34
C GLU H 154 20.89 15.35 -32.89
N HIS H 155 20.21 14.58 -32.04
CA HIS H 155 19.05 13.80 -32.50
C HIS H 155 17.92 14.75 -32.84
N THR H 156 17.42 14.66 -34.07
CA THR H 156 16.33 15.52 -34.54
C THR H 156 15.01 14.76 -34.75
N VAL H 157 15.08 13.52 -35.26
CA VAL H 157 13.87 12.72 -35.47
C VAL H 157 14.00 11.33 -34.82
N ILE H 158 13.34 11.15 -33.67
CA ILE H 158 13.34 9.85 -32.98
C ILE H 158 11.97 9.17 -33.03
N SER H 159 11.96 7.89 -32.65
CA SER H 159 10.75 7.10 -32.46
C SER H 159 10.51 6.85 -30.97
N ASN H 160 9.26 6.98 -30.54
CA ASN H 160 8.86 6.53 -29.20
C ASN H 160 8.44 5.05 -29.14
N ALA H 161 8.70 4.31 -30.21
CA ALA H 161 8.37 2.88 -30.35
C ALA H 161 6.85 2.64 -30.40
N SER H 162 6.41 1.41 -30.07
CA SER H 162 5.00 1.07 -30.01
C SER H 162 4.59 0.98 -28.58
N CYS H 163 3.29 0.99 -28.34
CA CYS H 163 2.71 0.64 -27.03
C CYS H 163 3.16 -0.73 -26.53
N THR H 164 3.19 -1.72 -27.42
CA THR H 164 3.65 -3.06 -27.02
C THR H 164 5.14 -3.11 -26.58
N THR H 165 6.03 -2.53 -27.36
CA THR H 165 7.44 -2.48 -26.95
C THR H 165 7.60 -1.75 -25.63
N ASN H 166 6.87 -0.67 -25.47
CA ASN H 166 6.83 0.02 -24.17
C ASN H 166 6.36 -0.86 -23.01
N CYS H 167 5.55 -1.89 -23.33
CA CYS H 167 5.10 -2.84 -22.31
C CYS H 167 6.12 -3.94 -22.13
N LEU H 168 6.66 -4.39 -23.26
CA LEU H 168 7.57 -5.56 -23.30
C LEU H 168 8.93 -5.26 -22.67
N ALA H 169 9.52 -4.13 -23.02
CA ALA H 169 10.90 -3.85 -22.58
C ALA H 169 11.05 -3.86 -21.05
N PRO H 170 10.21 -3.13 -20.30
CA PRO H 170 10.31 -3.16 -18.83
C PRO H 170 9.94 -4.52 -18.23
N LEU H 171 9.11 -5.27 -18.95
CA LEU H 171 8.77 -6.62 -18.55
C LEU H 171 10.00 -7.50 -18.69
N VAL H 172 10.65 -7.46 -19.85
CA VAL H 172 11.69 -8.45 -20.11
C VAL H 172 13.03 -8.08 -19.48
N LYS H 173 13.25 -6.79 -19.20
CA LYS H 173 14.58 -6.33 -18.76
C LYS H 173 15.02 -6.95 -17.45
N PRO H 174 14.21 -6.80 -16.38
CA PRO H 174 14.57 -7.37 -15.07
C PRO H 174 14.81 -8.86 -15.10
N LEU H 175 14.04 -9.57 -15.91
CA LEU H 175 14.12 -11.02 -16.00
C LEU H 175 15.38 -11.50 -16.73
N ASN H 176 15.77 -10.79 -17.79
CA ASN H 176 17.02 -11.09 -18.45
C ASN H 176 18.22 -10.74 -17.56
N ASP H 177 18.14 -9.64 -16.82
CA ASP H 177 19.24 -9.26 -15.95
C ASP H 177 19.45 -10.27 -14.81
N LYS H 178 18.35 -10.75 -14.23
CA LYS H 178 18.42 -11.56 -13.01
C LYS H 178 18.33 -13.06 -13.19
N ILE H 179 17.85 -13.51 -14.34
CA ILE H 179 17.75 -14.94 -14.67
C ILE H 179 18.41 -15.25 -16.02
N GLY H 180 18.22 -14.36 -16.99
CA GLY H 180 18.73 -14.52 -18.35
C GLY H 180 17.75 -15.21 -19.27
N LEU H 181 17.63 -14.65 -20.48
CA LEU H 181 16.74 -15.14 -21.52
C LEU H 181 17.56 -15.68 -22.69
N GLU H 182 17.30 -16.93 -23.06
CA GLU H 182 17.92 -17.51 -24.23
C GLU H 182 17.17 -17.03 -25.49
N THR H 183 15.91 -17.43 -25.62
CA THR H 183 15.02 -16.79 -26.60
C THR H 183 13.63 -16.65 -26.00
N GLY H 184 12.80 -15.87 -26.67
CA GLY H 184 11.46 -15.62 -26.20
C GLY H 184 10.49 -15.40 -27.34
N LEU H 185 9.22 -15.68 -27.07
CA LEU H 185 8.20 -15.49 -28.07
C LEU H 185 7.00 -14.86 -27.41
N MET H 186 6.35 -13.95 -28.12
CA MET H 186 5.32 -13.12 -27.53
C MET H 186 4.08 -13.17 -28.37
N THR H 187 2.93 -13.21 -27.71
CA THR H 187 1.69 -12.83 -28.31
C THR H 187 1.18 -11.66 -27.49
N THR H 188 0.75 -10.59 -28.16
CA THR H 188 0.05 -9.51 -27.48
C THR H 188 -1.42 -9.54 -27.90
N ILE H 189 -2.32 -9.65 -26.91
CA ILE H 189 -3.74 -9.57 -27.16
C ILE H 189 -4.16 -8.11 -26.96
N HIS H 190 -4.54 -7.49 -28.08
CA HIS H 190 -4.55 -6.06 -28.18
C HIS H 190 -5.92 -5.57 -28.59
N ALA H 191 -6.40 -4.53 -27.91
CA ALA H 191 -7.63 -3.88 -28.28
C ALA H 191 -7.60 -3.40 -29.72
N TYR H 192 -8.76 -3.26 -30.35
CA TYR H 192 -8.79 -2.81 -31.72
C TYR H 192 -8.48 -1.32 -31.82
N THR H 193 -7.97 -0.89 -32.97
CA THR H 193 -7.55 0.49 -33.20
C THR H 193 -8.13 1.01 -34.54
N ASN H 194 -8.14 2.32 -34.68
CA ASN H 194 -8.80 2.99 -35.82
C ASN H 194 -8.23 2.63 -37.21
N ASP H 195 -7.11 1.91 -37.27
CA ASP H 195 -6.68 1.29 -38.53
C ASP H 195 -7.53 0.09 -38.97
N GLN H 196 -8.43 -0.39 -38.11
CA GLN H 196 -9.24 -1.60 -38.42
C GLN H 196 -10.62 -1.20 -38.97
N VAL H 197 -11.52 -2.18 -39.18
CA VAL H 197 -12.82 -1.93 -39.80
C VAL H 197 -14.04 -2.48 -39.01
N LEU H 198 -15.20 -1.85 -39.19
CA LEU H 198 -16.43 -2.24 -38.49
C LEU H 198 -17.11 -3.47 -39.09
N THR H 199 -17.34 -3.42 -40.41
CA THR H 199 -17.84 -4.59 -41.16
C THR H 199 -17.00 -4.81 -42.42
N ASP H 200 -16.81 -6.07 -42.81
CA ASP H 200 -15.71 -6.42 -43.71
C ASP H 200 -15.58 -5.46 -44.90
N VAL H 201 -14.35 -5.04 -45.19
CA VAL H 201 -14.15 -4.00 -46.21
C VAL H 201 -12.67 -3.88 -46.55
N TYR H 202 -12.40 -3.36 -47.75
CA TYR H 202 -11.05 -3.29 -48.26
C TYR H 202 -10.06 -2.71 -47.26
N HIS H 203 -8.86 -3.29 -47.27
CA HIS H 203 -7.78 -2.90 -46.41
C HIS H 203 -6.55 -3.51 -47.06
N GLU H 204 -5.40 -2.87 -46.94
CA GLU H 204 -4.16 -3.39 -47.52
C GLU H 204 -3.77 -4.72 -46.91
N ASP H 205 -4.36 -5.06 -45.78
CA ASP H 205 -4.03 -6.27 -45.03
C ASP H 205 -5.29 -7.11 -44.89
N LEU H 206 -5.28 -8.26 -45.56
CA LEU H 206 -6.50 -9.08 -45.70
C LEU H 206 -7.17 -9.51 -44.39
N ARG H 207 -6.42 -9.65 -43.30
CA ARG H 207 -7.04 -9.98 -42.02
C ARG H 207 -7.66 -8.76 -41.36
N ARG H 208 -6.90 -7.67 -41.27
CA ARG H 208 -7.43 -6.39 -40.82
C ARG H 208 -8.60 -5.91 -41.65
N ALA H 209 -8.82 -6.48 -42.83
CA ALA H 209 -10.00 -6.17 -43.64
C ALA H 209 -11.28 -6.74 -43.05
N ARG H 210 -11.16 -7.55 -42.00
CA ARG H 210 -12.30 -8.23 -41.38
C ARG H 210 -12.84 -7.50 -40.14
N SER H 211 -14.15 -7.50 -39.98
CA SER H 211 -14.81 -6.85 -38.85
C SER H 211 -14.08 -7.07 -37.53
N ALA H 212 -13.73 -5.97 -36.89
CA ALA H 212 -12.92 -5.97 -35.68
C ALA H 212 -13.72 -6.31 -34.44
N THR H 213 -15.03 -6.14 -34.55
CA THR H 213 -15.95 -6.28 -33.43
C THR H 213 -16.48 -7.71 -33.23
N HIS H 214 -16.10 -8.66 -34.10
CA HIS H 214 -16.66 -10.02 -34.10
C HIS H 214 -15.62 -11.14 -34.22
N SER H 215 -14.34 -10.79 -34.24
CA SER H 215 -13.31 -11.77 -34.44
C SER H 215 -12.05 -11.49 -33.67
N GLN H 216 -11.33 -12.58 -33.40
CA GLN H 216 -9.92 -12.51 -33.07
C GLN H 216 -9.16 -12.45 -34.39
N ILE H 217 -8.44 -11.35 -34.60
CA ILE H 217 -7.76 -11.03 -35.85
C ILE H 217 -6.26 -10.99 -35.60
N PRO H 218 -5.50 -12.02 -36.09
CA PRO H 218 -4.05 -11.98 -35.96
C PRO H 218 -3.37 -10.99 -36.89
N THR H 219 -2.28 -10.41 -36.45
CA THR H 219 -1.70 -9.27 -37.12
C THR H 219 -0.19 -9.19 -36.77
N LYS H 220 0.61 -8.77 -37.75
CA LYS H 220 2.07 -8.62 -37.57
C LYS H 220 2.40 -7.46 -36.67
N THR H 221 3.43 -7.61 -35.84
CA THR H 221 3.98 -6.49 -35.05
C THR H 221 5.47 -6.68 -34.85
N GLY H 222 6.23 -5.57 -34.93
CA GLY H 222 7.67 -5.62 -34.73
C GLY H 222 8.08 -5.48 -33.28
N ALA H 223 7.13 -5.41 -32.38
CA ALA H 223 7.41 -5.08 -30.99
C ALA H 223 8.44 -6.02 -30.37
N ALA H 224 8.32 -7.32 -30.63
CA ALA H 224 9.28 -8.26 -30.09
C ALA H 224 10.69 -8.12 -30.77
N ALA H 225 10.77 -8.14 -32.10
CA ALA H 225 12.08 -7.92 -32.80
C ALA H 225 12.70 -6.58 -32.39
N ALA H 226 11.90 -5.53 -32.42
CA ALA H 226 12.33 -4.18 -32.06
C ALA H 226 12.90 -4.00 -30.66
N VAL H 227 12.72 -4.95 -29.74
CA VAL H 227 13.27 -4.74 -28.39
C VAL H 227 14.80 -4.61 -28.48
N GLY H 228 15.42 -5.19 -29.51
CA GLY H 228 16.85 -5.01 -29.75
C GLY H 228 17.30 -3.55 -29.85
N LEU H 229 16.44 -2.69 -30.38
CA LEU H 229 16.75 -1.27 -30.53
C LEU H 229 16.80 -0.57 -29.18
N VAL H 230 16.11 -1.10 -28.17
CA VAL H 230 16.04 -0.45 -26.85
C VAL H 230 16.78 -1.26 -25.80
N LEU H 231 16.84 -2.57 -25.97
CA LEU H 231 17.70 -3.41 -25.14
C LEU H 231 18.60 -4.23 -26.10
N PRO H 232 19.78 -3.68 -26.45
CA PRO H 232 20.62 -4.30 -27.47
C PRO H 232 21.10 -5.71 -27.14
N GLU H 233 21.28 -5.98 -25.85
CA GLU H 233 21.65 -7.30 -25.36
C GLU H 233 20.61 -8.40 -25.69
N LEU H 234 19.41 -8.01 -26.14
CA LEU H 234 18.40 -8.97 -26.60
C LEU H 234 18.13 -8.88 -28.10
N ASN H 235 19.00 -8.17 -28.82
CA ASN H 235 18.86 -8.03 -30.28
C ASN H 235 18.75 -9.44 -30.90
N GLY H 236 17.71 -9.66 -31.67
CA GLY H 236 17.56 -10.93 -32.34
C GLY H 236 17.08 -12.11 -31.50
N LYS H 237 16.80 -11.88 -30.21
CA LYS H 237 16.37 -12.96 -29.32
C LYS H 237 14.84 -13.10 -29.14
N LEU H 238 14.07 -12.07 -29.47
CA LEU H 238 12.61 -12.14 -29.32
C LEU H 238 11.90 -12.01 -30.66
N ASP H 239 10.78 -12.70 -30.79
CA ASP H 239 9.88 -12.50 -31.92
C ASP H 239 8.47 -12.70 -31.37
N GLY H 240 7.47 -12.34 -32.15
CA GLY H 240 6.11 -12.51 -31.73
C GLY H 240 5.14 -11.90 -32.70
N TYR H 241 3.87 -11.83 -32.27
CA TYR H 241 2.83 -11.21 -33.05
C TYR H 241 1.66 -10.74 -32.15
N ALA H 242 0.60 -10.24 -32.77
CA ALA H 242 -0.55 -9.71 -32.06
C ALA H 242 -1.84 -10.44 -32.48
N ILE H 243 -2.79 -10.49 -31.55
CA ILE H 243 -4.16 -10.92 -31.85
C ILE H 243 -5.07 -9.81 -31.38
N ARG H 244 -5.70 -9.12 -32.32
CA ARG H 244 -6.65 -8.07 -31.96
C ARG H 244 -7.99 -8.69 -31.67
N VAL H 245 -8.61 -8.23 -30.58
CA VAL H 245 -9.87 -8.76 -30.11
C VAL H 245 -10.90 -7.63 -29.94
N PRO H 246 -12.19 -7.98 -29.80
CA PRO H 246 -13.22 -6.92 -29.70
C PRO H 246 -13.32 -6.14 -28.37
N THR H 247 -12.29 -5.35 -28.08
CA THR H 247 -12.29 -4.40 -26.98
C THR H 247 -11.75 -3.03 -27.41
N ILE H 248 -12.28 -1.98 -26.79
CA ILE H 248 -12.03 -0.63 -27.24
C ILE H 248 -10.64 -0.16 -26.81
N ASN H 249 -10.19 -0.59 -25.63
CA ASN H 249 -8.93 -0.16 -25.06
C ASN H 249 -8.34 -1.24 -24.15
N VAL H 250 -7.02 -1.20 -23.96
CA VAL H 250 -6.29 -2.05 -23.00
C VAL H 250 -5.88 -3.39 -23.59
N SER H 251 -4.61 -3.73 -23.40
CA SER H 251 -4.00 -4.86 -24.06
C SER H 251 -3.10 -5.61 -23.10
N ILE H 252 -2.70 -6.81 -23.51
CA ILE H 252 -1.84 -7.63 -22.69
C ILE H 252 -0.75 -8.27 -23.56
N VAL H 253 0.47 -8.20 -23.05
CA VAL H 253 1.58 -8.93 -23.62
C VAL H 253 1.73 -10.22 -22.84
N ASP H 254 1.80 -11.33 -23.56
CA ASP H 254 2.00 -12.64 -22.97
C ASP H 254 3.32 -13.17 -23.54
N LEU H 255 4.34 -13.29 -22.70
CA LEU H 255 5.68 -13.64 -23.16
C LEU H 255 6.09 -15.00 -22.61
N SER H 256 6.47 -15.90 -23.51
CA SER H 256 7.05 -17.21 -23.16
C SER H 256 8.54 -17.11 -23.41
N PHE H 257 9.35 -17.68 -22.53
CA PHE H 257 10.80 -17.67 -22.75
C PHE H 257 11.59 -18.76 -22.01
N ILE H 258 12.66 -19.20 -22.67
CA ILE H 258 13.60 -20.18 -22.15
C ILE H 258 14.56 -19.47 -21.21
N ALA H 259 14.47 -19.82 -19.93
CA ALA H 259 15.36 -19.26 -18.92
C ALA H 259 16.73 -19.95 -19.00
N LYS H 260 17.79 -19.19 -18.68
CA LYS H 260 19.15 -19.73 -18.76
C LYS H 260 19.54 -20.53 -17.49
N ARG H 261 18.67 -20.50 -16.48
CA ARG H 261 18.83 -21.35 -15.30
C ARG H 261 17.48 -21.75 -14.70
N ASP H 262 17.52 -22.67 -13.73
CA ASP H 262 16.34 -23.08 -12.95
C ASP H 262 15.76 -21.87 -12.19
N THR H 263 14.44 -21.73 -12.24
CA THR H 263 13.77 -20.66 -11.52
C THR H 263 12.39 -21.14 -11.09
N THR H 264 11.72 -20.33 -10.27
CA THR H 264 10.35 -20.63 -9.85
C THR H 264 9.45 -19.43 -10.06
N ALA H 265 8.18 -19.73 -10.30
CA ALA H 265 7.11 -18.72 -10.34
C ALA H 265 7.28 -17.62 -9.29
N ALA H 266 7.54 -18.01 -8.04
CA ALA H 266 7.65 -17.06 -6.92
C ALA H 266 8.91 -16.19 -7.00
N GLU H 267 9.95 -16.69 -7.68
CA GLU H 267 11.18 -15.93 -7.87
C GLU H 267 10.97 -14.94 -9.02
N VAL H 268 10.44 -15.47 -10.13
CA VAL H 268 10.05 -14.62 -11.25
C VAL H 268 9.26 -13.41 -10.73
N ASN H 269 8.25 -13.66 -9.91
CA ASN H 269 7.40 -12.61 -9.31
C ASN H 269 8.12 -11.68 -8.34
N ALA H 270 8.99 -12.22 -7.50
CA ALA H 270 9.75 -11.39 -6.55
C ALA H 270 10.68 -10.43 -7.30
N ILE H 271 11.27 -10.90 -8.40
CA ILE H 271 12.13 -10.06 -9.26
C ILE H 271 11.35 -8.91 -9.87
N MET H 272 10.15 -9.19 -10.36
CA MET H 272 9.34 -8.12 -10.96
C MET H 272 8.86 -7.15 -9.89
N LYS H 273 8.45 -7.67 -8.74
CA LYS H 273 8.04 -6.77 -7.64
C LYS H 273 9.16 -5.83 -7.25
N GLU H 274 10.37 -6.37 -7.12
CA GLU H 274 11.56 -5.55 -6.77
C GLU H 274 11.79 -4.45 -7.82
N ALA H 275 11.73 -4.82 -9.10
CA ALA H 275 11.92 -3.83 -10.16
C ALA H 275 10.85 -2.75 -10.17
N SER H 276 9.61 -3.09 -9.79
CA SER H 276 8.52 -2.09 -9.84
C SER H 276 8.64 -1.13 -8.69
N GLU H 277 9.18 -1.57 -7.57
CA GLU H 277 9.44 -0.66 -6.45
C GLU H 277 10.76 0.10 -6.65
N GLY H 278 11.59 -0.38 -7.56
CA GLY H 278 12.97 0.10 -7.69
C GLY H 278 13.23 1.04 -8.86
N ALA H 279 14.19 0.65 -9.71
CA ALA H 279 14.63 1.48 -10.84
C ALA H 279 13.54 1.79 -11.86
N LEU H 280 12.66 0.83 -12.12
CA LEU H 280 11.59 1.01 -13.12
C LEU H 280 10.26 1.56 -12.54
N LYS H 281 10.31 2.16 -11.35
CA LYS H 281 9.09 2.61 -10.69
C LYS H 281 8.44 3.73 -11.48
N GLY H 282 7.12 3.67 -11.62
CA GLY H 282 6.40 4.68 -12.41
C GLY H 282 6.55 4.48 -13.90
N ILE H 283 6.70 3.22 -14.29
CA ILE H 283 6.80 2.76 -15.68
C ILE H 283 6.31 1.31 -15.65
N LEU H 284 6.87 0.55 -14.73
CA LEU H 284 6.50 -0.83 -14.48
C LEU H 284 5.71 -0.92 -13.18
N GLY H 285 4.43 -1.28 -13.29
CA GLY H 285 3.58 -1.56 -12.14
C GLY H 285 3.55 -3.04 -11.81
N TYR H 286 2.97 -3.38 -10.66
CA TYR H 286 2.91 -4.79 -10.21
C TYR H 286 1.51 -5.12 -9.68
N ASN H 287 0.86 -6.13 -10.22
CA ASN H 287 -0.49 -6.53 -9.79
C ASN H 287 -0.52 -7.92 -9.19
N GLU H 288 -1.16 -8.04 -8.03
CA GLU H 288 -1.44 -9.32 -7.37
C GLU H 288 -2.95 -9.53 -7.22
N ALA H 289 -3.74 -8.49 -7.45
CA ALA H 289 -5.20 -8.56 -7.30
C ALA H 289 -5.85 -9.30 -8.50
N PRO H 290 -7.08 -9.84 -8.32
CA PRO H 290 -7.76 -10.54 -9.42
C PRO H 290 -8.55 -9.62 -10.36
N LEU H 291 -7.85 -8.93 -11.26
CA LEU H 291 -8.45 -7.89 -12.08
C LEU H 291 -8.51 -8.32 -13.55
N VAL H 292 -9.24 -7.55 -14.32
CA VAL H 292 -9.51 -7.88 -15.72
C VAL H 292 -9.15 -6.62 -16.49
N SER H 293 -9.06 -6.72 -17.80
CA SER H 293 -8.54 -5.62 -18.65
C SER H 293 -9.10 -4.22 -18.37
N ILE H 294 -10.40 -4.11 -18.18
CA ILE H 294 -11.01 -2.79 -17.96
C ILE H 294 -10.46 -2.09 -16.69
N ASP H 295 -9.97 -2.86 -15.75
CA ASP H 295 -9.41 -2.30 -14.53
C ASP H 295 -8.06 -1.59 -14.72
N PHE H 296 -7.44 -1.75 -15.90
CA PHE H 296 -6.19 -1.07 -16.25
C PHE H 296 -6.41 0.10 -17.19
N ASN H 297 -7.67 0.38 -17.50
CA ASN H 297 -8.01 1.55 -18.30
C ASN H 297 -7.66 2.82 -17.51
N HIS H 298 -6.92 3.71 -18.18
CA HIS H 298 -6.48 4.98 -17.58
C HIS H 298 -5.34 4.83 -16.57
N ASN H 299 -4.74 3.64 -16.51
CA ASN H 299 -3.52 3.42 -15.76
C ASN H 299 -2.34 3.88 -16.60
N PRO H 300 -1.59 4.87 -16.08
CA PRO H 300 -0.49 5.54 -16.81
C PRO H 300 0.79 4.75 -16.99
N ALA H 301 0.85 3.54 -16.48
CA ALA H 301 2.08 2.77 -16.54
C ALA H 301 2.31 2.29 -17.95
N SER H 302 3.57 2.08 -18.30
CA SER H 302 3.94 1.52 -19.59
C SER H 302 3.61 0.03 -19.62
N SER H 303 3.70 -0.58 -18.45
CA SER H 303 3.64 -2.01 -18.24
C SER H 303 3.17 -2.26 -16.81
N THR H 304 2.22 -3.19 -16.62
CA THR H 304 1.86 -3.67 -15.27
C THR H 304 1.85 -5.17 -15.23
N PHE H 305 2.90 -5.72 -14.62
CA PHE H 305 3.13 -7.14 -14.52
C PHE H 305 2.05 -7.75 -13.66
N ASP H 306 1.48 -8.85 -14.15
CA ASP H 306 0.46 -9.56 -13.38
C ASP H 306 1.00 -10.85 -12.82
N ALA H 307 1.38 -10.85 -11.54
CA ALA H 307 1.93 -12.08 -10.88
C ALA H 307 0.96 -13.26 -10.81
N THR H 308 -0.36 -13.01 -10.86
CA THR H 308 -1.34 -14.10 -10.77
C THR H 308 -1.24 -14.97 -11.99
N LEU H 309 -0.71 -14.42 -13.08
CA LEU H 309 -0.72 -15.12 -14.38
C LEU H 309 0.57 -15.86 -14.68
N THR H 310 1.57 -15.74 -13.80
CA THR H 310 2.89 -16.36 -14.00
C THR H 310 2.90 -17.92 -14.00
N LYS H 311 3.57 -18.51 -14.99
CA LYS H 311 3.72 -19.97 -15.14
C LYS H 311 5.20 -20.34 -15.35
N VAL H 312 5.65 -21.42 -14.71
CA VAL H 312 7.00 -21.98 -14.93
C VAL H 312 6.96 -23.52 -15.05
N SER H 313 7.40 -24.03 -16.19
CA SER H 313 7.46 -25.48 -16.42
C SER H 313 8.87 -25.86 -16.87
N GLY H 314 9.70 -26.27 -15.90
CA GLY H 314 11.12 -26.57 -16.16
C GLY H 314 11.89 -25.28 -16.41
N ARG H 315 12.44 -25.14 -17.63
CA ARG H 315 13.12 -23.89 -18.04
C ARG H 315 12.20 -22.88 -18.75
N LEU H 316 10.98 -23.30 -19.04
CA LEU H 316 10.01 -22.49 -19.76
C LEU H 316 9.28 -21.57 -18.80
N VAL H 317 9.25 -20.29 -19.12
CA VAL H 317 8.65 -19.30 -18.25
C VAL H 317 7.65 -18.51 -19.06
N LYS H 318 6.44 -18.35 -18.52
CA LYS H 318 5.42 -17.49 -19.12
C LYS H 318 5.00 -16.38 -18.15
N VAL H 319 5.09 -15.14 -18.63
CA VAL H 319 4.78 -13.96 -17.85
C VAL H 319 3.95 -12.99 -18.68
N SER H 320 3.21 -12.12 -17.98
CA SER H 320 2.28 -11.24 -18.65
C SER H 320 2.16 -9.90 -17.97
N SER H 321 1.90 -8.88 -18.78
CA SER H 321 1.81 -7.52 -18.31
C SER H 321 0.73 -6.77 -19.08
N TRP H 322 -0.06 -6.02 -18.34
CA TRP H 322 -1.20 -5.28 -18.88
C TRP H 322 -0.72 -3.89 -19.24
N TYR H 323 -1.26 -3.32 -20.32
CA TYR H 323 -1.00 -1.93 -20.69
C TYR H 323 -2.19 -1.27 -21.34
N ASP H 324 -2.54 -0.09 -20.85
CA ASP H 324 -3.45 0.77 -21.54
C ASP H 324 -2.66 1.33 -22.70
N ASN H 325 -2.96 0.83 -23.90
CA ASN H 325 -2.20 1.19 -25.10
C ASN H 325 -2.30 2.67 -25.48
N GLU H 326 -3.35 3.36 -25.07
CA GLU H 326 -3.49 4.79 -25.35
C GLU H 326 -2.83 5.61 -24.23
N TRP H 327 -3.20 5.33 -22.98
CA TRP H 327 -2.85 6.20 -21.87
C TRP H 327 -1.38 6.06 -21.43
N GLY H 328 -0.87 4.84 -21.35
CA GLY H 328 0.49 4.63 -20.90
C GLY H 328 1.44 5.30 -21.87
N PHE H 329 1.27 4.92 -23.14
CA PHE H 329 2.11 5.42 -24.23
C PHE H 329 2.02 6.95 -24.35
N SER H 330 0.81 7.49 -24.23
CA SER H 330 0.61 8.95 -24.28
C SER H 330 1.33 9.65 -23.14
N ASN H 331 1.32 9.04 -21.97
CA ASN H 331 2.09 9.60 -20.88
C ASN H 331 3.59 9.53 -21.15
N ARG H 332 4.05 8.48 -21.82
CA ARG H 332 5.44 8.35 -22.17
C ARG H 332 5.88 9.37 -23.23
N MET H 333 4.99 9.73 -24.14
CA MET H 333 5.29 10.77 -25.13
C MET H 333 5.68 12.10 -24.50
N LEU H 334 5.05 12.46 -23.39
CA LEU H 334 5.38 13.72 -22.71
C LEU H 334 6.76 13.58 -22.07
N ASP H 335 7.01 12.46 -21.39
CA ASP H 335 8.31 12.20 -20.78
C ASP H 335 9.43 12.26 -21.84
N THR H 336 9.21 11.58 -22.96
CA THR H 336 10.25 11.44 -23.95
C THR H 336 10.54 12.77 -24.67
N ALA H 337 9.51 13.58 -24.86
CA ALA H 337 9.69 14.88 -25.50
C ALA H 337 10.61 15.76 -24.65
N ILE H 338 10.37 15.76 -23.35
CA ILE H 338 11.22 16.51 -22.44
C ILE H 338 12.67 16.05 -22.57
N ALA H 339 12.89 14.74 -22.57
CA ALA H 339 14.25 14.22 -22.65
C ALA H 339 14.87 14.51 -24.02
N LEU H 340 14.08 14.54 -25.08
CA LEU H 340 14.57 14.89 -26.42
C LEU H 340 15.01 16.35 -26.49
N ALA H 341 14.19 17.23 -25.90
CA ALA H 341 14.42 18.67 -25.98
C ALA H 341 15.69 19.06 -25.24
N ASN H 342 15.93 18.40 -24.11
CA ASN H 342 16.98 18.72 -23.16
C ASN H 342 18.24 17.84 -23.25
N ALA H 343 18.37 17.01 -24.28
CA ALA H 343 19.49 16.07 -24.34
C ALA H 343 20.82 16.79 -24.54
N LYS H 344 21.83 16.36 -23.79
CA LYS H 344 23.17 16.98 -23.69
C LYS H 344 23.13 18.35 -23.01
#